data_2HLN
#
_entry.id   2HLN
#
_cell.length_a   81.107
_cell.length_b   123.675
_cell.length_c   197.454
_cell.angle_alpha   90.00
_cell.angle_beta   90.92
_cell.angle_gamma   90.00
#
_symmetry.space_group_name_H-M   'P 1 21 1'
#
loop_
_entity.id
_entity.type
_entity.pdbx_description
1 polymer L-asparaginase
2 non-polymer 'GLUTAMIC ACID'
3 non-polymer DI(HYDROXYETHYL)ETHER
4 water water
#
_entity_poly.entity_id   1
_entity_poly.type   'polypeptide(L)'
_entity_poly.pdbx_seq_one_letter_code
;AENLPNIVILATGGTIAGSAAANTQTTGYKAGALGVETLIQAVPELKTLANIKGEQVASIGSENMTSDVLLTLSKRVNEL
LARSDVDGVVITHGTDTLDESPYFLNLTVKSDKPVVFVAAMRPATAISADGPMNLYGAVKVAADKNSRGRGVLVVLNDRI
GSARFISKTNASTLDTFKAPEEGYLGVIIGDKIYYQTRLDKVHTTRSVFDVTNVDKLPAVDIIYGYQDDPEYMYDASIKH
GVKGIVYAGMGAGSVSKRGDAGIRKAESKGIVVVRSSRTGSGIVPPDAGQPGLVADSLSPAKSRILLMLALTKTTNPAVI
QDYFHAY
;
_entity_poly.pdbx_strand_id   A,B,E,F,C,D,G,H,I,J,K,L
#
loop_
_chem_comp.id
_chem_comp.type
_chem_comp.name
_chem_comp.formula
PEG non-polymer DI(HYDROXYETHYL)ETHER 'C4 H10 O3'
#
# COMPACT_ATOMS: atom_id res chain seq x y z
N ASN A 3 -6.15 33.66 30.96
CA ASN A 3 -5.75 34.53 29.82
C ASN A 3 -6.91 34.70 28.85
N LEU A 4 -6.62 35.12 27.62
CA LEU A 4 -7.66 35.32 26.60
C LEU A 4 -7.48 34.32 25.47
N PRO A 5 -8.57 34.05 24.73
CA PRO A 5 -8.51 33.12 23.59
C PRO A 5 -7.61 33.64 22.46
N ASN A 6 -7.16 32.72 21.61
CA ASN A 6 -6.33 33.06 20.46
C ASN A 6 -7.13 33.06 19.17
N ILE A 7 -7.20 34.23 18.53
CA ILE A 7 -7.96 34.41 17.30
C ILE A 7 -7.08 34.82 16.13
N VAL A 8 -7.31 34.22 14.97
CA VAL A 8 -6.57 34.57 13.77
C VAL A 8 -7.50 35.26 12.78
N ILE A 9 -7.16 36.50 12.42
CA ILE A 9 -7.95 37.25 11.45
C ILE A 9 -7.39 37.04 10.05
N LEU A 10 -8.19 36.44 9.19
CA LEU A 10 -7.79 36.16 7.81
C LEU A 10 -8.41 37.18 6.86
N ALA A 11 -7.57 38.05 6.29
CA ALA A 11 -8.05 39.08 5.37
C ALA A 11 -8.06 38.59 3.94
N THR A 12 -9.13 38.94 3.22
CA THR A 12 -9.28 38.56 1.81
C THR A 12 -9.57 39.78 0.96
N GLY A 13 -9.80 40.91 1.64
CA GLY A 13 -10.12 42.16 0.96
C GLY A 13 -11.35 42.82 1.58
N GLY A 14 -12.09 43.56 0.75
CA GLY A 14 -13.29 44.25 1.22
C GLY A 14 -12.98 45.66 1.69
N THR A 15 -14.03 46.47 1.85
CA THR A 15 -13.85 47.86 2.27
C THR A 15 -13.64 47.98 3.78
N ILE A 16 -13.84 46.88 4.50
CA ILE A 16 -13.65 46.85 5.95
C ILE A 16 -12.17 47.11 6.30
N ALA A 17 -11.28 46.81 5.35
CA ALA A 17 -9.86 47.02 5.53
C ALA A 17 -9.42 48.32 4.87
N GLY A 35 -5.28 46.58 4.12
CA GLY A 35 -4.31 45.93 4.99
C GLY A 35 -4.95 45.30 6.21
N VAL A 36 -4.36 44.19 6.67
CA VAL A 36 -4.87 43.47 7.84
C VAL A 36 -4.22 44.00 9.13
N GLU A 37 -3.08 44.66 8.98
CA GLU A 37 -2.34 45.19 10.13
C GLU A 37 -2.97 46.46 10.71
N THR A 38 -3.69 47.21 9.87
CA THR A 38 -4.34 48.46 10.29
C THR A 38 -5.61 48.18 11.10
N LEU A 39 -6.26 47.05 10.82
CA LEU A 39 -7.50 46.65 11.48
C LEU A 39 -7.42 46.57 13.01
N ILE A 40 -6.33 46.01 13.51
CA ILE A 40 -6.14 45.84 14.95
C ILE A 40 -5.83 47.16 15.66
N GLN A 41 -5.41 48.16 14.89
CA GLN A 41 -5.03 49.47 15.44
C GLN A 41 -6.22 50.41 15.67
N ALA A 42 -7.17 50.40 14.75
CA ALA A 42 -8.33 51.28 14.83
C ALA A 42 -9.34 50.91 15.92
N VAL A 43 -9.31 49.65 16.33
CA VAL A 43 -10.23 49.18 17.37
C VAL A 43 -9.46 48.61 18.57
N PRO A 44 -9.11 49.47 19.53
CA PRO A 44 -8.36 49.05 20.71
C PRO A 44 -9.19 48.18 21.66
N GLU A 45 -10.50 48.15 21.47
CA GLU A 45 -11.38 47.34 22.31
C GLU A 45 -11.21 45.83 22.07
N LEU A 46 -10.56 45.49 20.97
CA LEU A 46 -10.31 44.08 20.61
C LEU A 46 -9.36 43.41 21.60
N LYS A 47 -8.47 44.20 22.20
CA LYS A 47 -7.49 43.69 23.16
C LYS A 47 -8.13 43.05 24.39
N THR A 48 -9.36 43.43 24.68
CA THR A 48 -10.10 42.89 25.83
C THR A 48 -10.83 41.60 25.44
N LEU A 49 -10.87 41.32 24.13
CA LEU A 49 -11.56 40.15 23.62
C LEU A 49 -10.67 38.94 23.43
N ALA A 50 -9.52 39.14 22.79
CA ALA A 50 -8.62 38.03 22.49
C ALA A 50 -7.22 38.45 22.06
N ASN A 51 -6.32 37.47 21.98
CA ASN A 51 -4.98 37.66 21.47
C ASN A 51 -5.12 37.51 19.96
N ILE A 52 -4.75 38.54 19.22
CA ILE A 52 -4.96 38.56 17.79
C ILE A 52 -3.72 38.51 16.90
N LYS A 53 -3.80 37.67 15.87
CA LYS A 53 -2.77 37.58 14.84
C LYS A 53 -3.47 37.73 13.50
N GLY A 54 -2.77 38.27 12.51
CA GLY A 54 -3.36 38.48 11.20
C GLY A 54 -2.60 37.89 10.04
N GLU A 55 -3.34 37.50 9.01
CA GLU A 55 -2.75 36.96 7.79
C GLU A 55 -3.51 37.54 6.60
N GLN A 56 -2.84 37.70 5.47
CA GLN A 56 -3.47 38.22 4.28
C GLN A 56 -3.61 37.09 3.27
N VAL A 57 -4.77 36.44 3.26
CA VAL A 57 -5.04 35.33 2.35
C VAL A 57 -5.19 35.86 0.92
N ALA A 58 -5.90 36.97 0.79
CA ALA A 58 -6.12 37.62 -0.50
C ALA A 58 -6.29 39.11 -0.29
N SER A 59 -6.32 39.87 -1.38
CA SER A 59 -6.50 41.31 -1.31
C SER A 59 -7.27 41.79 -2.53
N ILE A 60 -8.54 41.39 -2.62
CA ILE A 60 -9.39 41.75 -3.73
C ILE A 60 -10.79 42.12 -3.25
N GLY A 61 -11.56 42.76 -4.13
CA GLY A 61 -12.94 43.09 -3.82
C GLY A 61 -13.76 41.82 -3.96
N SER A 62 -14.81 41.70 -3.15
CA SER A 62 -15.65 40.51 -3.15
C SER A 62 -16.23 40.15 -4.52
N GLU A 63 -16.47 41.17 -5.34
CA GLU A 63 -17.00 40.96 -6.68
C GLU A 63 -16.07 40.09 -7.52
N ASN A 64 -14.78 40.12 -7.19
CA ASN A 64 -13.77 39.33 -7.88
C ASN A 64 -13.30 38.09 -7.15
N MET A 65 -14.02 37.70 -6.09
CA MET A 65 -13.70 36.49 -5.35
C MET A 65 -13.98 35.31 -6.25
N THR A 66 -13.02 34.40 -6.35
CA THR A 66 -13.16 33.23 -7.22
C THR A 66 -13.00 31.91 -6.48
N SER A 67 -13.37 30.83 -7.17
CA SER A 67 -13.29 29.48 -6.62
C SER A 67 -11.88 29.08 -6.19
N ASP A 68 -10.87 29.49 -6.97
CA ASP A 68 -9.47 29.18 -6.64
C ASP A 68 -9.02 29.77 -5.31
N VAL A 69 -9.56 30.95 -4.97
CA VAL A 69 -9.22 31.60 -3.70
C VAL A 69 -9.96 30.93 -2.54
N LEU A 70 -11.19 30.49 -2.80
CA LEU A 70 -11.98 29.80 -1.76
C LEU A 70 -11.32 28.48 -1.36
N LEU A 71 -10.61 27.86 -2.30
CA LEU A 71 -9.86 26.63 -2.03
C LEU A 71 -8.70 26.95 -1.09
N THR A 72 -7.98 28.04 -1.40
CA THR A 72 -6.86 28.48 -0.58
C THR A 72 -7.32 28.82 0.84
N LEU A 73 -8.44 29.54 0.92
CA LEU A 73 -9.01 29.96 2.21
C LEU A 73 -9.47 28.78 3.06
N SER A 74 -10.23 27.87 2.46
CA SER A 74 -10.73 26.68 3.17
C SER A 74 -9.60 25.81 3.72
N LYS A 75 -8.56 25.60 2.91
CA LYS A 75 -7.41 24.81 3.32
C LYS A 75 -6.65 25.47 4.46
N ARG A 76 -6.49 26.80 4.39
CA ARG A 76 -5.78 27.55 5.42
C ARG A 76 -6.56 27.57 6.74
N VAL A 77 -7.89 27.69 6.65
CA VAL A 77 -8.74 27.69 7.83
C VAL A 77 -8.65 26.35 8.58
N ASN A 78 -8.71 25.26 7.84
CA ASN A 78 -8.60 23.92 8.44
C ASN A 78 -7.25 23.64 9.08
N GLU A 79 -6.19 24.21 8.51
CA GLU A 79 -4.84 24.06 9.05
C GLU A 79 -4.72 24.80 10.38
N LEU A 80 -5.28 26.01 10.42
CA LEU A 80 -5.26 26.83 11.63
C LEU A 80 -6.12 26.25 12.75
N LEU A 81 -7.33 25.83 12.41
CA LEU A 81 -8.26 25.29 13.42
C LEU A 81 -7.81 23.95 14.02
N ALA A 82 -6.97 23.22 13.29
CA ALA A 82 -6.43 21.95 13.77
C ALA A 82 -5.36 22.17 14.85
N ARG A 83 -4.85 23.39 14.93
CA ARG A 83 -3.84 23.75 15.92
C ARG A 83 -4.48 24.07 17.26
N SER A 84 -3.82 23.65 18.34
CA SER A 84 -4.33 23.88 19.70
C SER A 84 -4.18 25.35 20.12
N ASP A 85 -3.29 26.09 19.45
CA ASP A 85 -3.08 27.49 19.80
C ASP A 85 -4.01 28.45 19.04
N VAL A 86 -4.97 27.91 18.31
CA VAL A 86 -5.96 28.73 17.60
C VAL A 86 -7.36 28.30 18.05
N ASP A 87 -8.08 29.24 18.65
CA ASP A 87 -9.42 28.97 19.17
C ASP A 87 -10.54 29.28 18.19
N GLY A 88 -10.28 30.19 17.27
CA GLY A 88 -11.27 30.58 16.28
C GLY A 88 -10.68 31.51 15.23
N VAL A 89 -11.36 31.62 14.10
CA VAL A 89 -10.90 32.48 13.02
C VAL A 89 -11.96 33.48 12.57
N VAL A 90 -11.50 34.68 12.25
CA VAL A 90 -12.37 35.72 11.72
C VAL A 90 -11.90 36.03 10.31
N ILE A 91 -12.83 36.06 9.37
CA ILE A 91 -12.47 36.34 7.99
C ILE A 91 -13.07 37.63 7.47
N THR A 92 -12.22 38.63 7.25
CA THR A 92 -12.66 39.90 6.69
C THR A 92 -12.86 39.69 5.19
N HIS A 93 -14.05 40.02 4.71
CA HIS A 93 -14.44 39.75 3.35
C HIS A 93 -15.37 40.86 2.89
N GLY A 94 -15.50 41.04 1.57
CA GLY A 94 -16.41 42.05 1.03
C GLY A 94 -17.85 41.56 1.15
N THR A 95 -18.81 42.48 0.99
CA THR A 95 -20.23 42.12 1.12
C THR A 95 -20.88 41.58 -0.16
N ASP A 96 -20.40 42.02 -1.31
CA ASP A 96 -20.99 41.64 -2.61
C ASP A 96 -21.20 40.15 -2.89
N THR A 97 -20.25 39.33 -2.49
CA THR A 97 -20.38 37.87 -2.65
C THR A 97 -20.28 37.16 -1.31
N LEU A 98 -20.80 37.80 -0.26
CA LEU A 98 -20.80 37.22 1.06
C LEU A 98 -21.94 36.18 1.16
N ASP A 99 -22.64 35.97 0.04
CA ASP A 99 -23.70 34.97 -0.03
C ASP A 99 -23.06 33.61 -0.33
N GLU A 100 -21.96 33.62 -1.09
CA GLU A 100 -21.28 32.39 -1.49
C GLU A 100 -20.23 31.88 -0.50
N SER A 101 -19.22 32.72 -0.25
CA SER A 101 -18.07 32.35 0.58
C SER A 101 -18.32 31.66 1.93
N PRO A 102 -19.17 32.25 2.79
CA PRO A 102 -19.43 31.61 4.07
C PRO A 102 -20.07 30.22 3.92
N TYR A 103 -20.93 30.08 2.91
CA TYR A 103 -21.59 28.79 2.67
C TYR A 103 -20.61 27.75 2.12
N PHE A 104 -19.62 28.19 1.36
CA PHE A 104 -18.60 27.28 0.82
C PHE A 104 -17.89 26.63 2.00
N LEU A 105 -17.41 27.46 2.92
CA LEU A 105 -16.71 26.96 4.10
C LEU A 105 -17.63 26.23 5.07
N ASN A 106 -18.92 26.54 5.03
CA ASN A 106 -19.89 25.85 5.89
C ASN A 106 -19.94 24.37 5.51
N LEU A 107 -19.54 24.09 4.26
CA LEU A 107 -19.51 22.73 3.73
C LEU A 107 -18.12 22.11 3.79
N THR A 108 -17.08 22.94 3.73
CA THR A 108 -15.70 22.43 3.67
C THR A 108 -14.84 22.50 4.95
N VAL A 109 -15.28 23.27 5.95
CA VAL A 109 -14.54 23.35 7.21
C VAL A 109 -14.69 22.05 8.01
N LYS A 110 -13.60 21.58 8.60
CA LYS A 110 -13.61 20.31 9.33
C LYS A 110 -13.54 20.44 10.86
N SER A 111 -13.74 21.66 11.37
CA SER A 111 -13.65 21.89 12.80
C SER A 111 -14.90 22.55 13.37
N ASP A 112 -15.12 22.37 14.67
CA ASP A 112 -16.27 22.97 15.38
CA ASP A 112 -16.27 22.98 15.34
C ASP A 112 -15.92 24.37 15.88
N LYS A 113 -14.64 24.74 15.77
CA LYS A 113 -14.19 26.07 16.20
C LYS A 113 -14.82 27.11 15.29
N PRO A 114 -15.30 28.22 15.87
CA PRO A 114 -16.00 29.26 15.12
C PRO A 114 -15.22 29.87 13.97
N VAL A 115 -15.88 29.92 12.81
CA VAL A 115 -15.34 30.59 11.63
C VAL A 115 -16.31 31.74 11.41
N VAL A 116 -15.84 32.96 11.60
CA VAL A 116 -16.73 34.12 11.52
C VAL A 116 -16.40 35.09 10.41
N PHE A 117 -17.24 35.13 9.38
CA PHE A 117 -17.09 36.09 8.29
C PHE A 117 -17.60 37.45 8.72
N VAL A 118 -16.84 38.49 8.42
CA VAL A 118 -17.23 39.85 8.77
C VAL A 118 -16.98 40.81 7.61
N ALA A 119 -17.86 41.78 7.46
CA ALA A 119 -17.74 42.75 6.39
C ALA A 119 -18.26 44.12 6.81
N ALA A 120 -18.16 45.10 5.92
CA ALA A 120 -18.64 46.45 6.19
C ALA A 120 -19.35 47.01 4.97
N MET A 121 -20.48 47.68 5.19
CA MET A 121 -21.25 48.29 4.11
C MET A 121 -20.79 49.70 3.77
N ARG A 122 -19.99 50.29 4.67
CA ARG A 122 -19.45 51.62 4.48
C ARG A 122 -17.93 51.61 4.56
N PRO A 123 -17.28 52.47 3.74
CA PRO A 123 -15.82 52.59 3.77
C PRO A 123 -15.33 52.96 5.17
N ALA A 124 -14.12 52.54 5.51
CA ALA A 124 -13.56 52.81 6.83
C ALA A 124 -13.36 54.31 7.10
N THR A 125 -13.31 55.10 6.03
CA THR A 125 -13.10 56.54 6.15
C THR A 125 -14.42 57.32 6.21
N ALA A 126 -15.52 56.65 5.89
CA ALA A 126 -16.84 57.28 5.88
C ALA A 126 -17.36 57.65 7.27
N ILE A 127 -18.37 58.53 7.29
CA ILE A 127 -19.00 58.95 8.53
C ILE A 127 -19.79 57.78 9.09
N SER A 128 -19.58 57.49 10.38
CA SER A 128 -20.26 56.37 11.05
C SER A 128 -20.02 55.04 10.35
N ALA A 129 -18.76 54.76 10.02
CA ALA A 129 -18.38 53.51 9.37
C ALA A 129 -18.75 52.33 10.25
N ASP A 130 -19.35 51.30 9.65
CA ASP A 130 -19.80 50.12 10.38
C ASP A 130 -18.72 49.07 10.64
N GLY A 131 -17.61 49.18 9.93
CA GLY A 131 -16.49 48.24 10.05
C GLY A 131 -15.99 47.95 11.46
N PRO A 132 -15.58 49.00 12.20
CA PRO A 132 -15.06 48.85 13.56
C PRO A 132 -15.95 48.03 14.51
N MET A 133 -17.25 48.32 14.55
CA MET A 133 -18.15 47.57 15.44
C MET A 133 -18.44 46.16 14.93
N ASN A 134 -18.48 46.00 13.61
CA ASN A 134 -18.71 44.69 13.02
C ASN A 134 -17.57 43.74 13.35
N LEU A 135 -16.34 44.24 13.25
CA LEU A 135 -15.14 43.46 13.55
C LEU A 135 -15.10 43.11 15.04
N TYR A 136 -15.48 44.06 15.89
CA TYR A 136 -15.53 43.82 17.32
C TYR A 136 -16.51 42.69 17.62
N GLY A 137 -17.69 42.76 17.00
CA GLY A 137 -18.71 41.74 17.19
C GLY A 137 -18.25 40.38 16.69
N ALA A 138 -17.55 40.37 15.56
CA ALA A 138 -17.05 39.12 14.96
C ALA A 138 -15.97 38.46 15.81
N VAL A 139 -15.03 39.27 16.31
CA VAL A 139 -13.95 38.78 17.18
C VAL A 139 -14.53 38.24 18.48
N LYS A 140 -15.53 38.93 19.01
CA LYS A 140 -16.19 38.52 20.25
C LYS A 140 -16.91 37.17 20.09
N VAL A 141 -17.54 36.99 18.93
CA VAL A 141 -18.25 35.74 18.62
C VAL A 141 -17.26 34.59 18.44
N ALA A 142 -16.16 34.87 17.75
CA ALA A 142 -15.13 33.86 17.49
C ALA A 142 -14.43 33.42 18.77
N ALA A 143 -14.30 34.36 19.72
CA ALA A 143 -13.62 34.08 20.99
C ALA A 143 -14.53 33.46 22.05
N ASP A 144 -15.83 33.36 21.75
CA ASP A 144 -16.79 32.79 22.70
C ASP A 144 -16.87 31.27 22.51
N LYS A 145 -16.73 30.54 23.62
CA LYS A 145 -16.77 29.07 23.60
C LYS A 145 -18.14 28.52 23.22
N ASN A 146 -19.19 29.28 23.51
CA ASN A 146 -20.56 28.86 23.22
C ASN A 146 -20.90 28.98 21.72
N SER A 147 -19.99 29.58 20.95
CA SER A 147 -20.20 29.77 19.51
C SER A 147 -19.79 28.54 18.70
N ARG A 148 -19.21 27.54 19.37
CA ARG A 148 -18.74 26.32 18.72
C ARG A 148 -19.89 25.41 18.26
N GLY A 149 -19.65 24.67 17.18
CA GLY A 149 -20.62 23.71 16.63
C GLY A 149 -21.92 24.32 16.14
N ARG A 150 -21.82 25.50 15.52
CA ARG A 150 -23.01 26.18 15.02
C ARG A 150 -22.95 26.44 13.52
N GLY A 151 -21.88 25.97 12.88
CA GLY A 151 -21.68 26.19 11.44
C GLY A 151 -20.95 27.52 11.25
N VAL A 152 -20.64 27.86 10.01
CA VAL A 152 -19.96 29.11 9.70
C VAL A 152 -20.92 30.28 9.92
N LEU A 153 -20.44 31.29 10.64
CA LEU A 153 -21.27 32.44 10.99
C LEU A 153 -20.93 33.69 10.18
N VAL A 154 -21.88 34.60 10.08
CA VAL A 154 -21.70 35.87 9.37
C VAL A 154 -22.15 36.98 10.31
N VAL A 155 -21.23 37.90 10.64
CA VAL A 155 -21.55 38.96 11.58
C VAL A 155 -21.48 40.39 11.03
N LEU A 156 -22.62 41.05 11.01
CA LEU A 156 -22.74 42.46 10.62
C LEU A 156 -23.94 43.07 11.33
N ASN A 157 -23.83 44.35 11.68
CA ASN A 157 -24.92 45.10 12.29
C ASN A 157 -25.55 44.45 13.53
N ASP A 158 -24.69 43.97 14.44
CA ASP A 158 -25.11 43.35 15.70
C ASP A 158 -25.85 42.01 15.54
N ARG A 159 -25.83 41.45 14.33
CA ARG A 159 -26.53 40.20 14.05
C ARG A 159 -25.57 39.03 13.78
N ILE A 160 -25.98 37.83 14.16
CA ILE A 160 -25.20 36.61 13.91
C ILE A 160 -26.05 35.68 13.04
N GLY A 161 -25.70 35.60 11.76
CA GLY A 161 -26.46 34.79 10.82
C GLY A 161 -25.76 33.53 10.34
N SER A 162 -26.56 32.56 9.90
CA SER A 162 -26.04 31.30 9.40
C SER A 162 -25.62 31.45 7.95
N ALA A 163 -24.49 30.84 7.60
CA ALA A 163 -23.98 30.86 6.24
C ALA A 163 -24.97 30.20 5.28
N ARG A 164 -25.78 29.29 5.82
CA ARG A 164 -26.79 28.56 5.05
C ARG A 164 -28.01 29.41 4.65
N PHE A 165 -28.33 30.43 5.45
CA PHE A 165 -29.53 31.25 5.17
C PHE A 165 -29.26 32.73 4.85
N ILE A 166 -28.24 33.30 5.46
CA ILE A 166 -27.93 34.72 5.29
C ILE A 166 -27.46 35.14 3.90
N SER A 167 -28.10 36.18 3.37
CA SER A 167 -27.74 36.73 2.09
C SER A 167 -27.92 38.25 2.14
N LYS A 168 -27.30 38.94 1.20
CA LYS A 168 -27.40 40.39 1.10
C LYS A 168 -28.76 40.70 0.43
N THR A 169 -29.71 41.19 1.22
CA THR A 169 -31.07 41.46 0.71
C THR A 169 -31.27 42.88 0.18
N ASN A 170 -30.35 43.77 0.49
CA ASN A 170 -30.42 45.15 0.03
C ASN A 170 -29.07 45.57 -0.55
N ALA A 171 -29.11 46.36 -1.61
CA ALA A 171 -27.90 46.77 -2.31
C ALA A 171 -26.97 47.73 -1.57
N SER A 172 -27.53 48.60 -0.72
CA SER A 172 -26.70 49.65 -0.11
C SER A 172 -26.87 49.97 1.38
N THR A 173 -27.75 49.26 2.07
CA THR A 173 -28.03 49.56 3.48
C THR A 173 -27.16 48.79 4.48
N LEU A 174 -27.05 49.32 5.71
CA LEU A 174 -26.26 48.67 6.76
C LEU A 174 -26.86 47.36 7.26
N ASP A 175 -28.19 47.29 7.26
CA ASP A 175 -28.90 46.11 7.77
C ASP A 175 -29.27 45.13 6.65
N THR A 176 -28.52 45.18 5.56
CA THR A 176 -28.80 44.36 4.38
C THR A 176 -28.84 42.83 4.56
N PHE A 177 -27.99 42.29 5.44
CA PHE A 177 -27.94 40.85 5.62
C PHE A 177 -29.08 40.26 6.46
N LYS A 178 -30.03 39.63 5.77
CA LYS A 178 -31.20 39.07 6.42
C LYS A 178 -31.54 37.66 5.93
N ALA A 179 -32.51 37.07 6.62
CA ALA A 179 -33.07 35.77 6.28
C ALA A 179 -34.49 35.79 6.85
N PRO A 180 -35.42 36.41 6.10
CA PRO A 180 -36.81 36.61 6.55
C PRO A 180 -37.50 35.35 7.06
N GLU A 181 -37.22 34.21 6.45
CA GLU A 181 -37.86 32.95 6.83
C GLU A 181 -37.11 32.20 7.95
N GLU A 182 -35.83 32.49 8.13
CA GLU A 182 -35.03 31.77 9.13
C GLU A 182 -34.47 32.63 10.26
N GLY A 183 -34.52 33.95 10.10
CA GLY A 183 -34.01 34.87 11.11
C GLY A 183 -32.51 34.72 11.35
N TYR A 184 -32.07 35.08 12.54
CA TYR A 184 -30.66 34.99 12.89
C TYR A 184 -30.43 33.94 13.97
N LEU A 185 -29.24 33.35 13.95
CA LEU A 185 -28.86 32.35 14.96
C LEU A 185 -28.75 33.02 16.33
N GLY A 186 -28.33 34.29 16.33
CA GLY A 186 -28.18 35.05 17.55
C GLY A 186 -27.93 36.53 17.30
N VAL A 187 -27.88 37.31 18.37
CA VAL A 187 -27.62 38.75 18.27
C VAL A 187 -26.57 39.18 19.30
N ILE A 188 -25.99 40.37 19.08
CA ILE A 188 -24.98 40.93 19.97
C ILE A 188 -25.47 42.27 20.47
N ILE A 189 -25.93 42.32 21.71
CA ILE A 189 -26.46 43.56 22.30
C ILE A 189 -25.85 43.82 23.67
N GLY A 190 -25.45 45.07 23.90
CA GLY A 190 -24.87 45.49 25.18
C GLY A 190 -23.65 44.69 25.58
N ASP A 191 -22.77 44.46 24.60
CA ASP A 191 -21.54 43.69 24.79
C ASP A 191 -21.79 42.27 25.32
N LYS A 192 -22.91 41.67 24.90
CA LYS A 192 -23.26 40.29 25.26
C LYS A 192 -23.85 39.56 24.07
N ILE A 193 -23.55 38.26 23.98
CA ILE A 193 -24.05 37.42 22.89
C ILE A 193 -25.29 36.64 23.32
N TYR A 194 -26.32 36.69 22.49
CA TYR A 194 -27.58 36.00 22.76
C TYR A 194 -27.92 35.04 21.61
N TYR A 195 -27.73 33.74 21.85
CA TYR A 195 -28.08 32.74 20.84
C TYR A 195 -29.54 32.31 20.98
N GLN A 196 -30.26 32.32 19.86
CA GLN A 196 -31.68 32.00 19.89
C GLN A 196 -32.04 30.73 19.13
N THR A 197 -31.38 30.48 18.00
CA THR A 197 -31.67 29.28 17.20
C THR A 197 -30.41 28.57 16.73
N ARG A 198 -30.57 27.34 16.28
CA ARG A 198 -29.49 26.53 15.74
C ARG A 198 -29.84 26.05 14.33
N LEU A 199 -28.83 25.90 13.49
CA LEU A 199 -29.00 25.43 12.12
C LEU A 199 -29.37 23.94 12.10
N ASP A 200 -30.54 23.63 11.53
CA ASP A 200 -30.99 22.24 11.45
C ASP A 200 -30.70 21.65 10.07
N LYS A 201 -29.43 21.71 9.69
CA LYS A 201 -28.94 21.16 8.42
C LYS A 201 -27.56 20.59 8.68
N VAL A 202 -26.99 19.90 7.70
CA VAL A 202 -25.65 19.34 7.84
C VAL A 202 -24.61 20.43 7.57
N HIS A 203 -23.56 20.45 8.39
CA HIS A 203 -22.52 21.46 8.24
C HIS A 203 -21.20 21.03 8.87
N THR A 204 -20.16 21.78 8.53
CA THR A 204 -18.81 21.59 9.07
C THR A 204 -18.34 20.16 9.38
N THR A 205 -18.32 19.80 10.66
CA THR A 205 -17.82 18.50 11.11
C THR A 205 -18.60 17.26 10.70
N ARG A 206 -19.81 17.45 10.19
CA ARG A 206 -20.63 16.31 9.75
C ARG A 206 -20.78 16.30 8.24
N SER A 207 -20.19 17.30 7.59
CA SER A 207 -20.25 17.42 6.14
C SER A 207 -19.30 16.43 5.47
N VAL A 208 -19.69 15.94 4.30
CA VAL A 208 -18.89 14.96 3.56
C VAL A 208 -18.03 15.63 2.48
N PHE A 209 -18.23 16.92 2.29
CA PHE A 209 -17.49 17.66 1.28
C PHE A 209 -16.09 18.01 1.77
N ASP A 210 -15.09 17.61 0.99
CA ASP A 210 -13.69 17.85 1.33
C ASP A 210 -12.94 18.33 0.10
N VAL A 211 -12.28 19.49 0.22
CA VAL A 211 -11.52 20.04 -0.90
C VAL A 211 -10.03 20.11 -0.63
N THR A 212 -9.59 19.39 0.40
CA THR A 212 -8.18 19.35 0.81
C THR A 212 -7.22 19.07 -0.35
N ASN A 213 -7.60 18.14 -1.21
CA ASN A 213 -6.76 17.75 -2.34
C ASN A 213 -7.31 18.20 -3.71
N VAL A 214 -8.10 19.26 -3.69
CA VAL A 214 -8.70 19.80 -4.91
C VAL A 214 -7.96 21.05 -5.40
N ASP A 215 -7.63 21.07 -6.69
CA ASP A 215 -6.95 22.19 -7.30
C ASP A 215 -7.93 23.04 -8.11
N LYS A 216 -8.89 22.37 -8.74
CA LYS A 216 -9.94 23.03 -9.53
C LYS A 216 -11.29 22.35 -9.31
N LEU A 217 -12.32 23.15 -9.08
CA LEU A 217 -13.67 22.63 -8.89
C LEU A 217 -14.45 22.68 -10.21
N PRO A 218 -15.46 21.80 -10.35
CA PRO A 218 -16.31 21.76 -11.54
C PRO A 218 -17.02 23.09 -11.76
N ALA A 219 -16.97 23.58 -13.00
CA ALA A 219 -17.59 24.86 -13.35
C ALA A 219 -19.11 24.79 -13.37
N VAL A 220 -19.74 25.81 -12.79
CA VAL A 220 -21.20 25.91 -12.73
C VAL A 220 -21.65 27.34 -13.03
N ASP A 221 -22.60 27.48 -13.95
CA ASP A 221 -23.13 28.80 -14.29
C ASP A 221 -24.53 29.01 -13.72
N ILE A 222 -24.94 30.27 -13.63
CA ILE A 222 -26.27 30.62 -13.17
C ILE A 222 -27.00 31.37 -14.26
N ILE A 223 -28.12 30.81 -14.72
CA ILE A 223 -28.92 31.45 -15.76
C ILE A 223 -30.22 31.98 -15.14
N TYR A 224 -30.55 33.23 -15.46
CA TYR A 224 -31.71 33.90 -14.88
C TYR A 224 -33.02 33.57 -15.61
N GLY A 225 -34.11 33.55 -14.84
CA GLY A 225 -35.43 33.28 -15.40
C GLY A 225 -36.24 34.57 -15.48
N TYR A 226 -36.82 34.82 -16.66
CA TYR A 226 -37.62 36.03 -16.90
C TYR A 226 -38.41 35.92 -18.19
N GLN A 227 -39.28 36.90 -18.43
CA GLN A 227 -40.09 36.92 -19.66
C GLN A 227 -39.19 37.05 -20.88
N ASP A 228 -39.44 36.21 -21.88
CA ASP A 228 -38.67 36.20 -23.13
C ASP A 228 -37.22 35.81 -22.92
N ASP A 229 -36.98 34.87 -21.99
CA ASP A 229 -35.62 34.43 -21.70
C ASP A 229 -35.02 33.56 -22.81
N PRO A 230 -33.87 33.99 -23.34
CA PRO A 230 -33.13 33.34 -24.44
C PRO A 230 -32.65 31.93 -24.13
N GLU A 231 -32.85 31.02 -25.09
CA GLU A 231 -32.41 29.64 -24.95
C GLU A 231 -30.91 29.52 -25.26
N TYR A 232 -30.38 30.54 -25.95
CA TYR A 232 -28.96 30.54 -26.33
C TYR A 232 -27.99 30.75 -25.16
N MET A 233 -28.52 31.09 -23.99
CA MET A 233 -27.69 31.24 -22.79
C MET A 233 -27.23 29.86 -22.35
N TYR A 234 -28.13 28.89 -22.49
CA TYR A 234 -27.83 27.50 -22.15
C TYR A 234 -26.86 26.92 -23.16
N ASP A 235 -26.99 27.33 -24.42
CA ASP A 235 -26.10 26.89 -25.48
C ASP A 235 -24.67 27.35 -25.20
N ALA A 236 -24.53 28.54 -24.62
CA ALA A 236 -23.23 29.10 -24.27
C ALA A 236 -22.57 28.31 -23.15
N SER A 237 -23.38 27.85 -22.20
CA SER A 237 -22.89 27.05 -21.08
C SER A 237 -22.42 25.68 -21.57
N ILE A 238 -23.22 25.09 -22.46
CA ILE A 238 -22.92 23.77 -23.03
C ILE A 238 -21.64 23.78 -23.87
N LYS A 239 -21.48 24.79 -24.72
CA LYS A 239 -20.30 24.90 -25.59
C LYS A 239 -19.01 24.99 -24.77
N HIS A 240 -19.10 25.59 -23.58
CA HIS A 240 -17.95 25.73 -22.71
C HIS A 240 -17.80 24.59 -21.71
N GLY A 241 -18.61 23.55 -21.89
CA GLY A 241 -18.55 22.35 -21.06
C GLY A 241 -18.62 22.50 -19.56
N VAL A 242 -19.58 23.27 -19.08
CA VAL A 242 -19.78 23.43 -17.64
C VAL A 242 -20.36 22.11 -17.11
N LYS A 243 -20.02 21.77 -15.88
CA LYS A 243 -20.51 20.53 -15.29
C LYS A 243 -21.90 20.68 -14.67
N GLY A 244 -22.26 21.91 -14.33
CA GLY A 244 -23.56 22.17 -13.73
C GLY A 244 -24.16 23.50 -14.12
N ILE A 245 -25.48 23.61 -13.99
CA ILE A 245 -26.19 24.85 -14.26
C ILE A 245 -27.25 25.09 -13.19
N VAL A 246 -27.25 26.27 -12.61
CA VAL A 246 -28.26 26.64 -11.63
C VAL A 246 -29.23 27.60 -12.30
N TYR A 247 -30.51 27.28 -12.27
CA TYR A 247 -31.53 28.11 -12.86
C TYR A 247 -32.24 28.97 -11.82
N ALA A 248 -32.04 30.29 -11.92
CA ALA A 248 -32.71 31.23 -11.01
C ALA A 248 -34.10 31.47 -11.57
N GLY A 249 -34.96 30.48 -11.41
CA GLY A 249 -36.30 30.49 -11.99
C GLY A 249 -37.30 31.52 -11.56
N MET A 250 -38.33 31.67 -12.39
CA MET A 250 -39.45 32.57 -12.11
C MET A 250 -40.33 31.87 -11.10
N GLY A 251 -40.64 32.56 -10.00
CA GLY A 251 -41.46 31.96 -8.94
C GLY A 251 -40.73 30.78 -8.33
N ALA A 252 -41.42 29.66 -8.19
CA ALA A 252 -40.81 28.45 -7.61
C ALA A 252 -40.02 27.65 -8.65
N GLY A 253 -39.06 28.32 -9.30
CA GLY A 253 -38.20 27.69 -10.30
C GLY A 253 -38.88 27.30 -11.60
N SER A 254 -39.98 27.98 -11.92
CA SER A 254 -40.74 27.68 -13.13
C SER A 254 -39.97 28.03 -14.40
N VAL A 255 -40.02 27.12 -15.38
CA VAL A 255 -39.34 27.31 -16.64
C VAL A 255 -40.28 27.73 -17.76
N SER A 256 -39.79 28.55 -18.67
CA SER A 256 -40.56 28.97 -19.84
C SER A 256 -40.38 27.88 -20.89
N LYS A 257 -40.96 28.07 -22.07
CA LYS A 257 -40.80 27.08 -23.15
C LYS A 257 -39.36 27.05 -23.64
N ARG A 258 -38.71 28.22 -23.63
CA ARG A 258 -37.33 28.36 -24.07
C ARG A 258 -36.38 27.88 -22.99
N GLY A 259 -36.74 28.13 -21.73
CA GLY A 259 -35.94 27.70 -20.60
C GLY A 259 -35.98 26.20 -20.43
N ASP A 260 -37.16 25.62 -20.67
CA ASP A 260 -37.36 24.17 -20.59
C ASP A 260 -36.48 23.45 -21.61
N ALA A 261 -36.47 23.97 -22.84
CA ALA A 261 -35.69 23.39 -23.93
C ALA A 261 -34.18 23.52 -23.69
N GLY A 262 -33.78 24.65 -23.09
CA GLY A 262 -32.37 24.90 -22.78
C GLY A 262 -31.85 23.98 -21.69
N ILE A 263 -32.73 23.64 -20.74
CA ILE A 263 -32.37 22.76 -19.63
C ILE A 263 -32.27 21.30 -20.07
N ARG A 264 -33.26 20.82 -20.80
CA ARG A 264 -33.26 19.43 -21.28
C ARG A 264 -32.09 19.18 -22.24
N LYS A 265 -31.70 20.21 -22.98
CA LYS A 265 -30.58 20.12 -23.91
C LYS A 265 -29.28 19.98 -23.11
N ALA A 266 -29.22 20.65 -21.97
CA ALA A 266 -28.05 20.61 -21.09
C ALA A 266 -27.96 19.24 -20.41
N GLU A 267 -29.10 18.71 -19.98
CA GLU A 267 -29.15 17.41 -19.32
C GLU A 267 -28.73 16.26 -20.23
N SER A 268 -28.99 16.40 -21.53
CA SER A 268 -28.63 15.36 -22.50
C SER A 268 -27.12 15.34 -22.74
N LYS A 269 -26.44 16.41 -22.34
CA LYS A 269 -25.00 16.51 -22.48
C LYS A 269 -24.29 16.12 -21.18
N GLY A 270 -25.06 15.63 -20.22
CA GLY A 270 -24.52 15.20 -18.93
C GLY A 270 -24.40 16.30 -17.89
N ILE A 271 -24.92 17.48 -18.21
CA ILE A 271 -24.88 18.62 -17.30
C ILE A 271 -25.99 18.54 -16.26
N VAL A 272 -25.61 18.55 -14.99
CA VAL A 272 -26.59 18.50 -13.89
C VAL A 272 -27.19 19.89 -13.68
N VAL A 273 -28.51 19.97 -13.82
CA VAL A 273 -29.22 21.23 -13.65
C VAL A 273 -30.06 21.24 -12.38
N VAL A 274 -30.00 22.35 -11.65
CA VAL A 274 -30.76 22.52 -10.42
C VAL A 274 -31.60 23.79 -10.53
N ARG A 275 -32.91 23.67 -10.31
CA ARG A 275 -33.82 24.81 -10.39
C ARG A 275 -33.94 25.58 -9.08
N SER A 276 -33.42 26.80 -9.07
CA SER A 276 -33.51 27.67 -7.90
C SER A 276 -34.56 28.74 -8.18
N SER A 277 -34.56 29.81 -7.39
CA SER A 277 -35.56 30.86 -7.56
C SER A 277 -35.00 32.28 -7.54
N ARG A 278 -35.60 33.15 -8.35
CA ARG A 278 -35.17 34.55 -8.42
C ARG A 278 -35.91 35.39 -7.36
N THR A 279 -36.89 34.78 -6.70
CA THR A 279 -37.72 35.49 -5.70
C THR A 279 -36.94 36.08 -4.53
N GLY A 280 -36.08 35.28 -3.91
CA GLY A 280 -35.28 35.74 -2.77
C GLY A 280 -35.37 34.85 -1.55
N SER A 281 -36.39 33.99 -1.51
CA SER A 281 -36.59 33.05 -0.40
C SER A 281 -37.65 32.02 -0.76
N GLY A 282 -37.81 31.02 0.10
CA GLY A 282 -38.84 30.00 -0.10
C GLY A 282 -38.37 28.69 -0.67
N ILE A 283 -39.29 27.71 -0.68
CA ILE A 283 -39.00 26.37 -1.16
C ILE A 283 -39.39 26.18 -2.62
N VAL A 284 -38.45 25.66 -3.42
CA VAL A 284 -38.75 25.25 -4.78
C VAL A 284 -39.06 23.76 -4.65
N PRO A 285 -40.34 23.38 -4.74
CA PRO A 285 -40.76 22.00 -4.52
C PRO A 285 -40.48 21.08 -5.70
N PRO A 286 -40.41 19.76 -5.45
CA PRO A 286 -40.21 18.77 -6.50
C PRO A 286 -41.37 18.81 -7.50
N ASP A 287 -41.08 18.53 -8.76
CA ASP A 287 -42.10 18.51 -9.81
C ASP A 287 -41.64 17.60 -10.95
N ALA A 288 -42.37 16.50 -11.15
CA ALA A 288 -42.03 15.54 -12.20
C ALA A 288 -42.35 16.07 -13.60
N GLY A 289 -43.14 17.14 -13.66
CA GLY A 289 -43.51 17.76 -14.94
C GLY A 289 -42.45 18.71 -15.47
N GLN A 290 -41.46 19.01 -14.63
CA GLN A 290 -40.37 19.90 -15.01
C GLN A 290 -39.01 19.22 -14.94
N PRO A 291 -38.09 19.58 -15.85
CA PRO A 291 -36.76 18.99 -15.87
C PRO A 291 -35.86 19.60 -14.78
N GLY A 292 -34.75 18.92 -14.49
CA GLY A 292 -33.80 19.40 -13.50
C GLY A 292 -34.16 19.03 -12.09
N LEU A 293 -33.23 19.26 -11.17
CA LEU A 293 -33.43 19.00 -9.77
C LEU A 293 -33.99 20.25 -9.12
N VAL A 294 -34.34 20.16 -7.84
CA VAL A 294 -34.87 21.32 -7.12
C VAL A 294 -33.92 21.77 -6.03
N ALA A 295 -33.80 23.09 -5.86
CA ALA A 295 -32.85 23.68 -4.92
C ALA A 295 -33.31 23.79 -3.47
N ASP A 296 -34.49 23.26 -3.16
CA ASP A 296 -35.02 23.34 -1.81
C ASP A 296 -35.15 24.84 -1.46
N SER A 297 -34.61 25.28 -0.34
CA SER A 297 -34.69 26.69 0.04
C SER A 297 -33.41 27.45 -0.31
N LEU A 298 -32.50 26.77 -1.00
CA LEU A 298 -31.23 27.37 -1.39
C LEU A 298 -31.34 28.37 -2.52
N SER A 299 -30.70 29.52 -2.32
CA SER A 299 -30.69 30.60 -3.31
C SER A 299 -29.81 30.17 -4.48
N PRO A 300 -29.95 30.85 -5.64
CA PRO A 300 -29.12 30.52 -6.80
C PRO A 300 -27.62 30.57 -6.49
N ALA A 301 -27.20 31.56 -5.71
CA ALA A 301 -25.79 31.71 -5.36
C ALA A 301 -25.28 30.56 -4.49
N LYS A 302 -26.06 30.19 -3.47
CA LYS A 302 -25.67 29.08 -2.59
C LYS A 302 -25.87 27.73 -3.28
N SER A 303 -26.84 27.66 -4.19
CA SER A 303 -27.08 26.44 -4.95
C SER A 303 -25.89 26.13 -5.85
N ARG A 304 -25.31 27.18 -6.43
CA ARG A 304 -24.13 27.01 -7.28
C ARG A 304 -22.97 26.42 -6.48
N ILE A 305 -22.72 26.99 -5.30
CA ILE A 305 -21.66 26.52 -4.41
C ILE A 305 -21.84 25.05 -4.03
N LEU A 306 -23.05 24.69 -3.61
CA LEU A 306 -23.33 23.29 -3.22
C LEU A 306 -23.21 22.34 -4.42
N LEU A 307 -23.66 22.80 -5.59
CA LEU A 307 -23.58 21.96 -6.80
C LEU A 307 -22.13 21.69 -7.18
N MET A 308 -21.29 22.71 -7.14
CA MET A 308 -19.87 22.58 -7.46
C MET A 308 -19.21 21.51 -6.60
N LEU A 309 -19.51 21.55 -5.30
CA LEU A 309 -18.96 20.58 -4.36
C LEU A 309 -19.59 19.19 -4.52
N ALA A 310 -20.86 19.17 -4.89
CA ALA A 310 -21.57 17.89 -5.10
C ALA A 310 -21.00 17.15 -6.31
N LEU A 311 -20.56 17.91 -7.31
CA LEU A 311 -20.01 17.34 -8.54
C LEU A 311 -18.60 16.78 -8.37
N THR A 312 -18.02 16.95 -7.18
CA THR A 312 -16.70 16.41 -6.89
C THR A 312 -16.84 14.99 -6.36
N LYS A 313 -18.04 14.66 -5.90
CA LYS A 313 -18.30 13.36 -5.31
C LYS A 313 -19.12 12.42 -6.19
N THR A 314 -20.01 12.99 -6.99
CA THR A 314 -20.88 12.19 -7.86
C THR A 314 -21.55 13.03 -8.95
N THR A 315 -22.15 12.34 -9.91
CA THR A 315 -22.90 12.99 -10.98
C THR A 315 -24.34 12.47 -10.96
N ASN A 316 -24.62 11.57 -10.03
CA ASN A 316 -25.94 10.98 -9.89
C ASN A 316 -26.97 11.95 -9.34
N PRO A 317 -28.06 12.19 -10.11
CA PRO A 317 -29.14 13.12 -9.78
C PRO A 317 -29.80 12.87 -8.42
N ALA A 318 -30.01 11.61 -8.06
CA ALA A 318 -30.65 11.27 -6.79
C ALA A 318 -29.78 11.65 -5.58
N VAL A 319 -28.50 11.34 -5.66
CA VAL A 319 -27.55 11.65 -4.58
C VAL A 319 -27.39 13.17 -4.42
N ILE A 320 -27.37 13.88 -5.55
CA ILE A 320 -27.23 15.33 -5.55
C ILE A 320 -28.50 16.00 -5.02
N GLN A 321 -29.65 15.43 -5.33
CA GLN A 321 -30.94 15.95 -4.85
C GLN A 321 -31.00 15.81 -3.33
N ASP A 322 -30.50 14.69 -2.82
CA ASP A 322 -30.44 14.44 -1.38
C ASP A 322 -29.57 15.50 -0.70
N TYR A 323 -28.46 15.87 -1.34
CA TYR A 323 -27.58 16.91 -0.79
C TYR A 323 -28.35 18.21 -0.61
N PHE A 324 -29.14 18.57 -1.63
CA PHE A 324 -29.94 19.80 -1.59
C PHE A 324 -31.01 19.87 -0.52
N HIS A 325 -31.55 18.72 -0.12
CA HIS A 325 -32.56 18.69 0.93
C HIS A 325 -31.95 18.55 2.32
N ALA A 326 -30.64 18.32 2.36
CA ALA A 326 -29.95 18.08 3.62
C ALA A 326 -28.91 19.15 4.02
N TYR A 327 -28.31 19.80 3.04
CA TYR A 327 -27.27 20.80 3.29
C TYR A 327 -27.74 22.25 3.22
N ASN B 3 -25.26 81.04 -0.82
CA ASN B 3 -26.69 80.78 -1.16
C ASN B 3 -27.20 79.44 -0.66
N LEU B 4 -26.55 78.91 0.37
CA LEU B 4 -26.96 77.64 0.97
C LEU B 4 -28.18 77.84 1.87
N PRO B 5 -29.04 76.81 1.97
CA PRO B 5 -30.24 76.89 2.82
C PRO B 5 -29.91 77.18 4.28
N ASN B 6 -30.88 77.72 5.00
CA ASN B 6 -30.70 78.03 6.42
C ASN B 6 -31.45 77.03 7.29
N ILE B 7 -30.71 76.19 8.00
CA ILE B 7 -31.31 75.17 8.85
C ILE B 7 -31.01 75.43 10.32
N VAL B 8 -32.05 75.30 11.15
CA VAL B 8 -31.89 75.47 12.59
C VAL B 8 -32.06 74.11 13.27
N ILE B 9 -31.14 73.79 14.18
CA ILE B 9 -31.19 72.53 14.91
C ILE B 9 -31.71 72.72 16.33
N LEU B 10 -32.84 72.09 16.62
CA LEU B 10 -33.46 72.17 17.95
C LEU B 10 -33.19 70.89 18.75
N ALA B 11 -32.45 71.04 19.85
CA ALA B 11 -32.11 69.90 20.69
C ALA B 11 -33.13 69.67 21.80
N THR B 12 -33.48 68.39 22.01
CA THR B 12 -34.42 68.01 23.06
C THR B 12 -33.78 67.01 24.02
N GLY B 13 -32.79 66.27 23.52
CA GLY B 13 -32.09 65.28 24.33
C GLY B 13 -31.68 64.03 23.53
N GLY B 14 -31.39 62.95 24.24
CA GLY B 14 -30.97 61.70 23.61
C GLY B 14 -29.45 61.53 23.59
N THR B 15 -29.00 60.30 23.31
CA THR B 15 -27.55 60.02 23.26
C THR B 15 -26.87 60.62 22.04
N ILE B 16 -27.67 60.99 21.05
CA ILE B 16 -27.15 61.63 19.83
C ILE B 16 -26.49 62.96 20.23
N ALA B 17 -26.91 63.50 21.37
CA ALA B 17 -26.38 64.75 21.90
C ALA B 17 -25.38 64.50 23.03
N GLY B 35 -24.49 69.01 24.96
CA GLY B 35 -25.09 70.16 24.29
C GLY B 35 -25.31 69.93 22.80
N VAL B 36 -25.75 70.97 22.11
CA VAL B 36 -26.00 70.88 20.67
C VAL B 36 -24.80 71.43 19.88
N GLU B 37 -23.95 72.20 20.57
CA GLU B 37 -22.78 72.83 19.95
C GLU B 37 -21.67 71.82 19.66
N THR B 38 -21.52 70.84 20.55
CA THR B 38 -20.49 69.81 20.42
C THR B 38 -20.72 68.91 19.22
N LEU B 39 -21.98 68.67 18.88
CA LEU B 39 -22.35 67.80 17.78
C LEU B 39 -22.06 68.42 16.42
N ILE B 40 -22.46 69.68 16.26
CA ILE B 40 -22.28 70.42 15.01
C ILE B 40 -20.86 70.35 14.47
N GLN B 41 -19.88 70.64 15.33
CA GLN B 41 -18.48 70.64 14.93
C GLN B 41 -17.87 69.23 14.82
N ALA B 42 -18.56 68.24 15.39
CA ALA B 42 -18.10 66.85 15.32
C ALA B 42 -18.34 66.31 13.91
N VAL B 43 -19.30 66.91 13.21
CA VAL B 43 -19.60 66.54 11.83
C VAL B 43 -19.37 67.77 10.95
N PRO B 44 -18.11 67.95 10.49
CA PRO B 44 -17.75 69.11 9.68
C PRO B 44 -18.28 69.03 8.24
N GLU B 45 -18.87 67.88 7.89
CA GLU B 45 -19.41 67.68 6.54
C GLU B 45 -20.75 68.42 6.37
N LEU B 46 -21.30 68.92 7.47
CA LEU B 46 -22.56 69.65 7.45
C LEU B 46 -22.43 71.01 6.76
N LYS B 47 -21.22 71.57 6.77
CA LYS B 47 -20.94 72.87 6.17
C LYS B 47 -21.24 72.94 4.68
N THR B 48 -21.18 71.79 4.00
CA THR B 48 -21.46 71.73 2.58
C THR B 48 -22.96 71.62 2.30
N LEU B 49 -23.73 71.35 3.35
CA LEU B 49 -25.17 71.19 3.23
C LEU B 49 -25.95 72.49 3.41
N ALA B 50 -25.71 73.17 4.54
CA ALA B 50 -26.43 74.41 4.84
C ALA B 50 -25.80 75.20 5.97
N ASN B 51 -26.34 76.40 6.21
CA ASN B 51 -25.89 77.23 7.31
C ASN B 51 -26.60 76.75 8.57
N ILE B 52 -25.82 76.38 9.59
CA ILE B 52 -26.38 75.79 10.80
C ILE B 52 -26.36 76.69 12.04
N LYS B 53 -27.47 76.64 12.78
CA LYS B 53 -27.60 77.35 14.05
C LYS B 53 -28.32 76.42 15.03
N GLY B 54 -27.82 76.33 16.25
CA GLY B 54 -28.40 75.44 17.25
C GLY B 54 -29.12 76.13 18.39
N GLU B 55 -30.23 75.53 18.83
CA GLU B 55 -31.03 76.04 19.95
C GLU B 55 -31.41 74.90 20.90
N GLN B 56 -31.30 75.16 22.19
CA GLN B 56 -31.61 74.17 23.21
C GLN B 56 -33.06 74.32 23.69
N VAL B 57 -33.94 73.47 23.18
CA VAL B 57 -35.35 73.50 23.58
C VAL B 57 -35.51 72.74 24.90
N ALA B 58 -34.81 71.62 25.02
CA ALA B 58 -34.83 70.79 26.23
C ALA B 58 -33.58 69.94 26.28
N SER B 59 -33.35 69.31 27.43
CA SER B 59 -32.18 68.43 27.60
C SER B 59 -32.56 67.22 28.44
N ILE B 60 -33.49 66.42 27.92
CA ILE B 60 -33.97 65.23 28.64
C ILE B 60 -34.01 63.99 27.76
N GLY B 61 -33.93 62.82 28.40
CA GLY B 61 -34.04 61.56 27.70
C GLY B 61 -35.48 61.48 27.20
N SER B 62 -35.67 60.91 26.02
CA SER B 62 -37.01 60.82 25.44
C SER B 62 -38.02 60.06 26.30
N GLU B 63 -37.52 59.24 27.21
CA GLU B 63 -38.41 58.48 28.10
C GLU B 63 -39.09 59.42 29.11
N ASN B 64 -38.52 60.62 29.25
CA ASN B 64 -39.08 61.65 30.13
C ASN B 64 -39.69 62.82 29.37
N MET B 65 -39.86 62.64 28.05
CA MET B 65 -40.48 63.68 27.22
C MET B 65 -41.95 63.77 27.60
N THR B 66 -42.44 64.99 27.78
CA THR B 66 -43.82 65.22 28.19
C THR B 66 -44.59 66.06 27.18
N SER B 67 -45.92 66.02 27.25
CA SER B 67 -46.77 66.78 26.35
C SER B 67 -46.58 68.28 26.54
N ASP B 68 -46.17 68.68 27.74
CA ASP B 68 -45.88 70.07 28.04
C ASP B 68 -44.70 70.58 27.22
N VAL B 69 -43.67 69.74 27.12
CA VAL B 69 -42.48 70.08 26.34
C VAL B 69 -42.79 70.07 24.84
N LEU B 70 -43.70 69.19 24.43
CA LEU B 70 -44.10 69.11 23.02
C LEU B 70 -44.82 70.39 22.58
N LEU B 71 -45.54 71.01 23.52
CA LEU B 71 -46.22 72.27 23.25
C LEU B 71 -45.17 73.34 22.98
N THR B 72 -44.18 73.43 23.86
CA THR B 72 -43.09 74.40 23.73
C THR B 72 -42.33 74.18 22.42
N LEU B 73 -42.09 72.91 22.09
CA LEU B 73 -41.36 72.54 20.87
C LEU B 73 -42.14 72.89 19.60
N SER B 74 -43.43 72.54 19.58
CA SER B 74 -44.27 72.81 18.42
C SER B 74 -44.44 74.31 18.14
N LYS B 75 -44.55 75.10 19.20
CA LYS B 75 -44.68 76.55 19.08
C LYS B 75 -43.39 77.19 18.59
N ARG B 76 -42.26 76.70 19.12
CA ARG B 76 -40.94 77.20 18.75
C ARG B 76 -40.71 76.93 17.26
N VAL B 77 -41.07 75.72 16.82
CA VAL B 77 -40.93 75.33 15.43
C VAL B 77 -41.76 76.23 14.52
N ASN B 78 -43.01 76.49 14.91
CA ASN B 78 -43.90 77.35 14.13
C ASN B 78 -43.41 78.79 14.01
N GLU B 79 -42.72 79.28 15.04
CA GLU B 79 -42.14 80.63 14.99
C GLU B 79 -41.05 80.68 13.92
N LEU B 80 -40.16 79.71 13.96
CA LEU B 80 -39.05 79.61 13.01
C LEU B 80 -39.48 79.38 11.58
N LEU B 81 -40.47 78.51 11.38
CA LEU B 81 -40.95 78.21 10.03
C LEU B 81 -41.75 79.35 9.42
N ALA B 82 -42.07 80.35 10.24
CA ALA B 82 -42.78 81.53 9.77
C ALA B 82 -41.76 82.55 9.25
N ARG B 83 -40.53 82.45 9.74
CA ARG B 83 -39.43 83.33 9.35
C ARG B 83 -38.97 83.03 7.92
N SER B 84 -38.51 84.07 7.22
CA SER B 84 -38.05 83.92 5.84
C SER B 84 -36.60 83.42 5.78
N ASP B 85 -35.87 83.62 6.88
CA ASP B 85 -34.47 83.20 6.95
C ASP B 85 -34.29 81.78 7.51
N VAL B 86 -35.36 80.97 7.44
CA VAL B 86 -35.32 79.58 7.90
C VAL B 86 -35.99 78.72 6.85
N ASP B 87 -35.28 77.71 6.38
CA ASP B 87 -35.80 76.83 5.33
C ASP B 87 -36.24 75.46 5.85
N GLY B 88 -35.72 75.06 7.00
CA GLY B 88 -36.07 73.78 7.59
C GLY B 88 -35.57 73.64 9.02
N VAL B 89 -36.12 72.67 9.73
CA VAL B 89 -35.74 72.43 11.11
C VAL B 89 -35.33 70.97 11.35
N VAL B 90 -34.23 70.78 12.08
CA VAL B 90 -33.78 69.45 12.44
C VAL B 90 -33.91 69.32 13.95
N ILE B 91 -34.60 68.27 14.40
CA ILE B 91 -34.83 68.07 15.83
C ILE B 91 -34.16 66.80 16.37
N THR B 92 -33.12 66.99 17.18
CA THR B 92 -32.43 65.88 17.81
C THR B 92 -33.29 65.41 18.99
N HIS B 93 -33.59 64.12 19.02
CA HIS B 93 -34.49 63.55 20.01
C HIS B 93 -33.97 62.16 20.40
N GLY B 94 -34.48 61.62 21.49
CA GLY B 94 -34.11 60.26 21.90
C GLY B 94 -34.97 59.28 21.11
N THR B 95 -34.58 58.01 21.10
CA THR B 95 -35.31 56.99 20.33
C THR B 95 -36.50 56.39 21.07
N ASP B 96 -36.44 56.39 22.41
CA ASP B 96 -37.48 55.76 23.24
C ASP B 96 -38.92 56.22 23.00
N THR B 97 -39.12 57.52 22.77
CA THR B 97 -40.45 58.03 22.47
C THR B 97 -40.50 58.77 21.15
N LEU B 98 -39.73 58.27 20.18
CA LEU B 98 -39.70 58.86 18.86
C LEU B 98 -40.94 58.42 18.08
N ASP B 99 -41.75 57.57 18.70
CA ASP B 99 -43.02 57.13 18.11
C ASP B 99 -44.02 58.28 18.28
N GLU B 100 -43.98 58.93 19.44
CA GLU B 100 -44.89 60.03 19.76
C GLU B 100 -44.53 61.36 19.11
N SER B 101 -43.49 62.00 19.65
CA SER B 101 -43.04 63.34 19.24
C SER B 101 -43.22 63.76 17.77
N PRO B 102 -42.62 63.02 16.82
CA PRO B 102 -42.76 63.40 15.41
C PRO B 102 -44.21 63.45 14.94
N TYR B 103 -45.02 62.50 15.40
CA TYR B 103 -46.43 62.46 15.01
C TYR B 103 -47.22 63.62 15.62
N PHE B 104 -46.76 64.10 16.77
CA PHE B 104 -47.40 65.24 17.43
C PHE B 104 -47.24 66.49 16.56
N LEU B 105 -46.02 66.71 16.08
CA LEU B 105 -45.74 67.85 15.22
C LEU B 105 -46.31 67.68 13.81
N ASN B 106 -46.62 66.44 13.44
CA ASN B 106 -47.20 66.15 12.14
C ASN B 106 -48.63 66.68 12.08
N LEU B 107 -49.18 67.01 13.23
CA LEU B 107 -50.55 67.49 13.34
C LEU B 107 -50.61 68.95 13.80
N THR B 108 -49.51 69.44 14.37
CA THR B 108 -49.48 70.79 14.92
C THR B 108 -48.65 71.83 14.13
N VAL B 109 -47.77 71.35 13.26
CA VAL B 109 -46.96 72.24 12.43
C VAL B 109 -47.78 72.75 11.25
N LYS B 110 -47.78 74.07 11.04
CA LYS B 110 -48.56 74.67 9.98
C LYS B 110 -47.69 75.24 8.85
N SER B 111 -46.79 74.41 8.33
CA SER B 111 -45.88 74.83 7.26
C SER B 111 -45.42 73.66 6.39
N ASP B 112 -45.10 73.96 5.12
CA ASP B 112 -44.60 72.95 4.18
C ASP B 112 -43.12 72.68 4.40
N LYS B 113 -42.43 73.62 5.02
CA LYS B 113 -41.00 73.49 5.30
C LYS B 113 -40.70 72.22 6.10
N PRO B 114 -39.62 71.51 5.71
CA PRO B 114 -39.22 70.25 6.31
C PRO B 114 -38.89 70.29 7.81
N VAL B 115 -39.56 69.44 8.56
CA VAL B 115 -39.30 69.27 9.99
C VAL B 115 -38.79 67.84 10.11
N VAL B 116 -37.49 67.70 10.34
CA VAL B 116 -36.87 66.39 10.37
C VAL B 116 -36.37 65.97 11.75
N PHE B 117 -36.99 64.93 12.31
CA PHE B 117 -36.55 64.38 13.59
C PHE B 117 -35.38 63.44 13.37
N VAL B 118 -34.42 63.46 14.27
CA VAL B 118 -33.24 62.61 14.17
C VAL B 118 -32.81 62.07 15.53
N ALA B 119 -32.26 60.87 15.53
CA ALA B 119 -31.80 60.23 16.77
C ALA B 119 -30.64 59.28 16.51
N ALA B 120 -30.19 58.62 17.57
CA ALA B 120 -29.09 57.66 17.48
C ALA B 120 -29.31 56.52 18.46
N MET B 121 -29.10 55.29 17.98
CA MET B 121 -29.26 54.10 18.80
C MET B 121 -28.02 53.80 19.65
N ARG B 122 -26.88 54.33 19.22
CA ARG B 122 -25.62 54.16 19.94
C ARG B 122 -25.14 55.50 20.47
N PRO B 123 -24.51 55.49 21.66
CA PRO B 123 -23.95 56.70 22.25
C PRO B 123 -22.87 57.29 21.36
N ALA B 124 -22.69 58.61 21.43
CA ALA B 124 -21.70 59.30 20.60
C ALA B 124 -20.28 58.77 20.78
N THR B 125 -20.01 58.20 21.95
CA THR B 125 -18.68 57.67 22.27
C THR B 125 -18.48 56.21 21.88
N ALA B 126 -19.57 55.55 21.48
CA ALA B 126 -19.51 54.14 21.11
C ALA B 126 -18.81 53.89 19.78
N ILE B 127 -18.34 52.66 19.58
CA ILE B 127 -17.69 52.27 18.33
C ILE B 127 -18.73 52.30 17.21
N SER B 128 -18.38 52.96 16.11
CA SER B 128 -19.27 53.09 14.97
C SER B 128 -20.62 53.74 15.32
N ALA B 129 -20.55 54.82 16.10
CA ALA B 129 -21.75 55.56 16.50
C ALA B 129 -22.53 55.99 15.26
N ASP B 130 -23.85 55.89 15.32
CA ASP B 130 -24.71 56.24 14.20
C ASP B 130 -25.11 57.71 14.13
N GLY B 131 -25.02 58.41 15.26
CA GLY B 131 -25.35 59.83 15.35
C GLY B 131 -24.86 60.71 14.21
N PRO B 132 -23.53 60.80 14.05
CA PRO B 132 -22.88 61.60 13.01
C PRO B 132 -23.51 61.48 11.62
N MET B 133 -23.70 60.26 11.13
CA MET B 133 -24.31 60.05 9.81
C MET B 133 -25.78 60.40 9.81
N ASN B 134 -26.49 60.00 10.87
CA ASN B 134 -27.92 60.30 11.00
C ASN B 134 -28.19 61.79 10.94
N LEU B 135 -27.34 62.56 11.63
CA LEU B 135 -27.45 64.03 11.64
C LEU B 135 -27.18 64.59 10.25
N TYR B 136 -26.19 64.02 9.56
CA TYR B 136 -25.84 64.45 8.21
C TYR B 136 -27.05 64.28 7.29
N GLY B 137 -27.68 63.11 7.38
CA GLY B 137 -28.86 62.81 6.57
C GLY B 137 -30.03 63.72 6.88
N ALA B 138 -30.24 63.99 8.17
CA ALA B 138 -31.33 64.85 8.61
C ALA B 138 -31.22 66.25 8.02
N VAL B 139 -30.04 66.86 8.16
CA VAL B 139 -29.77 68.18 7.63
C VAL B 139 -29.84 68.18 6.10
N LYS B 140 -29.32 67.09 5.51
CA LYS B 140 -29.30 66.89 4.06
C LYS B 140 -30.75 66.91 3.55
N VAL B 141 -31.64 66.28 4.31
CA VAL B 141 -33.06 66.21 3.95
C VAL B 141 -33.80 67.52 4.20
N ALA B 142 -33.54 68.15 5.34
CA ALA B 142 -34.18 69.41 5.70
C ALA B 142 -33.79 70.58 4.78
N ALA B 143 -32.60 70.48 4.17
CA ALA B 143 -32.11 71.53 3.27
C ALA B 143 -32.53 71.32 1.81
N ASP B 144 -33.06 70.13 1.51
CA ASP B 144 -33.51 69.83 0.15
C ASP B 144 -34.93 70.33 -0.06
N LYS B 145 -35.11 71.20 -1.04
CA LYS B 145 -36.43 71.78 -1.34
C LYS B 145 -37.47 70.76 -1.76
N ASN B 146 -37.02 69.61 -2.24
CA ASN B 146 -37.93 68.54 -2.66
C ASN B 146 -38.54 67.80 -1.46
N SER B 147 -38.05 68.11 -0.26
CA SER B 147 -38.56 67.48 0.97
C SER B 147 -39.84 68.16 1.45
N ARG B 148 -40.07 69.37 0.96
CA ARG B 148 -41.23 70.18 1.34
C ARG B 148 -42.58 69.51 1.08
N GLY B 149 -43.53 69.72 2.00
CA GLY B 149 -44.89 69.21 1.87
C GLY B 149 -45.05 67.69 1.92
N ARG B 150 -44.22 67.04 2.72
CA ARG B 150 -44.27 65.58 2.85
C ARG B 150 -44.62 65.17 4.29
N GLY B 151 -44.88 66.15 5.13
CA GLY B 151 -45.18 65.90 6.54
C GLY B 151 -43.90 65.82 7.35
N VAL B 152 -44.04 65.61 8.66
CA VAL B 152 -42.88 65.49 9.54
C VAL B 152 -42.10 64.24 9.20
N LEU B 153 -40.78 64.38 9.10
CA LEU B 153 -39.92 63.27 8.71
C LEU B 153 -39.07 62.76 9.85
N VAL B 154 -38.70 61.48 9.79
CA VAL B 154 -37.86 60.85 10.81
C VAL B 154 -36.70 60.16 10.10
N VAL B 155 -35.48 60.62 10.35
CA VAL B 155 -34.31 60.09 9.66
C VAL B 155 -33.27 59.36 10.53
N LEU B 156 -33.17 58.05 10.31
CA LEU B 156 -32.15 57.21 10.95
C LEU B 156 -31.81 56.04 10.03
N ASN B 157 -30.55 55.63 10.06
CA ASN B 157 -30.08 54.47 9.30
C ASN B 157 -30.32 54.56 7.79
N ASP B 158 -30.06 55.75 7.22
CA ASP B 158 -30.24 56.00 5.78
C ASP B 158 -31.70 55.93 5.32
N ARG B 159 -32.63 56.02 6.26
CA ARG B 159 -34.06 55.94 5.92
C ARG B 159 -34.78 57.25 6.23
N ILE B 160 -35.82 57.53 5.44
CA ILE B 160 -36.67 58.69 5.65
C ILE B 160 -38.09 58.18 5.85
N GLY B 161 -38.51 58.07 7.11
CA GLY B 161 -39.84 57.56 7.41
C GLY B 161 -40.85 58.63 7.77
N SER B 162 -42.12 58.33 7.56
CA SER B 162 -43.20 59.26 7.90
C SER B 162 -43.54 59.16 9.37
N ALA B 163 -43.75 60.29 10.01
CA ALA B 163 -44.12 60.37 11.43
C ALA B 163 -45.42 59.58 11.70
N ARG B 164 -46.22 59.41 10.66
CA ARG B 164 -47.50 58.71 10.75
C ARG B 164 -47.32 57.18 10.82
N PHE B 165 -46.28 56.66 10.18
CA PHE B 165 -46.08 55.21 10.14
C PHE B 165 -44.88 54.65 10.90
N ILE B 166 -43.78 55.41 10.92
CA ILE B 166 -42.52 54.94 11.52
C ILE B 166 -42.57 54.76 13.04
N SER B 167 -41.92 53.71 13.53
CA SER B 167 -41.84 53.42 14.96
C SER B 167 -40.66 52.51 15.27
N LYS B 168 -40.24 52.51 16.53
CA LYS B 168 -39.14 51.67 16.98
C LYS B 168 -39.67 50.23 17.09
N THR B 169 -39.28 49.38 16.13
CA THR B 169 -39.76 48.00 16.07
C THR B 169 -38.87 47.02 16.84
N ASN B 170 -37.67 47.47 17.19
CA ASN B 170 -36.72 46.64 17.93
C ASN B 170 -36.12 47.43 19.08
N ALA B 171 -35.96 46.77 20.22
CA ALA B 171 -35.45 47.41 21.43
C ALA B 171 -34.04 47.99 21.39
N SER B 172 -33.12 47.36 20.65
CA SER B 172 -31.72 47.81 20.68
C SER B 172 -30.90 47.83 19.38
N THR B 173 -31.52 47.64 18.23
CA THR B 173 -30.77 47.61 16.97
C THR B 173 -30.75 48.94 16.21
N LEU B 174 -29.73 49.14 15.37
CA LEU B 174 -29.59 50.37 14.59
C LEU B 174 -30.70 50.56 13.56
N ASP B 175 -31.19 49.46 13.00
CA ASP B 175 -32.22 49.49 11.98
C ASP B 175 -33.64 49.39 12.57
N THR B 176 -33.75 49.67 13.86
CA THR B 176 -35.02 49.54 14.58
C THR B 176 -36.25 50.25 14.00
N PHE B 177 -36.05 51.45 13.46
CA PHE B 177 -37.18 52.20 12.91
C PHE B 177 -37.67 51.69 11.57
N LYS B 178 -38.82 51.02 11.59
CA LYS B 178 -39.41 50.43 10.40
C LYS B 178 -40.92 50.66 10.38
N ALA B 179 -41.53 50.34 9.25
CA ALA B 179 -42.98 50.41 9.06
C ALA B 179 -43.33 49.32 8.04
N PRO B 180 -43.40 48.06 8.51
CA PRO B 180 -43.66 46.88 7.68
C PRO B 180 -44.73 47.02 6.59
N GLU B 181 -45.87 47.59 6.94
CA GLU B 181 -46.98 47.73 6.00
C GLU B 181 -46.93 48.96 5.10
N GLU B 182 -46.10 49.94 5.47
CA GLU B 182 -46.04 51.19 4.70
C GLU B 182 -44.65 51.56 4.15
N GLY B 183 -43.61 50.89 4.64
CA GLY B 183 -42.24 51.15 4.20
C GLY B 183 -41.76 52.55 4.57
N TYR B 184 -40.82 53.07 3.80
CA TYR B 184 -40.28 54.41 4.03
C TYR B 184 -40.67 55.35 2.92
N LEU B 185 -40.67 56.65 3.21
CA LEU B 185 -40.99 57.67 2.22
C LEU B 185 -39.83 57.79 1.24
N GLY B 186 -38.63 57.52 1.73
CA GLY B 186 -37.43 57.58 0.90
C GLY B 186 -36.18 57.10 1.61
N VAL B 187 -35.09 57.00 0.86
CA VAL B 187 -33.81 56.58 1.41
C VAL B 187 -32.70 57.53 1.00
N ILE B 188 -31.62 57.54 1.79
CA ILE B 188 -30.47 58.39 1.50
C ILE B 188 -29.28 57.49 1.19
N ILE B 189 -28.99 57.33 -0.10
CA ILE B 189 -27.90 56.46 -0.55
C ILE B 189 -26.90 57.20 -1.44
N GLY B 190 -25.61 57.10 -1.10
CA GLY B 190 -24.54 57.72 -1.89
C GLY B 190 -24.64 59.24 -1.94
N ASP B 191 -24.93 59.85 -0.79
CA ASP B 191 -25.05 61.30 -0.66
C ASP B 191 -26.15 61.90 -1.56
N LYS B 192 -27.18 61.10 -1.82
CA LYS B 192 -28.30 61.54 -2.64
C LYS B 192 -29.62 61.04 -2.06
N ILE B 193 -30.65 61.88 -2.12
CA ILE B 193 -31.98 61.52 -1.59
C ILE B 193 -32.84 60.89 -2.69
N TYR B 194 -33.53 59.81 -2.33
CA TYR B 194 -34.41 59.12 -3.26
C TYR B 194 -35.81 58.96 -2.67
N TYR B 195 -36.72 59.87 -3.01
CA TYR B 195 -38.10 59.76 -2.54
C TYR B 195 -38.88 58.75 -3.37
N GLN B 196 -39.68 57.92 -2.70
CA GLN B 196 -40.42 56.87 -3.37
C GLN B 196 -41.92 56.88 -3.11
N THR B 197 -42.32 57.35 -1.93
CA THR B 197 -43.75 57.41 -1.59
C THR B 197 -44.14 58.70 -0.87
N ARG B 198 -45.44 58.98 -0.86
CA ARG B 198 -45.98 60.16 -0.20
C ARG B 198 -47.09 59.75 0.76
N LEU B 199 -47.13 60.41 1.92
CA LEU B 199 -48.14 60.13 2.93
C LEU B 199 -49.54 60.52 2.41
N ASP B 200 -50.43 59.54 2.38
CA ASP B 200 -51.81 59.76 1.91
C ASP B 200 -52.74 59.97 3.10
N LYS B 201 -52.36 60.89 3.97
CA LYS B 201 -53.15 61.24 5.16
C LYS B 201 -53.06 62.74 5.34
N VAL B 202 -54.00 63.30 6.08
CA VAL B 202 -54.01 64.74 6.34
C VAL B 202 -52.88 65.08 7.31
N HIS B 203 -52.06 66.06 6.95
CA HIS B 203 -50.92 66.45 7.79
C HIS B 203 -50.55 67.92 7.66
N THR B 204 -49.76 68.40 8.61
CA THR B 204 -49.25 69.77 8.63
C THR B 204 -50.19 70.91 8.21
N THR B 205 -49.99 71.42 7.00
CA THR B 205 -50.77 72.55 6.47
C THR B 205 -52.28 72.30 6.38
N ARG B 206 -52.67 71.06 6.10
CA ARG B 206 -54.08 70.70 6.02
CA ARG B 206 -54.09 70.71 6.01
C ARG B 206 -54.68 70.29 7.35
N SER B 207 -53.85 70.19 8.38
CA SER B 207 -54.31 69.79 9.71
C SER B 207 -55.18 70.85 10.38
N VAL B 208 -56.17 70.38 11.14
CA VAL B 208 -57.10 71.25 11.86
C VAL B 208 -56.66 71.50 13.30
N PHE B 209 -55.63 70.78 13.73
CA PHE B 209 -55.13 70.89 15.09
C PHE B 209 -54.17 72.05 15.25
N ASP B 210 -54.51 72.97 16.14
CA ASP B 210 -53.69 74.15 16.39
C ASP B 210 -53.53 74.37 17.90
N VAL B 211 -52.34 74.07 18.40
CA VAL B 211 -52.06 74.22 19.84
C VAL B 211 -51.28 75.49 20.17
N THR B 212 -51.33 76.47 19.27
CA THR B 212 -50.63 77.74 19.46
C THR B 212 -51.03 78.43 20.77
N ASN B 213 -52.32 78.38 21.07
CA ASN B 213 -52.84 79.01 22.28
C ASN B 213 -53.24 78.00 23.38
N VAL B 214 -52.82 76.76 23.21
CA VAL B 214 -53.10 75.70 24.19
C VAL B 214 -51.98 75.66 25.23
N ASP B 215 -52.35 75.79 26.50
CA ASP B 215 -51.39 75.80 27.59
C ASP B 215 -51.19 74.44 28.23
N LYS B 216 -52.24 73.62 28.23
CA LYS B 216 -52.20 72.30 28.85
C LYS B 216 -53.07 71.32 28.06
N LEU B 217 -52.48 70.20 27.65
CA LEU B 217 -53.20 69.17 26.89
C LEU B 217 -53.95 68.20 27.80
N PRO B 218 -55.07 67.64 27.29
CA PRO B 218 -55.86 66.67 28.06
C PRO B 218 -55.06 65.40 28.38
N ALA B 219 -55.32 64.82 29.54
CA ALA B 219 -54.64 63.61 29.96
C ALA B 219 -55.24 62.36 29.30
N VAL B 220 -54.37 61.53 28.74
CA VAL B 220 -54.80 60.28 28.10
C VAL B 220 -53.91 59.12 28.55
N ASP B 221 -54.53 58.04 29.00
CA ASP B 221 -53.79 56.86 29.45
C ASP B 221 -53.85 55.73 28.41
N ILE B 222 -52.86 54.84 28.47
CA ILE B 222 -52.83 53.68 27.59
C ILE B 222 -52.92 52.41 28.44
N ILE B 223 -53.96 51.62 28.22
CA ILE B 223 -54.16 50.38 28.96
C ILE B 223 -53.95 49.17 28.04
N TYR B 224 -53.08 48.27 28.45
CA TYR B 224 -52.70 47.10 27.66
C TYR B 224 -53.75 46.00 27.75
N GLY B 225 -53.82 45.18 26.71
CA GLY B 225 -54.75 44.06 26.66
C GLY B 225 -54.00 42.74 26.68
N TYR B 226 -54.45 41.82 27.54
CA TYR B 226 -53.81 40.51 27.69
C TYR B 226 -54.68 39.57 28.52
N GLN B 227 -54.31 38.29 28.58
CA GLN B 227 -55.06 37.31 29.38
C GLN B 227 -55.08 37.74 30.83
N ASP B 228 -56.24 37.63 31.46
CA ASP B 228 -56.41 38.00 32.87
C ASP B 228 -56.19 39.50 33.15
N ASP B 229 -56.44 40.34 32.15
CA ASP B 229 -56.28 41.79 32.33
C ASP B 229 -57.30 42.32 33.34
N PRO B 230 -56.83 43.09 34.34
CA PRO B 230 -57.70 43.61 35.38
C PRO B 230 -58.55 44.80 34.96
N GLU B 231 -59.73 44.92 35.56
CA GLU B 231 -60.63 46.02 35.28
C GLU B 231 -60.24 47.25 36.10
N TYR B 232 -59.60 47.00 37.25
CA TYR B 232 -59.21 48.09 38.16
C TYR B 232 -58.25 49.13 37.59
N MET B 233 -57.66 48.84 36.43
CA MET B 233 -56.79 49.79 35.76
C MET B 233 -57.63 50.91 35.16
N TYR B 234 -58.79 50.53 34.65
CA TYR B 234 -59.73 51.48 34.08
C TYR B 234 -60.34 52.35 35.18
N ASP B 235 -60.51 51.77 36.37
CA ASP B 235 -61.03 52.49 37.54
C ASP B 235 -60.04 53.57 37.98
N ALA B 236 -58.75 53.27 37.85
CA ALA B 236 -57.69 54.20 38.24
C ALA B 236 -57.65 55.41 37.30
N SER B 237 -57.88 55.17 36.01
CA SER B 237 -57.91 56.24 35.01
C SER B 237 -59.11 57.14 35.27
N ILE B 238 -60.26 56.54 35.55
CA ILE B 238 -61.49 57.27 35.85
C ILE B 238 -61.33 58.13 37.10
N LYS B 239 -60.75 57.53 38.14
CA LYS B 239 -60.58 58.19 39.43
C LYS B 239 -59.69 59.45 39.31
N HIS B 240 -58.71 59.38 38.43
CA HIS B 240 -57.80 60.50 38.20
C HIS B 240 -58.27 61.47 37.12
N GLY B 241 -59.49 61.24 36.63
CA GLY B 241 -60.14 62.13 35.67
C GLY B 241 -59.51 62.32 34.30
N VAL B 242 -58.95 61.25 33.72
CA VAL B 242 -58.38 61.36 32.38
C VAL B 242 -59.50 61.63 31.38
N LYS B 243 -59.17 62.31 30.29
CA LYS B 243 -60.17 62.68 29.29
C LYS B 243 -60.31 61.59 28.22
N GLY B 244 -59.30 60.73 28.11
CA GLY B 244 -59.32 59.66 27.12
C GLY B 244 -58.51 58.45 27.54
N ILE B 245 -58.81 57.31 26.91
CA ILE B 245 -58.08 56.07 27.16
C ILE B 245 -57.82 55.33 25.85
N VAL B 246 -56.57 54.95 25.62
CA VAL B 246 -56.22 54.16 24.44
C VAL B 246 -56.02 52.72 24.90
N TYR B 247 -56.76 51.80 24.27
CA TYR B 247 -56.66 50.40 24.61
C TYR B 247 -55.76 49.64 23.64
N ALA B 248 -54.61 49.19 24.13
CA ALA B 248 -53.66 48.41 23.33
C ALA B 248 -54.15 46.96 23.37
N GLY B 249 -55.24 46.71 22.66
CA GLY B 249 -55.91 45.43 22.68
C GLY B 249 -55.27 44.22 22.08
N MET B 250 -55.84 43.06 22.42
CA MET B 250 -55.40 41.78 21.91
C MET B 250 -55.89 41.67 20.48
N GLY B 251 -55.02 41.28 19.56
CA GLY B 251 -55.37 41.17 18.15
C GLY B 251 -55.82 42.50 17.59
N ALA B 252 -56.99 42.52 16.97
CA ALA B 252 -57.54 43.75 16.41
C ALA B 252 -58.39 44.51 17.43
N GLY B 253 -57.78 44.82 18.58
CA GLY B 253 -58.44 45.56 19.66
C GLY B 253 -59.54 44.80 20.39
N SER B 254 -59.43 43.48 20.43
CA SER B 254 -60.43 42.65 21.10
C SER B 254 -60.41 42.85 22.61
N VAL B 255 -61.60 43.03 23.19
CA VAL B 255 -61.73 43.23 24.63
C VAL B 255 -62.14 41.95 25.35
N SER B 256 -61.62 41.75 26.55
CA SER B 256 -62.01 40.61 27.36
C SER B 256 -63.27 41.02 28.12
N LYS B 257 -63.77 40.13 28.97
CA LYS B 257 -64.95 40.43 29.79
C LYS B 257 -64.67 41.61 30.72
N ARG B 258 -63.45 41.64 31.25
CA ARG B 258 -63.04 42.68 32.19
C ARG B 258 -62.70 43.99 31.48
N GLY B 259 -62.12 43.88 30.29
CA GLY B 259 -61.77 45.06 29.50
C GLY B 259 -63.02 45.72 28.96
N ASP B 260 -63.99 44.90 28.57
CA ASP B 260 -65.27 45.39 28.05
C ASP B 260 -65.98 46.20 29.13
N ALA B 261 -66.02 45.65 30.34
CA ALA B 261 -66.65 46.32 31.47
C ALA B 261 -65.95 47.63 31.83
N GLY B 262 -64.62 47.60 31.82
CA GLY B 262 -63.82 48.77 32.16
C GLY B 262 -64.02 49.92 31.18
N ILE B 263 -64.03 49.61 29.89
CA ILE B 263 -64.22 50.61 28.84
C ILE B 263 -65.60 51.24 28.90
N ARG B 264 -66.64 50.42 29.07
CA ARG B 264 -68.01 50.93 29.14
C ARG B 264 -68.22 51.81 30.39
N LYS B 265 -67.51 51.48 31.46
CA LYS B 265 -67.61 52.25 32.70
C LYS B 265 -66.96 53.62 32.50
N ALA B 266 -65.87 53.65 31.73
CA ALA B 266 -65.17 54.90 31.44
C ALA B 266 -66.01 55.79 30.54
N GLU B 267 -66.70 55.18 29.58
CA GLU B 267 -67.55 55.92 28.65
C GLU B 267 -68.76 56.56 29.33
N SER B 268 -69.24 55.93 30.41
CA SER B 268 -70.39 56.46 31.15
C SER B 268 -70.00 57.70 31.94
N LYS B 269 -68.70 57.93 32.09
CA LYS B 269 -68.19 59.07 32.82
C LYS B 269 -67.68 60.19 31.90
N GLY B 270 -67.91 60.02 30.60
CA GLY B 270 -67.51 61.02 29.61
C GLY B 270 -66.15 60.80 28.99
N ILE B 271 -65.47 59.72 29.37
CA ILE B 271 -64.15 59.42 28.83
C ILE B 271 -64.22 58.79 27.44
N VAL B 272 -63.50 59.38 26.49
CA VAL B 272 -63.48 58.88 25.12
C VAL B 272 -62.45 57.75 25.00
N VAL B 273 -62.91 56.56 24.65
CA VAL B 273 -62.03 55.39 24.53
C VAL B 273 -61.84 54.98 23.06
N VAL B 274 -60.59 54.67 22.71
CA VAL B 274 -60.23 54.25 21.35
C VAL B 274 -59.51 52.90 21.42
N ARG B 275 -60.00 51.92 20.66
CA ARG B 275 -59.40 50.59 20.65
C ARG B 275 -58.27 50.45 19.62
N SER B 276 -57.04 50.31 20.12
CA SER B 276 -55.87 50.13 19.27
C SER B 276 -55.47 48.66 19.28
N SER B 277 -54.18 48.39 19.04
CA SER B 277 -53.69 47.01 18.99
C SER B 277 -52.28 46.84 19.55
N ARG B 278 -52.04 45.71 20.22
CA ARG B 278 -50.71 45.42 20.78
C ARG B 278 -49.83 44.68 19.76
N THR B 279 -50.42 44.29 18.63
CA THR B 279 -49.71 43.54 17.60
C THR B 279 -48.49 44.24 17.01
N GLY B 280 -48.63 45.51 16.67
CA GLY B 280 -47.51 46.28 16.10
C GLY B 280 -47.82 46.93 14.76
N SER B 281 -48.88 46.45 14.10
CA SER B 281 -49.30 46.99 12.80
C SER B 281 -50.69 46.45 12.44
N GLY B 282 -51.25 46.97 11.36
CA GLY B 282 -52.56 46.50 10.90
C GLY B 282 -53.73 47.38 11.26
N ILE B 283 -54.87 47.05 10.68
CA ILE B 283 -56.10 47.81 10.87
C ILE B 283 -57.00 47.22 11.96
N VAL B 284 -57.49 48.09 12.84
CA VAL B 284 -58.49 47.71 13.83
C VAL B 284 -59.81 48.17 13.20
N PRO B 285 -60.63 47.21 12.73
CA PRO B 285 -61.87 47.52 12.03
C PRO B 285 -63.01 47.90 12.97
N PRO B 286 -64.00 48.65 12.45
CA PRO B 286 -65.17 49.03 13.24
C PRO B 286 -65.95 47.79 13.66
N ASP B 287 -66.50 47.81 14.87
CA ASP B 287 -67.27 46.69 15.40
C ASP B 287 -68.33 47.20 16.36
N ALA B 288 -69.60 47.02 15.98
CA ALA B 288 -70.73 47.49 16.79
C ALA B 288 -70.97 46.63 18.03
N GLY B 289 -70.35 45.45 18.07
CA GLY B 289 -70.50 44.53 19.20
C GLY B 289 -69.55 44.83 20.33
N GLN B 290 -68.57 45.71 20.09
CA GLN B 290 -67.59 46.08 21.10
C GLN B 290 -67.63 47.58 21.36
N PRO B 291 -67.34 47.99 22.61
CA PRO B 291 -67.36 49.42 22.96
C PRO B 291 -66.13 50.18 22.46
N GLY B 292 -66.18 51.51 22.56
CA GLY B 292 -65.06 52.36 22.15
C GLY B 292 -64.92 52.57 20.67
N LEU B 293 -64.15 53.59 20.30
CA LEU B 293 -63.88 53.90 18.90
C LEU B 293 -62.74 53.00 18.44
N VAL B 294 -62.43 53.01 17.14
CA VAL B 294 -61.33 52.21 16.62
C VAL B 294 -60.14 53.07 16.15
N ALA B 295 -58.93 52.54 16.30
CA ALA B 295 -57.71 53.29 15.99
C ALA B 295 -57.20 53.21 14.56
N ASP B 296 -57.97 52.54 13.68
CA ASP B 296 -57.56 52.38 12.29
C ASP B 296 -56.20 51.64 12.28
N SER B 297 -55.15 52.26 11.73
CA SER B 297 -53.84 51.62 11.71
C SER B 297 -52.86 52.27 12.68
N LEU B 298 -53.35 53.24 13.46
CA LEU B 298 -52.51 53.94 14.43
C LEU B 298 -52.15 53.09 15.64
N SER B 299 -50.88 53.14 16.02
CA SER B 299 -50.37 52.38 17.17
C SER B 299 -50.91 53.00 18.45
N PRO B 300 -50.79 52.27 19.58
CA PRO B 300 -51.27 52.79 20.86
C PRO B 300 -50.62 54.13 21.22
N ALA B 301 -49.32 54.26 20.93
CA ALA B 301 -48.58 55.49 21.23
C ALA B 301 -49.06 56.67 20.38
N LYS B 302 -49.24 56.42 19.08
CA LYS B 302 -49.70 57.46 18.15
C LYS B 302 -51.19 57.75 18.32
N SER B 303 -51.97 56.74 18.71
CA SER B 303 -53.40 56.91 18.94
C SER B 303 -53.61 57.86 20.11
N ARG B 304 -52.74 57.76 21.12
CA ARG B 304 -52.80 58.61 22.29
C ARG B 304 -52.56 60.06 21.92
N ILE B 305 -51.52 60.29 21.10
CA ILE B 305 -51.19 61.63 20.65
C ILE B 305 -52.35 62.27 19.88
N LEU B 306 -52.94 61.52 18.95
CA LEU B 306 -54.07 62.02 18.16
C LEU B 306 -55.29 62.30 19.03
N LEU B 307 -55.65 61.32 19.87
CA LEU B 307 -56.82 61.47 20.75
C LEU B 307 -56.64 62.67 21.68
N MET B 308 -55.42 62.86 22.15
CA MET B 308 -55.09 63.97 23.04
C MET B 308 -55.32 65.32 22.34
N LEU B 309 -55.01 65.39 21.05
CA LEU B 309 -55.20 66.61 20.27
C LEU B 309 -56.65 66.77 19.81
N ALA B 310 -57.33 65.65 19.61
CA ALA B 310 -58.73 65.66 19.21
C ALA B 310 -59.62 66.18 20.34
N LEU B 311 -59.21 65.91 21.58
CA LEU B 311 -59.95 66.34 22.76
C LEU B 311 -59.85 67.84 23.03
N THR B 312 -58.90 68.50 22.39
CA THR B 312 -58.72 69.94 22.53
C THR B 312 -59.74 70.67 21.66
N LYS B 313 -60.29 69.95 20.68
CA LYS B 313 -61.25 70.53 19.75
C LYS B 313 -62.68 70.09 20.02
N THR B 314 -62.88 68.79 20.21
CA THR B 314 -64.22 68.26 20.42
C THR B 314 -64.26 66.98 21.26
N THR B 315 -65.45 66.64 21.73
CA THR B 315 -65.68 65.42 22.51
C THR B 315 -66.71 64.55 21.77
N ASN B 316 -67.03 64.95 20.54
CA ASN B 316 -67.98 64.26 19.69
C ASN B 316 -67.35 62.96 19.15
N PRO B 317 -67.94 61.80 19.52
CA PRO B 317 -67.46 60.48 19.11
C PRO B 317 -67.34 60.32 17.59
N ALA B 318 -68.28 60.91 16.84
CA ALA B 318 -68.29 60.81 15.39
C ALA B 318 -67.16 61.62 14.74
N VAL B 319 -66.90 62.80 15.29
CA VAL B 319 -65.84 63.66 14.76
C VAL B 319 -64.46 63.07 15.06
N ILE B 320 -64.29 62.53 16.27
CA ILE B 320 -63.03 61.91 16.67
C ILE B 320 -62.74 60.63 15.87
N GLN B 321 -63.78 59.82 15.64
CA GLN B 321 -63.63 58.59 14.87
C GLN B 321 -63.12 58.90 13.46
N ASP B 322 -63.65 59.96 12.87
CA ASP B 322 -63.22 60.37 11.53
C ASP B 322 -61.79 60.91 11.50
N TYR B 323 -61.34 61.50 12.60
CA TYR B 323 -59.96 61.96 12.69
C TYR B 323 -59.02 60.76 12.55
N PHE B 324 -59.43 59.63 13.16
CA PHE B 324 -58.65 58.40 13.12
C PHE B 324 -58.56 57.74 11.74
N HIS B 325 -59.46 58.10 10.83
CA HIS B 325 -59.45 57.52 9.49
C HIS B 325 -58.80 58.44 8.46
N ALA B 326 -58.57 59.68 8.85
CA ALA B 326 -58.00 60.67 7.92
C ALA B 326 -56.59 61.12 8.32
N TYR B 327 -56.28 61.11 9.61
CA TYR B 327 -54.99 61.56 10.09
C TYR B 327 -54.01 60.41 10.35
N ASN C 3 -77.27 52.27 -9.06
CA ASN C 3 -76.43 51.73 -10.17
C ASN C 3 -75.00 51.40 -9.71
N LEU C 4 -74.50 50.26 -10.18
CA LEU C 4 -73.16 49.80 -9.82
C LEU C 4 -72.14 50.13 -10.92
N PRO C 5 -70.85 50.20 -10.56
CA PRO C 5 -69.78 50.48 -11.53
C PRO C 5 -69.62 49.37 -12.57
N ASN C 6 -68.94 49.70 -13.67
CA ASN C 6 -68.71 48.73 -14.74
C ASN C 6 -67.27 48.22 -14.75
N ILE C 7 -67.10 46.95 -14.40
CA ILE C 7 -65.77 46.34 -14.33
C ILE C 7 -65.56 45.28 -15.41
N VAL C 8 -64.44 45.37 -16.11
CA VAL C 8 -64.10 44.42 -17.17
C VAL C 8 -62.91 43.54 -16.74
N ILE C 9 -63.14 42.23 -16.67
CA ILE C 9 -62.09 41.30 -16.26
C ILE C 9 -61.36 40.65 -17.46
N LEU C 10 -60.12 41.06 -17.67
CA LEU C 10 -59.29 40.51 -18.74
C LEU C 10 -58.46 39.34 -18.22
N ALA C 11 -58.69 38.16 -18.79
CA ALA C 11 -57.97 36.97 -18.37
C ALA C 11 -56.78 36.68 -19.28
N THR C 12 -55.66 36.34 -18.66
CA THR C 12 -54.43 36.02 -19.40
C THR C 12 -53.96 34.61 -19.05
N GLY C 13 -54.67 33.96 -18.14
CA GLY C 13 -54.31 32.62 -17.69
C GLY C 13 -53.88 32.62 -16.23
N GLY C 14 -53.29 31.52 -15.79
CA GLY C 14 -52.83 31.39 -14.41
C GLY C 14 -53.67 30.39 -13.65
N THR C 15 -53.31 30.16 -12.38
CA THR C 15 -54.05 29.20 -11.55
C THR C 15 -55.27 29.85 -10.88
N ILE C 16 -55.44 31.15 -11.11
CA ILE C 16 -56.56 31.92 -10.58
C ILE C 16 -57.89 31.39 -11.12
N ALA C 17 -57.84 30.75 -12.30
CA ALA C 17 -59.02 30.19 -12.92
C ALA C 17 -59.04 28.67 -12.80
N GLY C 35 -61.78 28.18 -17.23
CA GLY C 35 -62.22 29.43 -17.86
C GLY C 35 -62.41 30.55 -16.85
N VAL C 36 -62.77 31.73 -17.35
CA VAL C 36 -62.98 32.90 -16.49
C VAL C 36 -64.48 33.10 -16.21
N GLU C 37 -65.32 32.35 -16.92
CA GLU C 37 -66.77 32.45 -16.77
C GLU C 37 -67.31 31.61 -15.61
N THR C 38 -66.46 30.76 -15.03
CA THR C 38 -66.86 29.90 -13.93
C THR C 38 -66.67 30.63 -12.58
N LEU C 39 -65.89 31.71 -12.61
CA LEU C 39 -65.57 32.50 -11.42
C LEU C 39 -66.78 33.22 -10.82
N ILE C 40 -67.65 33.75 -11.67
CA ILE C 40 -68.84 34.48 -11.22
C ILE C 40 -69.78 33.56 -10.44
N GLN C 41 -69.81 32.29 -10.83
CA GLN C 41 -70.67 31.30 -10.17
C GLN C 41 -70.03 30.81 -8.87
N ALA C 42 -68.71 30.81 -8.83
CA ALA C 42 -67.97 30.36 -7.65
C ALA C 42 -67.88 31.45 -6.58
N VAL C 43 -67.85 32.71 -7.03
CA VAL C 43 -67.78 33.85 -6.12
C VAL C 43 -69.00 34.76 -6.36
N PRO C 44 -70.14 34.42 -5.72
CA PRO C 44 -71.38 35.19 -5.89
C PRO C 44 -71.39 36.52 -5.14
N GLU C 45 -70.34 36.78 -4.35
CA GLU C 45 -70.25 38.02 -3.59
C GLU C 45 -69.82 39.20 -4.47
N LEU C 46 -69.37 38.91 -5.68
CA LEU C 46 -68.94 39.93 -6.63
C LEU C 46 -70.13 40.73 -7.18
N LYS C 47 -71.32 40.15 -7.07
CA LYS C 47 -72.55 40.77 -7.55
C LYS C 47 -72.83 42.11 -6.86
N THR C 48 -72.48 42.20 -5.58
CA THR C 48 -72.72 43.42 -4.81
C THR C 48 -71.64 44.49 -5.04
N LEU C 49 -70.62 44.13 -5.83
CA LEU C 49 -69.53 45.05 -6.11
C LEU C 49 -69.72 45.86 -7.39
N ALA C 50 -69.98 45.17 -8.51
CA ALA C 50 -70.13 45.85 -9.79
C ALA C 50 -70.72 44.97 -10.90
N ASN C 51 -70.93 45.59 -12.06
CA ASN C 51 -71.40 44.89 -13.25
C ASN C 51 -70.18 44.31 -13.95
N ILE C 52 -70.05 42.99 -13.89
CA ILE C 52 -68.86 42.31 -14.42
C ILE C 52 -68.99 41.76 -15.84
N LYS C 53 -68.00 42.08 -16.68
CA LYS C 53 -67.94 41.57 -18.06
C LYS C 53 -66.57 40.95 -18.30
N GLY C 54 -66.56 39.66 -18.61
CA GLY C 54 -65.30 38.93 -18.84
C GLY C 54 -64.82 38.95 -20.29
N GLU C 55 -63.52 38.74 -20.46
CA GLU C 55 -62.90 38.72 -21.79
C GLU C 55 -61.55 37.99 -21.74
N GLN C 56 -61.39 36.99 -22.59
CA GLN C 56 -60.16 36.19 -22.62
C GLN C 56 -59.13 36.80 -23.59
N VAL C 57 -58.02 37.27 -23.04
CA VAL C 57 -56.95 37.85 -23.84
C VAL C 57 -55.93 36.78 -24.23
N ALA C 58 -55.54 35.96 -23.26
CA ALA C 58 -54.60 34.87 -23.49
C ALA C 58 -54.92 33.73 -22.52
N SER C 59 -54.26 32.59 -22.71
CA SER C 59 -54.48 31.43 -21.84
C SER C 59 -53.18 30.70 -21.55
N ILE C 60 -52.15 31.45 -21.19
CA ILE C 60 -50.83 30.90 -20.91
C ILE C 60 -50.39 31.17 -19.48
N GLY C 61 -49.43 30.39 -19.00
CA GLY C 61 -48.87 30.59 -17.67
C GLY C 61 -48.01 31.83 -17.71
N SER C 62 -47.90 32.53 -16.59
CA SER C 62 -47.10 33.76 -16.54
C SER C 62 -45.64 33.51 -16.92
N GLU C 63 -45.15 32.30 -16.68
CA GLU C 63 -43.78 31.96 -17.02
C GLU C 63 -43.57 31.97 -18.54
N ASN C 64 -44.69 31.89 -19.27
CA ASN C 64 -44.67 31.92 -20.72
C ASN C 64 -45.17 33.25 -21.30
N MET C 65 -45.49 34.19 -20.41
CA MET C 65 -45.96 35.51 -20.83
C MET C 65 -44.85 36.17 -21.64
N THR C 66 -45.19 36.62 -22.84
CA THR C 66 -44.21 37.23 -23.72
C THR C 66 -44.42 38.72 -23.93
N SER C 67 -43.46 39.36 -24.58
CA SER C 67 -43.51 40.78 -24.89
C SER C 67 -44.61 41.10 -25.89
N ASP C 68 -44.97 40.10 -26.71
CA ASP C 68 -46.01 40.24 -27.72
C ASP C 68 -47.40 40.34 -27.08
N VAL C 69 -47.65 39.48 -26.10
CA VAL C 69 -48.93 39.45 -25.41
C VAL C 69 -49.14 40.70 -24.56
N LEU C 70 -48.05 41.25 -24.04
CA LEU C 70 -48.12 42.47 -23.24
C LEU C 70 -48.54 43.66 -24.10
N LEU C 71 -48.12 43.64 -25.37
CA LEU C 71 -48.51 44.68 -26.32
C LEU C 71 -50.01 44.60 -26.57
N THR C 72 -50.48 43.38 -26.82
CA THR C 72 -51.90 43.13 -27.06
C THR C 72 -52.73 43.54 -25.85
N LEU C 73 -52.26 43.15 -24.66
CA LEU C 73 -52.94 43.47 -23.41
C LEU C 73 -53.03 44.97 -23.18
N SER C 74 -51.90 45.66 -23.31
CA SER C 74 -51.83 47.10 -23.10
C SER C 74 -52.73 47.90 -24.04
N LYS C 75 -52.72 47.53 -25.32
CA LYS C 75 -53.54 48.20 -26.34
CA LYS C 75 -53.54 48.21 -26.32
C LYS C 75 -55.02 48.01 -26.03
N ARG C 76 -55.39 46.81 -25.59
CA ARG C 76 -56.77 46.49 -25.25
C ARG C 76 -57.22 47.25 -24.00
N VAL C 77 -56.32 47.38 -23.03
CA VAL C 77 -56.62 48.11 -21.80
C VAL C 77 -56.91 49.58 -22.09
N ASN C 78 -56.05 50.21 -22.90
CA ASN C 78 -56.23 51.61 -23.28
C ASN C 78 -57.49 51.84 -24.12
N GLU C 79 -57.92 50.81 -24.84
CA GLU C 79 -59.11 50.88 -25.67
C GLU C 79 -60.36 50.80 -24.79
N LEU C 80 -60.34 49.89 -23.83
CA LEU C 80 -61.46 49.70 -22.91
C LEU C 80 -61.64 50.86 -21.94
N LEU C 81 -60.52 51.40 -21.45
CA LEU C 81 -60.56 52.53 -20.52
C LEU C 81 -60.97 53.84 -21.20
N ALA C 82 -60.97 53.84 -22.52
CA ALA C 82 -61.38 55.01 -23.29
C ALA C 82 -62.90 55.09 -23.38
N ARG C 83 -63.55 53.93 -23.21
CA ARG C 83 -65.01 53.86 -23.25
C ARG C 83 -65.62 54.47 -21.99
N SER C 84 -66.87 54.91 -22.11
CA SER C 84 -67.58 55.52 -20.98
C SER C 84 -68.30 54.47 -20.14
N ASP C 85 -68.57 53.31 -20.74
CA ASP C 85 -69.26 52.23 -20.04
C ASP C 85 -68.27 51.26 -19.36
N VAL C 86 -67.07 51.75 -19.08
CA VAL C 86 -66.03 50.97 -18.40
C VAL C 86 -65.37 51.86 -17.34
N ASP C 87 -65.53 51.48 -16.07
CA ASP C 87 -64.98 52.25 -14.96
C ASP C 87 -63.62 51.73 -14.49
N GLY C 88 -63.46 50.41 -14.50
CA GLY C 88 -62.21 49.79 -14.07
C GLY C 88 -61.94 48.45 -14.72
N VAL C 89 -60.66 48.08 -14.77
CA VAL C 89 -60.24 46.82 -15.38
C VAL C 89 -59.46 45.94 -14.40
N VAL C 90 -59.88 44.69 -14.28
CA VAL C 90 -59.21 43.72 -13.42
C VAL C 90 -58.56 42.65 -14.30
N ILE C 91 -57.24 42.54 -14.21
CA ILE C 91 -56.51 41.58 -15.03
C ILE C 91 -56.01 40.37 -14.24
N THR C 92 -56.58 39.22 -14.51
CA THR C 92 -56.15 37.98 -13.86
C THR C 92 -54.86 37.53 -14.55
N HIS C 93 -53.85 37.22 -13.76
CA HIS C 93 -52.54 36.88 -14.29
C HIS C 93 -51.88 35.82 -13.40
N GLY C 94 -50.79 35.23 -13.88
CA GLY C 94 -50.04 34.26 -13.08
C GLY C 94 -49.08 34.99 -12.16
N THR C 95 -48.66 34.32 -11.08
CA THR C 95 -47.77 34.94 -10.09
C THR C 95 -46.29 34.98 -10.46
N ASP C 96 -45.85 34.03 -11.29
CA ASP C 96 -44.43 33.91 -11.66
C ASP C 96 -43.79 35.11 -12.33
N THR C 97 -44.52 35.80 -13.22
CA THR C 97 -43.98 36.99 -13.86
C THR C 97 -44.83 38.23 -13.59
N LEU C 98 -45.43 38.28 -12.40
CA LEU C 98 -46.24 39.41 -12.00
C LEU C 98 -45.33 40.58 -11.60
N ASP C 99 -44.01 40.36 -11.69
CA ASP C 99 -43.04 41.41 -11.42
C ASP C 99 -42.93 42.32 -12.65
N GLU C 100 -43.08 41.71 -13.82
CA GLU C 100 -42.99 42.45 -15.09
C GLU C 100 -44.30 43.05 -15.57
N SER C 101 -45.26 42.18 -15.89
CA SER C 101 -46.56 42.58 -16.44
C SER C 101 -47.19 43.87 -15.92
N PRO C 102 -47.51 43.93 -14.61
CA PRO C 102 -48.14 45.12 -14.04
C PRO C 102 -47.31 46.38 -14.25
N TYR C 103 -46.00 46.27 -14.16
CA TYR C 103 -45.13 47.42 -14.34
C TYR C 103 -45.10 47.91 -15.78
N PHE C 104 -45.30 46.98 -16.71
CA PHE C 104 -45.36 47.34 -18.13
C PHE C 104 -46.58 48.24 -18.34
N LEU C 105 -47.73 47.78 -17.85
CA LEU C 105 -48.98 48.52 -17.93
C LEU C 105 -48.89 49.84 -17.16
N ASN C 106 -48.06 49.86 -16.12
CA ASN C 106 -47.88 51.07 -15.31
C ASN C 106 -47.24 52.21 -16.12
N LEU C 107 -46.55 51.84 -17.19
CA LEU C 107 -45.87 52.82 -18.02
C LEU C 107 -46.55 53.05 -19.37
N THR C 108 -47.44 52.13 -19.75
CA THR C 108 -48.10 52.18 -21.06
C THR C 108 -49.60 52.50 -21.07
N VAL C 109 -50.21 52.67 -19.90
CA VAL C 109 -51.63 52.99 -19.82
C VAL C 109 -51.83 54.51 -19.76
N LYS C 110 -52.73 55.03 -20.60
CA LYS C 110 -52.98 56.47 -20.68
C LYS C 110 -54.25 56.93 -19.95
N SER C 111 -54.67 56.19 -18.93
CA SER C 111 -55.87 56.54 -18.19
C SER C 111 -55.69 56.46 -16.67
N ASP C 112 -56.45 57.29 -15.96
CA ASP C 112 -56.40 57.32 -14.50
CA ASP C 112 -56.40 57.32 -14.50
C ASP C 112 -57.30 56.26 -13.87
N LYS C 113 -58.09 55.60 -14.70
CA LYS C 113 -59.00 54.54 -14.24
C LYS C 113 -58.18 53.36 -13.70
N PRO C 114 -58.68 52.70 -12.65
CA PRO C 114 -57.97 51.60 -12.00
C PRO C 114 -57.73 50.36 -12.86
N VAL C 115 -56.46 49.95 -12.93
CA VAL C 115 -56.08 48.72 -13.63
C VAL C 115 -55.48 47.84 -12.53
N VAL C 116 -56.22 46.81 -12.13
CA VAL C 116 -55.80 45.96 -11.02
C VAL C 116 -55.44 44.53 -11.39
N PHE C 117 -54.18 44.17 -11.15
CA PHE C 117 -53.71 42.81 -11.41
C PHE C 117 -54.01 41.92 -10.20
N VAL C 118 -54.52 40.72 -10.47
CA VAL C 118 -54.84 39.78 -9.43
C VAL C 118 -54.32 38.40 -9.79
N ALA C 119 -53.94 37.62 -8.78
CA ALA C 119 -53.41 36.29 -8.99
C ALA C 119 -53.67 35.41 -7.77
N ALA C 120 -53.27 34.14 -7.86
CA ALA C 120 -53.43 33.21 -6.76
C ALA C 120 -52.19 32.34 -6.60
N MET C 121 -51.84 32.03 -5.36
CA MET C 121 -50.68 31.19 -5.07
C MET C 121 -51.07 29.72 -4.90
N ARG C 122 -52.36 29.48 -4.71
CA ARG C 122 -52.90 28.13 -4.57
C ARG C 122 -53.92 27.89 -5.66
N PRO C 123 -53.94 26.67 -6.22
CA PRO C 123 -54.91 26.32 -7.26
C PRO C 123 -56.35 26.48 -6.75
N ALA C 124 -57.28 26.75 -7.66
CA ALA C 124 -58.69 26.95 -7.32
C ALA C 124 -59.32 25.75 -6.62
N THR C 125 -58.77 24.57 -6.87
CA THR C 125 -59.29 23.34 -6.28
C THR C 125 -58.57 22.94 -4.99
N ALA C 126 -57.70 23.82 -4.51
CA ALA C 126 -56.93 23.54 -3.28
C ALA C 126 -57.66 23.96 -2.02
N ILE C 127 -57.21 23.41 -0.90
CA ILE C 127 -57.76 23.73 0.41
C ILE C 127 -57.42 25.17 0.76
N SER C 128 -58.43 25.95 1.15
CA SER C 128 -58.26 27.35 1.52
C SER C 128 -57.64 28.17 0.39
N ALA C 129 -58.10 27.93 -0.83
CA ALA C 129 -57.61 28.63 -2.02
C ALA C 129 -57.78 30.14 -1.88
N ASP C 130 -56.71 30.88 -2.17
CA ASP C 130 -56.71 32.33 -2.06
C ASP C 130 -57.33 33.05 -3.26
N GLY C 131 -57.57 32.31 -4.33
CA GLY C 131 -58.15 32.88 -5.56
C GLY C 131 -59.39 33.74 -5.33
N PRO C 132 -60.47 33.12 -4.82
CA PRO C 132 -61.74 33.80 -4.54
C PRO C 132 -61.63 35.16 -3.83
N MET C 133 -61.00 35.19 -2.66
CA MET C 133 -60.87 36.44 -1.89
C MET C 133 -60.02 37.49 -2.62
N ASN C 134 -58.95 37.04 -3.27
CA ASN C 134 -58.09 37.95 -4.03
C ASN C 134 -58.86 38.60 -5.16
N LEU C 135 -59.73 37.83 -5.81
CA LEU C 135 -60.56 38.33 -6.91
C LEU C 135 -61.57 39.35 -6.37
N TYR C 136 -62.15 39.04 -5.21
CA TYR C 136 -63.11 39.92 -4.57
C TYR C 136 -62.46 41.27 -4.25
N GLY C 137 -61.24 41.21 -3.71
CA GLY C 137 -60.50 42.42 -3.35
C GLY C 137 -60.08 43.24 -4.55
N ALA C 138 -59.71 42.55 -5.64
CA ALA C 138 -59.28 43.22 -6.86
C ALA C 138 -60.42 44.02 -7.50
N VAL C 139 -61.58 43.38 -7.65
CA VAL C 139 -62.76 44.02 -8.22
C VAL C 139 -63.23 45.19 -7.35
N LYS C 140 -63.14 45.01 -6.04
CA LYS C 140 -63.55 46.03 -5.09
C LYS C 140 -62.68 47.29 -5.24
N VAL C 141 -61.39 47.07 -5.52
CA VAL C 141 -60.46 48.18 -5.72
C VAL C 141 -60.73 48.89 -7.04
N ALA C 142 -60.99 48.11 -8.09
CA ALA C 142 -61.26 48.66 -9.41
C ALA C 142 -62.58 49.42 -9.47
N ALA C 143 -63.53 49.02 -8.62
CA ALA C 143 -64.85 49.64 -8.58
C ALA C 143 -64.90 50.86 -7.66
N ASP C 144 -63.82 51.08 -6.92
CA ASP C 144 -63.75 52.21 -5.98
C ASP C 144 -63.18 53.44 -6.69
N LYS C 145 -63.90 54.57 -6.58
CA LYS C 145 -63.50 55.81 -7.23
C LYS C 145 -62.28 56.47 -6.57
N ASN C 146 -62.00 56.09 -5.32
CA ASN C 146 -60.87 56.66 -4.59
C ASN C 146 -59.55 56.03 -5.03
N SER C 147 -59.63 54.87 -5.68
CA SER C 147 -58.45 54.14 -6.13
C SER C 147 -57.91 54.63 -7.49
N ARG C 148 -58.56 55.64 -8.05
CA ARG C 148 -58.16 56.18 -9.35
C ARG C 148 -56.93 57.08 -9.27
N GLY C 149 -56.10 57.03 -10.31
CA GLY C 149 -54.89 57.86 -10.39
C GLY C 149 -53.78 57.48 -9.45
N ARG C 150 -53.69 56.20 -9.11
CA ARG C 150 -52.65 55.71 -8.20
C ARG C 150 -51.63 54.81 -8.90
N GLY C 151 -51.75 54.71 -10.22
CA GLY C 151 -50.89 53.86 -11.02
C GLY C 151 -51.45 52.45 -11.05
N VAL C 152 -50.78 51.55 -11.76
CA VAL C 152 -51.23 50.16 -11.83
C VAL C 152 -51.07 49.48 -10.46
N LEU C 153 -52.09 48.71 -10.08
CA LEU C 153 -52.12 48.08 -8.77
C LEU C 153 -52.11 46.56 -8.86
N VAL C 154 -51.60 45.92 -7.80
CA VAL C 154 -51.55 44.46 -7.70
C VAL C 154 -52.19 44.05 -6.38
N VAL C 155 -53.22 43.20 -6.45
CA VAL C 155 -53.94 42.80 -5.25
C VAL C 155 -53.93 41.30 -4.91
N LEU C 156 -53.23 40.97 -3.82
CA LEU C 156 -53.21 39.61 -3.27
C LEU C 156 -53.05 39.70 -1.76
N ASN C 157 -53.60 38.72 -1.06
CA ASN C 157 -53.49 38.63 0.41
C ASN C 157 -53.89 39.91 1.13
N ASP C 158 -55.03 40.48 0.74
CA ASP C 158 -55.57 41.71 1.35
C ASP C 158 -54.67 42.94 1.19
N ARG C 159 -53.67 42.85 0.33
CA ARG C 159 -52.75 43.97 0.12
C ARG C 159 -52.96 44.62 -1.25
N ILE C 160 -52.68 45.91 -1.33
CA ILE C 160 -52.75 46.65 -2.58
C ILE C 160 -51.35 47.22 -2.84
N GLY C 161 -50.61 46.56 -3.73
CA GLY C 161 -49.24 46.99 -4.03
C GLY C 161 -49.09 47.76 -5.33
N SER C 162 -48.05 48.58 -5.38
CA SER C 162 -47.74 49.37 -6.56
C SER C 162 -46.92 48.57 -7.54
N ALA C 163 -47.23 48.70 -8.83
CA ALA C 163 -46.54 47.99 -9.89
C ALA C 163 -45.05 48.34 -9.94
N ARG C 164 -44.72 49.56 -9.52
CA ARG C 164 -43.35 50.04 -9.50
C ARG C 164 -42.49 49.39 -8.41
N PHE C 165 -43.12 48.91 -7.33
CA PHE C 165 -42.39 48.34 -6.21
C PHE C 165 -42.66 46.87 -5.87
N ILE C 166 -43.90 46.42 -6.02
CA ILE C 166 -44.29 45.07 -5.63
C ILE C 166 -43.63 43.95 -6.46
N SER C 167 -43.18 42.90 -5.77
CA SER C 167 -42.55 41.76 -6.43
C SER C 167 -42.76 40.48 -5.63
N LYS C 168 -42.61 39.34 -6.30
CA LYS C 168 -42.75 38.05 -5.64
C LYS C 168 -41.45 37.79 -4.87
N THR C 169 -41.52 37.85 -3.54
CA THR C 169 -40.33 37.70 -2.70
C THR C 169 -40.10 36.29 -2.17
N ASN C 170 -41.14 35.46 -2.22
CA ASN C 170 -41.03 34.08 -1.78
C ASN C 170 -41.56 33.14 -2.86
N ALA C 171 -40.92 31.98 -2.99
CA ALA C 171 -41.26 31.02 -4.03
C ALA C 171 -42.64 30.36 -3.94
N SER C 172 -43.11 30.08 -2.73
CA SER C 172 -44.36 29.32 -2.58
C SER C 172 -45.38 29.75 -1.50
N THR C 173 -45.20 30.92 -0.92
CA THR C 173 -46.12 31.37 0.15
C THR C 173 -47.24 32.31 -0.34
N LEU C 174 -48.31 32.42 0.44
CA LEU C 174 -49.45 33.28 0.10
C LEU C 174 -49.13 34.76 0.22
N ASP C 175 -48.30 35.11 1.20
CA ASP C 175 -47.91 36.51 1.44
C ASP C 175 -46.69 36.93 0.65
N THR C 176 -46.28 36.09 -0.30
CA THR C 176 -45.09 36.33 -1.11
C THR C 176 -44.87 37.74 -1.68
N PHE C 177 -45.94 38.38 -2.14
CA PHE C 177 -45.82 39.71 -2.72
C PHE C 177 -45.62 40.81 -1.68
N LYS C 178 -44.40 41.34 -1.62
CA LYS C 178 -44.03 42.37 -0.65
C LYS C 178 -43.14 43.42 -1.31
N ALA C 179 -42.91 44.50 -0.56
CA ALA C 179 -42.02 45.57 -0.98
C ALA C 179 -41.45 46.18 0.30
N PRO C 180 -40.54 45.43 0.97
CA PRO C 180 -39.93 45.78 2.25
C PRO C 180 -39.60 47.26 2.44
N GLU C 181 -38.95 47.85 1.44
CA GLU C 181 -38.55 49.25 1.52
C GLU C 181 -39.63 50.26 1.17
N GLU C 182 -40.70 49.81 0.51
CA GLU C 182 -41.78 50.72 0.11
C GLU C 182 -43.16 50.40 0.67
N GLY C 183 -43.35 49.18 1.14
CA GLY C 183 -44.64 48.76 1.71
C GLY C 183 -45.75 48.66 0.68
N TYR C 184 -46.99 48.85 1.12
CA TYR C 184 -48.14 48.78 0.24
C TYR C 184 -48.81 50.15 0.16
N LEU C 185 -49.51 50.39 -0.96
CA LEU C 185 -50.23 51.65 -1.14
C LEU C 185 -51.43 51.68 -0.21
N GLY C 186 -52.06 50.53 -0.04
CA GLY C 186 -53.20 50.38 0.84
C GLY C 186 -53.48 48.93 1.16
N VAL C 187 -54.47 48.68 2.02
CA VAL C 187 -54.87 47.32 2.39
C VAL C 187 -56.37 47.15 2.31
N ILE C 188 -56.83 45.91 2.38
CA ILE C 188 -58.26 45.61 2.33
C ILE C 188 -58.65 44.81 3.57
N ILE C 189 -59.20 45.50 4.57
CA ILE C 189 -59.58 44.87 5.83
C ILE C 189 -61.04 45.11 6.19
N GLY C 190 -61.75 44.04 6.57
CA GLY C 190 -63.16 44.13 6.99
C GLY C 190 -64.09 44.70 5.93
N ASP C 191 -63.91 44.24 4.69
CA ASP C 191 -64.72 44.68 3.55
C ASP C 191 -64.61 46.19 3.32
N LYS C 192 -63.44 46.75 3.64
CA LYS C 192 -63.16 48.18 3.46
C LYS C 192 -61.75 48.38 2.93
N ILE C 193 -61.56 49.46 2.17
CA ILE C 193 -60.25 49.77 1.62
C ILE C 193 -59.60 50.92 2.40
N TYR C 194 -58.33 50.73 2.76
CA TYR C 194 -57.58 51.73 3.51
C TYR C 194 -56.32 52.13 2.74
N TYR C 195 -56.34 53.32 2.14
CA TYR C 195 -55.16 53.82 1.44
C TYR C 195 -54.18 54.49 2.38
N GLN C 196 -52.90 54.13 2.24
CA GLN C 196 -51.86 54.62 3.13
C GLN C 196 -50.87 55.55 2.45
N THR C 197 -50.34 55.13 1.30
CA THR C 197 -49.34 55.93 0.58
C THR C 197 -49.63 56.02 -0.92
N ARG C 198 -48.96 56.96 -1.58
CA ARG C 198 -49.09 57.16 -3.02
C ARG C 198 -47.74 56.99 -3.70
N LEU C 199 -47.75 56.48 -4.93
CA LEU C 199 -46.53 56.29 -5.72
C LEU C 199 -45.93 57.64 -6.12
N ASP C 200 -44.72 57.91 -5.65
CA ASP C 200 -44.06 59.17 -5.99
C ASP C 200 -43.10 59.01 -7.18
N LYS C 201 -43.62 58.42 -8.26
CA LYS C 201 -42.88 58.24 -9.49
C LYS C 201 -43.81 58.57 -10.65
N VAL C 202 -43.24 58.77 -11.84
CA VAL C 202 -44.05 59.08 -13.02
C VAL C 202 -44.77 57.82 -13.50
N HIS C 203 -46.08 57.89 -13.62
CA HIS C 203 -46.89 56.74 -14.04
C HIS C 203 -48.10 57.13 -14.88
N THR C 204 -48.71 56.13 -15.52
CA THR C 204 -49.91 56.28 -16.34
C THR C 204 -50.04 57.52 -17.24
N THR C 205 -51.00 58.39 -16.91
CA THR C 205 -51.29 59.58 -17.72
C THR C 205 -50.15 60.58 -17.91
N ARG C 206 -49.19 60.60 -16.98
CA ARG C 206 -48.08 61.53 -17.07
C ARG C 206 -46.83 60.89 -17.70
N SER C 207 -46.96 59.64 -18.12
CA SER C 207 -45.86 58.90 -18.75
C SER C 207 -45.68 59.31 -20.21
N VAL C 208 -44.44 59.27 -20.69
CA VAL C 208 -44.14 59.61 -22.07
C VAL C 208 -44.08 58.38 -22.96
N PHE C 209 -44.28 57.20 -22.36
CA PHE C 209 -44.24 55.94 -23.09
C PHE C 209 -45.58 55.57 -23.71
N ASP C 210 -45.63 55.59 -25.04
CA ASP C 210 -46.84 55.24 -25.77
C ASP C 210 -46.49 54.12 -26.77
N VAL C 211 -47.04 52.94 -26.54
CA VAL C 211 -46.77 51.79 -27.41
C VAL C 211 -47.99 51.35 -28.20
N THR C 212 -48.96 52.25 -28.34
CA THR C 212 -50.20 51.96 -29.08
C THR C 212 -49.91 51.62 -30.55
N ASN C 213 -48.86 52.21 -31.10
CA ASN C 213 -48.47 51.96 -32.48
C ASN C 213 -47.37 50.91 -32.63
N VAL C 214 -46.65 50.64 -31.54
CA VAL C 214 -45.55 49.67 -31.55
C VAL C 214 -46.01 48.25 -31.89
N ASP C 215 -45.30 47.62 -32.83
CA ASP C 215 -45.62 46.26 -33.25
C ASP C 215 -44.67 45.22 -32.63
N LYS C 216 -43.42 45.63 -32.41
CA LYS C 216 -42.42 44.74 -31.83
C LYS C 216 -41.47 45.52 -30.92
N LEU C 217 -41.25 45.01 -29.72
CA LEU C 217 -40.37 45.64 -28.75
C LEU C 217 -38.93 45.12 -28.84
N PRO C 218 -37.94 46.00 -28.62
CA PRO C 218 -36.52 45.64 -28.67
C PRO C 218 -36.16 44.51 -27.73
N ALA C 219 -35.24 43.65 -28.16
CA ALA C 219 -34.82 42.50 -27.35
C ALA C 219 -33.88 42.92 -26.22
N VAL C 220 -34.19 42.48 -25.01
CA VAL C 220 -33.38 42.80 -23.83
C VAL C 220 -33.14 41.56 -22.98
N ASP C 221 -31.86 41.24 -22.73
CA ASP C 221 -31.49 40.08 -21.92
C ASP C 221 -31.16 40.48 -20.48
N ILE C 222 -31.13 39.48 -19.59
CA ILE C 222 -30.77 39.70 -18.20
C ILE C 222 -29.65 38.72 -17.82
N ILE C 223 -28.50 39.26 -17.44
CA ILE C 223 -27.36 38.42 -17.04
C ILE C 223 -27.09 38.54 -15.55
N TYR C 224 -26.92 37.39 -14.90
CA TYR C 224 -26.73 37.32 -13.46
C TYR C 224 -25.27 37.57 -13.05
N GLY C 225 -25.09 38.25 -11.92
CA GLY C 225 -23.75 38.54 -11.39
C GLY C 225 -23.42 37.60 -10.24
N TYR C 226 -22.25 36.98 -10.30
CA TYR C 226 -21.81 36.02 -9.28
C TYR C 226 -20.33 35.66 -9.40
N GLN C 227 -19.83 34.93 -8.40
CA GLN C 227 -18.43 34.49 -8.39
C GLN C 227 -18.16 33.62 -9.61
N ASP C 228 -17.06 33.91 -10.32
CA ASP C 228 -16.67 33.17 -11.51
C ASP C 228 -17.66 33.31 -12.67
N ASP C 229 -18.36 34.44 -12.72
CA ASP C 229 -19.32 34.68 -13.81
C ASP C 229 -18.61 34.77 -15.17
N PRO C 230 -19.08 33.98 -16.14
CA PRO C 230 -18.48 33.93 -17.47
C PRO C 230 -18.76 35.15 -18.34
N GLU C 231 -17.79 35.51 -19.17
CA GLU C 231 -17.93 36.63 -20.09
C GLU C 231 -18.71 36.21 -21.33
N TYR C 232 -18.71 34.91 -21.62
CA TYR C 232 -19.40 34.40 -22.82
C TYR C 232 -20.92 34.58 -22.86
N MET C 233 -21.52 34.92 -21.73
CA MET C 233 -22.97 35.18 -21.68
C MET C 233 -23.24 36.49 -22.42
N TYR C 234 -22.36 37.46 -22.21
CA TYR C 234 -22.47 38.75 -22.86
C TYR C 234 -22.23 38.62 -24.36
N ASP C 235 -21.33 37.71 -24.73
CA ASP C 235 -21.02 37.44 -26.13
C ASP C 235 -22.21 36.86 -26.88
N ALA C 236 -22.98 36.03 -26.18
CA ALA C 236 -24.17 35.41 -26.75
C ALA C 236 -25.27 36.43 -27.00
N SER C 237 -25.32 37.46 -26.15
CA SER C 237 -26.30 38.54 -26.30
C SER C 237 -25.91 39.42 -27.49
N ILE C 238 -24.61 39.64 -27.65
CA ILE C 238 -24.08 40.43 -28.76
C ILE C 238 -24.31 39.72 -30.10
N LYS C 239 -24.05 38.42 -30.12
CA LYS C 239 -24.23 37.60 -31.31
C LYS C 239 -25.65 37.68 -31.87
N HIS C 240 -26.62 37.68 -30.95
CA HIS C 240 -28.02 37.76 -31.33
C HIS C 240 -28.53 39.20 -31.43
N GLY C 241 -27.58 40.14 -31.45
CA GLY C 241 -27.86 41.57 -31.60
C GLY C 241 -28.99 42.14 -30.78
N VAL C 242 -28.99 41.88 -29.47
CA VAL C 242 -30.01 42.41 -28.59
C VAL C 242 -29.79 43.92 -28.42
N LYS C 243 -30.85 44.66 -28.16
CA LYS C 243 -30.75 46.10 -28.03
C LYS C 243 -30.33 46.56 -26.63
N GLY C 244 -30.65 45.76 -25.62
CA GLY C 244 -30.31 46.11 -24.25
C GLY C 244 -29.98 44.93 -23.35
N ILE C 245 -29.22 45.20 -22.30
CA ILE C 245 -28.84 44.16 -21.33
C ILE C 245 -29.00 44.68 -19.91
N VAL C 246 -29.70 43.93 -19.07
CA VAL C 246 -29.84 44.28 -17.67
C VAL C 246 -28.93 43.37 -16.86
N TYR C 247 -28.07 43.99 -16.06
CA TYR C 247 -27.13 43.24 -15.24
C TYR C 247 -27.59 43.08 -13.79
N ALA C 248 -28.00 41.87 -13.43
CA ALA C 248 -28.43 41.54 -12.07
C ALA C 248 -27.17 41.35 -11.23
N GLY C 249 -26.50 42.45 -10.93
CA GLY C 249 -25.22 42.43 -10.24
C GLY C 249 -25.14 42.10 -8.77
N MET C 250 -23.91 41.80 -8.35
CA MET C 250 -23.60 41.49 -6.96
C MET C 250 -23.63 42.78 -6.16
N GLY C 251 -24.35 42.77 -5.04
CA GLY C 251 -24.49 43.96 -4.20
C GLY C 251 -25.11 45.11 -4.98
N ALA C 252 -24.45 46.27 -4.95
CA ALA C 252 -24.95 47.44 -5.65
C ALA C 252 -24.46 47.51 -7.10
N GLY C 253 -24.92 46.56 -7.91
CA GLY C 253 -24.57 46.49 -9.34
C GLY C 253 -23.08 46.33 -9.62
N SER C 254 -22.33 45.83 -8.65
CA SER C 254 -20.89 45.65 -8.78
C SER C 254 -20.52 44.62 -9.83
N VAL C 255 -19.55 44.96 -10.69
CA VAL C 255 -19.12 44.07 -11.75
C VAL C 255 -17.78 43.41 -11.44
N SER C 256 -17.62 42.17 -11.88
CA SER C 256 -16.37 41.46 -11.73
C SER C 256 -15.50 41.86 -12.92
N LYS C 257 -14.26 41.40 -12.95
CA LYS C 257 -13.35 41.73 -14.05
C LYS C 257 -13.85 41.16 -15.38
N ARG C 258 -14.53 40.03 -15.32
CA ARG C 258 -15.08 39.37 -16.51
C ARG C 258 -16.37 40.06 -16.92
N GLY C 259 -17.17 40.44 -15.93
CA GLY C 259 -18.43 41.14 -16.19
C GLY C 259 -18.18 42.53 -16.74
N ASP C 260 -17.13 43.17 -16.25
CA ASP C 260 -16.73 44.51 -16.69
C ASP C 260 -16.36 44.46 -18.17
N ALA C 261 -15.53 43.49 -18.55
CA ALA C 261 -15.09 43.32 -19.94
C ALA C 261 -16.27 43.01 -20.86
N GLY C 262 -17.22 42.21 -20.38
CA GLY C 262 -18.40 41.84 -21.16
C GLY C 262 -19.34 43.01 -21.40
N ILE C 263 -19.47 43.87 -20.40
CA ILE C 263 -20.32 45.05 -20.51
C ILE C 263 -19.75 46.08 -21.48
N ARG C 264 -18.45 46.34 -21.36
CA ARG C 264 -17.77 47.30 -22.24
C ARG C 264 -17.76 46.82 -23.68
N LYS C 265 -17.74 45.50 -23.87
CA LYS C 265 -17.76 44.91 -25.20
C LYS C 265 -19.13 45.10 -25.82
N ALA C 266 -20.16 45.07 -24.99
CA ALA C 266 -21.55 45.27 -25.44
C ALA C 266 -21.78 46.74 -25.77
N GLU C 267 -21.24 47.63 -24.93
CA GLU C 267 -21.38 49.07 -25.11
C GLU C 267 -20.64 49.58 -26.35
N SER C 268 -19.61 48.85 -26.77
CA SER C 268 -18.84 49.21 -27.96
C SER C 268 -19.62 48.85 -29.21
N LYS C 269 -20.68 48.05 -29.04
CA LYS C 269 -21.53 47.63 -30.14
C LYS C 269 -22.84 48.42 -30.18
N GLY C 270 -22.97 49.40 -29.29
CA GLY C 270 -24.15 50.25 -29.23
C GLY C 270 -25.25 49.74 -28.30
N ILE C 271 -24.99 48.64 -27.61
CA ILE C 271 -25.96 48.06 -26.69
C ILE C 271 -25.98 48.82 -25.37
N VAL C 272 -27.17 49.22 -24.93
CA VAL C 272 -27.33 49.96 -23.68
C VAL C 272 -27.40 48.96 -22.51
N VAL C 273 -26.45 49.08 -21.58
CA VAL C 273 -26.40 48.19 -20.43
C VAL C 273 -26.80 48.91 -19.14
N VAL C 274 -27.74 48.31 -18.40
CA VAL C 274 -28.19 48.87 -17.14
C VAL C 274 -27.82 47.95 -15.97
N ARG C 275 -27.09 48.49 -15.00
CA ARG C 275 -26.67 47.70 -13.84
C ARG C 275 -27.72 47.65 -12.74
N SER C 276 -28.36 46.49 -12.59
CA SER C 276 -29.35 46.29 -11.54
C SER C 276 -28.71 45.50 -10.40
N SER C 277 -29.53 44.85 -9.56
CA SER C 277 -29.00 44.11 -8.41
C SER C 277 -29.70 42.78 -8.15
N ARG C 278 -28.93 41.79 -7.71
CA ARG C 278 -29.47 40.47 -7.40
C ARG C 278 -29.95 40.40 -5.95
N THR C 279 -29.69 41.46 -5.19
CA THR C 279 -30.05 41.51 -3.78
C THR C 279 -31.54 41.37 -3.50
N GLY C 280 -32.35 42.11 -4.24
CA GLY C 280 -33.80 42.06 -4.08
C GLY C 280 -34.45 43.38 -3.72
N SER C 281 -33.62 44.37 -3.40
CA SER C 281 -34.10 45.71 -3.06
C SER C 281 -32.93 46.67 -2.88
N GLY C 282 -33.22 47.96 -2.76
CA GLY C 282 -32.16 48.95 -2.53
C GLY C 282 -31.78 49.77 -3.75
N ILE C 283 -30.93 50.76 -3.51
CA ILE C 283 -30.48 51.67 -4.56
C ILE C 283 -29.12 51.29 -5.16
N VAL C 284 -29.06 51.20 -6.48
CA VAL C 284 -27.79 51.00 -7.17
C VAL C 284 -27.37 52.42 -7.57
N PRO C 285 -26.36 52.97 -6.88
CA PRO C 285 -25.93 54.35 -7.09
C PRO C 285 -25.03 54.55 -8.30
N PRO C 286 -25.03 55.76 -8.88
CA PRO C 286 -24.19 56.08 -10.03
C PRO C 286 -22.72 55.94 -9.68
N ASP C 287 -21.92 55.46 -10.63
CA ASP C 287 -20.49 55.28 -10.43
C ASP C 287 -19.76 55.46 -11.75
N ALA C 288 -18.92 56.48 -11.83
CA ALA C 288 -18.16 56.78 -13.03
C ALA C 288 -17.02 55.80 -13.26
N GLY C 289 -16.61 55.12 -12.18
CA GLY C 289 -15.53 54.14 -12.25
C GLY C 289 -15.99 52.81 -12.83
N GLN C 290 -17.30 52.67 -13.00
CA GLN C 290 -17.88 51.46 -13.56
C GLN C 290 -18.67 51.75 -14.84
N PRO C 291 -18.75 50.77 -15.75
CA PRO C 291 -19.48 50.93 -17.01
C PRO C 291 -20.97 50.74 -16.82
N GLY C 292 -21.74 51.12 -17.84
CA GLY C 292 -23.19 50.97 -17.81
C GLY C 292 -23.92 51.99 -16.96
N LEU C 293 -25.22 52.09 -17.15
CA LEU C 293 -26.06 53.00 -16.38
C LEU C 293 -26.51 52.27 -15.11
N VAL C 294 -27.18 52.98 -14.21
CA VAL C 294 -27.67 52.39 -12.97
C VAL C 294 -29.19 52.22 -12.97
N ALA C 295 -29.68 51.19 -12.30
CA ALA C 295 -31.10 50.86 -12.29
C ALA C 295 -31.93 51.48 -11.16
N ASP C 296 -31.34 52.43 -10.43
CA ASP C 296 -32.05 53.07 -9.31
C ASP C 296 -32.44 51.97 -8.31
N SER C 297 -33.73 51.91 -7.96
CA SER C 297 -34.23 50.88 -7.04
C SER C 297 -34.99 49.80 -7.79
N LEU C 298 -34.91 49.83 -9.12
CA LEU C 298 -35.60 48.86 -9.96
C LEU C 298 -34.89 47.51 -9.99
N SER C 299 -35.69 46.44 -9.88
CA SER C 299 -35.16 45.09 -9.90
C SER C 299 -34.76 44.73 -11.34
N PRO C 300 -33.98 43.65 -11.50
CA PRO C 300 -33.56 43.22 -12.84
C PRO C 300 -34.75 43.03 -13.79
N ALA C 301 -35.82 42.39 -13.29
CA ALA C 301 -37.01 42.14 -14.09
C ALA C 301 -37.71 43.43 -14.54
N LYS C 302 -37.89 44.36 -13.61
CA LYS C 302 -38.53 45.65 -13.91
C LYS C 302 -37.62 46.57 -14.71
N SER C 303 -36.31 46.48 -14.47
CA SER C 303 -35.32 47.30 -15.19
C SER C 303 -35.34 46.94 -16.66
N ARG C 304 -35.61 45.67 -16.95
CA ARG C 304 -35.72 45.19 -18.32
C ARG C 304 -36.90 45.85 -19.01
N ILE C 305 -38.04 45.87 -18.32
CA ILE C 305 -39.26 46.47 -18.86
C ILE C 305 -39.03 47.94 -19.23
N LEU C 306 -38.52 48.72 -18.29
CA LEU C 306 -38.25 50.14 -18.54
C LEU C 306 -37.25 50.34 -19.67
N LEU C 307 -36.26 49.44 -19.76
CA LEU C 307 -35.24 49.52 -20.81
C LEU C 307 -35.85 49.26 -22.19
N MET C 308 -36.70 48.24 -22.30
CA MET C 308 -37.37 47.91 -23.56
C MET C 308 -38.17 49.10 -24.09
N LEU C 309 -38.94 49.72 -23.21
CA LEU C 309 -39.77 50.86 -23.56
C LEU C 309 -38.95 52.11 -23.85
N ALA C 310 -37.83 52.26 -23.14
CA ALA C 310 -36.95 53.41 -23.34
C ALA C 310 -36.21 53.33 -24.67
N LEU C 311 -36.04 52.11 -25.18
CA LEU C 311 -35.36 51.89 -26.44
C LEU C 311 -36.23 52.18 -27.66
N THR C 312 -37.54 52.31 -27.45
CA THR C 312 -38.46 52.62 -28.54
C THR C 312 -38.55 54.14 -28.67
N LYS C 313 -37.98 54.84 -27.70
CA LYS C 313 -38.00 56.29 -27.67
C LYS C 313 -36.65 56.91 -28.06
N THR C 314 -35.58 56.43 -27.42
CA THR C 314 -34.24 56.99 -27.66
C THR C 314 -33.11 55.98 -27.50
N THR C 315 -31.88 56.44 -27.74
CA THR C 315 -30.68 55.63 -27.58
C THR C 315 -29.64 56.42 -26.78
N ASN C 316 -30.01 57.64 -26.39
CA ASN C 316 -29.13 58.52 -25.61
C ASN C 316 -29.06 58.04 -24.16
N PRO C 317 -27.85 57.66 -23.71
CA PRO C 317 -27.61 57.17 -22.35
C PRO C 317 -28.11 58.10 -21.25
N ALA C 318 -27.88 59.40 -21.43
CA ALA C 318 -28.30 60.41 -20.45
C ALA C 318 -29.82 60.49 -20.29
N VAL C 319 -30.54 60.27 -21.39
CA VAL C 319 -32.00 60.32 -21.37
C VAL C 319 -32.58 59.05 -20.74
N ILE C 320 -32.01 57.90 -21.08
CA ILE C 320 -32.45 56.63 -20.52
C ILE C 320 -32.17 56.60 -19.01
N GLN C 321 -31.07 57.23 -18.61
CA GLN C 321 -30.70 57.31 -17.20
C GLN C 321 -31.71 58.17 -16.44
N ASP C 322 -32.28 59.15 -17.13
CA ASP C 322 -33.31 60.02 -16.52
C ASP C 322 -34.57 59.22 -16.23
N TYR C 323 -34.92 58.31 -17.15
CA TYR C 323 -36.10 57.47 -16.99
C TYR C 323 -36.00 56.56 -15.77
N PHE C 324 -34.80 56.03 -15.53
CA PHE C 324 -34.57 55.15 -14.38
C PHE C 324 -34.69 55.85 -13.04
N HIS C 325 -34.37 57.14 -13.00
CA HIS C 325 -34.48 57.92 -11.77
C HIS C 325 -35.85 58.57 -11.60
N ALA C 326 -36.73 58.39 -12.59
CA ALA C 326 -38.06 59.02 -12.55
C ALA C 326 -39.25 58.06 -12.67
N TYR C 327 -39.06 56.96 -13.40
CA TYR C 327 -40.14 55.99 -13.59
C TYR C 327 -40.02 54.78 -12.68
N ASN D 3 -49.96 1.39 9.87
CA ASN D 3 -50.93 2.21 10.66
C ASN D 3 -50.58 3.69 10.70
N LEU D 4 -51.61 4.52 10.79
CA LEU D 4 -51.44 5.97 10.86
C LEU D 4 -51.27 6.38 12.33
N PRO D 5 -50.59 7.52 12.57
CA PRO D 5 -50.40 8.03 13.93
C PRO D 5 -51.72 8.41 14.60
N ASN D 6 -51.71 8.47 15.93
CA ASN D 6 -52.91 8.84 16.68
C ASN D 6 -52.83 10.27 17.22
N ILE D 7 -53.61 11.17 16.63
CA ILE D 7 -53.61 12.57 17.02
C ILE D 7 -54.93 12.99 17.68
N VAL D 8 -54.83 13.62 18.84
CA VAL D 8 -56.01 14.11 19.55
C VAL D 8 -56.08 15.62 19.38
N ILE D 9 -57.22 16.11 18.91
CA ILE D 9 -57.42 17.55 18.72
C ILE D 9 -58.21 18.14 19.89
N LEU D 10 -57.57 19.05 20.63
CA LEU D 10 -58.20 19.72 21.76
C LEU D 10 -58.74 21.09 21.38
N ALA D 11 -60.02 21.31 21.61
CA ALA D 11 -60.67 22.57 21.27
C ALA D 11 -60.89 23.47 22.48
N THR D 12 -60.46 24.72 22.36
CA THR D 12 -60.62 25.69 23.45
C THR D 12 -61.50 26.85 22.99
N GLY D 13 -61.65 26.98 21.67
CA GLY D 13 -62.44 28.05 21.08
C GLY D 13 -61.78 28.62 19.83
N GLY D 14 -62.18 29.83 19.46
CA GLY D 14 -61.65 30.48 18.27
C GLY D 14 -62.63 30.40 17.12
N THR D 15 -62.42 31.23 16.09
CA THR D 15 -63.32 31.26 14.94
C THR D 15 -63.05 30.12 13.96
N ILE D 16 -61.97 29.39 14.20
CA ILE D 16 -61.61 28.25 13.35
C ILE D 16 -62.68 27.16 13.42
N ALA D 17 -63.39 27.10 14.54
CA ALA D 17 -64.46 26.12 14.74
C ALA D 17 -65.84 26.78 14.63
N GLY D 35 -68.42 23.07 18.06
CA GLY D 35 -68.18 21.63 17.96
C GLY D 35 -66.84 21.31 17.33
N VAL D 36 -66.08 20.44 17.99
CA VAL D 36 -64.77 20.04 17.49
C VAL D 36 -64.90 18.99 16.39
N GLU D 37 -65.97 18.19 16.46
CA GLU D 37 -66.23 17.15 15.47
C GLU D 37 -66.71 17.70 14.12
N THR D 38 -67.07 18.98 14.11
CA THR D 38 -67.54 19.64 12.90
C THR D 38 -66.38 19.90 11.94
N LEU D 39 -65.22 20.26 12.50
CA LEU D 39 -64.03 20.54 11.69
C LEU D 39 -63.41 19.31 11.06
N ILE D 40 -63.39 18.20 11.79
CA ILE D 40 -62.83 16.95 11.30
C ILE D 40 -63.56 16.50 10.02
N GLN D 41 -64.85 16.80 9.95
CA GLN D 41 -65.67 16.45 8.80
C GLN D 41 -65.51 17.49 7.68
N ALA D 42 -65.20 18.72 8.06
CA ALA D 42 -65.01 19.81 7.10
C ALA D 42 -63.77 19.62 6.24
N VAL D 43 -62.78 18.94 6.80
CA VAL D 43 -61.54 18.66 6.09
C VAL D 43 -61.32 17.15 6.03
N PRO D 44 -61.83 16.51 4.95
CA PRO D 44 -61.70 15.06 4.76
C PRO D 44 -60.27 14.62 4.45
N GLU D 45 -59.42 15.56 4.03
CA GLU D 45 -58.02 15.27 3.72
C GLU D 45 -57.21 14.89 4.95
N LEU D 46 -57.78 15.13 6.13
CA LEU D 46 -57.12 14.79 7.40
C LEU D 46 -57.04 13.29 7.63
N LYS D 47 -57.91 12.53 6.95
CA LYS D 47 -57.95 11.08 7.08
C LYS D 47 -56.69 10.39 6.55
N THR D 48 -55.99 11.07 5.66
CA THR D 48 -54.75 10.54 5.08
C THR D 48 -53.55 10.78 6.00
N LEU D 49 -53.72 11.70 6.95
CA LEU D 49 -52.64 12.06 7.87
C LEU D 49 -52.57 11.16 9.10
N ALA D 50 -53.69 11.05 9.83
CA ALA D 50 -53.70 10.25 11.06
C ALA D 50 -55.10 9.90 11.54
N ASN D 51 -55.15 9.07 12.58
CA ASN D 51 -56.40 8.71 13.24
C ASN D 51 -56.71 9.84 14.21
N ILE D 52 -57.85 10.51 14.00
CA ILE D 52 -58.18 11.70 14.81
C ILE D 52 -59.33 11.55 15.80
N LYS D 53 -59.09 12.04 17.02
CA LYS D 53 -60.11 12.11 18.06
C LYS D 53 -60.21 13.56 18.52
N GLY D 54 -61.42 14.00 18.87
CA GLY D 54 -61.64 15.37 19.29
C GLY D 54 -62.18 15.52 20.70
N GLU D 55 -61.70 16.54 21.41
CA GLU D 55 -62.17 16.84 22.76
C GLU D 55 -62.42 18.33 22.91
N GLN D 56 -63.44 18.68 23.70
CA GLN D 56 -63.78 20.08 23.91
C GLN D 56 -63.31 20.51 25.30
N VAL D 57 -62.10 21.09 25.37
CA VAL D 57 -61.52 21.55 26.63
C VAL D 57 -62.23 22.82 27.12
N ALA D 58 -62.47 23.75 26.18
CA ALA D 58 -63.15 24.99 26.49
C ALA D 58 -63.85 25.49 25.23
N SER D 59 -64.61 26.57 25.38
CA SER D 59 -65.32 27.15 24.25
C SER D 59 -65.43 28.67 24.45
N ILE D 60 -64.31 29.38 24.26
CA ILE D 60 -64.26 30.83 24.45
C ILE D 60 -63.35 31.52 23.43
N GLY D 61 -63.58 32.81 23.23
CA GLY D 61 -62.72 33.59 22.36
C GLY D 61 -61.41 33.76 23.11
N SER D 62 -60.28 33.64 22.42
CA SER D 62 -58.98 33.72 23.07
C SER D 62 -58.78 34.99 23.90
N GLU D 63 -59.49 36.06 23.55
CA GLU D 63 -59.40 37.31 24.31
C GLU D 63 -59.86 37.07 25.76
N ASN D 64 -60.59 35.99 25.97
CA ASN D 64 -61.10 35.62 27.29
C ASN D 64 -60.38 34.44 27.93
N MET D 65 -59.30 33.98 27.29
CA MET D 65 -58.51 32.87 27.83
C MET D 65 -57.87 33.33 29.14
N THR D 66 -57.90 32.45 30.14
CA THR D 66 -57.36 32.77 31.46
C THR D 66 -56.36 31.73 31.92
N SER D 67 -55.58 32.06 32.94
CA SER D 67 -54.56 31.14 33.47
C SER D 67 -55.16 29.85 34.04
N ASP D 68 -56.38 29.93 34.58
CA ASP D 68 -57.01 28.75 35.14
CA ASP D 68 -57.08 28.77 35.14
C ASP D 68 -57.39 27.73 34.05
N VAL D 69 -57.70 28.22 32.86
CA VAL D 69 -58.01 27.36 31.74
C VAL D 69 -56.72 26.76 31.19
N LEU D 70 -55.63 27.53 31.25
CA LEU D 70 -54.32 27.06 30.82
C LEU D 70 -53.84 25.93 31.71
N LEU D 71 -54.17 26.01 32.99
CA LEU D 71 -53.83 24.96 33.94
C LEU D 71 -54.55 23.66 33.53
N THR D 72 -55.84 23.79 33.22
CA THR D 72 -56.66 22.64 32.81
C THR D 72 -56.13 22.04 31.51
N LEU D 73 -55.82 22.91 30.54
CA LEU D 73 -55.31 22.49 29.24
C LEU D 73 -53.97 21.76 29.36
N SER D 74 -53.03 22.36 30.07
CA SER D 74 -51.70 21.77 30.26
C SER D 74 -51.76 20.41 30.97
N LYS D 75 -52.57 20.33 32.03
CA LYS D 75 -52.72 19.08 32.77
C LYS D 75 -53.33 17.98 31.89
N ARG D 76 -54.23 18.38 31.00
CA ARG D 76 -54.87 17.44 30.07
C ARG D 76 -53.91 16.98 28.98
N VAL D 77 -53.10 17.90 28.47
CA VAL D 77 -52.11 17.57 27.45
C VAL D 77 -51.07 16.59 27.99
N ASN D 78 -50.61 16.84 29.21
CA ASN D 78 -49.61 15.96 29.86
C ASN D 78 -50.10 14.54 30.13
N GLU D 79 -51.37 14.38 30.47
CA GLU D 79 -51.89 13.04 30.72
C GLU D 79 -52.16 12.30 29.41
N LEU D 80 -52.50 13.05 28.36
CA LEU D 80 -52.73 12.46 27.05
C LEU D 80 -51.43 11.99 26.39
N LEU D 81 -50.40 12.82 26.47
CA LEU D 81 -49.09 12.49 25.89
C LEU D 81 -48.37 11.37 26.64
N ALA D 82 -48.77 11.16 27.90
CA ALA D 82 -48.19 10.09 28.72
C ALA D 82 -48.71 8.72 28.27
N ARG D 83 -49.78 8.74 27.48
CA ARG D 83 -50.38 7.51 26.96
C ARG D 83 -49.66 7.03 25.71
N SER D 84 -49.56 5.70 25.57
CA SER D 84 -48.90 5.11 24.42
C SER D 84 -49.74 5.20 23.15
N ASP D 85 -51.05 5.39 23.32
CA ASP D 85 -51.96 5.48 22.19
C ASP D 85 -52.16 6.91 21.64
N VAL D 86 -51.33 7.84 22.12
CA VAL D 86 -51.37 9.23 21.66
C VAL D 86 -49.97 9.64 21.19
N ASP D 87 -49.86 10.01 19.91
CA ASP D 87 -48.57 10.38 19.33
C ASP D 87 -48.30 11.88 19.32
N GLY D 88 -49.38 12.67 19.28
CA GLY D 88 -49.25 14.12 19.26
C GLY D 88 -50.59 14.79 19.51
N VAL D 89 -50.54 16.07 19.86
CA VAL D 89 -51.75 16.84 20.15
C VAL D 89 -51.84 18.15 19.35
N VAL D 90 -53.01 18.38 18.76
CA VAL D 90 -53.29 19.61 18.02
C VAL D 90 -54.31 20.41 18.82
N ILE D 91 -54.01 21.67 19.12
CA ILE D 91 -54.91 22.50 19.90
C ILE D 91 -55.46 23.68 19.11
N THR D 92 -56.78 23.66 18.85
CA THR D 92 -57.43 24.77 18.16
C THR D 92 -57.62 25.91 19.14
N HIS D 93 -57.28 27.11 18.72
CA HIS D 93 -57.27 28.25 19.62
C HIS D 93 -57.54 29.53 18.84
N GLY D 94 -57.88 30.61 19.54
CA GLY D 94 -58.08 31.90 18.90
C GLY D 94 -56.72 32.55 18.67
N THR D 95 -56.68 33.55 17.81
CA THR D 95 -55.42 34.22 17.47
C THR D 95 -55.05 35.37 18.41
N ASP D 96 -56.05 35.97 19.05
CA ASP D 96 -55.85 37.13 19.92
C ASP D 96 -54.85 36.95 21.07
N THR D 97 -54.83 35.78 21.70
CA THR D 97 -53.86 35.53 22.77
C THR D 97 -52.98 34.31 22.48
N LEU D 98 -52.79 34.02 21.20
CA LEU D 98 -51.94 32.91 20.78
C LEU D 98 -50.47 33.25 21.08
N ASP D 99 -50.26 34.44 21.64
CA ASP D 99 -48.92 34.86 22.05
C ASP D 99 -48.61 34.24 23.41
N GLU D 100 -49.63 34.14 24.26
CA GLU D 100 -49.48 33.59 25.61
C GLU D 100 -49.53 32.06 25.69
N SER D 101 -50.71 31.50 25.40
CA SER D 101 -50.97 30.06 25.51
C SER D 101 -49.88 29.06 25.08
N PRO D 102 -49.39 29.16 23.82
CA PRO D 102 -48.36 28.23 23.38
C PRO D 102 -47.09 28.28 24.22
N TYR D 103 -46.71 29.48 24.64
CA TYR D 103 -45.51 29.65 25.45
C TYR D 103 -45.69 29.07 26.86
N PHE D 104 -46.92 29.12 27.36
CA PHE D 104 -47.24 28.54 28.67
C PHE D 104 -47.00 27.04 28.64
N LEU D 105 -47.52 26.38 27.61
CA LEU D 105 -47.34 24.94 27.46
C LEU D 105 -45.89 24.59 27.09
N ASN D 106 -45.18 25.55 26.51
CA ASN D 106 -43.79 25.33 26.16
C ASN D 106 -42.96 25.13 27.43
N LEU D 107 -43.47 25.66 28.54
CA LEU D 107 -42.78 25.58 29.83
C LEU D 107 -43.36 24.51 30.75
N THR D 108 -44.58 24.07 30.47
CA THR D 108 -45.26 23.12 31.36
C THR D 108 -45.42 21.69 30.85
N VAL D 109 -45.35 21.49 29.54
CA VAL D 109 -45.49 20.15 28.97
C VAL D 109 -44.26 19.31 29.31
N LYS D 110 -44.49 18.13 29.89
CA LYS D 110 -43.40 17.25 30.32
C LYS D 110 -43.13 16.11 29.33
N SER D 111 -43.39 16.36 28.05
CA SER D 111 -43.20 15.33 27.03
C SER D 111 -42.55 15.91 25.77
N ASP D 112 -41.85 15.06 25.02
CA ASP D 112 -41.21 15.47 23.77
C ASP D 112 -42.14 15.37 22.58
N LYS D 113 -43.28 14.69 22.78
CA LYS D 113 -44.28 14.53 21.72
C LYS D 113 -44.82 15.90 21.29
N PRO D 114 -45.07 16.08 19.99
CA PRO D 114 -45.49 17.35 19.42
C PRO D 114 -46.84 17.91 19.92
N VAL D 115 -46.79 19.14 20.42
CA VAL D 115 -47.98 19.87 20.86
C VAL D 115 -48.07 21.04 19.89
N VAL D 116 -49.07 21.01 19.02
CA VAL D 116 -49.21 22.01 17.96
C VAL D 116 -50.47 22.87 18.05
N PHE D 117 -50.28 24.17 18.29
CA PHE D 117 -51.39 25.11 18.31
C PHE D 117 -51.74 25.53 16.89
N VAL D 118 -53.03 25.68 16.62
CA VAL D 118 -53.49 26.08 15.30
C VAL D 118 -54.60 27.11 15.45
N ALA D 119 -54.70 28.03 14.49
CA ALA D 119 -55.69 29.07 14.55
C ALA D 119 -56.06 29.58 13.14
N ALA D 120 -57.06 30.45 13.08
CA ALA D 120 -57.52 31.01 11.82
C ALA D 120 -57.82 32.49 11.98
N MET D 121 -57.40 33.28 10.99
CA MET D 121 -57.62 34.72 11.01
C MET D 121 -58.96 35.11 10.39
N ARG D 122 -59.52 34.21 9.58
CA ARG D 122 -60.81 34.42 8.95
C ARG D 122 -61.81 33.40 9.49
N PRO D 123 -63.07 33.82 9.66
CA PRO D 123 -64.10 32.87 10.11
C PRO D 123 -64.29 31.76 9.10
N ALA D 124 -64.68 30.57 9.57
CA ALA D 124 -64.86 29.39 8.72
C ALA D 124 -65.79 29.63 7.53
N THR D 125 -66.76 30.52 7.70
CA THR D 125 -67.74 30.82 6.66
C THR D 125 -67.27 31.83 5.61
N ALA D 126 -66.18 32.53 5.90
CA ALA D 126 -65.64 33.54 4.99
C ALA D 126 -65.08 32.95 3.71
N ILE D 127 -64.94 33.80 2.69
CA ILE D 127 -64.39 33.37 1.41
C ILE D 127 -62.88 33.16 1.58
N SER D 128 -62.37 32.05 1.08
CA SER D 128 -60.95 31.70 1.20
C SER D 128 -60.51 31.59 2.68
N ALA D 129 -61.36 30.97 3.49
CA ALA D 129 -61.06 30.79 4.92
C ALA D 129 -59.77 30.00 5.09
N ASP D 130 -58.86 30.54 5.90
CA ASP D 130 -57.55 29.91 6.14
C ASP D 130 -57.62 28.71 7.07
N GLY D 131 -58.70 28.61 7.85
CA GLY D 131 -58.89 27.52 8.81
C GLY D 131 -58.55 26.10 8.35
N PRO D 132 -59.21 25.63 7.27
CA PRO D 132 -59.01 24.30 6.72
C PRO D 132 -57.54 23.93 6.44
N MET D 133 -56.81 24.81 5.78
CA MET D 133 -55.40 24.53 5.47
C MET D 133 -54.51 24.54 6.71
N ASN D 134 -54.74 25.49 7.60
CA ASN D 134 -53.97 25.57 8.85
C ASN D 134 -54.12 24.29 9.66
N LEU D 135 -55.36 23.81 9.79
CA LEU D 135 -55.64 22.59 10.53
C LEU D 135 -54.94 21.39 9.90
N TYR D 136 -54.98 21.31 8.56
CA TYR D 136 -54.31 20.23 7.85
C TYR D 136 -52.82 20.26 8.14
N GLY D 137 -52.24 21.46 8.10
CA GLY D 137 -50.82 21.63 8.38
C GLY D 137 -50.48 21.22 9.80
N ALA D 138 -51.33 21.63 10.75
CA ALA D 138 -51.14 21.32 12.17
C ALA D 138 -51.10 19.83 12.45
N VAL D 139 -52.07 19.10 11.89
CA VAL D 139 -52.15 17.65 12.07
C VAL D 139 -50.96 16.95 11.42
N LYS D 140 -50.58 17.43 10.24
CA LYS D 140 -49.45 16.87 9.50
C LYS D 140 -48.17 16.98 10.33
N VAL D 141 -48.00 18.13 10.98
CA VAL D 141 -46.84 18.38 11.84
C VAL D 141 -46.87 17.50 13.09
N ALA D 142 -48.04 17.40 13.72
CA ALA D 142 -48.19 16.61 14.94
C ALA D 142 -48.03 15.11 14.70
N ALA D 143 -48.34 14.66 13.49
CA ALA D 143 -48.25 13.25 13.12
C ALA D 143 -46.84 12.84 12.69
N ASP D 144 -45.99 13.84 12.41
CA ASP D 144 -44.62 13.57 11.99
C ASP D 144 -43.73 13.36 13.20
N LYS D 145 -43.11 12.19 13.28
CA LYS D 145 -42.23 11.83 14.40
C LYS D 145 -41.02 12.79 14.51
N ASN D 146 -40.60 13.36 13.39
CA ASN D 146 -39.47 14.28 13.37
C ASN D 146 -39.80 15.62 14.06
N SER D 147 -41.06 15.81 14.43
CA SER D 147 -41.50 17.04 15.11
C SER D 147 -41.24 17.01 16.61
N ARG D 148 -40.85 15.85 17.12
CA ARG D 148 -40.55 15.69 18.56
C ARG D 148 -39.32 16.46 18.99
N GLY D 149 -39.27 16.80 20.29
CA GLY D 149 -38.12 17.50 20.87
C GLY D 149 -37.82 18.89 20.33
N ARG D 150 -38.83 19.54 19.76
CA ARG D 150 -38.65 20.86 19.19
C ARG D 150 -39.38 21.95 19.97
N GLY D 151 -40.06 21.55 21.04
CA GLY D 151 -40.84 22.49 21.85
C GLY D 151 -42.25 22.64 21.28
N VAL D 152 -43.06 23.49 21.91
CA VAL D 152 -44.43 23.72 21.45
C VAL D 152 -44.42 24.51 20.15
N LEU D 153 -45.25 24.08 19.20
CA LEU D 153 -45.30 24.69 17.87
C LEU D 153 -46.59 25.45 17.60
N VAL D 154 -46.53 26.36 16.63
CA VAL D 154 -47.68 27.17 16.24
C VAL D 154 -47.75 27.18 14.72
N VAL D 155 -48.85 26.66 14.16
CA VAL D 155 -48.98 26.57 12.71
C VAL D 155 -50.10 27.37 12.06
N LEU D 156 -49.70 28.36 11.27
CA LEU D 156 -50.62 29.17 10.46
C LEU D 156 -49.90 29.63 9.21
N ASN D 157 -50.67 29.81 8.13
CA ASN D 157 -50.14 30.31 6.85
C ASN D 157 -48.91 29.54 6.34
N ASP D 158 -48.98 28.21 6.43
CA ASP D 158 -47.89 27.33 5.95
C ASP D 158 -46.59 27.47 6.75
N ARG D 159 -46.66 28.10 7.92
CA ARG D 159 -45.45 28.30 8.74
C ARG D 159 -45.50 27.52 10.05
N ILE D 160 -44.33 27.06 10.50
CA ILE D 160 -44.22 26.36 11.78
C ILE D 160 -43.35 27.23 12.68
N GLY D 161 -43.98 27.95 13.61
CA GLY D 161 -43.25 28.85 14.50
C GLY D 161 -43.05 28.31 15.90
N SER D 162 -42.03 28.82 16.58
CA SER D 162 -41.74 28.40 17.96
C SER D 162 -42.59 29.21 18.93
N ALA D 163 -43.10 28.54 19.97
CA ALA D 163 -43.89 29.19 21.00
C ALA D 163 -43.10 30.32 21.68
N ARG D 164 -41.78 30.17 21.69
CA ARG D 164 -40.89 31.15 22.32
C ARG D 164 -40.73 32.47 21.52
N PHE D 165 -40.88 32.41 20.21
CA PHE D 165 -40.66 33.62 19.41
C PHE D 165 -41.87 34.16 18.65
N ILE D 166 -42.70 33.26 18.14
CA ILE D 166 -43.83 33.65 17.29
C ILE D 166 -44.89 34.49 18.02
N SER D 167 -45.41 35.51 17.33
CA SER D 167 -46.46 36.36 17.87
C SER D 167 -47.29 36.97 16.76
N LYS D 168 -48.47 37.48 17.12
CA LYS D 168 -49.36 38.11 16.17
C LYS D 168 -48.81 39.53 15.95
N THR D 169 -48.18 39.75 14.79
CA THR D 169 -47.56 41.04 14.49
C THR D 169 -48.45 42.00 13.73
N ASN D 170 -49.62 41.53 13.31
CA ASN D 170 -50.56 42.37 12.59
C ASN D 170 -51.98 42.09 13.08
N ALA D 171 -52.76 43.16 13.16
CA ALA D 171 -54.13 43.08 13.66
C ALA D 171 -55.08 42.18 12.87
N SER D 172 -55.00 42.21 11.54
CA SER D 172 -56.00 41.51 10.73
C SER D 172 -55.55 40.68 9.52
N THR D 173 -54.24 40.58 9.28
CA THR D 173 -53.74 39.83 8.11
C THR D 173 -53.54 38.32 8.34
N LEU D 174 -53.58 37.54 7.26
CA LEU D 174 -53.41 36.09 7.34
C LEU D 174 -51.99 35.67 7.73
N ASP D 175 -51.02 36.45 7.29
CA ASP D 175 -49.60 36.18 7.55
C ASP D 175 -49.10 36.86 8.82
N THR D 176 -50.04 37.31 9.66
CA THR D 176 -49.72 38.03 10.89
C THR D 176 -48.68 37.41 11.82
N PHE D 177 -48.71 36.08 11.98
CA PHE D 177 -47.77 35.40 12.86
C PHE D 177 -46.35 35.31 12.31
N LYS D 178 -45.48 36.17 12.83
CA LYS D 178 -44.09 36.25 12.39
C LYS D 178 -43.14 36.37 13.59
N ALA D 179 -41.85 36.23 13.32
CA ALA D 179 -40.79 36.40 14.31
C ALA D 179 -39.61 37.00 13.56
N PRO D 180 -39.65 38.31 13.32
CA PRO D 180 -38.66 39.06 12.53
C PRO D 180 -37.20 38.68 12.77
N GLU D 181 -36.82 38.54 14.04
CA GLU D 181 -35.43 38.26 14.40
C GLU D 181 -35.07 36.78 14.47
N GLU D 182 -36.06 35.92 14.61
CA GLU D 182 -35.80 34.48 14.76
C GLU D 182 -36.33 33.59 13.65
N GLY D 183 -37.30 34.09 12.88
CA GLY D 183 -37.88 33.33 11.77
C GLY D 183 -38.79 32.21 12.22
N TYR D 184 -38.91 31.18 11.38
CA TYR D 184 -39.74 30.03 11.69
C TYR D 184 -38.87 28.78 11.87
N LEU D 185 -39.36 27.83 12.66
CA LEU D 185 -38.64 26.57 12.87
C LEU D 185 -38.68 25.73 11.60
N GLY D 186 -39.76 25.90 10.84
CA GLY D 186 -39.94 25.17 9.59
C GLY D 186 -41.09 25.72 8.77
N VAL D 187 -41.24 25.21 7.55
CA VAL D 187 -42.31 25.61 6.65
C VAL D 187 -43.02 24.39 6.07
N ILE D 188 -44.22 24.59 5.53
CA ILE D 188 -45.00 23.50 4.93
C ILE D 188 -45.32 23.90 3.50
N ILE D 189 -44.59 23.30 2.55
CA ILE D 189 -44.78 23.61 1.13
C ILE D 189 -44.99 22.34 0.31
N GLY D 190 -46.00 22.36 -0.56
CA GLY D 190 -46.31 21.22 -1.42
C GLY D 190 -46.52 19.93 -0.68
N ASP D 191 -47.27 19.99 0.42
CA ASP D 191 -47.58 18.82 1.26
C ASP D 191 -46.32 18.15 1.79
N LYS D 192 -45.32 18.98 2.13
CA LYS D 192 -44.05 18.50 2.67
C LYS D 192 -43.57 19.45 3.77
N ILE D 193 -43.02 18.86 4.84
CA ILE D 193 -42.51 19.65 5.96
C ILE D 193 -41.01 19.88 5.82
N TYR D 194 -40.59 21.13 5.95
CA TYR D 194 -39.17 21.49 5.85
C TYR D 194 -38.68 22.17 7.12
N TYR D 195 -38.12 21.39 8.05
CA TYR D 195 -37.55 21.96 9.26
C TYR D 195 -36.20 22.60 8.97
N GLN D 196 -36.03 23.84 9.43
CA GLN D 196 -34.81 24.60 9.13
C GLN D 196 -33.99 25.02 10.36
N THR D 197 -34.67 25.41 11.43
CA THR D 197 -33.99 25.81 12.66
C THR D 197 -34.58 25.12 13.88
N ARG D 198 -33.79 25.05 14.95
CA ARG D 198 -34.25 24.46 16.21
C ARG D 198 -34.10 25.48 17.34
N LEU D 199 -35.08 25.51 18.24
CA LEU D 199 -35.09 26.42 19.38
C LEU D 199 -33.87 26.20 20.27
N ASP D 200 -33.09 27.26 20.50
CA ASP D 200 -31.90 27.16 21.34
C ASP D 200 -32.17 27.73 22.74
N LYS D 201 -33.26 27.26 23.33
CA LYS D 201 -33.67 27.66 24.67
C LYS D 201 -34.17 26.42 25.40
N VAL D 202 -34.31 26.51 26.72
CA VAL D 202 -34.82 25.39 27.52
C VAL D 202 -36.33 25.29 27.31
N HIS D 203 -36.83 24.08 27.09
CA HIS D 203 -38.25 23.88 26.84
C HIS D 203 -38.74 22.48 27.22
N THR D 204 -40.05 22.35 27.30
CA THR D 204 -40.74 21.08 27.60
C THR D 204 -40.04 20.12 28.55
N THR D 205 -39.40 19.09 27.99
CA THR D 205 -38.75 18.03 28.77
C THR D 205 -37.66 18.47 29.76
N ARG D 206 -36.95 19.54 29.45
CA ARG D 206 -35.88 20.03 30.35
C ARG D 206 -36.31 21.20 31.23
N SER D 207 -37.56 21.63 31.06
CA SER D 207 -38.11 22.73 31.85
C SER D 207 -38.32 22.32 33.32
N VAL D 208 -38.02 23.23 34.24
CA VAL D 208 -38.19 22.95 35.67
C VAL D 208 -39.57 23.38 36.17
N PHE D 209 -40.37 23.95 35.27
CA PHE D 209 -41.70 24.41 35.64
C PHE D 209 -42.74 23.30 35.52
N ASP D 210 -43.41 23.00 36.63
CA ASP D 210 -44.42 21.96 36.66
C ASP D 210 -45.66 22.50 37.39
N VAL D 211 -46.78 22.54 36.67
CA VAL D 211 -48.03 23.03 37.24
C VAL D 211 -49.05 21.92 37.49
N THR D 212 -48.58 20.67 37.45
CA THR D 212 -49.43 19.49 37.67
C THR D 212 -50.24 19.61 38.97
N ASN D 213 -49.58 20.01 40.04
CA ASN D 213 -50.24 20.16 41.34
C ASN D 213 -50.56 21.61 41.72
N VAL D 214 -50.66 22.47 40.71
CA VAL D 214 -50.99 23.87 40.94
C VAL D 214 -52.47 24.14 40.67
N ASP D 215 -53.18 24.62 41.68
CA ASP D 215 -54.61 24.92 41.56
C ASP D 215 -54.87 26.35 41.09
N LYS D 216 -53.98 27.27 41.46
CA LYS D 216 -54.12 28.67 41.09
C LYS D 216 -52.76 29.34 40.94
N LEU D 217 -52.59 30.08 39.85
CA LEU D 217 -51.33 30.78 39.56
C LEU D 217 -51.30 32.19 40.13
N PRO D 218 -50.09 32.72 40.40
CA PRO D 218 -49.93 34.08 40.91
C PRO D 218 -50.43 35.12 39.90
N ALA D 219 -50.96 36.22 40.41
CA ALA D 219 -51.47 37.29 39.55
C ALA D 219 -50.32 38.17 39.07
N VAL D 220 -50.28 38.42 37.76
CA VAL D 220 -49.25 39.27 37.17
C VAL D 220 -49.89 40.29 36.22
N ASP D 221 -49.55 41.57 36.40
CA ASP D 221 -50.07 42.63 35.55
C ASP D 221 -49.04 43.12 34.53
N ILE D 222 -49.53 43.76 33.47
CA ILE D 222 -48.65 44.33 32.45
C ILE D 222 -48.95 45.81 32.34
N ILE D 223 -47.97 46.64 32.66
CA ILE D 223 -48.12 48.10 32.60
C ILE D 223 -47.36 48.67 31.42
N TYR D 224 -48.04 49.49 30.61
CA TYR D 224 -47.46 50.05 29.39
C TYR D 224 -46.59 51.29 29.67
N GLY D 225 -45.59 51.49 28.83
CA GLY D 225 -44.69 52.65 28.94
C GLY D 225 -44.92 53.61 27.80
N TYR D 226 -45.04 54.90 28.13
CA TYR D 226 -45.29 55.94 27.14
C TYR D 226 -45.08 57.32 27.78
N GLN D 227 -45.12 58.36 26.95
CA GLN D 227 -44.99 59.73 27.46
C GLN D 227 -46.12 60.05 28.43
N ASP D 228 -45.78 60.69 29.55
CA ASP D 228 -46.76 61.06 30.57
C ASP D 228 -47.45 59.85 31.20
N ASP D 229 -46.72 58.73 31.33
CA ASP D 229 -47.27 57.53 31.92
C ASP D 229 -47.53 57.70 33.42
N PRO D 230 -48.75 57.36 33.87
CA PRO D 230 -49.15 57.53 35.26
C PRO D 230 -48.53 56.54 36.25
N GLU D 231 -48.14 57.04 37.41
CA GLU D 231 -47.56 56.22 38.45
C GLU D 231 -48.65 55.48 39.22
N TYR D 232 -49.88 55.99 39.14
CA TYR D 232 -51.01 55.38 39.84
C TYR D 232 -51.43 54.00 39.33
N MET D 233 -50.93 53.63 38.15
CA MET D 233 -51.21 52.31 37.59
C MET D 233 -50.46 51.25 38.40
N TYR D 234 -49.28 51.63 38.88
CA TYR D 234 -48.46 50.74 39.71
C TYR D 234 -49.11 50.62 41.09
N ASP D 235 -49.71 51.71 41.56
CA ASP D 235 -50.39 51.72 42.86
C ASP D 235 -51.60 50.77 42.85
N ALA D 236 -52.28 50.72 41.71
CA ALA D 236 -53.45 49.84 41.54
C ALA D 236 -53.06 48.37 41.67
N SER D 237 -51.97 47.98 41.00
CA SER D 237 -51.47 46.61 41.06
C SER D 237 -51.03 46.24 42.47
N ILE D 238 -50.34 47.16 43.13
CA ILE D 238 -49.88 46.97 44.51
C ILE D 238 -51.07 46.78 45.44
N LYS D 239 -52.07 47.66 45.31
CA LYS D 239 -53.28 47.62 46.13
C LYS D 239 -54.01 46.28 46.01
N HIS D 240 -54.04 45.73 44.80
CA HIS D 240 -54.73 44.46 44.56
C HIS D 240 -53.86 43.22 44.80
N GLY D 241 -52.66 43.45 45.33
CA GLY D 241 -51.75 42.38 45.74
C GLY D 241 -51.21 41.42 44.70
N VAL D 242 -50.84 41.95 43.52
CA VAL D 242 -50.26 41.11 42.47
C VAL D 242 -48.87 40.63 42.93
N LYS D 243 -48.43 39.50 42.39
CA LYS D 243 -47.13 38.95 42.76
C LYS D 243 -46.04 39.39 41.80
N GLY D 244 -46.44 39.87 40.63
CA GLY D 244 -45.50 40.32 39.62
C GLY D 244 -46.06 41.39 38.71
N ILE D 245 -45.16 42.16 38.09
CA ILE D 245 -45.55 43.22 37.16
C ILE D 245 -44.59 43.23 35.97
N VAL D 246 -45.14 43.14 34.77
CA VAL D 246 -44.35 43.24 33.55
C VAL D 246 -44.49 44.64 32.99
N TYR D 247 -43.36 45.28 32.72
CA TYR D 247 -43.37 46.63 32.19
C TYR D 247 -43.07 46.67 30.69
N ALA D 248 -44.10 46.94 29.89
CA ALA D 248 -43.94 47.06 28.43
C ALA D 248 -43.32 48.42 28.18
N GLY D 249 -42.02 48.53 28.43
CA GLY D 249 -41.31 49.80 28.36
C GLY D 249 -41.00 50.43 27.03
N MET D 250 -40.64 51.71 27.10
CA MET D 250 -40.25 52.50 25.94
C MET D 250 -38.86 52.04 25.52
N GLY D 251 -38.69 51.74 24.24
CA GLY D 251 -37.40 51.26 23.73
C GLY D 251 -36.97 49.99 24.45
N ALA D 252 -35.75 50.00 24.97
CA ALA D 252 -35.21 48.84 25.67
C ALA D 252 -35.60 48.84 27.16
N GLY D 253 -36.90 48.82 27.42
CA GLY D 253 -37.43 48.81 28.79
C GLY D 253 -37.11 50.05 29.62
N SER D 254 -37.03 51.20 28.96
CA SER D 254 -36.69 52.46 29.64
C SER D 254 -37.85 52.99 30.48
N VAL D 255 -37.54 53.41 31.70
CA VAL D 255 -38.54 53.94 32.62
C VAL D 255 -38.47 55.47 32.71
N SER D 256 -39.62 56.10 32.94
CA SER D 256 -39.68 57.55 33.14
C SER D 256 -39.52 57.80 34.63
N LYS D 257 -39.60 59.06 35.05
CA LYS D 257 -39.53 59.40 36.47
C LYS D 257 -40.61 58.66 37.23
N ARG D 258 -41.81 58.63 36.66
CA ARG D 258 -42.97 58.00 37.26
C ARG D 258 -42.91 56.47 37.24
N GLY D 259 -42.40 55.91 36.14
CA GLY D 259 -42.26 54.47 36.00
C GLY D 259 -41.19 53.92 36.94
N ASP D 260 -40.13 54.70 37.12
CA ASP D 260 -39.03 54.33 38.01
C ASP D 260 -39.51 54.29 39.46
N ALA D 261 -40.37 55.24 39.83
CA ALA D 261 -40.90 55.32 41.18
C ALA D 261 -41.94 54.23 41.46
N GLY D 262 -42.74 53.90 40.45
CA GLY D 262 -43.76 52.86 40.57
C GLY D 262 -43.16 51.48 40.74
N ILE D 263 -42.14 51.18 39.94
CA ILE D 263 -41.45 49.89 40.00
C ILE D 263 -40.74 49.66 41.33
N ARG D 264 -40.06 50.69 41.83
CA ARG D 264 -39.34 50.60 43.11
C ARG D 264 -40.34 50.44 44.25
N LYS D 265 -41.50 51.07 44.10
CA LYS D 265 -42.54 51.00 45.11
C LYS D 265 -43.08 49.57 45.15
N ALA D 266 -43.24 48.95 43.99
CA ALA D 266 -43.73 47.57 43.90
C ALA D 266 -42.70 46.59 44.47
N GLU D 267 -41.43 46.84 44.20
CA GLU D 267 -40.35 45.98 44.70
C GLU D 267 -40.25 46.01 46.23
N SER D 268 -40.57 47.16 46.82
CA SER D 268 -40.53 47.31 48.27
C SER D 268 -41.61 46.46 48.94
N LYS D 269 -42.62 46.09 48.17
CA LYS D 269 -43.73 45.28 48.65
C LYS D 269 -43.51 43.79 48.33
N GLY D 270 -42.31 43.47 47.85
CA GLY D 270 -41.97 42.08 47.51
C GLY D 270 -42.51 41.62 46.17
N ILE D 271 -42.85 42.58 45.31
CA ILE D 271 -43.36 42.28 43.98
C ILE D 271 -42.20 42.23 42.99
N VAL D 272 -42.13 41.16 42.21
CA VAL D 272 -41.06 41.00 41.20
C VAL D 272 -41.45 41.72 39.92
N VAL D 273 -40.62 42.66 39.48
CA VAL D 273 -40.90 43.42 38.27
C VAL D 273 -39.89 43.12 37.17
N VAL D 274 -40.39 42.83 35.97
CA VAL D 274 -39.56 42.54 34.82
C VAL D 274 -39.76 43.59 33.73
N ARG D 275 -38.68 44.25 33.32
CA ARG D 275 -38.74 45.27 32.27
C ARG D 275 -38.70 44.65 30.87
N SER D 276 -39.82 44.72 30.16
CA SER D 276 -39.90 44.21 28.79
C SER D 276 -39.91 45.37 27.82
N SER D 277 -40.48 45.19 26.64
CA SER D 277 -40.48 46.25 25.62
C SER D 277 -41.74 46.34 24.78
N ARG D 278 -42.14 47.56 24.44
CA ARG D 278 -43.32 47.80 23.61
C ARG D 278 -42.97 47.81 22.12
N THR D 279 -41.68 47.72 21.82
CA THR D 279 -41.19 47.77 20.44
C THR D 279 -41.70 46.63 19.56
N GLY D 280 -41.75 45.43 20.11
CA GLY D 280 -42.23 44.26 19.36
C GLY D 280 -41.17 43.20 19.15
N SER D 281 -39.90 43.56 19.39
CA SER D 281 -38.79 42.63 19.24
C SER D 281 -37.53 43.22 19.87
N GLY D 282 -36.49 42.40 20.00
CA GLY D 282 -35.22 42.86 20.51
C GLY D 282 -34.88 42.50 21.94
N ILE D 283 -33.64 42.78 22.31
CA ILE D 283 -33.11 42.48 23.63
C ILE D 283 -33.17 43.68 24.56
N VAL D 284 -33.71 43.48 25.76
CA VAL D 284 -33.66 44.50 26.81
C VAL D 284 -32.44 44.12 27.65
N PRO D 285 -31.36 44.90 27.55
CA PRO D 285 -30.12 44.58 28.24
C PRO D 285 -30.18 44.85 29.73
N PRO D 286 -29.31 44.19 30.51
CA PRO D 286 -29.26 44.47 31.95
C PRO D 286 -28.79 45.90 32.17
N ASP D 287 -29.22 46.51 33.26
CA ASP D 287 -28.84 47.88 33.58
C ASP D 287 -28.89 48.10 35.10
N ALA D 288 -27.72 48.31 35.69
CA ALA D 288 -27.61 48.53 37.14
C ALA D 288 -28.15 49.90 37.56
N GLY D 289 -28.51 50.72 36.58
CA GLY D 289 -29.02 52.06 36.84
C GLY D 289 -30.53 52.11 36.86
N GLN D 290 -31.17 51.03 36.41
CA GLN D 290 -32.64 50.97 36.39
C GLN D 290 -33.16 49.85 37.30
N PRO D 291 -34.38 50.03 37.84
CA PRO D 291 -34.96 49.03 38.73
C PRO D 291 -35.58 47.86 37.97
N GLY D 292 -35.89 46.78 38.67
CA GLY D 292 -36.49 45.60 38.06
C GLY D 292 -35.52 44.72 37.28
N LEU D 293 -35.97 43.51 36.97
CA LEU D 293 -35.19 42.57 36.18
C LEU D 293 -35.41 42.88 34.70
N VAL D 294 -34.70 42.18 33.81
CA VAL D 294 -34.86 42.39 32.36
C VAL D 294 -35.44 41.17 31.65
N ALA D 295 -36.19 41.42 30.58
CA ALA D 295 -36.91 40.36 29.86
C ALA D 295 -36.17 39.64 28.74
N ASP D 296 -34.88 39.94 28.55
CA ASP D 296 -34.11 39.33 27.48
C ASP D 296 -34.84 39.69 26.18
N SER D 297 -35.24 38.70 25.38
CA SER D 297 -35.96 38.99 24.12
C SER D 297 -37.46 38.65 24.20
N LEU D 298 -37.92 38.33 25.41
CA LEU D 298 -39.32 38.00 25.62
C LEU D 298 -40.23 39.22 25.56
N SER D 299 -41.36 39.07 24.87
CA SER D 299 -42.34 40.15 24.73
C SER D 299 -43.09 40.32 26.05
N PRO D 300 -43.82 41.45 26.21
CA PRO D 300 -44.61 41.68 27.42
C PRO D 300 -45.57 40.51 27.70
N ALA D 301 -46.24 40.02 26.66
CA ALA D 301 -47.19 38.91 26.79
C ALA D 301 -46.51 37.65 27.31
N LYS D 302 -45.42 37.25 26.68
CA LYS D 302 -44.67 36.06 27.07
C LYS D 302 -43.91 36.23 28.39
N SER D 303 -43.47 37.45 28.67
CA SER D 303 -42.78 37.73 29.93
C SER D 303 -43.69 37.48 31.11
N ARG D 304 -44.95 37.88 30.98
CA ARG D 304 -45.93 37.67 32.02
C ARG D 304 -46.13 36.19 32.31
N ILE D 305 -46.19 35.38 31.25
CA ILE D 305 -46.35 33.93 31.39
C ILE D 305 -45.18 33.30 32.13
N LEU D 306 -43.96 33.69 31.78
CA LEU D 306 -42.76 33.15 32.44
C LEU D 306 -42.67 33.59 33.90
N LEU D 307 -42.96 34.87 34.15
CA LEU D 307 -42.92 35.41 35.50
C LEU D 307 -43.94 34.70 36.40
N MET D 308 -45.14 34.50 35.87
CA MET D 308 -46.21 33.81 36.58
C MET D 308 -45.79 32.40 36.99
N LEU D 309 -45.18 31.68 36.06
CA LEU D 309 -44.72 30.31 36.32
C LEU D 309 -43.51 30.27 37.26
N ALA D 310 -42.63 31.26 37.11
CA ALA D 310 -41.44 31.35 37.95
C ALA D 310 -41.81 31.62 39.40
N LEU D 311 -42.91 32.36 39.58
CA LEU D 311 -43.38 32.71 40.92
C LEU D 311 -43.97 31.56 41.72
N THR D 312 -44.17 30.42 41.05
CA THR D 312 -44.69 29.23 41.72
C THR D 312 -43.52 28.48 42.35
N LYS D 313 -42.31 28.86 41.97
CA LYS D 313 -41.10 28.21 42.46
C LYS D 313 -40.25 29.08 43.39
N THR D 314 -40.11 30.36 43.05
CA THR D 314 -39.25 31.26 43.83
C THR D 314 -39.59 32.74 43.69
N THR D 315 -38.97 33.55 44.56
CA THR D 315 -39.12 34.99 44.53
C THR D 315 -37.74 35.63 44.42
N ASN D 316 -36.71 34.78 44.40
CA ASN D 316 -35.31 35.20 44.27
C ASN D 316 -35.07 35.85 42.90
N PRO D 317 -34.73 37.15 42.90
CA PRO D 317 -34.52 37.92 41.67
C PRO D 317 -33.43 37.36 40.76
N ALA D 318 -32.37 36.80 41.35
CA ALA D 318 -31.27 36.24 40.59
C ALA D 318 -31.70 34.98 39.82
N VAL D 319 -32.42 34.10 40.51
CA VAL D 319 -32.91 32.86 39.90
C VAL D 319 -33.92 33.18 38.78
N ILE D 320 -34.82 34.12 39.06
CA ILE D 320 -35.82 34.52 38.07
C ILE D 320 -35.17 35.16 36.86
N GLN D 321 -34.17 36.02 37.10
CA GLN D 321 -33.45 36.65 36.02
C GLN D 321 -32.79 35.58 35.14
N ASP D 322 -32.24 34.55 35.78
CA ASP D 322 -31.63 33.43 35.07
C ASP D 322 -32.63 32.68 34.20
N TYR D 323 -33.88 32.60 34.66
CA TYR D 323 -34.93 31.95 33.86
C TYR D 323 -35.16 32.73 32.58
N PHE D 324 -35.15 34.06 32.69
CA PHE D 324 -35.37 34.94 31.55
C PHE D 324 -34.32 34.87 30.44
N HIS D 325 -33.09 34.49 30.80
CA HIS D 325 -32.03 34.36 29.80
C HIS D 325 -31.93 32.93 29.26
N ALA D 326 -32.60 31.99 29.92
CA ALA D 326 -32.53 30.58 29.54
C ALA D 326 -33.78 30.02 28.86
N TYR D 327 -34.95 30.52 29.26
CA TYR D 327 -36.22 30.04 28.72
C TYR D 327 -36.82 30.89 27.60
N ASN E 3 25.10 2.36 6.44
CA ASN E 3 24.27 3.49 6.95
C ASN E 3 22.81 3.03 7.16
N LEU E 4 22.04 3.82 7.90
CA LEU E 4 20.64 3.49 8.19
C LEU E 4 19.70 3.80 7.02
N PRO E 5 18.65 2.98 6.85
CA PRO E 5 17.66 3.18 5.79
C PRO E 5 16.84 4.46 5.97
N ASN E 6 16.20 4.91 4.89
CA ASN E 6 15.36 6.10 4.93
C ASN E 6 13.89 5.71 4.83
N ILE E 7 13.14 5.93 5.91
CA ILE E 7 11.71 5.61 5.95
C ILE E 7 10.85 6.86 6.07
N VAL E 8 9.78 6.91 5.30
CA VAL E 8 8.85 8.02 5.36
C VAL E 8 7.55 7.56 6.01
N ILE E 9 7.12 8.27 7.05
CA ILE E 9 5.88 7.95 7.74
C ILE E 9 4.75 8.86 7.25
N LEU E 10 3.74 8.26 6.62
CA LEU E 10 2.59 9.01 6.11
C LEU E 10 1.40 8.86 7.05
N ALA E 11 0.85 9.98 7.50
CA ALA E 11 -0.28 9.96 8.42
C ALA E 11 -1.61 10.22 7.72
N THR E 12 -2.63 9.43 8.07
CA THR E 12 -3.96 9.59 7.49
C THR E 12 -4.98 9.82 8.59
N GLY E 13 -4.62 9.41 9.81
CA GLY E 13 -5.51 9.54 10.97
C GLY E 13 -5.34 8.37 11.93
N GLY E 14 -6.39 8.13 12.73
CA GLY E 14 -6.34 7.04 13.71
C GLY E 14 -5.97 7.54 15.09
N THR E 15 -6.22 6.72 16.11
CA THR E 15 -5.93 7.10 17.50
C THR E 15 -4.45 6.98 17.86
N ILE E 16 -3.66 6.42 16.94
CA ILE E 16 -2.23 6.26 17.17
C ILE E 16 -1.51 7.63 17.20
N ALA E 17 -2.25 8.67 16.82
CA ALA E 17 -1.73 10.03 16.81
C ALA E 17 -2.43 10.89 17.88
N GLY E 35 -0.86 15.34 15.45
CA GLY E 35 0.22 15.55 14.50
C GLY E 35 1.10 14.32 14.34
N VAL E 36 1.68 14.17 13.14
CA VAL E 36 2.55 13.04 12.84
C VAL E 36 3.91 13.20 13.54
N GLU E 37 4.22 14.43 13.92
CA GLU E 37 5.49 14.74 14.59
C GLU E 37 5.47 14.29 16.05
N THR E 38 4.26 14.19 16.61
CA THR E 38 4.08 13.82 18.01
C THR E 38 4.45 12.37 18.33
N LEU E 39 3.88 11.42 17.60
CA LEU E 39 4.15 9.99 17.83
C LEU E 39 5.59 9.58 17.55
N ILE E 40 6.25 10.26 16.62
CA ILE E 40 7.64 9.98 16.29
C ILE E 40 8.54 10.27 17.49
N GLN E 41 8.34 11.44 18.11
CA GLN E 41 9.14 11.86 19.26
C GLN E 41 8.79 11.06 20.53
N ALA E 42 7.62 10.43 20.53
CA ALA E 42 7.18 9.62 21.67
C ALA E 42 7.96 8.31 21.73
N VAL E 43 8.50 7.90 20.59
CA VAL E 43 9.28 6.66 20.50
C VAL E 43 10.69 6.98 20.03
N PRO E 44 11.61 7.24 20.98
CA PRO E 44 13.01 7.57 20.66
C PRO E 44 13.80 6.37 20.14
N GLU E 45 13.23 5.16 20.29
CA GLU E 45 13.90 3.94 19.84
C GLU E 45 13.95 3.80 18.31
N LEU E 46 13.17 4.64 17.62
CA LEU E 46 13.12 4.61 16.15
C LEU E 46 14.43 5.07 15.51
N LYS E 47 15.20 5.87 16.25
CA LYS E 47 16.47 6.41 15.77
C LYS E 47 17.51 5.33 15.46
N THR E 48 17.33 4.15 16.05
CA THR E 48 18.25 3.03 15.83
C THR E 48 17.86 2.20 14.61
N LEU E 49 16.63 2.38 14.13
CA LEU E 49 16.13 1.63 13.00
C LEU E 49 16.38 2.31 11.65
N ALA E 50 16.04 3.60 11.56
CA ALA E 50 16.18 4.32 10.30
C ALA E 50 16.16 5.84 10.47
N ASN E 51 16.34 6.54 9.35
CA ASN E 51 16.24 7.99 9.29
C ASN E 51 14.77 8.30 8.99
N ILE E 52 14.05 8.77 9.98
CA ILE E 52 12.62 9.01 9.86
C ILE E 52 12.23 10.37 9.27
N LYS E 53 11.30 10.34 8.32
CA LYS E 53 10.78 11.55 7.68
C LYS E 53 9.26 11.51 7.89
N GLY E 54 8.68 12.63 8.31
CA GLY E 54 7.24 12.69 8.57
C GLY E 54 6.43 13.50 7.56
N GLU E 55 5.21 13.05 7.29
CA GLU E 55 4.33 13.71 6.34
C GLU E 55 2.86 13.36 6.62
N GLN E 56 1.97 14.33 6.49
CA GLN E 56 0.55 14.13 6.73
C GLN E 56 -0.27 14.21 5.44
N VAL E 57 -0.97 13.12 5.14
CA VAL E 57 -1.81 13.03 3.94
C VAL E 57 -3.25 13.41 4.29
N ALA E 58 -3.70 12.95 5.45
CA ALA E 58 -5.05 13.21 5.93
C ALA E 58 -5.08 13.17 7.46
N SER E 59 -6.22 13.52 8.04
CA SER E 59 -6.39 13.50 9.48
C SER E 59 -7.85 13.19 9.82
N ILE E 60 -8.24 11.94 9.60
CA ILE E 60 -9.61 11.49 9.85
C ILE E 60 -9.65 10.11 10.47
N GLY E 61 -10.74 9.81 11.17
CA GLY E 61 -10.93 8.48 11.73
C GLY E 61 -11.13 7.54 10.55
N SER E 62 -10.59 6.33 10.65
CA SER E 62 -10.69 5.37 9.54
C SER E 62 -12.13 5.04 9.14
N GLU E 63 -13.09 5.28 10.03
CA GLU E 63 -14.49 5.04 9.71
C GLU E 63 -14.96 6.04 8.63
N ASN E 64 -14.20 7.12 8.48
CA ASN E 64 -14.49 8.14 7.49
C ASN E 64 -13.53 8.14 6.30
N MET E 65 -12.65 7.15 6.24
CA MET E 65 -11.73 7.02 5.12
C MET E 65 -12.54 6.79 3.86
N THR E 66 -12.22 7.56 2.81
CA THR E 66 -12.96 7.48 1.57
C THR E 66 -12.10 7.02 0.39
N SER E 67 -12.77 6.64 -0.69
CA SER E 67 -12.12 6.15 -1.89
C SER E 67 -11.20 7.19 -2.54
N ASP E 68 -11.61 8.46 -2.50
CA ASP E 68 -10.82 9.55 -3.09
C ASP E 68 -9.52 9.83 -2.32
N VAL E 69 -9.54 9.57 -1.02
CA VAL E 69 -8.35 9.75 -0.19
C VAL E 69 -7.38 8.59 -0.41
N LEU E 70 -7.93 7.40 -0.66
CA LEU E 70 -7.11 6.23 -0.97
C LEU E 70 -6.39 6.41 -2.30
N LEU E 71 -7.00 7.22 -3.19
CA LEU E 71 -6.37 7.55 -4.47
C LEU E 71 -5.21 8.50 -4.22
N THR E 72 -5.43 9.51 -3.38
CA THR E 72 -4.40 10.48 -3.04
C THR E 72 -3.23 9.79 -2.33
N LEU E 73 -3.55 8.94 -1.37
CA LEU E 73 -2.55 8.19 -0.61
C LEU E 73 -1.72 7.30 -1.53
N SER E 74 -2.40 6.51 -2.36
CA SER E 74 -1.74 5.60 -3.29
C SER E 74 -0.81 6.30 -4.26
N LYS E 75 -1.27 7.41 -4.83
CA LYS E 75 -0.46 8.18 -5.77
C LYS E 75 0.78 8.76 -5.09
N ARG E 76 0.63 9.13 -3.82
CA ARG E 76 1.74 9.67 -3.04
C ARG E 76 2.75 8.59 -2.67
N VAL E 77 2.26 7.40 -2.34
CA VAL E 77 3.13 6.27 -1.99
C VAL E 77 4.01 5.88 -3.17
N ASN E 78 3.41 5.75 -4.35
CA ASN E 78 4.14 5.40 -5.57
C ASN E 78 5.19 6.46 -5.93
N GLU E 79 4.86 7.72 -5.67
CA GLU E 79 5.74 8.84 -5.94
C GLU E 79 6.99 8.77 -5.07
N LEU E 80 6.79 8.43 -3.79
CA LEU E 80 7.89 8.31 -2.84
C LEU E 80 8.77 7.08 -3.08
N LEU E 81 8.14 5.94 -3.35
CA LEU E 81 8.88 4.69 -3.58
C LEU E 81 9.72 4.67 -4.85
N ALA E 82 9.43 5.59 -5.78
CA ALA E 82 10.19 5.69 -7.01
C ALA E 82 11.52 6.42 -6.76
N ARG E 83 11.59 7.12 -5.64
CA ARG E 83 12.79 7.87 -5.27
C ARG E 83 13.86 6.94 -4.70
N SER E 84 15.12 7.27 -4.95
CA SER E 84 16.24 6.47 -4.46
C SER E 84 16.53 6.73 -2.99
N ASP E 85 16.02 7.86 -2.48
CA ASP E 85 16.22 8.23 -1.08
C ASP E 85 15.10 7.76 -0.15
N VAL E 86 14.29 6.82 -0.64
CA VAL E 86 13.19 6.25 0.15
C VAL E 86 13.24 4.72 0.02
N ASP E 87 13.40 4.04 1.16
CA ASP E 87 13.49 2.59 1.18
C ASP E 87 12.17 1.90 1.52
N GLY E 88 11.29 2.60 2.23
CA GLY E 88 10.00 2.05 2.62
C GLY E 88 9.06 3.10 3.15
N VAL E 89 7.80 2.74 3.32
CA VAL E 89 6.79 3.67 3.83
C VAL E 89 5.92 3.03 4.92
N VAL E 90 5.75 3.76 6.01
CA VAL E 90 4.88 3.33 7.10
C VAL E 90 3.66 4.24 7.10
N ILE E 91 2.47 3.64 7.08
CA ILE E 91 1.24 4.42 7.06
C ILE E 91 0.44 4.25 8.33
N THR E 92 0.30 5.35 9.09
CA THR E 92 -0.49 5.33 10.31
C THR E 92 -1.95 5.49 9.90
N HIS E 93 -2.80 4.60 10.39
CA HIS E 93 -4.19 4.54 9.96
C HIS E 93 -5.06 4.07 11.15
N GLY E 94 -6.37 4.28 11.07
CA GLY E 94 -7.26 3.82 12.11
C GLY E 94 -7.50 2.33 11.94
N THR E 95 -8.06 1.68 12.97
CA THR E 95 -8.30 0.25 12.93
C THR E 95 -9.64 -0.13 12.30
N ASP E 96 -10.60 0.77 12.39
CA ASP E 96 -11.96 0.53 11.88
C ASP E 96 -12.08 0.09 10.43
N THR E 97 -11.28 0.69 9.53
CA THR E 97 -11.30 0.28 8.13
C THR E 97 -9.93 -0.13 7.62
N LEU E 98 -9.17 -0.78 8.50
CA LEU E 98 -7.85 -1.26 8.14
C LEU E 98 -8.00 -2.54 7.32
N ASP E 99 -9.25 -2.96 7.11
CA ASP E 99 -9.55 -4.10 6.27
C ASP E 99 -9.44 -3.68 4.82
N GLU E 100 -10.03 -2.51 4.51
CA GLU E 100 -10.04 -1.97 3.15
C GLU E 100 -8.70 -1.40 2.69
N SER E 101 -8.30 -0.29 3.30
CA SER E 101 -7.09 0.48 2.95
C SER E 101 -5.84 -0.28 2.50
N PRO E 102 -5.30 -1.16 3.38
CA PRO E 102 -4.10 -1.89 2.99
C PRO E 102 -4.26 -2.69 1.70
N TYR E 103 -5.41 -3.34 1.53
CA TYR E 103 -5.67 -4.14 0.34
C TYR E 103 -5.76 -3.27 -0.92
N PHE E 104 -6.25 -2.04 -0.75
CA PHE E 104 -6.35 -1.10 -1.87
C PHE E 104 -4.96 -0.86 -2.44
N LEU E 105 -4.00 -0.57 -1.55
CA LEU E 105 -2.62 -0.33 -1.97
C LEU E 105 -1.91 -1.61 -2.40
N ASN E 106 -2.38 -2.75 -1.91
CA ASN E 106 -1.79 -4.03 -2.29
C ASN E 106 -2.00 -4.22 -3.79
N LEU E 107 -3.04 -3.58 -4.31
CA LEU E 107 -3.38 -3.66 -5.72
C LEU E 107 -2.86 -2.49 -6.54
N THR E 108 -2.67 -1.33 -5.90
CA THR E 108 -2.24 -0.12 -6.62
C THR E 108 -0.77 0.29 -6.50
N VAL E 109 -0.03 -0.34 -5.59
CA VAL E 109 1.40 -0.01 -5.40
C VAL E 109 2.26 -0.63 -6.51
N LYS E 110 3.01 0.21 -7.21
CA LYS E 110 3.84 -0.24 -8.33
C LYS E 110 5.30 -0.45 -7.94
N SER E 111 5.53 -0.93 -6.72
CA SER E 111 6.89 -1.13 -6.23
C SER E 111 7.02 -2.29 -5.27
N ASP E 112 8.21 -2.90 -5.24
CA ASP E 112 8.48 -4.02 -4.34
CA ASP E 112 8.49 -4.02 -4.32
C ASP E 112 8.92 -3.54 -2.95
N LYS E 113 9.18 -2.24 -2.82
CA LYS E 113 9.58 -1.66 -1.53
C LYS E 113 8.41 -1.81 -0.55
N PRO E 114 8.72 -2.09 0.73
CA PRO E 114 7.69 -2.35 1.73
C PRO E 114 6.79 -1.16 2.05
N VAL E 115 5.48 -1.42 2.05
CA VAL E 115 4.48 -0.43 2.45
C VAL E 115 3.80 -1.05 3.66
N VAL E 116 4.07 -0.49 4.84
CA VAL E 116 3.59 -1.06 6.08
C VAL E 116 2.58 -0.22 6.84
N PHE E 117 1.34 -0.69 6.89
CA PHE E 117 0.29 -0.02 7.65
C PHE E 117 0.44 -0.32 9.12
N VAL E 118 0.19 0.68 9.96
CA VAL E 118 0.28 0.51 11.40
C VAL E 118 -0.88 1.24 12.07
N ALA E 119 -1.36 0.66 13.17
CA ALA E 119 -2.48 1.23 13.90
C ALA E 119 -2.36 0.92 15.38
N ALA E 120 -3.36 1.38 16.14
CA ALA E 120 -3.38 1.16 17.57
C ALA E 120 -4.82 1.00 18.04
N MET E 121 -5.06 0.01 18.90
CA MET E 121 -6.40 -0.23 19.45
C MET E 121 -6.69 0.65 20.67
N ARG E 122 -5.63 1.10 21.31
CA ARG E 122 -5.75 1.97 22.48
C ARG E 122 -5.21 3.36 22.16
N PRO E 123 -5.88 4.41 22.67
CA PRO E 123 -5.40 5.79 22.47
C PRO E 123 -4.01 5.99 23.06
N ALA E 124 -3.29 6.98 22.55
CA ALA E 124 -1.91 7.26 22.99
C ALA E 124 -1.80 7.60 24.48
N THR E 125 -2.90 8.03 25.08
CA THR E 125 -2.91 8.41 26.49
C THR E 125 -3.38 7.30 27.42
N ALA E 126 -3.82 6.18 26.85
CA ALA E 126 -4.31 5.06 27.65
C ALA E 126 -3.20 4.28 28.34
N ILE E 127 -3.57 3.56 29.39
CA ILE E 127 -2.64 2.72 30.13
C ILE E 127 -2.20 1.57 29.21
N SER E 128 -0.89 1.38 29.10
CA SER E 128 -0.32 0.33 28.22
C SER E 128 -0.74 0.50 26.76
N ALA E 129 -0.62 1.73 26.26
CA ALA E 129 -0.98 2.04 24.88
C ALA E 129 -0.14 1.21 23.92
N ASP E 130 -0.81 0.58 22.94
CA ASP E 130 -0.12 -0.30 21.99
C ASP E 130 0.59 0.43 20.84
N GLY E 131 0.21 1.68 20.61
CA GLY E 131 0.80 2.49 19.53
C GLY E 131 2.31 2.47 19.41
N PRO E 132 3.02 2.88 20.48
CA PRO E 132 4.49 2.93 20.48
C PRO E 132 5.20 1.66 20.01
N MET E 133 4.80 0.49 20.51
CA MET E 133 5.44 -0.75 20.09
C MET E 133 5.06 -1.14 18.66
N ASN E 134 3.79 -0.93 18.31
CA ASN E 134 3.33 -1.21 16.95
C ASN E 134 4.09 -0.40 15.92
N LEU E 135 4.30 0.89 16.23
CA LEU E 135 5.04 1.78 15.34
C LEU E 135 6.49 1.33 15.21
N TYR E 136 7.09 0.94 16.32
CA TYR E 136 8.45 0.44 16.32
C TYR E 136 8.57 -0.77 15.41
N GLY E 137 7.62 -1.69 15.54
CA GLY E 137 7.58 -2.90 14.73
C GLY E 137 7.40 -2.57 13.27
N ALA E 138 6.48 -1.65 12.97
CA ALA E 138 6.21 -1.22 11.61
C ALA E 138 7.44 -0.67 10.92
N VAL E 139 8.11 0.28 11.57
CA VAL E 139 9.32 0.90 11.03
C VAL E 139 10.43 -0.14 10.84
N LYS E 140 10.57 -1.05 11.80
CA LYS E 140 11.57 -2.11 11.72
C LYS E 140 11.35 -2.96 10.48
N VAL E 141 10.09 -3.30 10.22
CA VAL E 141 9.70 -4.10 9.06
C VAL E 141 9.96 -3.34 7.76
N ALA E 142 9.54 -2.07 7.72
CA ALA E 142 9.75 -1.23 6.55
C ALA E 142 11.23 -1.01 6.26
N ALA E 143 12.04 -0.96 7.32
CA ALA E 143 13.48 -0.73 7.20
C ALA E 143 14.26 -1.98 6.81
N ASP E 144 13.61 -3.14 6.90
CA ASP E 144 14.26 -4.41 6.56
C ASP E 144 14.06 -4.67 5.07
N LYS E 145 15.17 -4.86 4.35
CA LYS E 145 15.09 -5.10 2.92
C LYS E 145 14.53 -6.48 2.55
N ASN E 146 14.50 -7.39 3.51
CA ASN E 146 13.95 -8.74 3.30
C ASN E 146 12.42 -8.68 3.29
N SER E 147 11.88 -7.51 3.62
CA SER E 147 10.43 -7.30 3.62
C SER E 147 9.89 -6.95 2.23
N ARG E 148 10.79 -6.72 1.29
CA ARG E 148 10.41 -6.37 -0.09
C ARG E 148 9.72 -7.52 -0.82
N GLY E 149 8.90 -7.17 -1.81
CA GLY E 149 8.21 -8.13 -2.66
C GLY E 149 7.26 -9.10 -1.97
N ARG E 150 6.71 -8.69 -0.83
CA ARG E 150 5.79 -9.53 -0.08
C ARG E 150 4.38 -8.96 -0.06
N GLY E 151 4.15 -7.89 -0.82
CA GLY E 151 2.86 -7.22 -0.84
C GLY E 151 2.73 -6.27 0.32
N VAL E 152 1.59 -5.58 0.42
CA VAL E 152 1.36 -4.64 1.51
C VAL E 152 1.21 -5.37 2.84
N LEU E 153 1.86 -4.85 3.87
CA LEU E 153 1.87 -5.47 5.19
C LEU E 153 1.10 -4.64 6.21
N VAL E 154 0.61 -5.32 7.25
CA VAL E 154 -0.13 -4.67 8.33
C VAL E 154 0.47 -5.14 9.65
N VAL E 155 1.01 -4.20 10.42
CA VAL E 155 1.68 -4.54 11.67
C VAL E 155 1.05 -4.02 12.96
N LEU E 156 0.57 -4.95 13.78
CA LEU E 156 0.02 -4.68 15.12
C LEU E 156 0.20 -5.92 15.98
N ASN E 157 0.41 -5.71 17.27
CA ASN E 157 0.54 -6.79 18.25
C ASN E 157 1.62 -7.82 17.92
N ASP E 158 2.79 -7.33 17.46
CA ASP E 158 3.94 -8.18 17.10
C ASP E 158 3.72 -9.10 15.90
N ARG E 159 2.64 -8.86 15.14
CA ARG E 159 2.34 -9.69 13.98
C ARG E 159 2.52 -8.92 12.68
N ILE E 160 2.94 -9.63 11.63
CA ILE E 160 3.06 -9.05 10.30
C ILE E 160 2.06 -9.79 9.41
N GLY E 161 0.94 -9.14 9.11
CA GLY E 161 -0.11 -9.77 8.32
C GLY E 161 -0.19 -9.26 6.90
N SER E 162 -0.85 -10.04 6.04
CA SER E 162 -1.02 -9.66 4.63
C SER E 162 -2.30 -8.87 4.44
N ALA E 163 -2.22 -7.81 3.63
CA ALA E 163 -3.36 -6.97 3.30
C ALA E 163 -4.49 -7.80 2.66
N ARG E 164 -4.11 -8.88 1.99
CA ARG E 164 -5.04 -9.78 1.32
C ARG E 164 -5.86 -10.65 2.29
N PHE E 165 -5.31 -10.95 3.46
CA PHE E 165 -5.99 -11.83 4.41
C PHE E 165 -6.40 -11.20 5.75
N ILE E 166 -5.55 -10.33 6.29
CA ILE E 166 -5.77 -9.74 7.62
C ILE E 166 -7.04 -8.86 7.72
N SER E 167 -7.73 -8.96 8.85
CA SER E 167 -8.93 -8.17 9.11
C SER E 167 -9.12 -8.00 10.61
N LYS E 168 -9.96 -7.05 10.98
CA LYS E 168 -10.28 -6.81 12.38
C LYS E 168 -11.35 -7.83 12.76
N THR E 169 -10.95 -8.86 13.50
CA THR E 169 -11.85 -9.96 13.88
C THR E 169 -12.60 -9.72 15.18
N ASN E 170 -12.11 -8.79 15.98
CA ASN E 170 -12.75 -8.43 17.24
C ASN E 170 -12.94 -6.92 17.28
N ALA E 171 -14.05 -6.48 17.89
CA ALA E 171 -14.39 -5.08 17.95
C ALA E 171 -13.49 -4.20 18.82
N SER E 172 -12.96 -4.75 19.92
CA SER E 172 -12.22 -3.91 20.88
C SER E 172 -10.92 -4.43 21.50
N THR E 173 -10.45 -5.60 21.07
CA THR E 173 -9.23 -6.18 21.67
C THR E 173 -7.94 -5.83 20.92
N LEU E 174 -6.81 -5.90 21.62
CA LEU E 174 -5.49 -5.58 21.02
C LEU E 174 -5.07 -6.56 19.93
N ASP E 175 -5.43 -7.83 20.09
CA ASP E 175 -5.07 -8.87 19.15
C ASP E 175 -6.11 -9.08 18.07
N THR E 176 -6.98 -8.08 17.88
CA THR E 176 -8.08 -8.17 16.92
C THR E 176 -7.71 -8.58 15.48
N PHE E 177 -6.55 -8.12 14.99
CA PHE E 177 -6.14 -8.43 13.63
C PHE E 177 -5.59 -9.84 13.45
N LYS E 178 -6.42 -10.70 12.87
CA LYS E 178 -6.07 -12.10 12.64
C LYS E 178 -6.53 -12.53 11.25
N ALA E 179 -6.10 -13.74 10.86
CA ALA E 179 -6.49 -14.36 9.61
C ALA E 179 -6.53 -15.86 9.90
N PRO E 180 -7.63 -16.33 10.53
CA PRO E 180 -7.82 -17.72 10.97
C PRO E 180 -7.30 -18.78 10.00
N GLU E 181 -7.71 -18.69 8.74
CA GLU E 181 -7.33 -19.69 7.75
C GLU E 181 -5.96 -19.48 7.10
N GLU E 182 -5.43 -18.26 7.16
CA GLU E 182 -4.16 -17.95 6.51
C GLU E 182 -2.98 -17.59 7.44
N GLY E 183 -3.28 -17.26 8.68
CA GLY E 183 -2.24 -16.89 9.64
C GLY E 183 -1.52 -15.60 9.29
N TYR E 184 -0.29 -15.45 9.80
CA TYR E 184 0.51 -14.25 9.55
C TYR E 184 1.72 -14.56 8.66
N LEU E 185 2.14 -13.56 7.89
CA LEU E 185 3.31 -13.71 7.02
C LEU E 185 4.58 -13.81 7.86
N GLY E 186 4.57 -13.14 9.01
CA GLY E 186 5.70 -13.16 9.92
C GLY E 186 5.39 -12.56 11.27
N VAL E 187 6.33 -12.70 12.21
CA VAL E 187 6.17 -12.15 13.56
C VAL E 187 7.42 -11.40 14.00
N ILE E 188 7.24 -10.49 14.96
CA ILE E 188 8.34 -9.70 15.50
C ILE E 188 8.52 -10.05 16.97
N ILE E 189 9.52 -10.87 17.27
CA ILE E 189 9.78 -11.34 18.63
C ILE E 189 11.24 -11.08 19.06
N GLY E 190 11.41 -10.52 20.25
CA GLY E 190 12.75 -10.22 20.80
C GLY E 190 13.59 -9.32 19.92
N ASP E 191 12.93 -8.31 19.34
CA ASP E 191 13.58 -7.33 18.45
C ASP E 191 14.20 -7.99 17.21
N LYS E 192 13.55 -9.05 16.73
CA LYS E 192 13.97 -9.77 15.53
C LYS E 192 12.75 -10.12 14.69
N ILE E 193 12.90 -10.09 13.37
CA ILE E 193 11.81 -10.40 12.47
C ILE E 193 11.88 -11.86 11.99
N TYR E 194 10.75 -12.55 12.05
CA TYR E 194 10.68 -13.94 11.63
C TYR E 194 9.63 -14.15 10.54
N TYR E 195 10.07 -14.11 9.28
CA TYR E 195 9.17 -14.37 8.16
C TYR E 195 8.93 -15.86 8.00
N GLN E 196 7.67 -16.27 7.95
CA GLN E 196 7.31 -17.68 7.88
C GLN E 196 6.54 -18.07 6.61
N THR E 197 5.67 -17.20 6.14
CA THR E 197 4.89 -17.47 4.94
C THR E 197 4.94 -16.32 3.95
N ARG E 198 4.52 -16.59 2.72
CA ARG E 198 4.46 -15.60 1.65
C ARG E 198 3.10 -15.68 1.00
N LEU E 199 2.58 -14.53 0.57
CA LEU E 199 1.30 -14.46 -0.11
C LEU E 199 1.38 -15.12 -1.49
N ASP E 200 0.46 -16.04 -1.76
CA ASP E 200 0.42 -16.73 -3.05
C ASP E 200 -0.71 -16.17 -3.91
N LYS E 201 -0.67 -14.85 -4.11
CA LYS E 201 -1.64 -14.13 -4.93
C LYS E 201 -0.91 -13.03 -5.70
N VAL E 202 -1.55 -12.49 -6.74
CA VAL E 202 -0.97 -11.43 -7.53
C VAL E 202 -1.06 -10.12 -6.73
N HIS E 203 0.06 -9.40 -6.61
CA HIS E 203 0.08 -8.16 -5.85
C HIS E 203 1.13 -7.15 -6.33
N THR E 204 1.05 -5.95 -5.78
CA THR E 204 1.99 -4.85 -6.07
C THR E 204 2.54 -4.77 -7.50
N THR E 205 3.77 -5.27 -7.70
CA THR E 205 4.44 -5.21 -9.00
C THR E 205 3.81 -6.03 -10.14
N ARG E 206 3.12 -7.11 -9.78
CA ARG E 206 2.48 -7.96 -10.79
C ARG E 206 1.05 -7.54 -11.10
N SER E 207 0.50 -6.68 -10.24
CA SER E 207 -0.88 -6.21 -10.38
C SER E 207 -1.13 -5.35 -11.62
N VAL E 208 -2.32 -5.48 -12.20
CA VAL E 208 -2.67 -4.73 -13.40
C VAL E 208 -3.46 -3.47 -13.07
N PHE E 209 -3.74 -3.27 -11.78
CA PHE E 209 -4.55 -2.14 -11.34
C PHE E 209 -3.77 -0.86 -11.04
N ASP E 210 -3.48 -0.10 -12.09
CA ASP E 210 -2.78 1.17 -11.95
C ASP E 210 -3.79 2.30 -11.95
N VAL E 211 -3.82 3.08 -10.87
CA VAL E 211 -4.76 4.19 -10.76
C VAL E 211 -4.08 5.56 -10.77
N THR E 212 -2.86 5.61 -11.31
CA THR E 212 -2.08 6.84 -11.38
C THR E 212 -2.84 7.95 -12.14
N ASN E 213 -3.52 7.55 -13.21
CA ASN E 213 -4.25 8.50 -14.04
C ASN E 213 -5.77 8.43 -13.88
N VAL E 214 -6.22 8.05 -12.68
CA VAL E 214 -7.65 7.96 -12.38
C VAL E 214 -8.06 9.09 -11.44
N ASP E 215 -9.04 9.88 -11.86
CA ASP E 215 -9.52 11.01 -11.06
C ASP E 215 -10.62 10.64 -10.07
N LYS E 216 -11.48 9.70 -10.45
CA LYS E 216 -12.60 9.28 -9.61
CA LYS E 216 -12.59 9.28 -9.60
C LYS E 216 -12.91 7.80 -9.76
N LEU E 217 -13.05 7.11 -8.63
CA LEU E 217 -13.36 5.68 -8.64
C LEU E 217 -14.87 5.45 -8.62
N PRO E 218 -15.33 4.33 -9.23
CA PRO E 218 -16.75 4.00 -9.29
C PRO E 218 -17.34 3.72 -7.91
N ALA E 219 -18.64 3.97 -7.76
CA ALA E 219 -19.33 3.72 -6.49
C ALA E 219 -19.74 2.25 -6.39
N VAL E 220 -19.47 1.65 -5.22
CA VAL E 220 -19.81 0.25 -4.98
C VAL E 220 -20.46 0.10 -3.59
N ASP E 221 -21.63 -0.55 -3.54
CA ASP E 221 -22.33 -0.77 -2.28
C ASP E 221 -22.19 -2.18 -1.75
N ILE E 222 -22.38 -2.34 -0.44
CA ILE E 222 -22.36 -3.65 0.19
C ILE E 222 -23.71 -3.89 0.87
N ILE E 223 -24.42 -4.91 0.40
CA ILE E 223 -25.72 -5.25 0.96
C ILE E 223 -25.64 -6.56 1.75
N TYR E 224 -26.10 -6.51 2.99
CA TYR E 224 -26.02 -7.66 3.90
C TYR E 224 -27.07 -8.73 3.62
N GLY E 225 -26.74 -9.97 3.96
CA GLY E 225 -27.66 -11.11 3.76
C GLY E 225 -28.15 -11.64 5.09
N TYR E 226 -29.47 -11.71 5.24
CA TYR E 226 -30.08 -12.17 6.48
C TYR E 226 -31.53 -12.61 6.28
N GLN E 227 -32.14 -13.16 7.32
CA GLN E 227 -33.53 -13.58 7.26
C GLN E 227 -34.40 -12.35 7.02
N ASP E 228 -35.35 -12.46 6.10
CA ASP E 228 -36.28 -11.36 5.78
C ASP E 228 -35.59 -10.15 5.13
N ASP E 229 -34.47 -10.39 4.44
CA ASP E 229 -33.75 -9.30 3.78
C ASP E 229 -34.59 -8.64 2.69
N PRO E 230 -34.69 -7.31 2.72
CA PRO E 230 -35.49 -6.55 1.78
C PRO E 230 -34.89 -6.42 0.39
N GLU E 231 -35.76 -6.47 -0.62
CA GLU E 231 -35.36 -6.34 -2.00
C GLU E 231 -35.12 -4.87 -2.38
N TYR E 232 -35.75 -3.96 -1.63
CA TYR E 232 -35.64 -2.52 -1.90
C TYR E 232 -34.23 -1.94 -1.66
N MET E 233 -33.40 -2.66 -0.94
CA MET E 233 -32.01 -2.23 -0.69
C MET E 233 -31.28 -2.21 -2.02
N TYR E 234 -31.59 -3.18 -2.88
CA TYR E 234 -31.00 -3.27 -4.20
C TYR E 234 -31.55 -2.18 -5.11
N ASP E 235 -32.83 -1.85 -4.93
CA ASP E 235 -33.48 -0.78 -5.68
C ASP E 235 -32.83 0.57 -5.35
N ALA E 236 -32.44 0.74 -4.09
CA ALA E 236 -31.79 1.97 -3.64
C ALA E 236 -30.44 2.15 -4.30
N SER E 237 -29.68 1.06 -4.40
CA SER E 237 -28.37 1.08 -5.05
C SER E 237 -28.49 1.42 -6.52
N ILE E 238 -29.50 0.84 -7.18
CA ILE E 238 -29.74 1.09 -8.60
C ILE E 238 -30.09 2.55 -8.85
N LYS E 239 -31.05 3.07 -8.07
CA LYS E 239 -31.51 4.44 -8.21
C LYS E 239 -30.38 5.46 -8.04
N HIS E 240 -29.44 5.15 -7.17
CA HIS E 240 -28.34 6.06 -6.88
C HIS E 240 -27.07 5.83 -7.70
N GLY E 241 -27.22 5.05 -8.77
CA GLY E 241 -26.15 4.83 -9.75
C GLY E 241 -24.84 4.19 -9.33
N VAL E 242 -24.90 3.08 -8.60
CA VAL E 242 -23.68 2.35 -8.25
C VAL E 242 -23.27 1.52 -9.48
N LYS E 243 -21.99 1.22 -9.59
CA LYS E 243 -21.50 0.43 -10.72
C LYS E 243 -21.28 -1.02 -10.30
N GLY E 244 -21.29 -1.25 -8.99
CA GLY E 244 -21.09 -2.59 -8.45
C GLY E 244 -21.75 -2.80 -7.09
N ILE E 245 -22.06 -4.05 -6.79
CA ILE E 245 -22.66 -4.41 -5.50
C ILE E 245 -22.02 -5.67 -4.94
N VAL E 246 -21.55 -5.60 -3.71
CA VAL E 246 -21.00 -6.77 -3.04
C VAL E 246 -22.04 -7.30 -2.06
N TYR E 247 -22.42 -8.56 -2.23
CA TYR E 247 -23.41 -9.18 -1.38
C TYR E 247 -22.76 -9.98 -0.25
N ALA E 248 -22.96 -9.53 0.99
CA ALA E 248 -22.42 -10.22 2.16
C ALA E 248 -23.43 -11.31 2.52
N GLY E 249 -23.41 -12.38 1.74
CA GLY E 249 -24.38 -13.46 1.86
C GLY E 249 -24.36 -14.37 3.06
N MET E 250 -25.49 -15.04 3.26
CA MET E 250 -25.66 -16.01 4.31
C MET E 250 -24.88 -17.25 3.90
N GLY E 251 -24.04 -17.75 4.79
CA GLY E 251 -23.22 -18.93 4.49
C GLY E 251 -22.26 -18.68 3.34
N ALA E 252 -22.31 -19.54 2.33
CA ALA E 252 -21.44 -19.40 1.16
C ALA E 252 -22.06 -18.50 0.09
N GLY E 253 -22.44 -17.29 0.50
CA GLY E 253 -23.03 -16.32 -0.41
C GLY E 253 -24.40 -16.71 -0.94
N SER E 254 -25.16 -17.42 -0.13
CA SER E 254 -26.50 -17.87 -0.51
C SER E 254 -27.50 -16.73 -0.54
N VAL E 255 -28.29 -16.68 -1.60
CA VAL E 255 -29.29 -15.65 -1.76
C VAL E 255 -30.68 -16.14 -1.41
N SER E 256 -31.50 -15.25 -0.86
CA SER E 256 -32.89 -15.56 -0.56
C SER E 256 -33.67 -15.21 -1.82
N LYS E 257 -34.95 -15.54 -1.86
CA LYS E 257 -35.77 -15.23 -3.05
C LYS E 257 -35.82 -13.73 -3.34
N ARG E 258 -35.75 -12.92 -2.28
CA ARG E 258 -35.79 -11.47 -2.41
C ARG E 258 -34.41 -10.96 -2.83
N GLY E 259 -33.36 -11.58 -2.29
CA GLY E 259 -31.99 -11.24 -2.65
C GLY E 259 -31.68 -11.67 -4.07
N ASP E 260 -32.25 -12.81 -4.47
CA ASP E 260 -32.08 -13.35 -5.81
C ASP E 260 -32.70 -12.37 -6.81
N ALA E 261 -33.92 -11.90 -6.51
CA ALA E 261 -34.61 -10.94 -7.36
C ALA E 261 -33.91 -9.57 -7.36
N GLY E 262 -33.34 -9.19 -6.21
CA GLY E 262 -32.63 -7.92 -6.09
C GLY E 262 -31.36 -7.89 -6.91
N ILE E 263 -30.60 -8.98 -6.85
CA ILE E 263 -29.35 -9.10 -7.61
C ILE E 263 -29.61 -9.15 -9.12
N ARG E 264 -30.57 -9.96 -9.54
CA ARG E 264 -30.90 -10.08 -10.96
C ARG E 264 -31.41 -8.76 -11.53
N LYS E 265 -32.07 -7.98 -10.70
CA LYS E 265 -32.58 -6.67 -11.12
C LYS E 265 -31.40 -5.72 -11.33
N ALA E 266 -30.41 -5.81 -10.44
CA ALA E 266 -29.21 -4.98 -10.53
C ALA E 266 -28.39 -5.35 -11.75
N GLU E 267 -28.33 -6.65 -12.04
CA GLU E 267 -27.59 -7.15 -13.20
C GLU E 267 -28.22 -6.74 -14.53
N SER E 268 -29.54 -6.57 -14.53
CA SER E 268 -30.26 -6.15 -15.73
C SER E 268 -30.03 -4.66 -16.01
N LYS E 269 -29.41 -3.97 -15.07
CA LYS E 269 -29.12 -2.54 -15.20
C LYS E 269 -27.62 -2.30 -15.43
N GLY E 270 -26.87 -3.36 -15.70
CA GLY E 270 -25.44 -3.26 -15.99
C GLY E 270 -24.53 -3.24 -14.76
N ILE E 271 -25.11 -3.34 -13.58
CA ILE E 271 -24.34 -3.34 -12.34
C ILE E 271 -23.72 -4.72 -12.10
N VAL E 272 -22.42 -4.75 -11.87
CA VAL E 272 -21.71 -6.00 -11.61
C VAL E 272 -21.85 -6.38 -10.14
N VAL E 273 -22.41 -7.55 -9.88
CA VAL E 273 -22.61 -8.01 -8.50
C VAL E 273 -21.67 -9.17 -8.16
N VAL E 274 -21.10 -9.13 -6.95
CA VAL E 274 -20.19 -10.17 -6.48
C VAL E 274 -20.69 -10.73 -5.14
N ARG E 275 -20.95 -12.04 -5.11
CA ARG E 275 -21.45 -12.69 -3.89
C ARG E 275 -20.34 -13.07 -2.91
N SER E 276 -20.29 -12.36 -1.80
CA SER E 276 -19.31 -12.63 -0.74
C SER E 276 -19.99 -13.33 0.42
N SER E 277 -19.39 -13.29 1.61
CA SER E 277 -19.94 -13.96 2.79
C SER E 277 -19.90 -13.13 4.06
N ARG E 278 -20.93 -13.26 4.89
CA ARG E 278 -21.03 -12.53 6.15
C ARG E 278 -20.33 -13.29 7.29
N THR E 279 -19.92 -14.52 6.99
CA THR E 279 -19.30 -15.42 7.98
C THR E 279 -18.02 -14.89 8.62
N GLY E 280 -17.10 -14.40 7.77
CA GLY E 280 -15.83 -13.88 8.27
C GLY E 280 -14.62 -14.55 7.64
N SER E 281 -14.84 -15.70 7.01
CA SER E 281 -13.77 -16.44 6.36
C SER E 281 -14.35 -17.52 5.44
N GLY E 282 -13.47 -18.18 4.69
CA GLY E 282 -13.91 -19.26 3.82
C GLY E 282 -14.09 -18.89 2.36
N ILE E 283 -14.34 -19.92 1.55
CA ILE E 283 -14.49 -19.78 0.11
C ILE E 283 -15.96 -19.78 -0.31
N VAL E 284 -16.30 -18.85 -1.20
CA VAL E 284 -17.62 -18.82 -1.80
C VAL E 284 -17.43 -19.49 -3.17
N PRO E 285 -17.89 -20.74 -3.30
CA PRO E 285 -17.69 -21.52 -4.51
C PRO E 285 -18.58 -21.10 -5.67
N PRO E 286 -18.16 -21.38 -6.91
CA PRO E 286 -18.97 -21.07 -8.08
C PRO E 286 -20.29 -21.85 -8.04
N ASP E 287 -21.36 -21.20 -8.44
CA ASP E 287 -22.69 -21.83 -8.45
C ASP E 287 -23.49 -21.21 -9.58
N ALA E 288 -23.64 -21.96 -10.66
CA ALA E 288 -24.37 -21.49 -11.84
C ALA E 288 -25.87 -21.30 -11.60
N GLY E 289 -26.36 -21.84 -10.49
CA GLY E 289 -27.77 -21.72 -10.14
C GLY E 289 -28.11 -20.38 -9.50
N GLN E 290 -27.09 -19.66 -9.04
CA GLN E 290 -27.28 -18.36 -8.40
C GLN E 290 -26.68 -17.24 -9.26
N PRO E 291 -27.28 -16.03 -9.19
CA PRO E 291 -26.79 -14.91 -9.98
C PRO E 291 -25.54 -14.28 -9.39
N GLY E 292 -24.90 -13.39 -10.13
CA GLY E 292 -23.70 -12.71 -9.66
C GLY E 292 -22.45 -13.55 -9.68
N LEU E 293 -21.29 -12.89 -9.55
CA LEU E 293 -20.00 -13.55 -9.51
C LEU E 293 -19.74 -14.01 -8.08
N VAL E 294 -18.66 -14.76 -7.89
CA VAL E 294 -18.28 -15.24 -6.55
C VAL E 294 -17.02 -14.54 -6.04
N ALA E 295 -16.93 -14.35 -4.72
CA ALA E 295 -15.83 -13.61 -4.12
C ALA E 295 -14.61 -14.43 -3.70
N ASP E 296 -14.63 -15.73 -3.94
CA ASP E 296 -13.51 -16.59 -3.55
C ASP E 296 -13.39 -16.54 -2.01
N SER E 297 -12.22 -16.15 -1.50
CA SER E 297 -12.03 -16.06 -0.04
C SER E 297 -12.09 -14.62 0.46
N LEU E 298 -12.29 -13.68 -0.45
CA LEU E 298 -12.34 -12.27 -0.11
C LEU E 298 -13.58 -11.88 0.70
N SER E 299 -13.34 -11.11 1.75
CA SER E 299 -14.40 -10.62 2.63
C SER E 299 -15.19 -9.55 1.89
N PRO E 300 -16.38 -9.19 2.42
CA PRO E 300 -17.19 -8.15 1.78
C PRO E 300 -16.41 -6.83 1.64
N ALA E 301 -15.65 -6.48 2.67
CA ALA E 301 -14.86 -5.24 2.67
C ALA E 301 -13.83 -5.22 1.55
N LYS E 302 -13.01 -6.27 1.49
CA LYS E 302 -11.97 -6.39 0.45
C LYS E 302 -12.56 -6.62 -0.94
N SER E 303 -13.67 -7.35 -1.00
CA SER E 303 -14.34 -7.61 -2.29
C SER E 303 -14.80 -6.31 -2.92
N ARG E 304 -15.26 -5.37 -2.09
CA ARG E 304 -15.70 -4.06 -2.57
C ARG E 304 -14.52 -3.30 -3.17
N ILE E 305 -13.37 -3.36 -2.50
CA ILE E 305 -12.16 -2.70 -2.98
C ILE E 305 -11.73 -3.24 -4.35
N LEU E 306 -11.66 -4.56 -4.48
CA LEU E 306 -11.27 -5.19 -5.74
C LEU E 306 -12.26 -4.90 -6.86
N LEU E 307 -13.55 -4.97 -6.55
CA LEU E 307 -14.58 -4.71 -7.55
C LEU E 307 -14.48 -3.27 -8.07
N MET E 308 -14.34 -2.34 -7.13
CA MET E 308 -14.21 -0.91 -7.46
C MET E 308 -13.07 -0.66 -8.43
N LEU E 309 -11.92 -1.26 -8.16
CA LEU E 309 -10.74 -1.11 -9.01
C LEU E 309 -10.87 -1.87 -10.34
N ALA E 310 -11.54 -3.02 -10.29
CA ALA E 310 -11.77 -3.81 -11.50
C ALA E 310 -12.65 -3.04 -12.49
N LEU E 311 -13.60 -2.28 -11.95
CA LEU E 311 -14.51 -1.49 -12.77
C LEU E 311 -13.85 -0.29 -13.46
N THR E 312 -12.61 0.00 -13.09
CA THR E 312 -11.87 1.09 -13.72
C THR E 312 -11.22 0.60 -15.01
N LYS E 313 -11.10 -0.73 -15.13
CA LYS E 313 -10.47 -1.32 -16.30
C LYS E 313 -11.45 -2.03 -17.24
N THR E 314 -12.41 -2.77 -16.67
CA THR E 314 -13.36 -3.51 -17.49
C THR E 314 -14.71 -3.73 -16.82
N THR E 315 -15.70 -4.12 -17.63
CA THR E 315 -17.04 -4.44 -17.15
C THR E 315 -17.33 -5.90 -17.50
N ASN E 316 -16.34 -6.57 -18.09
CA ASN E 316 -16.45 -7.97 -18.48
C ASN E 316 -16.51 -8.87 -17.25
N PRO E 317 -17.66 -9.54 -17.04
CA PRO E 317 -17.89 -10.43 -15.89
C PRO E 317 -16.87 -11.56 -15.81
N ALA E 318 -16.42 -12.04 -16.98
CA ALA E 318 -15.44 -13.12 -17.03
C ALA E 318 -14.08 -12.67 -16.52
N VAL E 319 -13.64 -11.50 -16.98
CA VAL E 319 -12.36 -10.93 -16.56
C VAL E 319 -12.39 -10.55 -15.08
N ILE E 320 -13.52 -10.00 -14.62
CA ILE E 320 -13.68 -9.62 -13.21
C ILE E 320 -13.68 -10.85 -12.31
N GLN E 321 -14.28 -11.95 -12.78
CA GLN E 321 -14.29 -13.18 -12.02
C GLN E 321 -12.86 -13.73 -11.90
N ASP E 322 -12.06 -13.53 -12.95
CA ASP E 322 -10.66 -13.95 -12.94
C ASP E 322 -9.86 -13.19 -11.89
N TYR E 323 -10.15 -11.90 -11.71
CA TYR E 323 -9.46 -11.09 -10.71
C TYR E 323 -9.68 -11.63 -9.30
N PHE E 324 -10.92 -12.05 -9.02
CA PHE E 324 -11.26 -12.59 -7.70
C PHE E 324 -10.57 -13.89 -7.31
N HIS E 325 -10.13 -14.65 -8.31
CA HIS E 325 -9.43 -15.91 -8.04
C HIS E 325 -7.92 -15.75 -8.04
N ALA E 326 -7.43 -14.60 -8.51
CA ALA E 326 -5.99 -14.37 -8.62
C ALA E 326 -5.44 -13.33 -7.65
N TYR E 327 -6.25 -12.33 -7.33
CA TYR E 327 -5.83 -11.24 -6.44
C TYR E 327 -6.26 -11.41 -4.99
N ASN F 3 -17.02 4.59 50.07
CA ASN F 3 -15.83 3.77 50.38
C ASN F 3 -15.68 2.62 49.37
N LEU F 4 -14.44 2.31 49.01
CA LEU F 4 -14.14 1.26 48.03
C LEU F 4 -13.77 -0.06 48.72
N PRO F 5 -13.82 -1.18 47.97
CA PRO F 5 -13.46 -2.49 48.53
C PRO F 5 -11.99 -2.56 48.94
N ASN F 6 -11.63 -3.60 49.69
CA ASN F 6 -10.25 -3.77 50.15
C ASN F 6 -9.57 -4.95 49.46
N ILE F 7 -8.55 -4.64 48.65
CA ILE F 7 -7.82 -5.65 47.90
C ILE F 7 -6.36 -5.75 48.33
N VAL F 8 -5.87 -6.97 48.49
CA VAL F 8 -4.47 -7.19 48.86
C VAL F 8 -3.70 -7.86 47.72
N ILE F 9 -2.55 -7.30 47.37
CA ILE F 9 -1.73 -7.84 46.29
C ILE F 9 -0.57 -8.71 46.79
N LEU F 10 -0.68 -10.01 46.59
CA LEU F 10 0.37 -10.96 46.99
C LEU F 10 1.37 -11.17 45.86
N ALA F 11 2.54 -10.54 45.99
CA ALA F 11 3.58 -10.64 44.98
C ALA F 11 4.40 -11.92 45.10
N THR F 12 4.54 -12.63 44.00
CA THR F 12 5.31 -13.88 43.96
C THR F 12 6.51 -13.75 43.03
N GLY F 13 6.49 -12.72 42.19
CA GLY F 13 7.57 -12.49 41.24
C GLY F 13 7.06 -11.97 39.90
N GLY F 14 7.72 -12.37 38.82
CA GLY F 14 7.34 -11.94 37.48
C GLY F 14 8.00 -10.64 37.07
N THR F 15 8.07 -10.39 35.77
CA THR F 15 8.68 -9.16 35.27
C THR F 15 7.65 -8.03 35.23
N ILE F 16 6.46 -8.32 35.76
CA ILE F 16 5.40 -7.33 35.86
C ILE F 16 5.80 -6.29 36.92
N ALA F 17 6.64 -6.72 37.86
CA ALA F 17 7.11 -5.87 38.94
C ALA F 17 8.61 -5.59 38.78
N GLY F 35 10.42 -4.85 43.24
CA GLY F 35 9.56 -4.70 44.40
C GLY F 35 8.08 -4.62 44.04
N VAL F 36 7.24 -4.42 45.05
CA VAL F 36 5.79 -4.33 44.84
C VAL F 36 5.31 -2.89 45.06
N GLU F 37 6.16 -2.06 45.65
CA GLU F 37 5.82 -0.65 45.93
C GLU F 37 5.93 0.26 44.71
N THR F 38 6.56 -0.23 43.64
CA THR F 38 6.76 0.56 42.43
C THR F 38 5.50 0.69 41.56
N LEU F 39 4.83 -0.43 41.33
CA LEU F 39 3.63 -0.46 40.48
C LEU F 39 2.46 0.38 40.98
N ILE F 40 2.37 0.57 42.30
CA ILE F 40 1.30 1.36 42.90
C ILE F 40 1.42 2.81 42.43
N GLN F 41 2.65 3.26 42.23
CA GLN F 41 2.91 4.63 41.78
C GLN F 41 2.93 4.71 40.25
N ALA F 42 3.03 3.56 39.61
CA ALA F 42 3.06 3.49 38.14
C ALA F 42 1.66 3.58 37.54
N VAL F 43 0.67 3.10 38.29
CA VAL F 43 -0.73 3.13 37.84
C VAL F 43 -1.59 3.86 38.88
N PRO F 44 -1.69 5.18 38.77
CA PRO F 44 -2.49 6.00 39.70
C PRO F 44 -4.00 5.79 39.52
N GLU F 45 -4.39 5.05 38.50
CA GLU F 45 -5.80 4.77 38.23
C GLU F 45 -6.36 3.69 39.16
N LEU F 46 -5.48 3.03 39.91
CA LEU F 46 -5.88 1.98 40.85
C LEU F 46 -6.61 2.57 42.06
N LYS F 47 -6.36 3.84 42.33
CA LYS F 47 -6.97 4.55 43.46
C LYS F 47 -8.49 4.60 43.40
N THR F 48 -9.03 4.64 42.19
CA THR F 48 -10.47 4.71 42.00
C THR F 48 -11.14 3.33 42.06
N LEU F 49 -10.34 2.28 42.07
CA LEU F 49 -10.85 0.91 42.11
C LEU F 49 -11.03 0.38 43.53
N ALA F 50 -9.98 0.46 44.34
CA ALA F 50 -10.01 -0.06 45.70
C ALA F 50 -8.84 0.41 46.57
N ASN F 51 -8.92 0.09 47.86
CA ASN F 51 -7.85 0.37 48.81
C ASN F 51 -6.81 -0.73 48.65
N ILE F 52 -5.57 -0.36 48.35
CA ILE F 52 -4.54 -1.35 48.05
C ILE F 52 -3.47 -1.58 49.12
N LYS F 53 -3.34 -2.86 49.53
CA LYS F 53 -2.29 -3.30 50.44
C LYS F 53 -1.46 -4.33 49.70
N GLY F 54 -0.17 -4.41 50.01
CA GLY F 54 0.72 -5.35 49.32
C GLY F 54 1.57 -6.23 50.21
N GLU F 55 1.78 -7.47 49.78
CA GLU F 55 2.61 -8.43 50.51
C GLU F 55 3.57 -9.14 49.55
N GLN F 56 4.75 -9.49 50.05
CA GLN F 56 5.76 -10.17 49.25
C GLN F 56 5.87 -11.63 49.66
N VAL F 57 5.10 -12.49 49.00
CA VAL F 57 5.11 -13.93 49.30
C VAL F 57 6.44 -14.56 48.85
N ALA F 58 6.84 -14.26 47.61
CA ALA F 58 8.09 -14.77 47.05
C ALA F 58 8.67 -13.78 46.05
N SER F 59 9.88 -14.07 45.58
CA SER F 59 10.55 -13.21 44.60
C SER F 59 11.34 -14.07 43.61
N ILE F 60 10.65 -15.01 42.98
CA ILE F 60 11.25 -15.91 42.01
C ILE F 60 10.50 -15.89 40.69
N GLY F 61 11.15 -16.36 39.63
CA GLY F 61 10.51 -16.45 38.33
C GLY F 61 9.58 -17.64 38.33
N SER F 62 8.50 -17.55 37.55
CA SER F 62 7.53 -18.64 37.51
C SER F 62 8.14 -19.97 37.07
N GLU F 63 9.24 -19.90 36.34
CA GLU F 63 9.94 -21.12 35.91
C GLU F 63 10.55 -21.84 37.12
N ASN F 64 10.72 -21.12 38.22
CA ASN F 64 11.23 -21.68 39.47
C ASN F 64 10.17 -21.85 40.54
N MET F 65 8.90 -21.64 40.17
CA MET F 65 7.80 -21.81 41.11
C MET F 65 7.70 -23.29 41.50
N THR F 66 7.61 -23.54 42.81
CA THR F 66 7.54 -24.90 43.33
C THR F 66 6.26 -25.15 44.09
N SER F 67 5.95 -26.43 44.33
CA SER F 67 4.75 -26.81 45.08
C SER F 67 4.84 -26.36 46.53
N ASP F 68 6.07 -26.26 47.05
CA ASP F 68 6.30 -25.81 48.41
C ASP F 68 5.82 -24.37 48.59
N VAL F 69 6.11 -23.53 47.59
CA VAL F 69 5.70 -22.13 47.61
C VAL F 69 4.19 -21.99 47.38
N LEU F 70 3.63 -22.91 46.60
CA LEU F 70 2.19 -22.90 46.33
C LEU F 70 1.41 -23.24 47.60
N LEU F 71 2.02 -24.00 48.49
CA LEU F 71 1.41 -24.33 49.78
C LEU F 71 1.33 -23.07 50.63
N THR F 72 2.45 -22.35 50.71
CA THR F 72 2.53 -21.09 51.46
C THR F 72 1.52 -20.09 50.89
N LEU F 73 1.50 -19.98 49.56
CA LEU F 73 0.59 -19.06 48.86
C LEU F 73 -0.88 -19.38 49.13
N SER F 74 -1.24 -20.67 48.98
CA SER F 74 -2.61 -21.11 49.19
C SER F 74 -3.08 -20.90 50.63
N LYS F 75 -2.21 -21.23 51.59
CA LYS F 75 -2.54 -21.05 53.01
C LYS F 75 -2.72 -19.57 53.34
N ARG F 76 -1.88 -18.73 52.74
CA ARG F 76 -1.94 -17.29 52.96
C ARG F 76 -3.19 -16.68 52.35
N VAL F 77 -3.58 -17.17 51.18
CA VAL F 77 -4.80 -16.68 50.52
C VAL F 77 -6.04 -16.97 51.36
N ASN F 78 -6.12 -18.19 51.89
CA ASN F 78 -7.24 -18.58 52.75
C ASN F 78 -7.30 -17.81 54.07
N GLU F 79 -6.14 -17.36 54.56
CA GLU F 79 -6.09 -16.58 55.78
C GLU F 79 -6.63 -15.16 55.57
N LEU F 80 -6.31 -14.58 54.42
CA LEU F 80 -6.77 -13.23 54.08
C LEU F 80 -8.27 -13.18 53.74
N LEU F 81 -8.73 -14.13 52.93
CA LEU F 81 -10.13 -14.18 52.53
C LEU F 81 -11.06 -14.56 53.69
N ALA F 82 -10.48 -15.14 54.74
CA ALA F 82 -11.25 -15.51 55.92
C ALA F 82 -11.57 -14.28 56.75
N ARG F 83 -10.74 -13.24 56.60
CA ARG F 83 -10.95 -11.99 57.33
C ARG F 83 -11.99 -11.11 56.65
N SER F 84 -12.74 -10.36 57.46
CA SER F 84 -13.81 -9.51 56.97
C SER F 84 -13.35 -8.22 56.28
N ASP F 85 -12.12 -7.79 56.57
CA ASP F 85 -11.59 -6.56 55.98
C ASP F 85 -10.88 -6.78 54.63
N VAL F 86 -11.05 -7.96 54.05
CA VAL F 86 -10.45 -8.27 52.75
C VAL F 86 -11.55 -8.75 51.79
N ASP F 87 -11.71 -8.04 50.68
CA ASP F 87 -12.74 -8.38 49.71
C ASP F 87 -12.23 -9.22 48.53
N GLY F 88 -10.94 -9.14 48.25
CA GLY F 88 -10.34 -9.89 47.14
C GLY F 88 -8.83 -9.92 47.18
N VAL F 89 -8.24 -10.77 46.34
CA VAL F 89 -6.79 -10.92 46.28
C VAL F 89 -6.26 -10.90 44.84
N VAL F 90 -5.24 -10.08 44.61
CA VAL F 90 -4.57 -10.02 43.30
C VAL F 90 -3.16 -10.59 43.45
N ILE F 91 -2.87 -11.65 42.71
CA ILE F 91 -1.57 -12.31 42.80
C ILE F 91 -0.71 -12.08 41.57
N THR F 92 0.35 -11.28 41.72
CA THR F 92 1.29 -11.05 40.63
C THR F 92 2.16 -12.28 40.47
N HIS F 93 2.22 -12.82 39.26
CA HIS F 93 2.91 -14.07 39.00
C HIS F 93 3.53 -14.03 37.60
N GLY F 94 4.49 -14.91 37.34
CA GLY F 94 5.12 -15.00 36.02
C GLY F 94 4.22 -15.74 35.05
N THR F 95 4.48 -15.59 33.75
CA THR F 95 3.66 -16.23 32.73
C THR F 95 4.05 -17.69 32.42
N ASP F 96 5.33 -18.01 32.60
CA ASP F 96 5.85 -19.35 32.27
C ASP F 96 5.13 -20.54 32.91
N THR F 97 4.73 -20.41 34.17
CA THR F 97 3.98 -21.49 34.83
C THR F 97 2.64 -20.99 35.37
N LEU F 98 2.07 -19.99 34.70
CA LEU F 98 0.78 -19.46 35.11
C LEU F 98 -0.30 -20.46 34.70
N ASP F 99 0.13 -21.65 34.30
CA ASP F 99 -0.76 -22.72 33.90
C ASP F 99 -1.05 -23.62 35.10
N GLU F 100 -0.07 -23.76 35.99
CA GLU F 100 -0.22 -24.60 37.18
C GLU F 100 -0.79 -23.84 38.39
N SER F 101 -0.11 -22.77 38.79
CA SER F 101 -0.47 -21.98 39.97
C SER F 101 -1.96 -21.62 40.16
N PRO F 102 -2.58 -20.93 39.17
CA PRO F 102 -3.99 -20.57 39.33
C PRO F 102 -4.91 -21.78 39.53
N TYR F 103 -4.63 -22.87 38.82
CA TYR F 103 -5.47 -24.07 38.94
C TYR F 103 -5.27 -24.76 40.28
N PHE F 104 -4.11 -24.55 40.90
CA PHE F 104 -3.81 -25.12 42.20
C PHE F 104 -4.75 -24.52 43.24
N LEU F 105 -4.82 -23.19 43.26
CA LEU F 105 -5.69 -22.47 44.19
C LEU F 105 -7.17 -22.61 43.87
N ASN F 106 -7.48 -23.12 42.67
CA ASN F 106 -8.86 -23.34 42.27
C ASN F 106 -9.41 -24.59 42.95
N LEU F 107 -8.52 -25.34 43.59
CA LEU F 107 -8.89 -26.58 44.26
C LEU F 107 -8.64 -26.54 45.76
N THR F 108 -7.84 -25.57 46.21
CA THR F 108 -7.49 -25.48 47.63
C THR F 108 -8.11 -24.29 48.38
N VAL F 109 -8.46 -23.24 47.65
CA VAL F 109 -9.08 -22.06 48.27
C VAL F 109 -10.56 -22.33 48.54
N LYS F 110 -10.99 -22.10 49.78
CA LYS F 110 -12.39 -22.32 50.15
C LYS F 110 -13.06 -20.98 50.48
N SER F 111 -13.27 -20.16 49.44
CA SER F 111 -13.90 -18.85 49.60
C SER F 111 -14.52 -18.37 48.30
N ASP F 112 -15.66 -17.67 48.42
CA ASP F 112 -16.35 -17.11 47.25
C ASP F 112 -15.61 -15.88 46.73
N LYS F 113 -14.88 -15.22 47.62
CA LYS F 113 -14.13 -14.02 47.27
C LYS F 113 -13.17 -14.28 46.10
N PRO F 114 -13.08 -13.30 45.18
CA PRO F 114 -12.28 -13.43 43.97
C PRO F 114 -10.77 -13.47 44.19
N VAL F 115 -10.14 -14.51 43.64
CA VAL F 115 -8.69 -14.66 43.66
C VAL F 115 -8.24 -14.47 42.20
N VAL F 116 -7.62 -13.34 41.92
CA VAL F 116 -7.24 -13.00 40.55
C VAL F 116 -5.73 -13.02 40.29
N PHE F 117 -5.29 -13.97 39.47
CA PHE F 117 -3.88 -14.05 39.06
C PHE F 117 -3.62 -13.09 37.91
N VAL F 118 -2.55 -12.32 38.03
CA VAL F 118 -2.18 -11.37 36.99
C VAL F 118 -0.72 -11.56 36.59
N ALA F 119 -0.42 -11.28 35.33
CA ALA F 119 0.94 -11.41 34.81
C ALA F 119 1.16 -10.46 33.64
N ALA F 120 2.43 -10.28 33.27
CA ALA F 120 2.80 -9.42 32.15
C ALA F 120 3.69 -10.19 31.20
N MET F 121 3.54 -9.93 29.91
CA MET F 121 4.31 -10.63 28.90
C MET F 121 5.57 -9.85 28.51
N ARG F 122 5.50 -8.53 28.66
CA ARG F 122 6.64 -7.66 28.37
C ARG F 122 7.19 -7.08 29.67
N PRO F 123 8.53 -6.90 29.75
CA PRO F 123 9.14 -6.28 30.92
C PRO F 123 8.52 -4.90 31.20
N ALA F 124 8.47 -4.52 32.48
CA ALA F 124 7.88 -3.24 32.89
C ALA F 124 8.56 -2.03 32.25
N THR F 125 9.82 -2.19 31.86
CA THR F 125 10.58 -1.11 31.25
C THR F 125 10.42 -1.07 29.72
N ALA F 126 9.83 -2.11 29.16
CA ALA F 126 9.66 -2.20 27.71
C ALA F 126 8.63 -1.21 27.18
N ILE F 127 8.71 -0.96 25.87
CA ILE F 127 7.79 -0.06 25.19
C ILE F 127 6.42 -0.73 25.10
N SER F 128 5.38 0.02 25.46
CA SER F 128 4.01 -0.48 25.47
C SER F 128 3.86 -1.70 26.37
N ALA F 129 4.49 -1.64 27.53
CA ALA F 129 4.45 -2.73 28.52
C ALA F 129 3.01 -3.03 28.90
N ASP F 130 2.67 -4.32 28.92
CA ASP F 130 1.30 -4.75 29.23
C ASP F 130 0.97 -4.83 30.72
N GLY F 131 2.00 -4.84 31.55
CA GLY F 131 1.84 -4.92 33.01
C GLY F 131 0.81 -3.98 33.62
N PRO F 132 0.97 -2.67 33.43
CA PRO F 132 0.06 -1.66 33.99
C PRO F 132 -1.42 -1.94 33.75
N MET F 133 -1.82 -2.14 32.49
CA MET F 133 -3.23 -2.40 32.17
C MET F 133 -3.72 -3.73 32.73
N ASN F 134 -2.86 -4.76 32.67
CA ASN F 134 -3.19 -6.07 33.19
C ASN F 134 -3.49 -6.02 34.69
N LEU F 135 -2.69 -5.22 35.41
CA LEU F 135 -2.87 -5.05 36.85
C LEU F 135 -4.16 -4.29 37.14
N TYR F 136 -4.41 -3.25 36.34
CA TYR F 136 -5.63 -2.44 36.49
C TYR F 136 -6.86 -3.33 36.33
N GLY F 137 -6.83 -4.19 35.32
CA GLY F 137 -7.93 -5.10 35.06
C GLY F 137 -8.10 -6.15 36.15
N ALA F 138 -6.97 -6.60 36.71
CA ALA F 138 -6.98 -7.61 37.77
C ALA F 138 -7.60 -7.11 39.06
N VAL F 139 -7.27 -5.87 39.43
CA VAL F 139 -7.80 -5.25 40.63
C VAL F 139 -9.31 -4.98 40.47
N LYS F 140 -9.68 -4.38 39.34
CA LYS F 140 -11.07 -4.07 39.03
C LYS F 140 -11.94 -5.32 39.17
N VAL F 141 -11.44 -6.45 38.65
CA VAL F 141 -12.15 -7.72 38.72
C VAL F 141 -12.26 -8.23 40.16
N ALA F 142 -11.17 -8.12 40.90
CA ALA F 142 -11.13 -8.57 42.29
C ALA F 142 -12.01 -7.71 43.19
N ALA F 143 -12.24 -6.46 42.77
CA ALA F 143 -13.05 -5.52 43.53
C ALA F 143 -14.52 -5.56 43.10
N ASP F 144 -14.82 -6.34 42.06
CA ASP F 144 -16.18 -6.47 41.54
C ASP F 144 -16.94 -7.55 42.30
N LYS F 145 -18.08 -7.18 42.86
CA LYS F 145 -18.91 -8.12 43.63
C LYS F 145 -19.50 -9.23 42.77
N ASN F 146 -19.72 -8.94 41.49
CA ASN F 146 -20.28 -9.91 40.55
C ASN F 146 -19.26 -11.00 40.16
N SER F 147 -18.00 -10.78 40.52
CA SER F 147 -16.94 -11.73 40.20
C SER F 147 -16.78 -12.82 41.27
N ARG F 148 -17.68 -12.82 42.24
CA ARG F 148 -17.66 -13.81 43.33
C ARG F 148 -18.27 -15.13 42.87
N GLY F 149 -17.73 -16.23 43.40
CA GLY F 149 -18.23 -17.57 43.07
C GLY F 149 -18.05 -17.99 41.63
N ARG F 150 -16.95 -17.57 41.03
CA ARG F 150 -16.66 -17.90 39.64
C ARG F 150 -15.38 -18.73 39.51
N GLY F 151 -14.76 -19.04 40.64
CA GLY F 151 -13.52 -19.79 40.66
C GLY F 151 -12.33 -18.87 40.58
N VAL F 152 -11.13 -19.43 40.52
CA VAL F 152 -9.91 -18.63 40.43
C VAL F 152 -9.79 -18.05 39.02
N LEU F 153 -9.51 -16.75 38.95
CA LEU F 153 -9.44 -16.04 37.68
C LEU F 153 -8.03 -15.66 37.25
N VAL F 154 -7.82 -15.64 35.94
CA VAL F 154 -6.54 -15.27 35.35
C VAL F 154 -6.80 -14.12 34.38
N VAL F 155 -6.20 -12.95 34.67
CA VAL F 155 -6.44 -11.77 33.84
C VAL F 155 -5.23 -11.20 33.10
N LEU F 156 -5.29 -11.28 31.77
CA LEU F 156 -4.29 -10.70 30.88
C LEU F 156 -4.94 -10.30 29.56
N ASN F 157 -4.39 -9.25 28.94
CA ASN F 157 -4.85 -8.78 27.63
C ASN F 157 -6.37 -8.52 27.55
N ASP F 158 -6.92 -7.93 28.61
CA ASP F 158 -8.35 -7.59 28.69
C ASP F 158 -9.28 -8.81 28.75
N ARG F 159 -8.73 -9.98 29.09
CA ARG F 159 -9.52 -11.20 29.18
C ARG F 159 -9.60 -11.73 30.62
N ILE F 160 -10.67 -12.47 30.90
CA ILE F 160 -10.85 -13.10 32.21
C ILE F 160 -11.01 -14.60 31.98
N GLY F 161 -9.92 -15.34 32.16
CA GLY F 161 -9.94 -16.78 31.95
C GLY F 161 -10.04 -17.59 33.23
N SER F 162 -10.67 -18.76 33.13
CA SER F 162 -10.81 -19.66 34.27
C SER F 162 -9.53 -20.43 34.50
N ALA F 163 -9.17 -20.61 35.77
CA ALA F 163 -7.96 -21.34 36.13
C ALA F 163 -8.01 -22.77 35.61
N ARG F 164 -9.23 -23.26 35.38
CA ARG F 164 -9.46 -24.61 34.89
C ARG F 164 -9.15 -24.75 33.40
N PHE F 165 -9.35 -23.67 32.63
CA PHE F 165 -9.16 -23.74 31.18
C PHE F 165 -8.01 -22.93 30.60
N ILE F 166 -7.78 -21.73 31.12
CA ILE F 166 -6.76 -20.82 30.60
C ILE F 166 -5.36 -21.48 30.50
N SER F 167 -4.64 -21.17 29.43
CA SER F 167 -3.31 -21.73 29.21
C SER F 167 -2.47 -20.85 28.29
N LYS F 168 -1.15 -20.84 28.54
CA LYS F 168 -0.22 -20.07 27.72
C LYS F 168 0.01 -20.86 26.42
N THR F 169 -0.67 -20.43 25.36
CA THR F 169 -0.63 -21.13 24.07
C THR F 169 0.48 -20.66 23.14
N ASN F 170 1.12 -19.54 23.47
CA ASN F 170 2.19 -19.01 22.65
C ASN F 170 3.40 -18.61 23.50
N ALA F 171 4.59 -18.89 22.99
CA ALA F 171 5.83 -18.64 23.71
C ALA F 171 6.18 -17.18 24.02
N SER F 172 5.76 -16.24 23.18
CA SER F 172 6.16 -14.84 23.37
C SER F 172 5.17 -13.73 23.02
N THR F 173 3.88 -14.05 22.89
CA THR F 173 2.89 -13.03 22.51
C THR F 173 2.03 -12.52 23.66
N LEU F 174 1.52 -11.29 23.53
CA LEU F 174 0.67 -10.69 24.57
C LEU F 174 -0.65 -11.43 24.74
N ASP F 175 -1.20 -11.91 23.63
CA ASP F 175 -2.48 -12.62 23.64
C ASP F 175 -2.34 -14.12 23.84
N THR F 176 -1.18 -14.55 24.32
CA THR F 176 -0.89 -15.97 24.51
C THR F 176 -1.88 -16.80 25.34
N PHE F 177 -2.51 -16.17 26.32
CA PHE F 177 -3.44 -16.89 27.18
C PHE F 177 -4.86 -17.03 26.63
N LYS F 178 -5.20 -18.25 26.24
CA LYS F 178 -6.54 -18.56 25.75
C LYS F 178 -6.93 -20.02 25.98
N ALA F 179 -8.19 -20.34 25.63
CA ALA F 179 -8.72 -21.69 25.71
C ALA F 179 -9.67 -21.84 24.52
N PRO F 180 -9.13 -22.32 23.38
CA PRO F 180 -9.86 -22.45 22.11
C PRO F 180 -11.19 -23.18 22.20
N GLU F 181 -11.29 -24.15 23.10
CA GLU F 181 -12.51 -24.94 23.24
C GLU F 181 -13.47 -24.46 24.34
N GLU F 182 -12.98 -23.57 25.22
CA GLU F 182 -13.81 -23.08 26.33
C GLU F 182 -13.98 -21.56 26.38
N GLY F 183 -13.12 -20.85 25.66
CA GLY F 183 -13.19 -19.38 25.63
C GLY F 183 -12.86 -18.76 26.98
N TYR F 184 -13.37 -17.54 27.20
CA TYR F 184 -13.13 -16.83 28.45
C TYR F 184 -14.41 -16.67 29.24
N LEU F 185 -14.27 -16.56 30.56
CA LEU F 185 -15.42 -16.35 31.45
C LEU F 185 -15.98 -14.95 31.23
N GLY F 186 -15.09 -13.99 31.02
CA GLY F 186 -15.48 -12.61 30.79
C GLY F 186 -14.40 -11.76 30.13
N VAL F 187 -14.75 -10.53 29.79
CA VAL F 187 -13.81 -9.60 29.16
C VAL F 187 -13.91 -8.23 29.80
N ILE F 188 -12.87 -7.42 29.64
CA ILE F 188 -12.84 -6.07 30.19
C ILE F 188 -12.68 -5.06 29.05
N ILE F 189 -13.78 -4.40 28.70
CA ILE F 189 -13.79 -3.43 27.60
C ILE F 189 -14.37 -2.08 28.06
N GLY F 190 -13.68 -1.00 27.69
CA GLY F 190 -14.12 0.36 28.03
C GLY F 190 -14.37 0.54 29.52
N ASP F 191 -13.45 0.03 30.33
CA ASP F 191 -13.52 0.11 31.78
C ASP F 191 -14.81 -0.52 32.33
N LYS F 192 -15.24 -1.61 31.71
CA LYS F 192 -16.44 -2.34 32.14
C LYS F 192 -16.23 -3.84 32.01
N ILE F 193 -16.71 -4.59 33.00
CA ILE F 193 -16.57 -6.05 33.00
C ILE F 193 -17.81 -6.72 32.40
N TYR F 194 -17.57 -7.60 31.43
CA TYR F 194 -18.64 -8.32 30.76
C TYR F 194 -18.51 -9.83 30.94
N TYR F 195 -19.16 -10.38 31.97
CA TYR F 195 -19.14 -11.82 32.18
C TYR F 195 -20.06 -12.53 31.20
N GLN F 196 -19.55 -13.59 30.57
CA GLN F 196 -20.30 -14.31 29.55
C GLN F 196 -20.56 -15.78 29.85
N THR F 197 -19.61 -16.45 30.50
CA THR F 197 -19.75 -17.86 30.83
C THR F 197 -19.32 -18.20 32.25
N ARG F 198 -19.83 -19.32 32.77
CA ARG F 198 -19.48 -19.80 34.10
C ARG F 198 -18.87 -21.20 34.03
N LEU F 199 -17.93 -21.46 34.94
CA LEU F 199 -17.25 -22.75 35.01
C LEU F 199 -18.20 -23.86 35.48
N ASP F 200 -18.38 -24.88 34.64
CA ASP F 200 -19.27 -26.00 34.99
C ASP F 200 -18.46 -27.17 35.56
N LYS F 201 -17.57 -26.84 36.50
CA LYS F 201 -16.73 -27.83 37.18
C LYS F 201 -16.70 -27.48 38.66
N VAL F 202 -16.30 -28.44 39.49
CA VAL F 202 -16.20 -28.23 40.94
C VAL F 202 -14.99 -27.36 41.24
N HIS F 203 -15.17 -26.34 42.08
CA HIS F 203 -14.08 -25.43 42.43
C HIS F 203 -14.31 -24.71 43.76
N THR F 204 -13.27 -24.01 44.21
CA THR F 204 -13.30 -23.22 45.45
C THR F 204 -14.00 -23.82 46.68
N THR F 205 -15.06 -23.15 47.15
CA THR F 205 -15.80 -23.55 48.34
C THR F 205 -16.31 -24.99 48.35
N ARG F 206 -16.62 -25.50 47.17
CA ARG F 206 -17.17 -26.85 47.06
C ARG F 206 -16.14 -27.93 46.73
N SER F 207 -14.86 -27.56 46.78
CA SER F 207 -13.78 -28.50 46.54
C SER F 207 -13.44 -29.25 47.83
N VAL F 208 -13.18 -30.54 47.71
CA VAL F 208 -12.86 -31.37 48.88
C VAL F 208 -11.38 -31.32 49.27
N PHE F 209 -10.55 -30.79 48.38
CA PHE F 209 -9.11 -30.71 48.64
C PHE F 209 -8.78 -29.62 49.66
N ASP F 210 -7.98 -29.98 50.65
CA ASP F 210 -7.59 -29.05 51.70
C ASP F 210 -6.14 -29.28 52.07
N VAL F 211 -5.30 -28.26 51.86
CA VAL F 211 -3.87 -28.35 52.17
C VAL F 211 -3.45 -27.41 53.30
N THR F 212 -4.40 -27.10 54.18
CA THR F 212 -4.14 -26.20 55.30
C THR F 212 -3.07 -26.74 56.25
N ASN F 213 -3.07 -28.05 56.47
CA ASN F 213 -2.11 -28.68 57.37
C ASN F 213 -1.13 -29.62 56.67
N VAL F 214 -0.90 -29.39 55.38
CA VAL F 214 0.05 -30.20 54.62
C VAL F 214 1.40 -29.50 54.52
N ASP F 215 2.44 -30.19 54.99
CA ASP F 215 3.81 -29.63 54.99
C ASP F 215 4.49 -29.79 53.63
N LYS F 216 4.42 -30.98 53.05
CA LYS F 216 5.05 -31.25 51.76
C LYS F 216 4.14 -32.13 50.88
N LEU F 217 4.00 -31.73 49.62
CA LEU F 217 3.17 -32.45 48.66
C LEU F 217 3.92 -33.61 47.99
N PRO F 218 3.18 -34.65 47.57
CA PRO F 218 3.74 -35.82 46.88
C PRO F 218 4.36 -35.45 45.54
N ALA F 219 5.46 -36.12 45.20
CA ALA F 219 6.17 -35.85 43.94
C ALA F 219 5.47 -36.46 42.73
N VAL F 220 5.28 -35.64 41.70
CA VAL F 220 4.64 -36.07 40.46
C VAL F 220 5.44 -35.57 39.26
N ASP F 221 5.81 -36.49 38.36
CA ASP F 221 6.57 -36.15 37.17
C ASP F 221 5.73 -36.20 35.89
N ILE F 222 6.19 -35.49 34.86
CA ILE F 222 5.52 -35.48 33.57
C ILE F 222 6.46 -36.02 32.50
N ILE F 223 6.01 -37.06 31.80
CA ILE F 223 6.82 -37.66 30.74
C ILE F 223 6.15 -37.46 29.37
N TYR F 224 6.91 -36.89 28.44
CA TYR F 224 6.39 -36.56 27.12
C TYR F 224 6.30 -37.79 26.21
N GLY F 225 5.26 -37.83 25.38
CA GLY F 225 5.06 -38.92 24.43
C GLY F 225 5.46 -38.51 23.03
N TYR F 226 6.22 -39.36 22.35
CA TYR F 226 6.71 -39.06 21.00
C TYR F 226 7.32 -40.29 20.32
N GLN F 227 7.72 -40.13 19.06
CA GLN F 227 8.34 -41.22 18.31
C GLN F 227 9.66 -41.61 18.98
N ASP F 228 9.86 -42.91 19.18
CA ASP F 228 11.07 -43.44 19.82
C ASP F 228 11.22 -43.00 21.26
N ASP F 229 10.10 -42.82 21.96
CA ASP F 229 10.14 -42.42 23.37
C ASP F 229 10.78 -43.49 24.25
N PRO F 230 11.79 -43.09 25.04
CA PRO F 230 12.53 -43.97 25.94
C PRO F 230 11.70 -44.51 27.10
N GLU F 231 11.97 -45.76 27.47
CA GLU F 231 11.28 -46.40 28.57
C GLU F 231 12.01 -46.13 29.89
N TYR F 232 13.28 -45.76 29.78
CA TYR F 232 14.11 -45.49 30.97
C TYR F 232 13.73 -44.22 31.74
N MET F 233 12.89 -43.38 31.13
CA MET F 233 12.39 -42.17 31.79
C MET F 233 11.44 -42.57 32.91
N TYR F 234 10.63 -43.60 32.65
CA TYR F 234 9.70 -44.12 33.62
C TYR F 234 10.47 -44.80 34.74
N ASP F 235 11.57 -45.47 34.38
CA ASP F 235 12.44 -46.16 35.35
C ASP F 235 13.08 -45.15 36.30
N ALA F 236 13.38 -43.97 35.78
CA ALA F 236 13.98 -42.90 36.57
C ALA F 236 13.00 -42.38 37.61
N SER F 237 11.71 -42.37 37.27
CA SER F 237 10.67 -41.91 38.19
C SER F 237 10.39 -42.98 39.24
N ILE F 238 10.48 -44.24 38.85
CA ILE F 238 10.27 -45.36 39.77
C ILE F 238 11.41 -45.45 40.78
N LYS F 239 12.64 -45.23 40.31
CA LYS F 239 13.83 -45.27 41.17
C LYS F 239 13.75 -44.21 42.27
N HIS F 240 13.33 -43.00 41.89
CA HIS F 240 13.20 -41.91 42.86
C HIS F 240 11.90 -41.93 43.65
N GLY F 241 11.06 -42.92 43.36
CA GLY F 241 9.80 -43.12 44.08
C GLY F 241 8.78 -41.99 44.04
N VAL F 242 8.23 -41.73 42.87
CA VAL F 242 7.20 -40.70 42.74
C VAL F 242 5.82 -41.35 42.95
N LYS F 243 4.89 -40.58 43.47
CA LYS F 243 3.55 -41.10 43.75
C LYS F 243 2.63 -41.02 42.54
N GLY F 244 2.93 -40.11 41.62
CA GLY F 244 2.12 -39.94 40.43
C GLY F 244 2.93 -39.63 39.18
N ILE F 245 2.40 -40.03 38.03
CA ILE F 245 3.06 -39.78 36.74
C ILE F 245 2.04 -39.32 35.70
N VAL F 246 2.25 -38.14 35.15
CA VAL F 246 1.38 -37.62 34.10
C VAL F 246 2.05 -37.82 32.74
N TYR F 247 1.34 -38.50 31.84
CA TYR F 247 1.86 -38.80 30.53
C TYR F 247 1.31 -37.88 29.44
N ALA F 248 2.16 -36.94 28.98
CA ALA F 248 1.81 -36.03 27.90
C ALA F 248 1.85 -36.81 26.60
N GLY F 249 0.81 -37.60 26.36
CA GLY F 249 0.76 -38.52 25.23
C GLY F 249 0.49 -37.98 23.85
N MET F 250 0.82 -38.81 22.86
CA MET F 250 0.59 -38.50 21.45
C MET F 250 -0.89 -38.65 21.17
N GLY F 251 -1.50 -37.58 20.66
CA GLY F 251 -2.93 -37.60 20.38
C GLY F 251 -3.75 -37.69 21.66
N ALA F 252 -4.77 -38.54 21.65
CA ALA F 252 -5.64 -38.72 22.81
C ALA F 252 -5.03 -39.65 23.87
N GLY F 253 -3.83 -39.31 24.33
CA GLY F 253 -3.14 -40.10 25.35
C GLY F 253 -2.62 -41.45 24.88
N SER F 254 -2.49 -41.61 23.57
CA SER F 254 -2.00 -42.87 23.00
C SER F 254 -0.57 -43.18 23.44
N VAL F 255 -0.32 -44.45 23.72
CA VAL F 255 1.00 -44.89 24.18
C VAL F 255 1.70 -45.79 23.16
N SER F 256 3.03 -45.73 23.16
CA SER F 256 3.83 -46.60 22.31
C SER F 256 4.06 -47.86 23.11
N LYS F 257 4.74 -48.84 22.52
CA LYS F 257 5.03 -50.09 23.25
C LYS F 257 5.98 -49.86 24.43
N ARG F 258 6.90 -48.91 24.29
CA ARG F 258 7.82 -48.57 25.37
C ARG F 258 7.08 -47.78 26.44
N GLY F 259 6.14 -46.94 26.00
CA GLY F 259 5.35 -46.14 26.92
C GLY F 259 4.39 -47.03 27.67
N ASP F 260 3.79 -47.99 26.96
CA ASP F 260 2.86 -48.95 27.54
C ASP F 260 3.58 -49.76 28.61
N ALA F 261 4.75 -50.29 28.27
CA ALA F 261 5.55 -51.08 29.20
C ALA F 261 6.03 -50.26 30.39
N GLY F 262 6.34 -48.98 30.13
CA GLY F 262 6.81 -48.08 31.18
C GLY F 262 5.71 -47.69 32.15
N ILE F 263 4.50 -47.53 31.63
CA ILE F 263 3.34 -47.16 32.45
C ILE F 263 2.88 -48.32 33.35
N ARG F 264 2.77 -49.52 32.76
CA ARG F 264 2.34 -50.70 33.52
C ARG F 264 3.35 -51.06 34.61
N LYS F 265 4.62 -50.77 34.35
CA LYS F 265 5.70 -51.04 35.30
C LYS F 265 5.57 -50.11 36.50
N ALA F 266 5.12 -48.88 36.25
CA ALA F 266 4.94 -47.90 37.30
C ALA F 266 3.74 -48.24 38.17
N GLU F 267 2.69 -48.77 37.55
CA GLU F 267 1.48 -49.17 38.26
C GLU F 267 1.71 -50.36 39.19
N SER F 268 2.58 -51.27 38.78
CA SER F 268 2.91 -52.44 39.60
C SER F 268 3.68 -52.02 40.85
N LYS F 269 4.28 -50.83 40.78
CA LYS F 269 5.04 -50.27 41.90
C LYS F 269 4.16 -49.40 42.79
N GLY F 270 2.88 -49.30 42.44
CA GLY F 270 1.92 -48.51 43.21
C GLY F 270 1.85 -47.05 42.83
N ILE F 271 2.24 -46.73 41.60
CA ILE F 271 2.23 -45.35 41.12
C ILE F 271 1.00 -45.10 40.24
N VAL F 272 0.28 -44.03 40.54
CA VAL F 272 -0.90 -43.66 39.77
C VAL F 272 -0.49 -42.89 38.53
N VAL F 273 -0.79 -43.43 37.36
CA VAL F 273 -0.44 -42.79 36.10
C VAL F 273 -1.69 -42.27 35.37
N VAL F 274 -1.64 -40.99 34.99
CA VAL F 274 -2.75 -40.38 34.27
C VAL F 274 -2.32 -39.98 32.86
N ARG F 275 -3.00 -40.52 31.86
CA ARG F 275 -2.69 -40.22 30.46
C ARG F 275 -3.31 -38.91 29.99
N SER F 276 -2.46 -37.92 29.74
CA SER F 276 -2.90 -36.62 29.25
C SER F 276 -2.54 -36.51 27.76
N SER F 277 -2.49 -35.28 27.24
CA SER F 277 -2.21 -35.09 25.82
C SER F 277 -1.22 -33.94 25.56
N ARG F 278 -0.38 -34.13 24.55
CA ARG F 278 0.60 -33.11 24.16
C ARG F 278 0.02 -32.17 23.12
N THR F 279 -1.17 -32.51 22.61
CA THR F 279 -1.84 -31.72 21.57
C THR F 279 -2.08 -30.26 21.95
N GLY F 280 -2.58 -30.03 23.16
CA GLY F 280 -2.86 -28.67 23.62
C GLY F 280 -4.28 -28.48 24.12
N SER F 281 -5.19 -29.33 23.65
CA SER F 281 -6.60 -29.26 24.05
C SER F 281 -7.32 -30.56 23.70
N GLY F 282 -8.59 -30.65 24.08
CA GLY F 282 -9.39 -31.81 23.75
C GLY F 282 -9.55 -32.84 24.84
N ILE F 283 -10.42 -33.82 24.58
CA ILE F 283 -10.72 -34.88 25.52
C ILE F 283 -9.89 -36.14 25.30
N VAL F 284 -9.33 -36.67 26.39
CA VAL F 284 -8.63 -37.94 26.37
C VAL F 284 -9.65 -38.95 26.92
N PRO F 285 -10.33 -39.68 26.01
CA PRO F 285 -11.40 -40.60 26.37
C PRO F 285 -10.92 -41.87 27.06
N PRO F 286 -11.77 -42.46 27.93
CA PRO F 286 -11.44 -43.69 28.63
C PRO F 286 -11.26 -44.85 27.66
N ASP F 287 -10.22 -45.64 27.88
CA ASP F 287 -9.92 -46.78 27.02
C ASP F 287 -9.51 -47.96 27.90
N ALA F 288 -10.28 -49.04 27.84
CA ALA F 288 -10.00 -50.23 28.63
C ALA F 288 -8.80 -51.01 28.09
N GLY F 289 -8.53 -50.83 26.79
CA GLY F 289 -7.42 -51.51 26.14
C GLY F 289 -6.06 -50.90 26.44
N GLN F 290 -6.07 -49.73 27.07
CA GLN F 290 -4.83 -49.03 27.44
C GLN F 290 -4.74 -48.80 28.95
N PRO F 291 -3.50 -48.84 29.49
CA PRO F 291 -3.26 -48.67 30.92
C PRO F 291 -3.35 -47.21 31.37
N GLY F 292 -3.38 -47.00 32.68
CA GLY F 292 -3.44 -45.66 33.25
C GLY F 292 -4.81 -45.01 33.20
N LEU F 293 -4.98 -43.97 34.01
CA LEU F 293 -6.22 -43.22 34.05
C LEU F 293 -6.23 -42.17 32.96
N VAL F 294 -7.39 -41.57 32.69
CA VAL F 294 -7.50 -40.53 31.67
C VAL F 294 -7.63 -39.14 32.28
N ALA F 295 -7.09 -38.13 31.59
CA ALA F 295 -7.06 -36.76 32.09
C ALA F 295 -8.22 -35.87 31.68
N ASP F 296 -9.23 -36.43 31.02
CA ASP F 296 -10.40 -35.67 30.57
C ASP F 296 -9.94 -34.56 29.60
N SER F 297 -10.19 -33.29 29.93
CA SER F 297 -9.78 -32.17 29.09
C SER F 297 -8.61 -31.41 29.70
N LEU F 298 -8.05 -31.95 30.78
CA LEU F 298 -6.93 -31.32 31.47
C LEU F 298 -5.60 -31.51 30.76
N SER F 299 -4.79 -30.45 30.76
CA SER F 299 -3.47 -30.47 30.14
C SER F 299 -2.49 -31.19 31.08
N PRO F 300 -1.33 -31.61 30.56
CA PRO F 300 -0.33 -32.29 31.39
C PRO F 300 0.06 -31.48 32.62
N ALA F 301 0.17 -30.16 32.46
CA ALA F 301 0.53 -29.27 33.55
C ALA F 301 -0.53 -29.22 34.64
N LYS F 302 -1.80 -29.11 34.23
CA LYS F 302 -2.90 -29.06 35.18
C LYS F 302 -3.25 -30.43 35.74
N SER F 303 -2.98 -31.47 34.94
CA SER F 303 -3.23 -32.85 35.36
C SER F 303 -2.30 -33.21 36.50
N ARG F 304 -1.08 -32.69 36.43
CA ARG F 304 -0.08 -32.92 37.46
C ARG F 304 -0.53 -32.33 38.79
N ILE F 305 -1.08 -31.12 38.73
CA ILE F 305 -1.57 -30.42 39.91
C ILE F 305 -2.71 -31.18 40.60
N LEU F 306 -3.71 -31.57 39.82
CA LEU F 306 -4.86 -32.32 40.34
C LEU F 306 -4.42 -33.65 40.94
N LEU F 307 -3.56 -34.37 40.23
CA LEU F 307 -3.05 -35.66 40.69
C LEU F 307 -2.25 -35.50 41.99
N MET F 308 -1.48 -34.41 42.08
CA MET F 308 -0.69 -34.12 43.26
C MET F 308 -1.57 -33.89 44.49
N LEU F 309 -2.69 -33.19 44.28
CA LEU F 309 -3.62 -32.90 45.37
C LEU F 309 -4.54 -34.08 45.66
N ALA F 310 -4.74 -34.95 44.66
CA ALA F 310 -5.60 -36.12 44.80
C ALA F 310 -4.93 -37.21 45.63
N LEU F 311 -3.60 -37.26 45.56
CA LEU F 311 -2.83 -38.27 46.28
C LEU F 311 -2.73 -37.99 47.78
N THR F 312 -3.08 -36.77 48.17
CA THR F 312 -3.05 -36.39 49.59
C THR F 312 -4.29 -36.90 50.32
N LYS F 313 -5.31 -37.28 49.54
CA LYS F 313 -6.57 -37.76 50.11
C LYS F 313 -6.81 -39.25 49.88
N THR F 314 -6.48 -39.73 48.69
CA THR F 314 -6.70 -41.14 48.35
C THR F 314 -5.68 -41.69 47.35
N THR F 315 -5.65 -43.01 47.22
CA THR F 315 -4.75 -43.70 46.30
C THR F 315 -5.60 -44.59 45.38
N ASN F 316 -6.91 -44.61 45.63
CA ASN F 316 -7.85 -45.42 44.86
C ASN F 316 -8.10 -44.84 43.46
N PRO F 317 -7.75 -45.61 42.41
CA PRO F 317 -7.89 -45.22 41.00
C PRO F 317 -9.29 -44.75 40.59
N ALA F 318 -10.31 -45.46 41.05
CA ALA F 318 -11.71 -45.13 40.73
C ALA F 318 -12.11 -43.75 41.24
N VAL F 319 -11.60 -43.40 42.42
CA VAL F 319 -11.90 -42.10 43.02
C VAL F 319 -11.12 -40.99 42.30
N ILE F 320 -9.85 -41.25 42.02
CA ILE F 320 -8.99 -40.29 41.32
C ILE F 320 -9.52 -39.98 39.93
N GLN F 321 -10.07 -40.99 39.26
CA GLN F 321 -10.64 -40.82 37.93
C GLN F 321 -11.84 -39.88 38.00
N ASP F 322 -12.63 -40.00 39.06
CA ASP F 322 -13.81 -39.16 39.26
C ASP F 322 -13.44 -37.69 39.46
N TYR F 323 -12.27 -37.43 40.03
CA TYR F 323 -11.80 -36.05 40.22
C TYR F 323 -11.52 -35.41 38.86
N PHE F 324 -10.93 -36.18 37.96
CA PHE F 324 -10.61 -35.70 36.61
C PHE F 324 -11.82 -35.35 35.75
N HIS F 325 -12.97 -35.94 36.07
CA HIS F 325 -14.20 -35.66 35.33
C HIS F 325 -15.08 -34.61 36.03
N ALA F 326 -14.74 -34.29 37.27
CA ALA F 326 -15.54 -33.32 38.04
C ALA F 326 -14.83 -32.00 38.30
N TYR F 327 -13.51 -32.05 38.47
CA TYR F 327 -12.71 -30.85 38.74
C TYR F 327 -12.06 -30.27 37.48
N ASN G 3 -39.01 -46.54 28.93
CA ASN G 3 -37.75 -46.45 29.71
C ASN G 3 -36.80 -45.41 29.11
N LEU G 4 -36.80 -45.32 27.78
CA LEU G 4 -35.98 -44.35 27.06
C LEU G 4 -36.74 -43.04 26.88
N PRO G 5 -36.01 -41.90 26.89
CA PRO G 5 -36.62 -40.57 26.73
C PRO G 5 -37.40 -40.43 25.42
N ASN G 6 -38.31 -39.46 25.37
CA ASN G 6 -39.10 -39.20 24.17
C ASN G 6 -38.62 -37.94 23.46
N ILE G 7 -38.09 -38.12 22.25
CA ILE G 7 -37.58 -37.00 21.47
C ILE G 7 -38.34 -36.80 20.17
N VAL G 8 -38.76 -35.57 19.93
CA VAL G 8 -39.47 -35.22 18.71
C VAL G 8 -38.55 -34.40 17.81
N ILE G 9 -38.39 -34.85 16.57
CA ILE G 9 -37.55 -34.15 15.61
C ILE G 9 -38.39 -33.29 14.67
N LEU G 10 -38.23 -31.98 14.78
CA LEU G 10 -38.98 -31.05 13.94
C LEU G 10 -38.12 -30.59 12.77
N ALA G 11 -38.60 -30.85 11.56
CA ALA G 11 -37.87 -30.49 10.35
C ALA G 11 -38.31 -29.17 9.74
N THR G 12 -37.32 -28.35 9.35
CA THR G 12 -37.59 -27.05 8.73
C THR G 12 -36.96 -26.99 7.34
N GLY G 13 -35.97 -27.84 7.12
CA GLY G 13 -35.27 -27.89 5.84
C GLY G 13 -33.78 -28.15 6.00
N GLY G 14 -32.98 -27.59 5.11
CA GLY G 14 -31.54 -27.78 5.13
C GLY G 14 -31.10 -28.96 4.29
N THR G 15 -29.79 -29.15 4.15
CA THR G 15 -29.27 -30.26 3.35
C THR G 15 -29.03 -31.51 4.20
N ILE G 16 -29.25 -31.39 5.51
CA ILE G 16 -29.09 -32.52 6.42
C ILE G 16 -30.09 -33.63 6.08
N ALA G 17 -31.27 -33.23 5.61
CA ALA G 17 -32.31 -34.17 5.22
C ALA G 17 -32.33 -34.38 3.72
N GLY G 35 -37.56 -36.54 3.45
CA GLY G 35 -37.70 -35.50 4.47
C GLY G 35 -37.04 -35.89 5.78
N VAL G 36 -37.76 -35.71 6.88
CA VAL G 36 -37.25 -36.02 8.20
C VAL G 36 -37.25 -37.53 8.46
N GLU G 37 -38.21 -38.23 7.86
CA GLU G 37 -38.35 -39.68 8.03
C GLU G 37 -37.16 -40.45 7.45
N THR G 38 -36.52 -39.86 6.44
CA THR G 38 -35.37 -40.49 5.79
C THR G 38 -34.16 -40.52 6.73
N LEU G 39 -33.96 -39.42 7.47
CA LEU G 39 -32.84 -39.33 8.42
C LEU G 39 -32.95 -40.31 9.58
N ILE G 40 -34.17 -40.48 10.09
CA ILE G 40 -34.41 -41.40 11.20
C ILE G 40 -34.03 -42.83 10.80
N GLN G 41 -34.38 -43.20 9.57
CA GLN G 41 -34.09 -44.52 9.04
C GLN G 41 -32.63 -44.68 8.62
N ALA G 42 -32.00 -43.58 8.22
CA ALA G 42 -30.61 -43.59 7.78
C ALA G 42 -29.63 -43.81 8.93
N VAL G 43 -30.03 -43.41 10.13
CA VAL G 43 -29.19 -43.58 11.32
C VAL G 43 -29.87 -44.53 12.31
N PRO G 44 -29.47 -45.81 12.28
CA PRO G 44 -30.03 -46.85 13.15
C PRO G 44 -29.54 -46.77 14.60
N GLU G 45 -28.47 -46.02 14.84
CA GLU G 45 -27.91 -45.89 16.20
C GLU G 45 -28.75 -44.98 17.11
N LEU G 46 -29.80 -44.37 16.56
CA LEU G 46 -30.67 -43.48 17.32
C LEU G 46 -31.58 -44.26 18.28
N LYS G 47 -31.77 -45.54 18.00
CA LYS G 47 -32.62 -46.41 18.81
C LYS G 47 -32.04 -46.66 20.20
N THR G 48 -30.72 -46.59 20.32
CA THR G 48 -30.04 -46.79 21.59
C THR G 48 -30.04 -45.52 22.45
N LEU G 49 -30.55 -44.43 21.87
CA LEU G 49 -30.59 -43.15 22.57
C LEU G 49 -31.96 -42.85 23.18
N ALA G 50 -32.99 -42.81 22.33
CA ALA G 50 -34.34 -42.50 22.79
C ALA G 50 -35.41 -42.85 21.76
N ASN G 51 -36.68 -42.67 22.16
CA ASN G 51 -37.81 -42.90 21.27
C ASN G 51 -37.96 -41.71 20.33
N ILE G 52 -37.98 -41.97 19.03
CA ILE G 52 -38.02 -40.89 18.03
C ILE G 52 -39.36 -40.67 17.33
N LYS G 53 -39.85 -39.44 17.40
CA LYS G 53 -41.07 -39.03 16.71
C LYS G 53 -40.65 -37.93 15.71
N GLY G 54 -41.31 -37.87 14.57
CA GLY G 54 -40.95 -36.88 13.55
C GLY G 54 -42.09 -36.04 13.00
N GLU G 55 -41.82 -34.76 12.81
CA GLU G 55 -42.79 -33.82 12.24
C GLU G 55 -42.13 -32.92 11.19
N GLN G 56 -42.96 -32.36 10.30
CA GLN G 56 -42.46 -31.48 9.25
C GLN G 56 -43.05 -30.08 9.42
N VAL G 57 -42.31 -29.20 10.07
CA VAL G 57 -42.76 -27.82 10.30
C VAL G 57 -42.68 -27.02 9.01
N ALA G 58 -41.57 -27.19 8.29
CA ALA G 58 -41.35 -26.50 7.02
C ALA G 58 -40.37 -27.31 6.17
N SER G 59 -40.25 -26.93 4.90
CA SER G 59 -39.33 -27.61 3.99
C SER G 59 -38.66 -26.59 3.06
N ILE G 60 -37.87 -25.71 3.65
CA ILE G 60 -37.19 -24.66 2.90
C ILE G 60 -35.71 -24.54 3.28
N GLY G 61 -34.92 -23.92 2.41
CA GLY G 61 -33.51 -23.68 2.70
C GLY G 61 -33.45 -22.56 3.71
N SER G 62 -32.53 -22.67 4.68
CA SER G 62 -32.40 -21.68 5.75
C SER G 62 -32.23 -20.24 5.26
N GLU G 63 -31.74 -20.07 4.04
CA GLU G 63 -31.56 -18.73 3.47
C GLU G 63 -32.92 -18.05 3.26
N ASN G 64 -33.95 -18.86 3.10
CA ASN G 64 -35.31 -18.36 2.89
C ASN G 64 -36.17 -18.41 4.16
N MET G 65 -35.55 -18.80 5.27
CA MET G 65 -36.24 -18.85 6.56
C MET G 65 -36.71 -17.45 6.93
N THR G 66 -37.94 -17.35 7.41
CA THR G 66 -38.53 -16.07 7.74
C THR G 66 -38.99 -16.00 9.20
N SER G 67 -39.39 -14.81 9.62
CA SER G 67 -39.86 -14.59 10.98
C SER G 67 -41.21 -15.27 11.28
N ASP G 68 -42.07 -15.35 10.26
CA ASP G 68 -43.39 -15.97 10.38
CA ASP G 68 -43.37 -15.97 10.46
C ASP G 68 -43.30 -17.48 10.63
N VAL G 69 -42.26 -18.11 10.08
CA VAL G 69 -42.05 -19.55 10.23
C VAL G 69 -41.48 -19.83 11.61
N LEU G 70 -40.68 -18.88 12.12
CA LEU G 70 -40.09 -18.99 13.45
C LEU G 70 -41.14 -18.91 14.55
N LEU G 71 -42.20 -18.14 14.29
CA LEU G 71 -43.30 -18.03 15.23
C LEU G 71 -43.99 -19.39 15.31
N THR G 72 -44.24 -19.99 14.15
CA THR G 72 -44.86 -21.31 14.06
C THR G 72 -44.00 -22.36 14.75
N LEU G 73 -42.70 -22.30 14.50
CA LEU G 73 -41.75 -23.22 15.11
C LEU G 73 -41.71 -23.08 16.63
N SER G 74 -41.65 -21.83 17.09
CA SER G 74 -41.60 -21.54 18.53
C SER G 74 -42.83 -22.01 19.28
N LYS G 75 -44.00 -21.76 18.69
CA LYS G 75 -45.27 -22.17 19.29
C LYS G 75 -45.36 -23.69 19.37
N ARG G 76 -44.88 -24.37 18.34
CA ARG G 76 -44.92 -25.83 18.29
C ARG G 76 -43.97 -26.46 19.31
N VAL G 77 -42.81 -25.83 19.52
CA VAL G 77 -41.83 -26.33 20.49
C VAL G 77 -42.39 -26.22 21.92
N ASN G 78 -42.89 -25.05 22.27
CA ASN G 78 -43.49 -24.83 23.58
C ASN G 78 -44.72 -25.70 23.80
N GLU G 79 -45.45 -25.95 22.71
CA GLU G 79 -46.64 -26.78 22.75
C GLU G 79 -46.25 -28.22 23.07
N LEU G 80 -45.12 -28.66 22.51
CA LEU G 80 -44.61 -30.01 22.73
C LEU G 80 -43.90 -30.18 24.08
N LEU G 81 -43.11 -29.18 24.46
CA LEU G 81 -42.37 -29.24 25.72
C LEU G 81 -43.28 -29.15 26.95
N ALA G 82 -44.52 -28.75 26.73
CA ALA G 82 -45.50 -28.67 27.81
C ALA G 82 -46.07 -30.05 28.10
N ARG G 83 -46.04 -30.91 27.08
CA ARG G 83 -46.54 -32.29 27.19
C ARG G 83 -45.63 -33.15 28.07
N SER G 84 -46.24 -34.09 28.79
CA SER G 84 -45.51 -34.98 29.69
C SER G 84 -44.79 -36.09 28.93
N ASP G 85 -45.18 -36.32 27.68
CA ASP G 85 -44.58 -37.37 26.87
C ASP G 85 -43.50 -36.88 25.90
N VAL G 86 -42.90 -35.74 26.22
CA VAL G 86 -41.82 -35.17 25.42
C VAL G 86 -40.71 -34.69 26.36
N ASP G 87 -39.53 -35.31 26.25
CA ASP G 87 -38.41 -34.97 27.12
C ASP G 87 -37.45 -33.96 26.50
N GLY G 88 -37.45 -33.87 25.17
CA GLY G 88 -36.58 -32.95 24.46
C GLY G 88 -36.92 -32.87 22.98
N VAL G 89 -36.48 -31.80 22.33
CA VAL G 89 -36.75 -31.61 20.91
C VAL G 89 -35.49 -31.36 20.09
N VAL G 90 -35.40 -32.01 18.93
CA VAL G 90 -34.29 -31.83 18.01
C VAL G 90 -34.82 -31.12 16.76
N ILE G 91 -34.16 -30.04 16.36
CA ILE G 91 -34.61 -29.28 15.20
C ILE G 91 -33.59 -29.26 14.07
N THR G 92 -33.93 -29.91 12.97
CA THR G 92 -33.07 -29.93 11.79
C THR G 92 -33.26 -28.61 11.05
N HIS G 93 -32.16 -27.94 10.75
CA HIS G 93 -32.20 -26.62 10.14
C HIS G 93 -31.00 -26.47 9.20
N GLY G 94 -31.05 -25.48 8.32
CA GLY G 94 -29.93 -25.21 7.42
C GLY G 94 -28.84 -24.47 8.16
N THR G 95 -27.63 -24.42 7.61
CA THR G 95 -26.49 -23.76 8.25
C THR G 95 -26.40 -22.26 7.97
N ASP G 96 -26.94 -21.81 6.85
CA ASP G 96 -26.85 -20.42 6.44
C ASP G 96 -27.42 -19.37 7.39
N THR G 97 -28.57 -19.65 7.98
CA THR G 97 -29.15 -18.73 8.97
C THR G 97 -29.32 -19.43 10.32
N LEU G 98 -28.40 -20.33 10.61
CA LEU G 98 -28.40 -21.04 11.89
C LEU G 98 -27.89 -20.11 12.99
N ASP G 99 -27.55 -18.88 12.60
CA ASP G 99 -27.12 -17.87 13.55
C ASP G 99 -28.33 -17.22 14.19
N GLU G 100 -29.42 -17.11 13.42
CA GLU G 100 -30.65 -16.47 13.90
C GLU G 100 -31.62 -17.41 14.63
N SER G 101 -32.10 -18.42 13.91
CA SER G 101 -33.10 -19.37 14.43
C SER G 101 -32.96 -19.86 15.88
N PRO G 102 -31.80 -20.47 16.23
CA PRO G 102 -31.62 -20.96 17.59
C PRO G 102 -31.68 -19.87 18.66
N TYR G 103 -31.22 -18.67 18.32
CA TYR G 103 -31.24 -17.57 19.28
C TYR G 103 -32.66 -17.02 19.45
N PHE G 104 -33.48 -17.16 18.41
CA PHE G 104 -34.87 -16.74 18.46
C PHE G 104 -35.58 -17.59 19.52
N LEU G 105 -35.37 -18.90 19.44
CA LEU G 105 -35.99 -19.82 20.39
C LEU G 105 -35.36 -19.74 21.77
N ASN G 106 -34.10 -19.33 21.83
CA ASN G 106 -33.41 -19.17 23.10
C ASN G 106 -34.09 -18.11 23.96
N LEU G 107 -34.87 -17.26 23.32
CA LEU G 107 -35.58 -16.17 23.99
C LEU G 107 -37.09 -16.41 24.08
N THR G 108 -37.62 -17.25 23.19
CA THR G 108 -39.06 -17.51 23.14
C THR G 108 -39.52 -18.83 23.79
N VAL G 109 -38.64 -19.82 23.85
CA VAL G 109 -38.98 -21.09 24.48
C VAL G 109 -39.08 -20.94 26.00
N LYS G 110 -40.23 -21.32 26.55
CA LYS G 110 -40.49 -21.19 27.99
C LYS G 110 -40.36 -22.52 28.72
N SER G 111 -39.23 -23.20 28.51
CA SER G 111 -38.99 -24.51 29.13
C SER G 111 -37.51 -24.83 29.30
N ASP G 112 -37.19 -25.61 30.34
CA ASP G 112 -35.81 -26.04 30.59
C ASP G 112 -35.43 -27.25 29.75
N LYS G 113 -36.43 -27.95 29.21
CA LYS G 113 -36.19 -29.12 28.36
C LYS G 113 -35.34 -28.73 27.15
N PRO G 114 -34.41 -29.62 26.76
CA PRO G 114 -33.45 -29.35 25.68
C PRO G 114 -34.06 -29.14 24.30
N VAL G 115 -33.73 -27.99 23.69
CA VAL G 115 -34.12 -27.68 22.33
C VAL G 115 -32.80 -27.63 21.57
N VAL G 116 -32.50 -28.69 20.83
CA VAL G 116 -31.21 -28.80 20.15
C VAL G 116 -31.28 -28.70 18.63
N PHE G 117 -30.75 -27.60 18.10
CA PHE G 117 -30.68 -27.40 16.66
C PHE G 117 -29.52 -28.19 16.07
N VAL G 118 -29.75 -28.78 14.90
CA VAL G 118 -28.72 -29.56 14.24
C VAL G 118 -28.72 -29.24 12.74
N ALA G 119 -27.54 -29.32 12.13
CA ALA G 119 -27.39 -29.02 10.72
C ALA G 119 -26.21 -29.79 10.13
N ALA G 120 -26.07 -29.75 8.81
CA ALA G 120 -24.97 -30.41 8.12
C ALA G 120 -24.36 -29.50 7.09
N MET G 121 -23.03 -29.49 7.01
CA MET G 121 -22.34 -28.67 6.04
C MET G 121 -22.26 -29.34 4.66
N ARG G 122 -22.23 -30.68 4.67
CA ARG G 122 -22.18 -31.45 3.44
C ARG G 122 -23.51 -32.13 3.17
N PRO G 123 -23.91 -32.23 1.89
CA PRO G 123 -25.15 -32.90 1.53
C PRO G 123 -25.11 -34.38 1.91
N ALA G 124 -26.28 -34.97 2.14
CA ALA G 124 -26.39 -36.37 2.56
C ALA G 124 -25.78 -37.37 1.56
N THR G 125 -25.81 -37.01 0.28
CA THR G 125 -25.29 -37.88 -0.77
C THR G 125 -23.78 -37.80 -0.95
N ALA G 126 -23.15 -36.80 -0.34
CA ALA G 126 -21.71 -36.62 -0.44
C ALA G 126 -20.94 -37.61 0.43
N ILE G 127 -19.68 -37.83 0.08
CA ILE G 127 -18.82 -38.75 0.84
C ILE G 127 -18.40 -38.11 2.16
N SER G 128 -18.47 -38.91 3.23
CA SER G 128 -18.15 -38.45 4.58
C SER G 128 -19.11 -37.35 5.04
N ALA G 129 -20.39 -37.50 4.68
CA ALA G 129 -21.41 -36.53 5.05
C ALA G 129 -21.48 -36.40 6.56
N ASP G 130 -21.49 -35.17 7.05
CA ASP G 130 -21.52 -34.89 8.49
C ASP G 130 -22.91 -35.00 9.12
N GLY G 131 -23.93 -34.99 8.27
CA GLY G 131 -25.34 -35.09 8.71
C GLY G 131 -25.65 -36.16 9.74
N PRO G 132 -25.37 -37.44 9.40
CA PRO G 132 -25.63 -38.58 10.28
C PRO G 132 -25.04 -38.46 11.68
N MET G 133 -23.78 -38.06 11.79
CA MET G 133 -23.13 -37.93 13.10
C MET G 133 -23.65 -36.74 13.88
N ASN G 134 -23.88 -35.63 13.19
CA ASN G 134 -24.43 -34.42 13.83
C ASN G 134 -25.80 -34.71 14.43
N LEU G 135 -26.63 -35.44 13.68
CA LEU G 135 -27.97 -35.81 14.14
C LEU G 135 -27.88 -36.69 15.37
N TYR G 136 -26.98 -37.67 15.33
CA TYR G 136 -26.77 -38.59 16.44
C TYR G 136 -26.39 -37.86 17.72
N GLY G 137 -25.48 -36.89 17.60
CA GLY G 137 -25.03 -36.11 18.73
C GLY G 137 -26.12 -35.21 19.30
N ALA G 138 -26.92 -34.61 18.40
CA ALA G 138 -28.01 -33.74 18.79
C ALA G 138 -29.08 -34.49 19.59
N VAL G 139 -29.44 -35.68 19.11
CA VAL G 139 -30.43 -36.52 19.77
C VAL G 139 -29.92 -36.99 21.14
N LYS G 140 -28.65 -37.34 21.20
CA LYS G 140 -28.03 -37.80 22.44
C LYS G 140 -28.05 -36.70 23.49
N VAL G 141 -27.80 -35.47 23.05
CA VAL G 141 -27.81 -34.30 23.94
C VAL G 141 -29.23 -34.01 24.44
N ALA G 142 -30.20 -34.10 23.53
CA ALA G 142 -31.60 -33.86 23.88
C ALA G 142 -32.14 -34.93 24.81
N ALA G 143 -31.58 -36.14 24.72
CA ALA G 143 -31.99 -37.26 25.57
C ALA G 143 -31.27 -37.26 26.91
N ASP G 144 -30.22 -36.47 27.03
CA ASP G 144 -29.45 -36.39 28.27
C ASP G 144 -30.14 -35.44 29.25
N LYS G 145 -30.34 -35.91 30.48
CA LYS G 145 -31.01 -35.13 31.52
C LYS G 145 -30.16 -33.97 32.02
N ASN G 146 -28.84 -34.09 31.91
CA ASN G 146 -27.92 -33.06 32.37
C ASN G 146 -27.83 -31.88 31.39
N SER G 147 -28.52 -31.98 30.27
CA SER G 147 -28.51 -30.94 29.24
C SER G 147 -29.60 -29.88 29.44
N ARG G 148 -30.41 -30.04 30.48
CA ARG G 148 -31.50 -29.10 30.74
C ARG G 148 -31.09 -27.85 31.50
N GLY G 149 -31.77 -26.73 31.22
CA GLY G 149 -31.49 -25.45 31.85
C GLY G 149 -30.21 -24.81 31.38
N ARG G 150 -29.85 -25.08 30.12
CA ARG G 150 -28.63 -24.55 29.54
C ARG G 150 -28.91 -23.59 28.38
N GLY G 151 -30.18 -23.45 28.02
CA GLY G 151 -30.57 -22.61 26.90
C GLY G 151 -30.58 -23.44 25.64
N VAL G 152 -31.05 -22.85 24.53
CA VAL G 152 -31.06 -23.57 23.25
C VAL G 152 -29.65 -23.92 22.82
N LEU G 153 -29.46 -25.17 22.41
CA LEU G 153 -28.15 -25.67 22.02
C LEU G 153 -28.05 -25.91 20.52
N VAL G 154 -26.84 -25.75 19.99
CA VAL G 154 -26.57 -25.96 18.57
C VAL G 154 -25.44 -26.99 18.47
N VAL G 155 -25.71 -28.13 17.84
CA VAL G 155 -24.71 -29.19 17.74
C VAL G 155 -24.27 -29.58 16.34
N LEU G 156 -22.99 -29.32 16.05
CA LEU G 156 -22.35 -29.73 14.80
C LEU G 156 -20.88 -30.02 15.08
N ASN G 157 -20.32 -30.98 14.35
CA ASN G 157 -18.91 -31.34 14.47
C ASN G 157 -18.47 -31.68 15.90
N ASP G 158 -19.27 -32.49 16.58
CA ASP G 158 -18.98 -32.94 17.95
C ASP G 158 -18.92 -31.83 19.01
N ARG G 159 -19.42 -30.64 18.66
CA ARG G 159 -19.41 -29.51 19.59
C ARG G 159 -20.83 -29.16 20.06
N ILE G 160 -20.92 -28.59 21.26
CA ILE G 160 -22.20 -28.14 21.80
C ILE G 160 -22.09 -26.66 22.11
N GLY G 161 -22.56 -25.83 21.18
CA GLY G 161 -22.48 -24.39 21.34
C GLY G 161 -23.77 -23.73 21.80
N SER G 162 -23.63 -22.59 22.46
CA SER G 162 -24.78 -21.82 22.93
C SER G 162 -25.35 -20.99 21.80
N ALA G 163 -26.68 -20.96 21.71
CA ALA G 163 -27.37 -20.19 20.67
C ALA G 163 -27.07 -18.69 20.77
N ARG G 164 -26.55 -18.28 21.92
CA ARG G 164 -26.21 -16.88 22.19
C ARG G 164 -24.84 -16.49 21.64
N PHE G 165 -23.95 -17.47 21.51
CA PHE G 165 -22.59 -17.19 21.05
C PHE G 165 -22.17 -17.84 19.73
N ILE G 166 -22.67 -19.05 19.47
CA ILE G 166 -22.29 -19.81 18.28
C ILE G 166 -22.77 -19.19 16.97
N SER G 167 -21.88 -19.14 15.98
CA SER G 167 -22.21 -18.61 14.67
C SER G 167 -21.36 -19.26 13.59
N LYS G 168 -21.83 -19.21 12.35
CA LYS G 168 -21.09 -19.77 11.22
C LYS G 168 -19.95 -18.80 10.89
N THR G 169 -18.73 -19.19 11.23
CA THR G 169 -17.57 -18.34 11.03
C THR G 169 -16.82 -18.60 9.71
N ASN G 170 -17.20 -19.66 9.01
CA ASN G 170 -16.58 -20.00 7.73
C ASN G 170 -17.65 -20.40 6.72
N ALA G 171 -17.49 -19.96 5.48
CA ALA G 171 -18.45 -20.20 4.43
C ALA G 171 -18.65 -21.65 4.00
N SER G 172 -17.62 -22.48 4.10
CA SER G 172 -17.73 -23.84 3.57
C SER G 172 -17.07 -25.00 4.32
N THR G 173 -16.58 -24.77 5.54
CA THR G 173 -15.90 -25.84 6.28
C THR G 173 -16.80 -26.58 7.29
N LEU G 174 -16.41 -27.79 7.65
CA LEU G 174 -17.17 -28.62 8.59
C LEU G 174 -17.15 -28.08 10.01
N ASP G 175 -16.04 -27.47 10.40
CA ASP G 175 -15.86 -26.92 11.75
C ASP G 175 -16.25 -25.46 11.83
N THR G 176 -17.00 -24.99 10.84
CA THR G 176 -17.40 -23.59 10.72
C THR G 176 -18.03 -22.92 11.95
N PHE G 177 -18.90 -23.63 12.66
CA PHE G 177 -19.57 -23.07 13.84
C PHE G 177 -18.65 -22.94 15.05
N LYS G 178 -18.26 -21.70 15.35
CA LYS G 178 -17.35 -21.42 16.45
C LYS G 178 -17.80 -20.21 17.26
N ALA G 179 -17.10 -19.96 18.36
CA ALA G 179 -17.32 -18.81 19.23
C ALA G 179 -15.98 -18.54 19.92
N PRO G 180 -15.07 -17.84 19.20
CA PRO G 180 -13.70 -17.56 19.67
C PRO G 180 -13.57 -17.03 21.10
N GLU G 181 -14.42 -16.08 21.47
CA GLU G 181 -14.34 -15.48 22.80
C GLU G 181 -15.13 -16.21 23.88
N GLU G 182 -16.05 -17.08 23.48
CA GLU G 182 -16.89 -17.78 24.45
C GLU G 182 -16.73 -19.31 24.45
N GLY G 183 -16.08 -19.84 23.43
CA GLY G 183 -15.86 -21.28 23.31
C GLY G 183 -17.15 -22.08 23.19
N TYR G 184 -17.10 -23.34 23.62
CA TYR G 184 -18.27 -24.20 23.57
C TYR G 184 -18.75 -24.55 24.98
N LEU G 185 -20.03 -24.87 25.10
CA LEU G 185 -20.62 -25.27 26.39
C LEU G 185 -20.20 -26.69 26.73
N GLY G 186 -20.02 -27.50 25.70
CA GLY G 186 -19.62 -28.89 25.87
C GLY G 186 -19.18 -29.54 24.57
N VAL G 187 -18.63 -30.74 24.69
CA VAL G 187 -18.18 -31.50 23.52
C VAL G 187 -18.62 -32.96 23.62
N ILE G 188 -18.89 -33.58 22.47
CA ILE G 188 -19.31 -34.97 22.42
C ILE G 188 -18.16 -35.82 21.89
N ILE G 189 -17.44 -36.47 22.80
CA ILE G 189 -16.28 -37.29 22.43
C ILE G 189 -16.41 -38.73 22.92
N GLY G 190 -16.30 -39.69 22.00
CA GLY G 190 -16.36 -41.11 22.32
C GLY G 190 -17.68 -41.55 22.90
N ASP G 191 -18.77 -41.10 22.27
CA ASP G 191 -20.14 -41.44 22.70
C ASP G 191 -20.44 -40.99 24.14
N LYS G 192 -19.80 -39.91 24.56
CA LYS G 192 -20.01 -39.34 25.90
C LYS G 192 -20.07 -37.81 25.84
N ILE G 193 -20.91 -37.23 26.67
CA ILE G 193 -21.08 -35.77 26.71
C ILE G 193 -20.22 -35.14 27.81
N TYR G 194 -19.48 -34.10 27.43
CA TYR G 194 -18.60 -33.40 28.37
C TYR G 194 -18.91 -31.91 28.47
N TYR G 195 -19.77 -31.55 29.42
CA TYR G 195 -20.10 -30.14 29.63
C TYR G 195 -18.98 -29.39 30.37
N GLN G 196 -18.66 -28.20 29.88
CA GLN G 196 -17.57 -27.43 30.45
C GLN G 196 -17.97 -26.04 30.96
N THR G 197 -18.87 -25.37 30.23
CA THR G 197 -19.33 -24.03 30.62
C THR G 197 -20.85 -23.88 30.55
N ARG G 198 -21.35 -22.85 31.22
CA ARG G 198 -22.77 -22.51 31.23
C ARG G 198 -22.98 -21.06 30.83
N LEU G 199 -24.04 -20.81 30.07
CA LEU G 199 -24.37 -19.46 29.61
C LEU G 199 -24.69 -18.56 30.80
N ASP G 200 -23.99 -17.43 30.89
CA ASP G 200 -24.21 -16.49 31.98
C ASP G 200 -25.05 -15.31 31.50
N LYS G 201 -26.19 -15.63 30.89
CA LYS G 201 -27.14 -14.63 30.38
C LYS G 201 -28.55 -15.10 30.71
N VAL G 202 -29.53 -14.23 30.53
CA VAL G 202 -30.92 -14.60 30.77
C VAL G 202 -31.42 -15.38 29.55
N HIS G 203 -31.95 -16.58 29.79
CA HIS G 203 -32.42 -17.42 28.70
C HIS G 203 -33.64 -18.26 29.04
N THR G 204 -34.28 -18.77 27.99
CA THR G 204 -35.45 -19.66 28.11
C THR G 204 -36.52 -19.30 29.14
N THR G 205 -36.57 -20.07 30.24
CA THR G 205 -37.58 -19.89 31.28
C THR G 205 -37.63 -18.55 31.99
N ARG G 206 -36.48 -17.89 32.09
CA ARG G 206 -36.41 -16.60 32.78
C ARG G 206 -36.53 -15.40 31.84
N SER G 207 -36.68 -15.69 30.54
CA SER G 207 -36.85 -14.64 29.53
C SER G 207 -38.26 -14.05 29.58
N VAL G 208 -38.36 -12.74 29.34
CA VAL G 208 -39.65 -12.04 29.39
C VAL G 208 -40.35 -12.01 28.03
N PHE G 209 -39.71 -12.59 27.02
CA PHE G 209 -40.28 -12.62 25.67
C PHE G 209 -41.18 -13.82 25.45
N ASP G 210 -42.41 -13.56 25.03
CA ASP G 210 -43.40 -14.60 24.77
C ASP G 210 -44.17 -14.23 23.50
N VAL G 211 -44.03 -15.05 22.46
CA VAL G 211 -44.69 -14.79 21.18
C VAL G 211 -45.85 -15.75 20.90
N THR G 212 -46.39 -16.35 21.96
CA THR G 212 -47.50 -17.30 21.85
C THR G 212 -48.68 -16.67 21.11
N ASN G 213 -49.00 -15.43 21.44
CA ASN G 213 -50.11 -14.73 20.82
C ASN G 213 -49.71 -13.68 19.78
N VAL G 214 -48.50 -13.81 19.25
CA VAL G 214 -48.00 -12.89 18.24
C VAL G 214 -48.19 -13.48 16.84
N ASP G 215 -48.83 -12.72 15.96
CA ASP G 215 -49.11 -13.16 14.59
C ASP G 215 -48.06 -12.67 13.60
N LYS G 216 -47.57 -11.45 13.82
CA LYS G 216 -46.56 -10.87 12.94
C LYS G 216 -45.58 -9.99 13.72
N LEU G 217 -44.29 -10.21 13.49
CA LEU G 217 -43.23 -9.47 14.17
C LEU G 217 -42.88 -8.17 13.43
N PRO G 218 -42.42 -7.16 14.17
CA PRO G 218 -42.00 -5.90 13.56
C PRO G 218 -40.80 -6.09 12.64
N ALA G 219 -40.79 -5.38 11.52
CA ALA G 219 -39.70 -5.49 10.55
C ALA G 219 -38.42 -4.80 11.05
N VAL G 220 -37.30 -5.50 10.93
CA VAL G 220 -36.00 -4.97 11.33
C VAL G 220 -34.96 -5.25 10.25
N ASP G 221 -34.33 -4.17 9.75
CA ASP G 221 -33.31 -4.28 8.71
C ASP G 221 -31.90 -4.28 9.30
N ILE G 222 -30.93 -4.71 8.48
CA ILE G 222 -29.52 -4.69 8.87
C ILE G 222 -28.74 -3.94 7.80
N ILE G 223 -28.05 -2.86 8.21
CA ILE G 223 -27.26 -2.06 7.28
C ILE G 223 -25.77 -2.13 7.62
N TYR G 224 -24.99 -2.61 6.66
CA TYR G 224 -23.56 -2.83 6.83
C TYR G 224 -22.77 -1.52 6.86
N GLY G 225 -21.66 -1.53 7.62
CA GLY G 225 -20.78 -0.37 7.73
C GLY G 225 -19.49 -0.57 6.97
N TYR G 226 -19.13 0.40 6.14
CA TYR G 226 -17.92 0.32 5.32
C TYR G 226 -17.51 1.70 4.79
N GLN G 227 -16.33 1.77 4.18
CA GLN G 227 -15.85 3.01 3.58
C GLN G 227 -16.81 3.45 2.49
N ASP G 228 -17.17 4.73 2.50
CA ASP G 228 -18.07 5.30 1.49
C ASP G 228 -19.50 4.76 1.59
N ASP G 229 -19.87 4.24 2.77
CA ASP G 229 -21.21 3.70 2.97
C ASP G 229 -22.29 4.76 2.73
N PRO G 230 -23.29 4.42 1.90
CA PRO G 230 -24.38 5.30 1.53
C PRO G 230 -25.37 5.58 2.65
N GLU G 231 -25.98 6.76 2.61
CA GLU G 231 -26.96 7.15 3.59
C GLU G 231 -28.34 6.70 3.14
N TYR G 232 -28.54 6.68 1.81
CA TYR G 232 -29.82 6.31 1.21
C TYR G 232 -30.37 4.93 1.59
N MET G 233 -29.52 4.09 2.20
CA MET G 233 -29.96 2.78 2.66
C MET G 233 -30.90 2.97 3.83
N TYR G 234 -30.60 3.96 4.67
CA TYR G 234 -31.43 4.27 5.82
C TYR G 234 -32.75 4.87 5.37
N ASP G 235 -32.70 5.65 4.29
CA ASP G 235 -33.89 6.26 3.72
C ASP G 235 -34.88 5.19 3.24
N ALA G 236 -34.35 4.13 2.62
CA ALA G 236 -35.17 3.04 2.13
C ALA G 236 -35.87 2.31 3.28
N SER G 237 -35.15 2.12 4.38
CA SER G 237 -35.70 1.47 5.56
C SER G 237 -36.81 2.32 6.16
N ILE G 238 -36.59 3.63 6.20
CA ILE G 238 -37.59 4.58 6.72
C ILE G 238 -38.85 4.56 5.86
N LYS G 239 -38.64 4.61 4.54
CA LYS G 239 -39.74 4.63 3.57
C LYS G 239 -40.66 3.40 3.66
N HIS G 240 -40.07 2.24 3.95
CA HIS G 240 -40.85 1.01 4.06
C HIS G 240 -41.37 0.72 5.46
N GLY G 241 -41.19 1.69 6.36
CA GLY G 241 -41.72 1.62 7.73
C GLY G 241 -41.21 0.54 8.65
N VAL G 242 -39.90 0.28 8.64
CA VAL G 242 -39.33 -0.71 9.54
C VAL G 242 -39.36 -0.14 10.97
N LYS G 243 -39.38 -1.02 11.96
CA LYS G 243 -39.43 -0.58 13.36
C LYS G 243 -38.06 -0.53 13.99
N GLY G 244 -37.10 -1.25 13.39
CA GLY G 244 -35.74 -1.29 13.91
C GLY G 244 -34.68 -1.42 12.83
N ILE G 245 -33.47 -0.99 13.16
CA ILE G 245 -32.33 -1.10 12.26
C ILE G 245 -31.10 -1.52 13.04
N VAL G 246 -30.41 -2.53 12.53
CA VAL G 246 -29.18 -2.99 13.14
C VAL G 246 -28.01 -2.58 12.26
N TYR G 247 -27.13 -1.77 12.82
CA TYR G 247 -25.97 -1.29 12.10
C TYR G 247 -24.79 -2.23 12.31
N ALA G 248 -24.38 -2.91 11.24
CA ALA G 248 -23.22 -3.81 11.29
C ALA G 248 -22.02 -2.91 11.02
N GLY G 249 -21.60 -2.18 12.06
CA GLY G 249 -20.57 -1.17 11.93
C GLY G 249 -19.10 -1.54 11.86
N MET G 250 -18.32 -0.55 11.44
CA MET G 250 -16.87 -0.67 11.34
C MET G 250 -16.30 -0.66 12.75
N GLY G 251 -15.37 -1.59 13.01
CA GLY G 251 -14.76 -1.70 14.34
C GLY G 251 -15.82 -1.95 15.39
N ALA G 252 -15.79 -1.16 16.46
CA ALA G 252 -16.78 -1.28 17.53
C ALA G 252 -18.03 -0.44 17.23
N GLY G 253 -18.68 -0.75 16.11
CA GLY G 253 -19.90 -0.05 15.70
C GLY G 253 -19.73 1.42 15.37
N SER G 254 -18.51 1.80 14.97
CA SER G 254 -18.22 3.20 14.62
C SER G 254 -19.02 3.66 13.40
N VAL G 255 -19.57 4.87 13.49
CA VAL G 255 -20.36 5.43 12.40
C VAL G 255 -19.57 6.45 11.59
N SER G 256 -19.80 6.43 10.27
CA SER G 256 -19.20 7.40 9.39
C SER G 256 -20.11 8.63 9.42
N LYS G 257 -19.74 9.69 8.73
CA LYS G 257 -20.55 10.90 8.70
C LYS G 257 -21.86 10.67 7.95
N ARG G 258 -21.87 9.67 7.09
CA ARG G 258 -23.06 9.30 6.32
C ARG G 258 -23.94 8.34 7.10
N GLY G 259 -23.31 7.46 7.87
CA GLY G 259 -24.03 6.50 8.71
C GLY G 259 -24.64 7.21 9.91
N ASP G 260 -23.91 8.21 10.41
CA ASP G 260 -24.36 9.03 11.53
C ASP G 260 -25.62 9.77 11.11
N ALA G 261 -25.60 10.30 9.89
CA ALA G 261 -26.75 11.04 9.36
C ALA G 261 -27.95 10.12 9.14
N GLY G 262 -27.69 8.93 8.60
CA GLY G 262 -28.75 7.96 8.34
C GLY G 262 -29.42 7.45 9.59
N ILE G 263 -28.62 7.13 10.60
CA ILE G 263 -29.11 6.63 11.88
C ILE G 263 -29.96 7.65 12.64
N ARG G 264 -29.50 8.90 12.69
CA ARG G 264 -30.23 9.96 13.38
C ARG G 264 -31.54 10.32 12.69
N LYS G 265 -31.55 10.22 11.36
CA LYS G 265 -32.76 10.48 10.57
C LYS G 265 -33.77 9.36 10.84
N ALA G 266 -33.25 8.16 11.04
CA ALA G 266 -34.08 6.98 11.33
C ALA G 266 -34.66 7.05 12.74
N GLU G 267 -33.85 7.52 13.69
CA GLU G 267 -34.29 7.68 15.07
C GLU G 267 -35.35 8.77 15.21
N SER G 268 -35.24 9.80 14.38
CA SER G 268 -36.20 10.91 14.41
C SER G 268 -37.56 10.48 13.88
N LYS G 269 -37.57 9.38 13.12
CA LYS G 269 -38.81 8.86 12.55
C LYS G 269 -39.43 7.75 13.39
N GLY G 270 -38.87 7.52 14.57
CA GLY G 270 -39.40 6.52 15.51
C GLY G 270 -38.72 5.16 15.48
N ILE G 271 -37.80 4.98 14.54
CA ILE G 271 -37.09 3.70 14.39
C ILE G 271 -35.97 3.55 15.43
N VAL G 272 -35.94 2.39 16.09
CA VAL G 272 -34.91 2.10 17.09
C VAL G 272 -33.66 1.50 16.41
N VAL G 273 -32.52 2.16 16.59
CA VAL G 273 -31.27 1.71 15.98
C VAL G 273 -30.30 1.12 17.02
N VAL G 274 -29.66 0.01 16.65
CA VAL G 274 -28.68 -0.66 17.52
C VAL G 274 -27.35 -0.81 16.77
N ARG G 275 -26.27 -0.32 17.37
CA ARG G 275 -24.94 -0.41 16.75
C ARG G 275 -24.23 -1.73 17.07
N SER G 276 -24.13 -2.60 16.07
CA SER G 276 -23.44 -3.88 16.23
C SER G 276 -22.07 -3.78 15.55
N SER G 277 -21.49 -4.92 15.21
CA SER G 277 -20.16 -4.94 14.61
C SER G 277 -19.99 -5.93 13.46
N ARG G 278 -19.23 -5.52 12.44
CA ARG G 278 -18.97 -6.36 11.27
C ARG G 278 -17.74 -7.24 11.51
N THR G 279 -17.06 -7.02 12.62
CA THR G 279 -15.82 -7.74 12.95
C THR G 279 -15.98 -9.26 13.09
N GLY G 280 -16.99 -9.69 13.84
CA GLY G 280 -17.23 -11.11 14.05
C GLY G 280 -17.26 -11.51 15.52
N SER G 281 -16.74 -10.64 16.39
CA SER G 281 -16.71 -10.88 17.84
C SER G 281 -16.37 -9.61 18.60
N GLY G 282 -16.50 -9.65 19.92
CA GLY G 282 -16.12 -8.51 20.75
C GLY G 282 -17.26 -7.66 21.24
N ILE G 283 -16.91 -6.72 22.12
CA ILE G 283 -17.87 -5.83 22.74
C ILE G 283 -17.95 -4.46 22.06
N VAL G 284 -19.17 -4.01 21.79
CA VAL G 284 -19.39 -2.66 21.30
C VAL G 284 -19.76 -1.88 22.57
N PRO G 285 -18.86 -1.02 23.05
CA PRO G 285 -19.06 -0.29 24.29
C PRO G 285 -20.00 0.90 24.15
N PRO G 286 -20.64 1.32 25.26
CA PRO G 286 -21.52 2.49 25.22
C PRO G 286 -20.71 3.74 24.90
N ASP G 287 -21.28 4.62 24.09
CA ASP G 287 -20.60 5.85 23.68
C ASP G 287 -21.64 6.95 23.50
N ALA G 288 -21.63 7.92 24.43
CA ALA G 288 -22.57 9.03 24.40
C ALA G 288 -22.38 9.97 23.20
N GLY G 289 -21.23 9.84 22.54
CA GLY G 289 -20.91 10.67 21.39
C GLY G 289 -21.42 10.13 20.06
N GLN G 290 -22.02 8.95 20.08
CA GLN G 290 -22.56 8.33 18.87
C GLN G 290 -24.04 8.00 19.04
N PRO G 291 -24.82 8.04 17.93
CA PRO G 291 -26.23 7.75 18.01
C PRO G 291 -26.52 6.24 18.14
N GLY G 292 -27.77 5.91 18.49
CA GLY G 292 -28.17 4.52 18.61
C GLY G 292 -27.80 3.84 19.90
N LEU G 293 -28.26 2.60 20.06
CA LEU G 293 -27.95 1.80 21.22
C LEU G 293 -26.76 0.91 20.87
N VAL G 294 -26.23 0.17 21.84
CA VAL G 294 -25.11 -0.73 21.60
C VAL G 294 -25.52 -2.20 21.68
N ALA G 295 -24.89 -3.03 20.85
CA ALA G 295 -25.24 -4.45 20.77
C ALA G 295 -24.51 -5.36 21.74
N ASP G 296 -23.71 -4.78 22.64
CA ASP G 296 -22.93 -5.57 23.59
C ASP G 296 -22.02 -6.52 22.77
N SER G 297 -22.17 -7.83 22.95
CA SER G 297 -21.36 -8.80 22.19
C SER G 297 -22.20 -9.53 21.14
N LEU G 298 -23.40 -9.03 20.89
CA LEU G 298 -24.29 -9.65 19.91
C LEU G 298 -23.96 -9.26 18.48
N SER G 299 -23.93 -10.28 17.61
CA SER G 299 -23.63 -10.10 16.19
C SER G 299 -24.80 -9.37 15.53
N PRO G 300 -24.60 -8.84 14.31
CA PRO G 300 -25.68 -8.17 13.60
C PRO G 300 -26.89 -9.08 13.42
N ALA G 301 -26.65 -10.35 13.09
CA ALA G 301 -27.71 -11.33 12.89
C ALA G 301 -28.55 -11.54 14.15
N LYS G 302 -27.88 -11.79 15.27
CA LYS G 302 -28.56 -12.03 16.55
C LYS G 302 -29.15 -10.74 17.14
N SER G 303 -28.53 -9.60 16.85
CA SER G 303 -29.02 -8.30 17.34
C SER G 303 -30.36 -7.99 16.71
N ARG G 304 -30.52 -8.36 15.44
CA ARG G 304 -31.78 -8.16 14.73
C ARG G 304 -32.88 -8.98 15.40
N ILE G 305 -32.53 -10.21 15.80
CA ILE G 305 -33.48 -11.10 16.46
C ILE G 305 -33.96 -10.54 17.80
N LEU G 306 -33.02 -10.07 18.62
CA LEU G 306 -33.36 -9.52 19.93
C LEU G 306 -34.18 -8.23 19.80
N LEU G 307 -33.74 -7.35 18.92
CA LEU G 307 -34.44 -6.08 18.69
C LEU G 307 -35.87 -6.31 18.21
N MET G 308 -36.03 -7.28 17.32
CA MET G 308 -37.35 -7.65 16.77
C MET G 308 -38.30 -8.10 17.88
N LEU G 309 -37.79 -8.88 18.82
CA LEU G 309 -38.59 -9.38 19.94
C LEU G 309 -38.77 -8.31 21.01
N ALA G 310 -37.80 -7.42 21.13
CA ALA G 310 -37.85 -6.33 22.11
C ALA G 310 -38.91 -5.30 21.72
N LEU G 311 -39.12 -5.13 20.42
CA LEU G 311 -40.10 -4.18 19.91
C LEU G 311 -41.54 -4.62 20.14
N THR G 312 -41.73 -5.85 20.62
CA THR G 312 -43.07 -6.35 20.93
C THR G 312 -43.38 -6.12 22.40
N LYS G 313 -42.32 -5.98 23.19
CA LYS G 313 -42.44 -5.77 24.63
C LYS G 313 -42.49 -4.29 25.00
N THR G 314 -41.68 -3.47 24.33
CA THR G 314 -41.61 -2.04 24.64
C THR G 314 -41.11 -1.18 23.48
N THR G 315 -41.19 0.13 23.66
CA THR G 315 -40.69 1.09 22.69
C THR G 315 -39.67 1.99 23.37
N ASN G 316 -39.50 1.78 24.68
CA ASN G 316 -38.54 2.54 25.49
C ASN G 316 -37.12 2.04 25.20
N PRO G 317 -36.27 2.93 24.65
CA PRO G 317 -34.88 2.60 24.28
C PRO G 317 -34.00 2.16 25.45
N ALA G 318 -34.24 2.75 26.63
CA ALA G 318 -33.47 2.40 27.81
C ALA G 318 -33.72 0.95 28.23
N VAL G 319 -34.96 0.53 28.12
CA VAL G 319 -35.34 -0.85 28.46
C VAL G 319 -34.74 -1.79 27.43
N ILE G 320 -34.82 -1.40 26.15
CA ILE G 320 -34.26 -2.20 25.06
C ILE G 320 -32.75 -2.35 25.22
N GLN G 321 -32.08 -1.28 25.68
CA GLN G 321 -30.65 -1.33 25.93
C GLN G 321 -30.33 -2.31 27.05
N ASP G 322 -31.18 -2.32 28.08
CA ASP G 322 -31.03 -3.25 29.20
C ASP G 322 -31.09 -4.70 28.75
N TYR G 323 -31.90 -4.97 27.71
CA TYR G 323 -32.02 -6.33 27.18
C TYR G 323 -30.73 -6.78 26.48
N PHE G 324 -30.05 -5.84 25.84
CA PHE G 324 -28.80 -6.15 25.14
C PHE G 324 -27.65 -6.52 26.06
N HIS G 325 -27.69 -6.05 27.30
CA HIS G 325 -26.64 -6.36 28.28
C HIS G 325 -27.03 -7.57 29.15
N ALA G 326 -28.28 -7.99 29.07
CA ALA G 326 -28.77 -9.11 29.88
C ALA G 326 -29.01 -10.40 29.10
N TYR G 327 -29.45 -10.27 27.85
CA TYR G 327 -29.76 -11.43 27.01
C TYR G 327 -28.63 -11.80 26.06
N ASN H 3 -6.57 -37.92 -20.11
CA ASN H 3 -5.49 -38.76 -19.53
C ASN H 3 -5.14 -38.27 -18.12
N LEU H 4 -5.34 -39.14 -17.14
CA LEU H 4 -5.10 -38.81 -15.72
C LEU H 4 -3.66 -39.07 -15.28
N PRO H 5 -3.21 -38.37 -14.22
CA PRO H 5 -1.87 -38.57 -13.66
C PRO H 5 -1.75 -39.92 -12.93
N ASN H 6 -0.54 -40.23 -12.48
CA ASN H 6 -0.29 -41.48 -11.76
C ASN H 6 0.14 -41.24 -10.33
N ILE H 7 -0.70 -41.64 -9.39
CA ILE H 7 -0.43 -41.44 -7.97
C ILE H 7 -0.31 -42.80 -7.26
N VAL H 8 0.70 -42.93 -6.42
CA VAL H 8 0.91 -44.16 -5.66
C VAL H 8 0.64 -43.90 -4.18
N ILE H 9 -0.24 -44.71 -3.59
CA ILE H 9 -0.57 -44.57 -2.17
C ILE H 9 0.27 -45.51 -1.31
N LEU H 10 1.06 -44.93 -0.41
CA LEU H 10 1.92 -45.70 0.49
C LEU H 10 1.30 -45.79 1.87
N ALA H 11 0.80 -46.97 2.22
CA ALA H 11 0.18 -47.18 3.52
C ALA H 11 1.20 -47.50 4.61
N THR H 12 1.09 -46.79 5.73
CA THR H 12 1.98 -46.99 6.87
C THR H 12 1.18 -47.44 8.07
N GLY H 13 -0.14 -47.27 8.00
CA GLY H 13 -1.03 -47.64 9.08
C GLY H 13 -2.15 -46.63 9.30
N GLY H 14 -2.50 -46.40 10.56
CA GLY H 14 -3.55 -45.47 10.92
C GLY H 14 -4.93 -46.12 10.91
N THR H 15 -5.92 -45.44 11.47
CA THR H 15 -7.28 -45.97 11.52
C THR H 15 -8.00 -45.76 10.19
N ILE H 16 -7.38 -45.00 9.30
CA ILE H 16 -7.95 -44.72 7.98
C ILE H 16 -8.01 -46.01 7.15
N ALA H 17 -7.01 -46.87 7.33
CA ALA H 17 -6.94 -48.14 6.61
C ALA H 17 -7.60 -49.26 7.41
N GLY H 35 -5.05 -52.90 5.37
CA GLY H 35 -5.22 -53.07 3.94
C GLY H 35 -5.39 -51.75 3.21
N VAL H 36 -4.65 -51.58 2.13
CA VAL H 36 -4.71 -50.35 1.34
C VAL H 36 -5.75 -50.46 0.21
N GLU H 37 -6.02 -51.68 -0.24
CA GLU H 37 -6.99 -51.93 -1.30
C GLU H 37 -8.44 -51.80 -0.83
N THR H 38 -8.65 -51.78 0.48
CA THR H 38 -9.98 -51.63 1.05
C THR H 38 -10.45 -50.19 0.89
N LEU H 39 -9.50 -49.26 0.93
CA LEU H 39 -9.80 -47.83 0.80
C LEU H 39 -10.02 -47.41 -0.65
N ILE H 40 -9.21 -47.93 -1.55
CA ILE H 40 -9.31 -47.60 -2.97
C ILE H 40 -10.66 -48.02 -3.55
N GLN H 41 -11.16 -49.16 -3.08
CA GLN H 41 -12.46 -49.68 -3.54
C GLN H 41 -13.63 -48.99 -2.85
N ALA H 42 -13.39 -48.48 -1.64
CA ALA H 42 -14.44 -47.80 -0.87
C ALA H 42 -14.78 -46.42 -1.42
N VAL H 43 -13.84 -45.81 -2.13
CA VAL H 43 -14.05 -44.49 -2.71
C VAL H 43 -13.90 -44.55 -4.24
N PRO H 44 -15.02 -44.75 -4.95
CA PRO H 44 -15.03 -44.83 -6.41
C PRO H 44 -14.78 -43.47 -7.08
N GLU H 45 -14.85 -42.39 -6.31
CA GLU H 45 -14.61 -41.05 -6.84
C GLU H 45 -13.13 -40.80 -7.13
N LEU H 46 -12.27 -41.65 -6.57
CA LEU H 46 -10.82 -41.54 -6.76
C LEU H 46 -10.37 -41.74 -8.20
N LYS H 47 -11.05 -42.64 -8.92
CA LYS H 47 -10.67 -42.94 -10.31
C LYS H 47 -10.96 -41.83 -11.31
N THR H 48 -11.49 -40.70 -10.83
CA THR H 48 -11.75 -39.55 -11.68
C THR H 48 -10.63 -38.53 -11.48
N LEU H 49 -9.83 -38.75 -10.44
CA LEU H 49 -8.71 -37.86 -10.12
C LEU H 49 -7.41 -38.31 -10.77
N ALA H 50 -7.06 -39.58 -10.58
CA ALA H 50 -5.82 -40.13 -11.13
C ALA H 50 -5.76 -41.65 -11.08
N ASN H 51 -4.81 -42.22 -11.83
CA ASN H 51 -4.58 -43.67 -11.84
C ASN H 51 -3.87 -44.03 -10.54
N ILE H 52 -4.43 -44.99 -9.79
CA ILE H 52 -3.90 -45.32 -8.47
C ILE H 52 -3.35 -46.75 -8.27
N LYS H 53 -2.20 -46.81 -7.61
CA LYS H 53 -1.57 -48.08 -7.22
C LYS H 53 -1.21 -47.98 -5.74
N GLY H 54 -1.33 -49.08 -5.02
CA GLY H 54 -1.05 -49.07 -3.59
C GLY H 54 0.08 -49.98 -3.14
N GLU H 55 0.78 -49.55 -2.09
CA GLU H 55 1.87 -50.32 -1.50
C GLU H 55 1.78 -50.25 0.03
N GLN H 56 2.26 -51.30 0.70
CA GLN H 56 2.22 -51.36 2.15
C GLN H 56 3.65 -51.25 2.69
N VAL H 57 4.02 -50.06 3.18
CA VAL H 57 5.34 -49.84 3.74
C VAL H 57 5.42 -50.44 5.14
N ALA H 58 4.41 -50.13 5.97
CA ALA H 58 4.33 -50.64 7.32
C ALA H 58 2.85 -50.80 7.70
N SER H 59 2.60 -51.46 8.82
CA SER H 59 1.23 -51.65 9.29
C SER H 59 1.15 -51.45 10.79
N ILE H 60 1.47 -50.24 11.23
CA ILE H 60 1.46 -49.89 12.64
C ILE H 60 0.77 -48.55 12.88
N GLY H 61 0.29 -48.35 14.09
CA GLY H 61 -0.33 -47.07 14.47
C GLY H 61 0.77 -46.06 14.63
N SER H 62 0.46 -44.79 14.34
CA SER H 62 1.46 -43.72 14.43
C SER H 62 2.12 -43.60 15.80
N GLU H 63 1.46 -44.11 16.83
CA GLU H 63 2.01 -44.09 18.18
C GLU H 63 3.25 -44.99 18.27
N ASN H 64 3.29 -45.98 17.39
CA ASN H 64 4.42 -46.91 17.31
C ASN H 64 5.35 -46.65 16.13
N MET H 65 5.11 -45.54 15.43
CA MET H 65 5.95 -45.15 14.30
C MET H 65 7.35 -44.79 14.81
N THR H 66 8.37 -45.38 14.21
CA THR H 66 9.75 -45.15 14.62
C THR H 66 10.56 -44.48 13.52
N SER H 67 11.76 -44.02 13.87
CA SER H 67 12.65 -43.37 12.92
C SER H 67 13.19 -44.34 11.87
N ASP H 68 13.26 -45.63 12.24
CA ASP H 68 13.75 -46.63 11.31
CA ASP H 68 13.74 -46.68 11.34
C ASP H 68 12.78 -46.85 10.15
N VAL H 69 11.48 -46.70 10.43
CA VAL H 69 10.45 -46.84 9.40
C VAL H 69 10.45 -45.58 8.55
N LEU H 70 10.72 -44.43 9.17
CA LEU H 70 10.79 -43.16 8.45
C LEU H 70 11.89 -43.19 7.41
N LEU H 71 13.00 -43.84 7.74
CA LEU H 71 14.11 -43.99 6.80
C LEU H 71 13.63 -44.83 5.62
N THR H 72 12.99 -45.96 5.93
CA THR H 72 12.45 -46.86 4.92
C THR H 72 11.39 -46.14 4.07
N LEU H 73 10.57 -45.32 4.74
CA LEU H 73 9.52 -44.56 4.07
C LEU H 73 10.09 -43.49 3.14
N SER H 74 11.07 -42.73 3.64
CA SER H 74 11.71 -41.66 2.88
C SER H 74 12.44 -42.20 1.64
N LYS H 75 13.11 -43.33 1.79
CA LYS H 75 13.85 -43.95 0.69
C LYS H 75 12.91 -44.43 -0.41
N ARG H 76 11.79 -45.02 -0.02
CA ARG H 76 10.80 -45.51 -0.97
C ARG H 76 10.13 -44.37 -1.74
N VAL H 77 9.89 -43.26 -1.04
CA VAL H 77 9.28 -42.07 -1.65
C VAL H 77 10.21 -41.46 -2.71
N ASN H 78 11.48 -41.28 -2.34
CA ASN H 78 12.47 -40.70 -3.25
C ASN H 78 12.72 -41.50 -4.53
N GLU H 79 12.73 -42.82 -4.42
CA GLU H 79 12.95 -43.67 -5.58
C GLU H 79 11.72 -43.74 -6.50
N LEU H 80 10.53 -43.56 -5.92
CA LEU H 80 9.30 -43.54 -6.69
C LEU H 80 9.16 -42.22 -7.43
N LEU H 81 9.44 -41.12 -6.75
CA LEU H 81 9.36 -39.79 -7.35
C LEU H 81 10.41 -39.58 -8.44
N ALA H 82 11.47 -40.40 -8.41
CA ALA H 82 12.53 -40.33 -9.40
C ALA H 82 12.05 -40.92 -10.73
N ARG H 83 11.08 -41.83 -10.65
CA ARG H 83 10.50 -42.46 -11.84
C ARG H 83 9.61 -41.48 -12.60
N SER H 84 9.53 -41.66 -13.92
CA SER H 84 8.73 -40.79 -14.77
C SER H 84 7.25 -41.20 -14.80
N ASP H 85 6.96 -42.39 -14.31
CA ASP H 85 5.58 -42.89 -14.29
C ASP H 85 4.86 -42.60 -12.98
N VAL H 86 5.49 -41.79 -12.13
CA VAL H 86 4.90 -41.39 -10.85
C VAL H 86 4.82 -39.87 -10.79
N ASP H 87 3.60 -39.34 -10.70
CA ASP H 87 3.37 -37.91 -10.68
C ASP H 87 3.26 -37.33 -9.27
N GLY H 88 2.91 -38.18 -8.31
CA GLY H 88 2.78 -37.75 -6.92
C GLY H 88 2.63 -38.92 -5.98
N VAL H 89 2.80 -38.68 -4.69
CA VAL H 89 2.71 -39.72 -3.68
C VAL H 89 1.79 -39.35 -2.50
N VAL H 90 0.87 -40.24 -2.18
CA VAL H 90 -0.02 -40.06 -1.03
C VAL H 90 0.38 -41.07 0.04
N ILE H 91 0.49 -40.61 1.28
CA ILE H 91 0.88 -41.49 2.38
C ILE H 91 -0.17 -41.52 3.48
N THR H 92 -0.82 -42.67 3.65
CA THR H 92 -1.81 -42.83 4.72
C THR H 92 -1.04 -43.09 6.01
N HIS H 93 -1.28 -42.27 7.01
CA HIS H 93 -0.55 -42.33 8.25
C HIS H 93 -1.53 -42.12 9.41
N GLY H 94 -1.07 -42.34 10.64
CA GLY H 94 -1.90 -42.09 11.81
C GLY H 94 -1.81 -40.62 12.19
N THR H 95 -2.69 -40.18 13.08
CA THR H 95 -2.70 -38.77 13.49
C THR H 95 -1.83 -38.47 14.71
N ASP H 96 -1.65 -39.48 15.57
CA ASP H 96 -0.89 -39.32 16.82
C ASP H 96 0.51 -38.72 16.67
N THR H 97 1.24 -39.17 15.65
CA THR H 97 2.58 -38.63 15.39
C THR H 97 2.72 -38.00 14.02
N LEU H 98 1.61 -37.46 13.50
CA LEU H 98 1.62 -36.81 12.21
C LEU H 98 2.30 -35.43 12.36
N ASP H 99 2.85 -35.19 13.55
CA ASP H 99 3.58 -33.97 13.83
C ASP H 99 5.04 -34.15 13.41
N GLU H 100 5.53 -35.38 13.56
CA GLU H 100 6.93 -35.70 13.22
C GLU H 100 7.13 -36.19 11.78
N SER H 101 6.38 -37.24 11.41
CA SER H 101 6.51 -37.88 10.10
C SER H 101 6.61 -37.00 8.84
N PRO H 102 5.62 -36.11 8.63
CA PRO H 102 5.66 -35.28 7.42
C PRO H 102 6.83 -34.30 7.40
N TYR H 103 7.22 -33.80 8.57
CA TYR H 103 8.34 -32.86 8.67
C TYR H 103 9.67 -33.55 8.42
N PHE H 104 9.71 -34.87 8.66
CA PHE H 104 10.91 -35.66 8.40
C PHE H 104 11.16 -35.69 6.90
N LEU H 105 10.12 -36.04 6.15
CA LEU H 105 10.21 -36.10 4.69
C LEU H 105 10.31 -34.72 4.05
N ASN H 106 9.87 -33.69 4.78
CA ASN H 106 9.97 -32.32 4.28
C ASN H 106 11.44 -31.94 4.14
N LEU H 107 12.28 -32.62 4.91
CA LEU H 107 13.72 -32.38 4.91
C LEU H 107 14.50 -33.42 4.11
N THR H 108 13.92 -34.60 3.94
CA THR H 108 14.63 -35.70 3.26
C THR H 108 14.20 -35.98 1.81
N VAL H 109 13.02 -35.51 1.42
CA VAL H 109 12.56 -35.69 0.04
C VAL H 109 13.38 -34.82 -0.91
N LYS H 110 13.77 -35.39 -2.05
CA LYS H 110 14.60 -34.69 -3.02
C LYS H 110 13.85 -34.36 -4.31
N SER H 111 12.52 -34.40 -4.27
CA SER H 111 11.73 -34.16 -5.46
C SER H 111 10.80 -32.95 -5.41
N ASP H 112 10.47 -32.45 -6.59
CA ASP H 112 9.58 -31.32 -6.77
C ASP H 112 8.12 -31.82 -6.69
N LYS H 113 7.95 -33.11 -6.91
CA LYS H 113 6.64 -33.76 -6.89
C LYS H 113 6.01 -33.79 -5.50
N PRO H 114 4.67 -33.62 -5.42
CA PRO H 114 3.94 -33.54 -4.16
C PRO H 114 3.91 -34.84 -3.34
N VAL H 115 4.25 -34.70 -2.06
CA VAL H 115 4.17 -35.80 -1.10
C VAL H 115 3.08 -35.38 -0.13
N VAL H 116 1.96 -36.09 -0.16
CA VAL H 116 0.80 -35.71 0.65
C VAL H 116 0.39 -36.74 1.71
N PHE H 117 0.62 -36.40 2.98
CA PHE H 117 0.19 -37.26 4.08
C PHE H 117 -1.30 -37.10 4.31
N VAL H 118 -1.96 -38.19 4.68
CA VAL H 118 -3.40 -38.17 4.93
C VAL H 118 -3.76 -39.10 6.09
N ALA H 119 -4.79 -38.72 6.84
CA ALA H 119 -5.24 -39.50 7.98
C ALA H 119 -6.73 -39.33 8.26
N ALA H 120 -7.17 -39.91 9.38
CA ALA H 120 -8.57 -39.83 9.79
C ALA H 120 -8.66 -39.91 11.31
N MET H 121 -9.60 -39.16 11.88
CA MET H 121 -9.80 -39.14 13.34
C MET H 121 -10.82 -40.19 13.77
N ARG H 122 -11.73 -40.53 12.85
CA ARG H 122 -12.75 -41.53 13.12
C ARG H 122 -12.44 -42.80 12.35
N PRO H 123 -12.65 -43.97 12.98
CA PRO H 123 -12.42 -45.25 12.31
C PRO H 123 -13.29 -45.36 11.05
N ALA H 124 -12.85 -46.14 10.08
CA ALA H 124 -13.56 -46.31 8.81
C ALA H 124 -15.00 -46.83 8.97
N THR H 125 -15.27 -47.47 10.10
CA THR H 125 -16.60 -48.03 10.37
C THR H 125 -17.41 -47.19 11.35
N ALA H 126 -17.10 -45.91 11.43
CA ALA H 126 -17.82 -45.00 12.33
C ALA H 126 -18.84 -44.17 11.55
N ILE H 127 -19.76 -43.54 12.28
CA ILE H 127 -20.77 -42.69 11.67
C ILE H 127 -20.09 -41.43 11.13
N SER H 128 -20.23 -41.19 9.83
CA SER H 128 -19.63 -40.03 9.16
C SER H 128 -18.10 -40.04 9.26
N ALA H 129 -17.51 -41.18 8.89
CA ALA H 129 -16.05 -41.33 8.92
C ALA H 129 -15.40 -40.34 7.96
N ASP H 130 -14.41 -39.60 8.45
CA ASP H 130 -13.72 -38.59 7.65
C ASP H 130 -12.70 -39.17 6.66
N GLY H 131 -12.31 -40.42 6.87
CA GLY H 131 -11.35 -41.12 6.02
C GLY H 131 -11.53 -40.92 4.52
N PRO H 132 -12.70 -41.32 3.99
CA PRO H 132 -13.00 -41.21 2.55
C PRO H 132 -12.75 -39.83 1.94
N MET H 133 -13.27 -38.77 2.55
CA MET H 133 -13.11 -37.41 2.02
C MET H 133 -11.68 -36.89 2.13
N ASN H 134 -11.01 -37.23 3.23
CA ASN H 134 -9.61 -36.84 3.40
C ASN H 134 -8.73 -37.48 2.33
N LEU H 135 -9.03 -38.74 2.01
CA LEU H 135 -8.29 -39.47 0.98
C LEU H 135 -8.56 -38.85 -0.39
N TYR H 136 -9.82 -38.50 -0.65
CA TYR H 136 -10.17 -37.87 -1.92
C TYR H 136 -9.41 -36.56 -2.07
N GLY H 137 -9.36 -35.78 -1.00
CA GLY H 137 -8.66 -34.50 -1.00
C GLY H 137 -7.17 -34.65 -1.23
N ALA H 138 -6.55 -35.58 -0.49
CA ALA H 138 -5.12 -35.83 -0.59
C ALA H 138 -4.69 -36.26 -1.99
N VAL H 139 -5.47 -37.15 -2.60
CA VAL H 139 -5.18 -37.64 -3.95
C VAL H 139 -5.35 -36.51 -4.98
N LYS H 140 -6.38 -35.70 -4.80
CA LYS H 140 -6.63 -34.58 -5.70
C LYS H 140 -5.46 -33.60 -5.64
N VAL H 141 -4.97 -33.37 -4.43
CA VAL H 141 -3.83 -32.48 -4.20
C VAL H 141 -2.57 -33.05 -4.86
N ALA H 142 -2.35 -34.34 -4.69
CA ALA H 142 -1.18 -35.01 -5.25
C ALA H 142 -1.23 -35.07 -6.79
N ALA H 143 -2.44 -35.07 -7.35
CA ALA H 143 -2.63 -35.13 -8.80
C ALA H 143 -2.70 -33.76 -9.45
N ASP H 144 -2.59 -32.71 -8.65
CA ASP H 144 -2.64 -31.33 -9.16
C ASP H 144 -1.21 -30.85 -9.41
N LYS H 145 -0.96 -30.36 -10.62
CA LYS H 145 0.37 -29.86 -11.00
C LYS H 145 0.76 -28.60 -10.25
N ASN H 146 -0.22 -27.84 -9.79
CA ASN H 146 0.02 -26.60 -9.07
C ASN H 146 0.46 -26.86 -7.62
N SER H 147 0.44 -28.14 -7.23
CA SER H 147 0.84 -28.53 -5.87
C SER H 147 2.33 -28.85 -5.74
N ARG H 148 3.05 -28.75 -6.85
CA ARG H 148 4.50 -29.03 -6.86
CA ARG H 148 4.49 -29.04 -6.87
C ARG H 148 5.31 -27.88 -6.27
N GLY H 149 6.45 -28.23 -5.66
CA GLY H 149 7.35 -27.24 -5.06
C GLY H 149 6.81 -26.46 -3.88
N ARG H 150 5.98 -27.11 -3.06
CA ARG H 150 5.38 -26.46 -1.90
C ARG H 150 5.74 -27.15 -0.59
N GLY H 151 6.67 -28.10 -0.67
CA GLY H 151 7.08 -28.89 0.50
C GLY H 151 6.09 -30.03 0.74
N VAL H 152 6.33 -30.81 1.79
CA VAL H 152 5.42 -31.91 2.12
C VAL H 152 4.10 -31.36 2.65
N LEU H 153 3.00 -31.93 2.17
CA LEU H 153 1.68 -31.46 2.52
C LEU H 153 0.92 -32.44 3.43
N VAL H 154 0.05 -31.90 4.28
CA VAL H 154 -0.77 -32.69 5.18
C VAL H 154 -2.23 -32.32 4.96
N VAL H 155 -3.03 -33.27 4.49
CA VAL H 155 -4.43 -33.01 4.15
C VAL H 155 -5.48 -33.73 5.00
N LEU H 156 -6.22 -32.95 5.77
CA LEU H 156 -7.34 -33.43 6.59
C LEU H 156 -8.37 -32.31 6.72
N ASN H 157 -9.65 -32.68 6.77
CA ASN H 157 -10.75 -31.73 6.97
C ASN H 157 -10.78 -30.56 5.95
N ASP H 158 -10.58 -30.90 4.68
CA ASP H 158 -10.59 -29.91 3.59
C ASP H 158 -9.45 -28.88 3.64
N ARG H 159 -8.49 -29.09 4.52
CA ARG H 159 -7.36 -28.17 4.67
C ARG H 159 -6.08 -28.77 4.09
N ILE H 160 -5.17 -27.90 3.64
CA ILE H 160 -3.86 -28.32 3.15
C ILE H 160 -2.80 -27.62 4.01
N GLY H 161 -2.28 -28.34 4.99
CA GLY H 161 -1.29 -27.79 5.91
C GLY H 161 0.14 -28.13 5.56
N SER H 162 1.06 -27.24 5.91
CA SER H 162 2.48 -27.44 5.67
C SER H 162 3.07 -28.34 6.75
N ALA H 163 3.93 -29.28 6.33
CA ALA H 163 4.58 -30.21 7.25
C ALA H 163 5.41 -29.46 8.29
N ARG H 164 5.87 -28.27 7.91
CA ARG H 164 6.69 -27.42 8.77
C ARG H 164 5.87 -26.77 9.91
N PHE H 165 4.60 -26.48 9.64
CA PHE H 165 3.77 -25.80 10.65
C PHE H 165 2.67 -26.65 11.29
N ILE H 166 1.90 -27.36 10.45
CA ILE H 166 0.75 -28.14 10.92
C ILE H 166 1.06 -29.13 12.04
N SER H 167 0.17 -29.22 13.02
CA SER H 167 0.31 -30.15 14.13
C SER H 167 -1.06 -30.46 14.74
N LYS H 168 -1.15 -31.58 15.45
CA LYS H 168 -2.39 -31.99 16.09
C LYS H 168 -2.61 -31.12 17.32
N THR H 169 -3.57 -30.22 17.25
CA THR H 169 -3.85 -29.26 18.33
C THR H 169 -4.93 -29.73 19.31
N ASN H 170 -5.77 -30.66 18.88
CA ASN H 170 -6.84 -31.20 19.72
C ASN H 170 -6.78 -32.72 19.80
N ALA H 171 -7.06 -33.25 20.98
CA ALA H 171 -6.98 -34.68 21.23
C ALA H 171 -7.87 -35.59 20.37
N SER H 172 -9.12 -35.19 20.11
CA SER H 172 -10.05 -36.07 19.39
C SER H 172 -10.98 -35.48 18.32
N THR H 173 -10.90 -34.18 18.08
CA THR H 173 -11.79 -33.55 17.09
C THR H 173 -11.35 -33.75 15.63
N LEU H 174 -12.29 -33.58 14.69
CA LEU H 174 -12.00 -33.75 13.27
C LEU H 174 -11.13 -32.63 12.69
N ASP H 175 -11.24 -31.43 13.26
CA ASP H 175 -10.49 -30.26 12.80
C ASP H 175 -9.22 -30.00 13.62
N THR H 176 -8.73 -31.05 14.27
CA THR H 176 -7.57 -30.96 15.14
C THR H 176 -6.28 -30.35 14.57
N PHE H 177 -6.01 -30.63 13.29
CA PHE H 177 -4.78 -30.11 12.66
C PHE H 177 -4.87 -28.64 12.26
N LYS H 178 -4.16 -27.80 13.01
CA LYS H 178 -4.17 -26.36 12.78
C LYS H 178 -2.76 -25.78 12.89
N ALA H 179 -2.66 -24.48 12.63
CA ALA H 179 -1.41 -23.72 12.76
C ALA H 179 -1.84 -22.26 12.96
N PRO H 180 -2.21 -21.91 14.21
CA PRO H 180 -2.73 -20.58 14.58
C PRO H 180 -1.93 -19.39 14.06
N GLU H 181 -0.60 -19.50 14.07
CA GLU H 181 0.25 -18.41 13.64
C GLU H 181 0.64 -18.45 12.16
N GLU H 182 0.35 -19.56 11.49
CA GLU H 182 0.71 -19.71 10.07
C GLU H 182 -0.44 -20.07 9.14
N GLY H 183 -1.53 -20.59 9.70
CA GLY H 183 -2.69 -20.99 8.89
C GLY H 183 -2.37 -22.15 7.98
N TYR H 184 -3.10 -22.24 6.86
CA TYR H 184 -2.91 -23.31 5.90
C TYR H 184 -2.34 -22.79 4.59
N LEU H 185 -1.69 -23.68 3.85
CA LEU H 185 -1.15 -23.33 2.53
C LEU H 185 -2.30 -23.17 1.55
N GLY H 186 -3.32 -24.01 1.71
CA GLY H 186 -4.50 -23.97 0.84
C GLY H 186 -5.68 -24.75 1.39
N VAL H 187 -6.82 -24.62 0.73
CA VAL H 187 -8.03 -25.33 1.16
C VAL H 187 -8.69 -26.04 -0.03
N ILE H 188 -9.53 -27.02 0.27
CA ILE H 188 -10.23 -27.79 -0.76
C ILE H 188 -11.73 -27.59 -0.60
N ILE H 189 -12.31 -26.73 -1.44
CA ILE H 189 -13.74 -26.41 -1.37
C ILE H 189 -14.44 -26.60 -2.71
N GLY H 190 -15.60 -27.27 -2.68
CA GLY H 190 -16.40 -27.51 -3.88
C GLY H 190 -15.66 -28.19 -5.00
N ASP H 191 -14.86 -29.20 -4.64
CA ASP H 191 -14.06 -29.97 -5.60
C ASP H 191 -13.04 -29.09 -6.35
N LYS H 192 -12.47 -28.11 -5.66
CA LYS H 192 -11.46 -27.23 -6.22
C LYS H 192 -10.39 -26.92 -5.18
N ILE H 193 -9.17 -26.65 -5.64
CA ILE H 193 -8.07 -26.34 -4.75
C ILE H 193 -7.72 -24.85 -4.78
N TYR H 194 -7.65 -24.26 -3.60
CA TYR H 194 -7.35 -22.83 -3.46
C TYR H 194 -6.09 -22.63 -2.63
N TYR H 195 -4.97 -22.35 -3.28
CA TYR H 195 -3.74 -22.08 -2.57
C TYR H 195 -3.68 -20.64 -2.06
N GLN H 196 -3.29 -20.48 -0.82
CA GLN H 196 -3.28 -19.17 -0.16
C GLN H 196 -1.88 -18.67 0.13
N THR H 197 -1.08 -19.50 0.79
CA THR H 197 0.29 -19.13 1.16
C THR H 197 1.32 -20.16 0.75
N ARG H 198 2.59 -19.75 0.79
CA ARG H 198 3.72 -20.62 0.48
C ARG H 198 4.70 -20.62 1.65
N LEU H 199 5.28 -21.79 1.93
CA LEU H 199 6.26 -21.96 3.00
C LEU H 199 7.53 -21.15 2.70
N ASP H 200 7.88 -20.22 3.59
CA ASP H 200 9.06 -19.40 3.40
C ASP H 200 10.22 -19.95 4.25
N LYS H 201 10.50 -21.24 4.07
CA LYS H 201 11.59 -21.92 4.76
C LYS H 201 12.25 -22.89 3.77
N VAL H 202 13.42 -23.41 4.13
CA VAL H 202 14.14 -24.34 3.25
C VAL H 202 13.52 -25.74 3.37
N HIS H 203 13.28 -26.39 2.23
CA HIS H 203 12.66 -27.71 2.22
C HIS H 203 12.94 -28.48 0.92
N THR H 204 12.56 -29.76 0.93
CA THR H 204 12.69 -30.65 -0.23
C THR H 204 13.92 -30.52 -1.12
N THR H 205 13.70 -30.10 -2.37
CA THR H 205 14.77 -29.97 -3.37
C THR H 205 15.94 -29.07 -2.98
N ARG H 206 15.74 -28.20 -2.01
CA ARG H 206 16.80 -27.30 -1.55
C ARG H 206 17.37 -27.67 -0.19
N SER H 207 16.92 -28.79 0.35
CA SER H 207 17.40 -29.26 1.65
C SER H 207 18.73 -29.99 1.52
N VAL H 208 19.60 -29.81 2.52
CA VAL H 208 20.92 -30.45 2.51
C VAL H 208 20.92 -31.79 3.24
N PHE H 209 19.80 -32.11 3.90
CA PHE H 209 19.68 -33.36 4.65
C PHE H 209 19.37 -34.54 3.74
N ASP H 210 20.29 -35.51 3.70
CA ASP H 210 20.13 -36.69 2.88
C ASP H 210 20.37 -37.94 3.74
N VAL H 211 19.37 -38.81 3.80
CA VAL H 211 19.47 -40.04 4.59
C VAL H 211 19.36 -41.30 3.72
N THR H 212 19.68 -41.17 2.43
CA THR H 212 19.64 -42.29 1.50
C THR H 212 20.53 -43.44 1.96
N ASN H 213 21.78 -43.12 2.31
CA ASN H 213 22.74 -44.12 2.76
C ASN H 213 22.88 -44.19 4.28
N VAL H 214 21.80 -43.86 4.99
CA VAL H 214 21.82 -43.91 6.45
C VAL H 214 20.95 -45.07 6.96
N ASP H 215 21.57 -45.94 7.76
CA ASP H 215 20.88 -47.11 8.30
C ASP H 215 20.29 -46.84 9.69
N LYS H 216 20.98 -46.05 10.48
CA LYS H 216 20.54 -45.74 11.84
C LYS H 216 20.73 -44.26 12.16
N LEU H 217 19.69 -43.65 12.73
CA LEU H 217 19.73 -42.24 13.10
C LEU H 217 20.12 -42.05 14.56
N PRO H 218 20.69 -40.87 14.90
CA PRO H 218 21.09 -40.54 16.27
C PRO H 218 19.89 -40.48 17.21
N ALA H 219 20.10 -40.88 18.47
CA ALA H 219 19.03 -40.88 19.46
C ALA H 219 18.80 -39.49 20.05
N VAL H 220 17.54 -39.06 20.09
CA VAL H 220 17.18 -37.76 20.64
C VAL H 220 15.97 -37.88 21.57
N ASP H 221 16.12 -37.38 22.80
CA ASP H 221 15.04 -37.42 23.78
C ASP H 221 14.36 -36.05 23.91
N ILE H 222 13.14 -36.06 24.44
CA ILE H 222 12.40 -34.83 24.69
C ILE H 222 12.03 -34.77 26.17
N ILE H 223 12.50 -33.73 26.85
CA ILE H 223 12.23 -33.56 28.28
C ILE H 223 11.31 -32.36 28.52
N TYR H 224 10.18 -32.62 29.16
CA TYR H 224 9.16 -31.61 29.42
C TYR H 224 9.57 -30.64 30.53
N GLY H 225 9.16 -29.38 30.40
CA GLY H 225 9.45 -28.36 31.39
C GLY H 225 8.22 -28.04 32.22
N TYR H 226 8.34 -28.16 33.54
CA TYR H 226 7.23 -27.92 34.45
C TYR H 226 7.72 -27.61 35.86
N GLN H 227 6.79 -27.24 36.74
CA GLN H 227 7.15 -26.95 38.13
C GLN H 227 7.71 -28.19 38.81
N ASP H 228 8.79 -28.02 39.57
CA ASP H 228 9.46 -29.11 40.28
C ASP H 228 10.01 -30.17 39.34
N ASP H 229 10.43 -29.76 38.14
CA ASP H 229 10.96 -30.68 37.15
C ASP H 229 12.26 -31.35 37.61
N PRO H 230 12.31 -32.68 37.53
CA PRO H 230 13.44 -33.51 37.95
C PRO H 230 14.68 -33.33 37.09
N GLU H 231 15.84 -33.22 37.75
CA GLU H 231 17.11 -33.09 37.06
C GLU H 231 17.60 -34.47 36.58
N TYR H 232 17.09 -35.52 37.22
CA TYR H 232 17.48 -36.89 36.87
C TYR H 232 17.01 -37.39 35.50
N MET H 233 16.08 -36.67 34.88
CA MET H 233 15.62 -37.03 33.53
C MET H 233 16.74 -36.78 32.53
N TYR H 234 17.54 -35.75 32.81
CA TYR H 234 18.67 -35.42 31.96
C TYR H 234 19.77 -36.46 32.13
N ASP H 235 20.01 -36.85 33.38
CA ASP H 235 21.02 -37.87 33.70
C ASP H 235 20.71 -39.19 33.03
N ALA H 236 19.41 -39.50 32.91
CA ALA H 236 18.95 -40.72 32.27
C ALA H 236 19.26 -40.72 30.77
N SER H 237 19.16 -39.54 30.14
CA SER H 237 19.47 -39.39 28.72
C SER H 237 20.97 -39.50 28.49
N ILE H 238 21.75 -38.97 29.43
CA ILE H 238 23.21 -38.99 29.37
C ILE H 238 23.75 -40.42 29.47
N LYS H 239 23.25 -41.19 30.45
CA LYS H 239 23.69 -42.57 30.65
C LYS H 239 23.45 -43.48 29.45
N HIS H 240 22.38 -43.22 28.71
CA HIS H 240 22.09 -44.00 27.51
C HIS H 240 22.74 -43.41 26.27
N GLY H 241 23.63 -42.45 26.49
CA GLY H 241 24.42 -41.81 25.43
C GLY H 241 23.67 -41.28 24.22
N VAL H 242 22.65 -40.46 24.47
CA VAL H 242 21.91 -39.85 23.36
C VAL H 242 22.76 -38.72 22.77
N LYS H 243 22.51 -38.39 21.52
CA LYS H 243 23.27 -37.35 20.85
C LYS H 243 22.68 -35.96 21.04
N GLY H 244 21.36 -35.91 21.24
CA GLY H 244 20.67 -34.63 21.43
C GLY H 244 19.48 -34.69 22.36
N ILE H 245 19.14 -33.54 22.94
CA ILE H 245 18.00 -33.43 23.85
C ILE H 245 17.16 -32.19 23.51
N VAL H 246 15.86 -32.40 23.31
CA VAL H 246 14.95 -31.30 23.04
C VAL H 246 14.17 -30.95 24.31
N TYR H 247 14.29 -29.70 24.73
CA TYR H 247 13.63 -29.26 25.95
C TYR H 247 12.32 -28.51 25.69
N ALA H 248 11.21 -29.18 26.00
CA ALA H 248 9.88 -28.60 25.85
C ALA H 248 9.64 -27.68 27.05
N GLY H 249 10.31 -26.54 27.02
CA GLY H 249 10.29 -25.60 28.14
C GLY H 249 9.03 -24.83 28.46
N MET H 250 9.02 -24.28 29.67
CA MET H 250 7.94 -23.45 30.16
C MET H 250 8.03 -22.10 29.45
N GLY H 251 6.92 -21.66 28.86
CA GLY H 251 6.91 -20.41 28.12
C GLY H 251 7.82 -20.49 26.92
N ALA H 252 8.79 -19.59 26.83
CA ALA H 252 9.73 -19.57 25.71
C ALA H 252 11.03 -20.29 26.05
N GLY H 253 10.92 -21.58 26.38
CA GLY H 253 12.08 -22.41 26.70
C GLY H 253 12.79 -22.04 27.98
N SER H 254 12.07 -21.43 28.92
CA SER H 254 12.66 -21.02 30.19
C SER H 254 13.02 -22.25 31.03
N VAL H 255 14.20 -22.21 31.65
CA VAL H 255 14.67 -23.33 32.46
C VAL H 255 14.63 -23.05 33.95
N SER H 256 14.34 -24.09 34.73
CA SER H 256 14.37 -23.99 36.18
C SER H 256 15.81 -24.16 36.62
N LYS H 257 16.08 -23.99 37.90
CA LYS H 257 17.44 -24.16 38.43
C LYS H 257 17.92 -25.59 38.17
N ARG H 258 16.98 -26.53 38.23
CA ARG H 258 17.27 -27.94 38.00
C ARG H 258 17.42 -28.23 36.50
N GLY H 259 16.61 -27.55 35.69
CA GLY H 259 16.67 -27.70 34.23
C GLY H 259 17.93 -27.05 33.69
N ASP H 260 18.35 -25.96 34.33
CA ASP H 260 19.56 -25.25 33.96
C ASP H 260 20.76 -26.15 34.19
N ALA H 261 20.78 -26.82 35.34
CA ALA H 261 21.86 -27.73 35.70
C ALA H 261 21.84 -29.00 34.85
N GLY H 262 20.63 -29.47 34.54
CA GLY H 262 20.45 -30.69 33.73
C GLY H 262 20.90 -30.52 32.29
N ILE H 263 20.69 -29.32 31.75
CA ILE H 263 21.09 -29.03 30.38
C ILE H 263 22.61 -28.84 30.24
N ARG H 264 23.19 -28.07 31.16
CA ARG H 264 24.63 -27.81 31.16
C ARG H 264 25.45 -29.09 31.37
N LYS H 265 24.90 -30.02 32.13
CA LYS H 265 25.56 -31.29 32.39
C LYS H 265 25.56 -32.13 31.12
N ALA H 266 24.47 -32.05 30.36
CA ALA H 266 24.34 -32.78 29.10
C ALA H 266 25.29 -32.20 28.05
N GLU H 267 25.43 -30.88 28.06
CA GLU H 267 26.32 -30.20 27.11
C GLU H 267 27.80 -30.52 27.33
N SER H 268 28.17 -30.77 28.58
CA SER H 268 29.55 -31.10 28.93
C SER H 268 29.92 -32.49 28.43
N LYS H 269 28.92 -33.28 28.06
CA LYS H 269 29.12 -34.63 27.57
C LYS H 269 29.09 -34.67 26.04
N GLY H 270 29.00 -33.50 25.43
CA GLY H 270 28.97 -33.39 23.97
C GLY H 270 27.59 -33.46 23.36
N ILE H 271 26.56 -33.52 24.22
CA ILE H 271 25.18 -33.59 23.77
C ILE H 271 24.68 -32.19 23.38
N VAL H 272 24.06 -32.09 22.21
CA VAL H 272 23.52 -30.83 21.73
C VAL H 272 22.09 -30.67 22.24
N VAL H 273 21.84 -29.60 22.99
CA VAL H 273 20.52 -29.36 23.56
C VAL H 273 19.81 -28.18 22.89
N VAL H 274 18.55 -28.39 22.53
CA VAL H 274 17.73 -27.35 21.89
C VAL H 274 16.50 -27.05 22.74
N ARG H 275 16.33 -25.79 23.11
CA ARG H 275 15.19 -25.37 23.93
C ARG H 275 13.96 -25.01 23.10
N SER H 276 12.94 -25.86 23.17
CA SER H 276 11.68 -25.63 22.47
C SER H 276 10.64 -25.09 23.46
N SER H 277 9.36 -25.24 23.13
CA SER H 277 8.29 -24.71 23.99
C SER H 277 7.11 -25.66 24.16
N ARG H 278 6.55 -25.70 25.36
CA ARG H 278 5.40 -26.55 25.66
C ARG H 278 4.10 -25.80 25.34
N THR H 279 4.21 -24.50 25.09
CA THR H 279 3.06 -23.65 24.82
C THR H 279 2.19 -24.12 23.66
N GLY H 280 2.83 -24.51 22.56
CA GLY H 280 2.11 -25.01 21.40
C GLY H 280 2.33 -24.18 20.13
N SER H 281 2.85 -22.97 20.31
CA SER H 281 3.14 -22.07 19.20
C SER H 281 4.06 -20.95 19.65
N GLY H 282 4.52 -20.14 18.69
CA GLY H 282 5.37 -18.99 19.01
C GLY H 282 6.87 -19.20 18.86
N ILE H 283 7.60 -18.12 19.07
CA ILE H 283 9.05 -18.09 18.91
C ILE H 283 9.82 -18.15 20.24
N VAL H 284 10.79 -19.05 20.31
CA VAL H 284 11.70 -19.11 21.45
C VAL H 284 12.91 -18.30 21.00
N PRO H 285 13.11 -17.11 21.59
CA PRO H 285 14.20 -16.22 21.18
C PRO H 285 15.56 -16.62 21.77
N PRO H 286 16.65 -16.24 21.08
CA PRO H 286 18.00 -16.52 21.57
C PRO H 286 18.25 -15.82 22.90
N ASP H 287 19.00 -16.46 23.79
CA ASP H 287 19.29 -15.89 25.10
C ASP H 287 20.65 -16.39 25.59
N ALA H 288 21.62 -15.48 25.66
CA ALA H 288 22.97 -15.82 26.09
C ALA H 288 23.07 -16.11 27.59
N GLY H 289 21.96 -15.91 28.31
CA GLY H 289 21.90 -16.16 29.74
C GLY H 289 21.54 -17.60 30.07
N GLN H 290 20.82 -18.24 29.14
CA GLN H 290 20.41 -19.62 29.31
C GLN H 290 21.21 -20.55 28.41
N PRO H 291 21.46 -21.79 28.85
CA PRO H 291 22.21 -22.74 28.05
C PRO H 291 21.37 -23.35 26.93
N GLY H 292 22.03 -24.01 25.99
CA GLY H 292 21.35 -24.66 24.88
C GLY H 292 21.05 -23.75 23.71
N LEU H 293 20.63 -24.35 22.60
CA LEU H 293 20.26 -23.60 21.42
C LEU H 293 18.76 -23.28 21.50
N VAL H 294 18.26 -22.51 20.53
CA VAL H 294 16.82 -22.18 20.49
C VAL H 294 16.12 -22.80 19.29
N ALA H 295 14.89 -23.24 19.50
CA ALA H 295 14.12 -23.94 18.46
C ALA H 295 13.33 -23.07 17.49
N ASP H 296 13.61 -21.77 17.46
CA ASP H 296 12.89 -20.84 16.59
C ASP H 296 11.40 -20.96 16.93
N SER H 297 10.59 -21.44 15.98
CA SER H 297 9.16 -21.64 16.20
C SER H 297 8.77 -23.12 16.09
N LEU H 298 9.78 -23.98 16.04
CA LEU H 298 9.55 -25.42 15.93
C LEU H 298 9.07 -26.06 17.24
N SER H 299 8.06 -26.93 17.12
CA SER H 299 7.51 -27.62 18.28
C SER H 299 8.52 -28.66 18.77
N PRO H 300 8.37 -29.13 20.02
CA PRO H 300 9.28 -30.15 20.56
C PRO H 300 9.38 -31.38 19.67
N ALA H 301 8.26 -31.81 19.11
CA ALA H 301 8.23 -32.98 18.22
C ALA H 301 9.00 -32.74 16.92
N LYS H 302 8.82 -31.55 16.33
CA LYS H 302 9.52 -31.21 15.10
C LYS H 302 10.98 -30.85 15.33
N SER H 303 11.26 -30.26 16.50
CA SER H 303 12.63 -29.89 16.85
C SER H 303 13.49 -31.14 17.00
N ARG H 304 12.88 -32.22 17.49
CA ARG H 304 13.58 -33.49 17.63
C ARG H 304 13.96 -34.05 16.26
N ILE H 305 13.02 -33.96 15.33
CA ILE H 305 13.24 -34.44 13.97
C ILE H 305 14.37 -33.69 13.28
N LEU H 306 14.45 -32.37 13.50
CA LEU H 306 15.50 -31.55 12.91
C LEU H 306 16.85 -31.78 13.58
N LEU H 307 16.85 -31.89 14.90
CA LEU H 307 18.08 -32.12 15.66
C LEU H 307 18.66 -33.50 15.33
N MET H 308 17.77 -34.47 15.15
CA MET H 308 18.15 -35.84 14.81
C MET H 308 18.84 -35.88 13.45
N LEU H 309 18.34 -35.07 12.51
CA LEU H 309 18.91 -35.00 11.17
C LEU H 309 20.14 -34.08 11.10
N ALA H 310 20.21 -33.11 12.00
CA ALA H 310 21.34 -32.18 12.03
C ALA H 310 22.59 -32.85 12.60
N LEU H 311 22.38 -33.86 13.44
CA LEU H 311 23.48 -34.59 14.07
C LEU H 311 24.14 -35.61 13.14
N THR H 312 23.51 -35.85 11.97
CA THR H 312 24.07 -36.77 10.99
C THR H 312 25.08 -36.04 10.13
N LYS H 313 25.04 -34.71 10.18
CA LYS H 313 25.93 -33.88 9.38
C LYS H 313 27.01 -33.17 10.20
N THR H 314 26.66 -32.74 11.41
CA THR H 314 27.59 -32.00 12.26
C THR H 314 27.19 -31.99 13.74
N THR H 315 28.11 -31.49 14.57
CA THR H 315 27.88 -31.35 16.00
C THR H 315 28.11 -29.90 16.41
N ASN H 316 28.57 -29.09 15.45
CA ASN H 316 28.86 -27.67 15.69
C ASN H 316 27.60 -26.90 16.06
N PRO H 317 27.61 -26.24 17.23
CA PRO H 317 26.48 -25.47 17.75
C PRO H 317 25.98 -24.38 16.80
N ALA H 318 26.91 -23.63 16.20
CA ALA H 318 26.56 -22.55 15.29
C ALA H 318 25.84 -23.04 14.04
N VAL H 319 26.33 -24.12 13.44
CA VAL H 319 25.72 -24.68 12.24
C VAL H 319 24.33 -25.24 12.52
N ILE H 320 24.19 -25.92 13.66
CA ILE H 320 22.91 -26.49 14.07
C ILE H 320 21.88 -25.40 14.38
N GLN H 321 22.35 -24.30 14.97
CA GLN H 321 21.47 -23.17 15.29
C GLN H 321 20.95 -22.55 14.01
N ASP H 322 21.81 -22.51 13.00
CA ASP H 322 21.45 -21.97 11.69
C ASP H 322 20.34 -22.78 11.02
N TYR H 323 20.37 -24.11 11.21
CA TYR H 323 19.33 -24.98 10.62
C TYR H 323 17.95 -24.62 11.18
N PHE H 324 17.87 -24.43 12.50
CA PHE H 324 16.62 -24.09 13.16
C PHE H 324 15.98 -22.79 12.70
N HIS H 325 16.80 -21.83 12.28
CA HIS H 325 16.28 -20.55 11.80
C HIS H 325 15.94 -20.59 10.31
N ALA H 326 16.53 -21.54 9.60
CA ALA H 326 16.33 -21.66 8.15
C ALA H 326 15.34 -22.74 7.74
N TYR H 327 15.29 -23.84 8.49
CA TYR H 327 14.40 -24.95 8.16
C TYR H 327 13.09 -24.98 8.93
N ASN I 3 37.12 -63.05 -23.86
CA ASN I 3 37.01 -62.06 -24.98
C ASN I 3 37.11 -60.61 -24.50
N LEU I 4 36.03 -59.85 -24.71
CA LEU I 4 35.96 -58.45 -24.33
C LEU I 4 36.02 -58.28 -22.81
N PRO I 5 36.69 -57.22 -22.34
CA PRO I 5 36.84 -56.93 -20.91
C PRO I 5 35.51 -56.58 -20.21
N ASN I 6 35.53 -56.60 -18.88
CA ASN I 6 34.34 -56.30 -18.08
C ASN I 6 34.46 -54.94 -17.37
N ILE I 7 33.74 -53.95 -17.89
CA ILE I 7 33.79 -52.59 -17.32
C ILE I 7 32.51 -52.22 -16.57
N VAL I 8 32.68 -51.77 -15.32
CA VAL I 8 31.54 -51.37 -14.50
C VAL I 8 31.38 -49.84 -14.50
N ILE I 9 30.25 -49.36 -14.98
CA ILE I 9 29.98 -47.92 -15.03
C ILE I 9 29.24 -47.42 -13.79
N LEU I 10 29.85 -46.46 -13.10
CA LEU I 10 29.26 -45.86 -11.91
C LEU I 10 28.73 -44.46 -12.22
N ALA I 11 27.41 -44.35 -12.37
CA ALA I 11 26.78 -43.07 -12.69
C ALA I 11 26.65 -42.20 -11.44
N THR I 12 26.83 -40.89 -11.62
CA THR I 12 26.74 -39.94 -10.52
C THR I 12 25.86 -38.74 -10.88
N GLY I 13 25.89 -38.35 -12.15
CA GLY I 13 25.10 -37.22 -12.62
C GLY I 13 25.72 -36.50 -13.80
N GLY I 14 25.33 -35.25 -14.00
CA GLY I 14 25.83 -34.44 -15.10
C GLY I 14 24.84 -34.34 -16.23
N THR I 15 25.09 -33.41 -17.15
CA THR I 15 24.19 -33.20 -18.29
C THR I 15 24.42 -34.24 -19.38
N ILE I 16 25.42 -35.10 -19.18
CA ILE I 16 25.74 -36.15 -20.13
C ILE I 16 24.61 -37.18 -20.24
N ALA I 17 23.93 -37.43 -19.12
CA ALA I 17 22.81 -38.37 -19.09
C ALA I 17 21.49 -37.66 -18.82
N GLY I 35 17.31 -43.02 -16.90
CA GLY I 35 18.05 -43.77 -15.89
C GLY I 35 19.52 -43.91 -16.20
N VAL I 36 20.17 -44.86 -15.56
CA VAL I 36 21.60 -45.12 -15.77
C VAL I 36 21.86 -45.84 -17.10
N GLU I 37 20.92 -46.69 -17.50
CA GLU I 37 21.04 -47.47 -18.73
C GLU I 37 20.75 -46.64 -20.00
N THR I 38 20.35 -45.38 -19.81
CA THR I 38 20.02 -44.50 -20.93
C THR I 38 21.18 -44.28 -21.88
N LEU I 39 22.37 -44.02 -21.34
CA LEU I 39 23.57 -43.78 -22.15
C LEU I 39 24.11 -45.01 -22.85
N ILE I 40 23.97 -46.17 -22.20
CA ILE I 40 24.44 -47.43 -22.77
C ILE I 40 23.67 -47.76 -24.06
N GLN I 41 22.43 -47.29 -24.14
CA GLN I 41 21.59 -47.50 -25.32
C GLN I 41 21.91 -46.46 -26.39
N ALA I 42 22.34 -45.28 -25.95
CA ALA I 42 22.64 -44.16 -26.86
C ALA I 42 23.81 -44.41 -27.81
N VAL I 43 24.81 -45.17 -27.36
CA VAL I 43 25.97 -45.46 -28.19
C VAL I 43 26.06 -46.93 -28.59
N PRO I 44 25.67 -47.24 -29.83
CA PRO I 44 25.73 -48.62 -30.35
C PRO I 44 27.15 -49.05 -30.71
N GLU I 45 28.02 -48.08 -30.97
CA GLU I 45 29.41 -48.36 -31.31
C GLU I 45 30.23 -48.70 -30.07
N LEU I 46 29.59 -48.63 -28.91
CA LEU I 46 30.24 -48.92 -27.64
C LEU I 46 30.22 -50.43 -27.37
N LYS I 47 29.42 -51.15 -28.16
CA LYS I 47 29.30 -52.60 -28.02
C LYS I 47 30.53 -53.31 -28.58
N THR I 48 31.15 -52.72 -29.59
CA THR I 48 32.35 -53.28 -30.21
C THR I 48 33.60 -52.92 -29.40
N LEU I 49 33.41 -52.71 -28.09
CA LEU I 49 34.51 -52.33 -27.21
C LEU I 49 34.67 -53.29 -26.04
N ALA I 50 33.64 -53.38 -25.19
CA ALA I 50 33.68 -54.26 -24.01
C ALA I 50 32.30 -54.54 -23.42
N ASN I 51 32.26 -55.51 -22.51
CA ASN I 51 31.02 -55.87 -21.81
C ASN I 51 30.87 -54.95 -20.60
N ILE I 52 29.84 -54.10 -20.64
CA ILE I 52 29.64 -53.11 -19.59
C ILE I 52 28.44 -53.29 -18.67
N LYS I 53 28.72 -53.29 -17.36
CA LYS I 53 27.68 -53.35 -16.34
C LYS I 53 27.48 -51.92 -15.83
N GLY I 54 26.26 -51.61 -15.42
CA GLY I 54 25.97 -50.26 -14.94
C GLY I 54 25.13 -50.17 -13.69
N GLU I 55 25.49 -49.25 -12.80
CA GLU I 55 24.76 -49.01 -11.57
C GLU I 55 24.83 -47.53 -11.19
N GLN I 56 23.73 -47.03 -10.62
CA GLN I 56 23.61 -45.62 -10.27
C GLN I 56 23.72 -45.38 -8.76
N VAL I 57 24.65 -44.51 -8.37
CA VAL I 57 24.85 -44.19 -6.95
C VAL I 57 24.37 -42.79 -6.60
N ALA I 58 24.12 -41.97 -7.62
CA ALA I 58 23.65 -40.60 -7.44
C ALA I 58 23.04 -40.05 -8.74
N SER I 59 22.22 -39.02 -8.60
CA SER I 59 21.58 -38.37 -9.75
C SER I 59 21.58 -36.86 -9.57
N ILE I 60 22.65 -36.35 -8.97
CA ILE I 60 22.78 -34.92 -8.68
C ILE I 60 23.79 -34.24 -9.59
N GLY I 61 23.68 -32.91 -9.69
CA GLY I 61 24.63 -32.12 -10.46
C GLY I 61 25.92 -32.02 -9.68
N SER I 62 27.05 -31.95 -10.40
CA SER I 62 28.36 -31.89 -9.75
C SER I 62 28.54 -30.72 -8.80
N GLU I 63 27.84 -29.62 -9.05
CA GLU I 63 27.91 -28.45 -8.17
C GLU I 63 27.41 -28.79 -6.77
N ASN I 64 26.58 -29.84 -6.68
CA ASN I 64 26.05 -30.31 -5.41
C ASN I 64 26.73 -31.57 -4.86
N MET I 65 27.86 -31.93 -5.45
CA MET I 65 28.63 -33.08 -5.00
C MET I 65 29.24 -32.80 -3.63
N THR I 66 29.11 -33.76 -2.72
CA THR I 66 29.61 -33.59 -1.37
C THR I 66 30.60 -34.71 -0.98
N SER I 67 31.37 -34.45 0.07
CA SER I 67 32.35 -35.42 0.57
C SER I 67 31.69 -36.68 1.11
N ASP I 68 30.42 -36.58 1.48
CA ASP I 68 29.65 -37.73 1.97
C ASP I 68 29.39 -38.72 0.84
N VAL I 69 29.07 -38.19 -0.33
CA VAL I 69 28.80 -39.02 -1.51
C VAL I 69 30.10 -39.56 -2.11
N LEU I 70 31.20 -38.83 -1.91
CA LEU I 70 32.50 -39.28 -2.40
C LEU I 70 32.99 -40.50 -1.62
N LEU I 71 32.64 -40.56 -0.34
CA LEU I 71 32.99 -41.70 0.50
C LEU I 71 32.27 -42.95 0.03
N THR I 72 31.06 -42.77 -0.50
CA THR I 72 30.27 -43.87 -1.02
C THR I 72 30.97 -44.46 -2.25
N LEU I 73 31.39 -43.58 -3.16
CA LEU I 73 32.12 -43.99 -4.36
C LEU I 73 33.41 -44.69 -4.00
N SER I 74 34.27 -43.99 -3.26
CA SER I 74 35.57 -44.51 -2.83
C SER I 74 35.49 -45.91 -2.23
N LYS I 75 34.47 -46.15 -1.40
CA LYS I 75 34.28 -47.45 -0.78
C LYS I 75 33.73 -48.47 -1.76
N ARG I 76 32.85 -48.03 -2.66
CA ARG I 76 32.26 -48.91 -3.67
C ARG I 76 33.28 -49.27 -4.76
N VAL I 77 34.05 -48.28 -5.19
CA VAL I 77 35.09 -48.48 -6.21
C VAL I 77 36.10 -49.52 -5.75
N ASN I 78 36.62 -49.33 -4.53
CA ASN I 78 37.59 -50.26 -3.95
C ASN I 78 37.02 -51.65 -3.68
N GLU I 79 35.71 -51.71 -3.45
CA GLU I 79 35.02 -52.98 -3.23
C GLU I 79 34.92 -53.73 -4.55
N LEU I 80 34.59 -53.00 -5.62
CA LEU I 80 34.48 -53.58 -6.95
C LEU I 80 35.84 -53.96 -7.51
N LEU I 81 36.85 -53.13 -7.25
CA LEU I 81 38.19 -53.39 -7.74
C LEU I 81 38.94 -54.43 -6.91
N ALA I 82 38.24 -55.05 -5.97
CA ALA I 82 38.80 -56.12 -5.15
C ALA I 82 38.34 -57.44 -5.75
N ARG I 83 37.34 -57.36 -6.62
CA ARG I 83 36.78 -58.52 -7.29
C ARG I 83 37.61 -58.89 -8.52
N SER I 84 37.71 -60.18 -8.80
CA SER I 84 38.50 -60.67 -9.93
C SER I 84 37.78 -60.55 -11.27
N ASP I 85 36.45 -60.43 -11.24
CA ASP I 85 35.66 -60.31 -12.46
C ASP I 85 35.41 -58.86 -12.89
N VAL I 86 36.02 -57.92 -12.19
CA VAL I 86 35.91 -56.50 -12.52
C VAL I 86 37.24 -55.99 -13.05
N ASP I 87 37.26 -55.63 -14.34
CA ASP I 87 38.48 -55.17 -14.99
C ASP I 87 38.78 -53.69 -14.75
N GLY I 88 37.76 -52.85 -14.87
CA GLY I 88 37.92 -51.41 -14.67
C GLY I 88 36.60 -50.68 -14.46
N VAL I 89 36.68 -49.49 -13.88
CA VAL I 89 35.48 -48.70 -13.63
C VAL I 89 35.51 -47.33 -14.31
N VAL I 90 34.37 -46.94 -14.88
CA VAL I 90 34.22 -45.64 -15.53
C VAL I 90 33.16 -44.85 -14.78
N ILE I 91 33.57 -43.79 -14.11
CA ILE I 91 32.67 -42.98 -13.31
C ILE I 91 32.15 -41.74 -14.01
N THR I 92 30.83 -41.72 -14.26
CA THR I 92 30.19 -40.56 -14.87
C THR I 92 30.09 -39.48 -13.78
N HIS I 93 30.33 -38.23 -14.16
CA HIS I 93 30.33 -37.13 -13.20
C HIS I 93 30.07 -35.83 -13.96
N GLY I 94 29.73 -34.77 -13.23
CA GLY I 94 29.52 -33.46 -13.84
C GLY I 94 30.85 -32.77 -14.04
N THR I 95 30.86 -31.70 -14.82
CA THR I 95 32.09 -30.97 -15.12
C THR I 95 32.46 -29.91 -14.08
N ASP I 96 31.45 -29.35 -13.41
CA ASP I 96 31.65 -28.28 -12.44
C ASP I 96 32.59 -28.58 -11.27
N THR I 97 32.54 -29.81 -10.74
CA THR I 97 33.45 -30.20 -9.66
C THR I 97 34.30 -31.40 -10.04
N LEU I 98 34.58 -31.52 -11.34
CA LEU I 98 35.40 -32.63 -11.83
C LEU I 98 36.87 -32.40 -11.47
N ASP I 99 37.13 -31.34 -10.70
CA ASP I 99 38.47 -31.04 -10.24
C ASP I 99 38.74 -31.76 -8.91
N GLU I 100 37.69 -31.89 -8.10
CA GLU I 100 37.80 -32.53 -6.79
C GLU I 100 37.65 -34.05 -6.83
N SER I 101 36.54 -34.51 -7.41
CA SER I 101 36.20 -35.95 -7.44
C SER I 101 37.30 -36.93 -7.85
N PRO I 102 37.83 -36.80 -9.08
CA PRO I 102 38.88 -37.73 -9.52
C PRO I 102 40.09 -37.75 -8.61
N TYR I 103 40.47 -36.58 -8.09
CA TYR I 103 41.63 -36.48 -7.21
C TYR I 103 41.36 -37.08 -5.82
N PHE I 104 40.09 -37.08 -5.41
CA PHE I 104 39.72 -37.66 -4.13
C PHE I 104 39.98 -39.16 -4.17
N LEU I 105 39.53 -39.81 -5.24
CA LEU I 105 39.73 -41.24 -5.42
C LEU I 105 41.18 -41.58 -5.74
N ASN I 106 41.88 -40.64 -6.35
CA ASN I 106 43.29 -40.83 -6.70
C ASN I 106 44.14 -41.05 -5.45
N LEU I 107 43.60 -40.63 -4.31
CA LEU I 107 44.29 -40.77 -3.03
C LEU I 107 43.68 -41.86 -2.17
N THR I 108 42.46 -42.28 -2.49
CA THR I 108 41.76 -43.27 -1.68
C THR I 108 41.62 -44.68 -2.28
N VAL I 109 41.76 -44.80 -3.60
CA VAL I 109 41.69 -46.12 -4.25
C VAL I 109 42.94 -46.95 -3.90
N LYS I 110 42.75 -48.23 -3.63
CA LYS I 110 43.86 -49.11 -3.24
C LYS I 110 44.32 -50.14 -4.28
N SER I 111 43.87 -50.00 -5.52
CA SER I 111 44.27 -50.94 -6.57
C SER I 111 44.87 -50.24 -7.78
N ASP I 112 45.41 -51.04 -8.71
CA ASP I 112 46.02 -50.52 -9.92
C ASP I 112 45.07 -50.45 -11.11
N LYS I 113 43.87 -51.01 -10.94
CA LYS I 113 42.88 -51.00 -12.01
C LYS I 113 42.34 -49.60 -12.32
N PRO I 114 42.16 -49.30 -13.63
CA PRO I 114 41.77 -47.99 -14.15
C PRO I 114 40.42 -47.43 -13.71
N VAL I 115 40.48 -46.35 -12.93
CA VAL I 115 39.29 -45.62 -12.51
C VAL I 115 39.25 -44.40 -13.42
N VAL I 116 38.30 -44.38 -14.35
CA VAL I 116 38.23 -43.31 -15.33
C VAL I 116 36.98 -42.42 -15.24
N PHE I 117 37.17 -41.16 -14.86
CA PHE I 117 36.07 -40.21 -14.80
C PHE I 117 35.75 -39.66 -16.19
N VAL I 118 34.47 -39.46 -16.44
CA VAL I 118 34.01 -38.94 -17.74
C VAL I 118 32.88 -37.92 -17.54
N ALA I 119 32.78 -36.97 -18.46
CA ALA I 119 31.76 -35.94 -18.39
C ALA I 119 31.49 -35.34 -19.77
N ALA I 120 30.57 -34.38 -19.83
CA ALA I 120 30.22 -33.71 -21.08
C ALA I 120 29.90 -32.25 -20.81
N MET I 121 30.33 -31.39 -21.73
CA MET I 121 30.09 -29.94 -21.61
C MET I 121 28.77 -29.50 -22.22
N ARG I 122 28.29 -30.25 -23.21
CA ARG I 122 27.01 -29.96 -23.85
C ARG I 122 25.95 -30.96 -23.40
N PRO I 123 24.69 -30.50 -23.27
CA PRO I 123 23.60 -31.40 -22.89
C PRO I 123 23.42 -32.53 -23.91
N ALA I 124 22.94 -33.68 -23.44
CA ALA I 124 22.74 -34.86 -24.31
C ALA I 124 21.78 -34.62 -25.48
N THR I 125 21.01 -33.54 -25.41
CA THR I 125 20.04 -33.22 -26.45
C THR I 125 20.50 -32.06 -27.35
N ALA I 126 21.71 -31.57 -27.12
CA ALA I 126 22.25 -30.46 -27.90
C ALA I 126 22.96 -30.90 -29.17
N ILE I 127 23.18 -29.94 -30.06
CA ILE I 127 23.87 -30.18 -31.32
C ILE I 127 25.33 -30.52 -31.02
N SER I 128 25.80 -31.64 -31.57
CA SER I 128 27.18 -32.11 -31.38
C SER I 128 27.52 -32.35 -29.92
N ALA I 129 26.65 -33.08 -29.22
CA ALA I 129 26.87 -33.41 -27.82
C ALA I 129 28.14 -34.24 -27.65
N ASP I 130 29.04 -33.78 -26.80
CA ASP I 130 30.32 -34.44 -26.56
C ASP I 130 30.22 -35.70 -25.70
N GLY I 131 29.06 -35.91 -25.07
CA GLY I 131 28.82 -37.07 -24.21
C GLY I 131 29.20 -38.43 -24.78
N PRO I 132 28.58 -38.80 -25.92
CA PRO I 132 28.82 -40.09 -26.60
C PRO I 132 30.30 -40.43 -26.81
N MET I 133 31.05 -39.54 -27.49
CA MET I 133 32.47 -39.78 -27.75
C MET I 133 33.29 -39.89 -26.47
N ASN I 134 33.05 -38.96 -25.53
CA ASN I 134 33.76 -38.98 -24.25
C ASN I 134 33.53 -40.28 -23.50
N LEU I 135 32.30 -40.78 -23.55
CA LEU I 135 31.94 -42.04 -22.91
C LEU I 135 32.70 -43.19 -23.55
N TYR I 136 32.77 -43.18 -24.87
CA TYR I 136 33.48 -44.21 -25.63
C TYR I 136 34.95 -44.28 -25.24
N GLY I 137 35.62 -43.12 -25.28
CA GLY I 137 37.04 -43.05 -24.95
C GLY I 137 37.36 -43.46 -23.52
N ALA I 138 36.49 -43.07 -22.59
CA ALA I 138 36.67 -43.38 -21.17
C ALA I 138 36.68 -44.88 -20.91
N VAL I 139 35.72 -45.59 -21.51
CA VAL I 139 35.63 -47.04 -21.36
C VAL I 139 36.79 -47.70 -22.07
N LYS I 140 37.13 -47.17 -23.24
CA LYS I 140 38.26 -47.67 -24.05
C LYS I 140 39.55 -47.62 -23.25
N VAL I 141 39.70 -46.57 -22.46
CA VAL I 141 40.89 -46.40 -21.62
C VAL I 141 40.88 -47.41 -20.47
N ALA I 142 39.73 -47.56 -19.81
CA ALA I 142 39.60 -48.50 -18.70
C ALA I 142 39.73 -49.95 -19.14
N ALA I 143 39.29 -50.24 -20.36
CA ALA I 143 39.37 -51.59 -20.92
C ALA I 143 40.80 -51.99 -21.28
N ASP I 144 41.60 -51.01 -21.67
CA ASP I 144 43.00 -51.24 -22.03
C ASP I 144 43.81 -51.60 -20.79
N LYS I 145 44.59 -52.67 -20.88
CA LYS I 145 45.41 -53.14 -19.76
C LYS I 145 46.71 -52.35 -19.56
N ASN I 146 47.02 -51.49 -20.52
CA ASN I 146 48.23 -50.67 -20.45
C ASN I 146 47.98 -49.40 -19.63
N SER I 147 46.71 -49.12 -19.37
CA SER I 147 46.31 -47.93 -18.62
C SER I 147 46.29 -48.15 -17.11
N ARG I 148 46.64 -49.35 -16.67
CA ARG I 148 46.64 -49.67 -15.25
C ARG I 148 47.89 -49.11 -14.55
N GLY I 149 47.72 -48.69 -13.30
CA GLY I 149 48.82 -48.16 -12.50
C GLY I 149 49.23 -46.76 -12.88
N ARG I 150 48.30 -45.98 -13.42
CA ARG I 150 48.58 -44.61 -13.83
C ARG I 150 47.83 -43.62 -12.94
N GLY I 151 47.02 -44.14 -12.04
CA GLY I 151 46.19 -43.32 -11.15
C GLY I 151 44.84 -43.08 -11.77
N VAL I 152 43.98 -42.34 -11.06
CA VAL I 152 42.64 -42.05 -11.57
C VAL I 152 42.73 -41.14 -12.79
N LEU I 153 42.02 -41.50 -13.85
CA LEU I 153 42.07 -40.75 -15.10
C LEU I 153 40.78 -39.96 -15.36
N VAL I 154 40.91 -38.94 -16.21
CA VAL I 154 39.78 -38.08 -16.57
C VAL I 154 39.79 -37.95 -18.09
N VAL I 155 38.76 -38.47 -18.74
CA VAL I 155 38.71 -38.45 -20.20
C VAL I 155 37.61 -37.60 -20.82
N LEU I 156 38.03 -36.50 -21.46
CA LEU I 156 37.12 -35.61 -22.19
C LEU I 156 37.87 -35.01 -23.37
N ASN I 157 37.14 -34.73 -24.46
CA ASN I 157 37.70 -34.09 -25.65
C ASN I 157 38.96 -34.80 -26.20
N ASP I 158 38.88 -36.13 -26.28
CA ASP I 158 39.99 -36.95 -26.80
C ASP I 158 41.26 -36.93 -25.96
N ARG I 159 41.19 -36.32 -24.78
CA ARG I 159 42.35 -36.22 -23.90
C ARG I 159 42.27 -37.19 -22.72
N ILE I 160 43.43 -37.49 -22.15
CA ILE I 160 43.52 -38.34 -20.96
C ILE I 160 44.38 -37.59 -19.93
N GLY I 161 43.71 -36.94 -18.99
CA GLY I 161 44.42 -36.17 -17.97
C GLY I 161 44.53 -36.88 -16.64
N SER I 162 45.51 -36.47 -15.84
CA SER I 162 45.71 -37.02 -14.52
C SER I 162 44.83 -36.29 -13.52
N ALA I 163 44.31 -37.01 -12.54
CA ALA I 163 43.45 -36.43 -11.50
C ALA I 163 44.22 -35.40 -10.68
N ARG I 164 45.55 -35.54 -10.70
CA ARG I 164 46.44 -34.65 -9.95
C ARG I 164 46.67 -33.30 -10.67
N PHE I 165 46.42 -33.26 -11.98
CA PHE I 165 46.67 -32.03 -12.73
C PHE I 165 45.49 -31.42 -13.48
N ILE I 166 44.67 -32.28 -14.08
CA ILE I 166 43.55 -31.81 -14.89
C ILE I 166 42.53 -30.98 -14.10
N SER I 167 41.98 -29.97 -14.75
CA SER I 167 40.98 -29.10 -14.14
C SER I 167 40.24 -28.32 -15.23
N LYS I 168 39.04 -27.86 -14.89
CA LYS I 168 38.23 -27.08 -15.81
C LYS I 168 38.84 -25.67 -15.89
N THR I 169 39.48 -25.36 -17.02
CA THR I 169 40.16 -24.07 -17.17
C THR I 169 39.30 -23.00 -17.83
N ASN I 170 38.21 -23.43 -18.46
CA ASN I 170 37.29 -22.51 -19.10
C ASN I 170 35.87 -22.81 -18.61
N ALA I 171 35.06 -21.76 -18.48
CA ALA I 171 33.71 -21.91 -17.96
C ALA I 171 32.72 -22.65 -18.86
N SER I 172 32.83 -22.48 -20.18
CA SER I 172 31.83 -23.05 -21.08
C SER I 172 32.30 -23.72 -22.38
N THR I 173 33.60 -24.00 -22.52
CA THR I 173 34.10 -24.62 -23.76
C THR I 173 34.33 -26.13 -23.64
N LEU I 174 34.34 -26.81 -24.78
CA LEU I 174 34.53 -28.28 -24.82
C LEU I 174 35.92 -28.73 -24.40
N ASP I 175 36.92 -27.92 -24.74
CA ASP I 175 38.31 -28.23 -24.43
C ASP I 175 38.76 -27.64 -23.10
N THR I 176 37.79 -27.28 -22.26
CA THR I 176 38.07 -26.65 -20.97
C THR I 176 39.09 -27.36 -20.08
N PHE I 177 38.99 -28.69 -19.98
CA PHE I 177 39.90 -29.45 -19.13
C PHE I 177 41.31 -29.52 -19.67
N LYS I 178 42.20 -28.72 -19.07
CA LYS I 178 43.59 -28.64 -19.49
C LYS I 178 44.53 -28.70 -18.27
N ALA I 179 45.82 -28.71 -18.57
CA ALA I 179 46.88 -28.70 -17.57
C ALA I 179 48.13 -28.17 -18.26
N PRO I 180 48.21 -26.85 -18.44
CA PRO I 180 49.28 -26.16 -19.18
C PRO I 180 50.72 -26.53 -18.79
N GLU I 181 50.97 -26.70 -17.49
CA GLU I 181 52.31 -27.01 -17.01
C GLU I 181 52.65 -28.50 -16.95
N GLU I 182 51.63 -29.35 -17.02
CA GLU I 182 51.86 -30.80 -16.93
C GLU I 182 51.37 -31.60 -18.14
N GLY I 183 50.55 -30.96 -18.99
CA GLY I 183 50.01 -31.63 -20.18
C GLY I 183 49.07 -32.76 -19.83
N TYR I 184 48.88 -33.69 -20.78
CA TYR I 184 48.01 -34.83 -20.57
C TYR I 184 48.84 -36.12 -20.47
N LEU I 185 48.28 -37.12 -19.80
CA LEU I 185 48.95 -38.42 -19.68
C LEU I 185 48.91 -39.15 -21.03
N GLY I 186 47.87 -38.87 -21.80
CA GLY I 186 47.70 -39.50 -23.10
C GLY I 186 46.61 -38.87 -23.95
N VAL I 187 46.48 -39.35 -25.18
CA VAL I 187 45.45 -38.87 -26.11
C VAL I 187 44.77 -40.05 -26.82
N ILE I 188 43.58 -39.80 -27.34
CA ILE I 188 42.82 -40.82 -28.07
C ILE I 188 42.53 -40.33 -29.49
N ILE I 189 43.30 -40.84 -30.45
CA ILE I 189 43.15 -40.43 -31.85
C ILE I 189 43.02 -41.62 -32.79
N GLY I 190 41.99 -41.59 -33.65
CA GLY I 190 41.75 -42.65 -34.64
C GLY I 190 41.54 -44.04 -34.09
N ASP I 191 41.09 -44.12 -32.84
CA ASP I 191 40.84 -45.39 -32.14
C ASP I 191 42.09 -46.04 -31.56
N LYS I 192 43.11 -45.22 -31.30
CA LYS I 192 44.34 -45.70 -30.67
C LYS I 192 44.64 -44.86 -29.44
N ILE I 193 45.16 -45.51 -28.40
CA ILE I 193 45.50 -44.80 -27.17
C ILE I 193 47.01 -44.55 -27.14
N TYR I 194 47.39 -43.28 -27.02
CA TYR I 194 48.80 -42.89 -27.02
C TYR I 194 49.22 -42.29 -25.68
N TYR I 195 49.95 -43.07 -24.89
CA TYR I 195 50.44 -42.57 -23.60
C TYR I 195 51.79 -41.89 -23.75
N GLN I 196 51.89 -40.68 -23.21
CA GLN I 196 53.08 -39.86 -23.35
C GLN I 196 53.79 -39.53 -22.03
N THR I 197 53.01 -39.32 -20.97
CA THR I 197 53.58 -38.99 -19.67
C THR I 197 52.99 -39.84 -18.54
N ARG I 198 53.70 -39.89 -17.42
CA ARG I 198 53.25 -40.63 -16.24
C ARG I 198 53.35 -39.75 -14.99
N LEU I 199 52.32 -39.83 -14.16
CA LEU I 199 52.27 -39.06 -12.91
C LEU I 199 53.44 -39.43 -12.00
N ASP I 200 54.25 -38.43 -11.65
CA ASP I 200 55.41 -38.66 -10.80
C ASP I 200 55.13 -38.21 -9.36
N LYS I 201 54.01 -38.69 -8.81
CA LYS I 201 53.61 -38.39 -7.45
C LYS I 201 53.07 -39.66 -6.80
N VAL I 202 53.00 -39.68 -5.48
CA VAL I 202 52.48 -40.85 -4.77
C VAL I 202 50.96 -40.92 -4.96
N HIS I 203 50.47 -42.06 -5.46
CA HIS I 203 49.05 -42.22 -5.73
C HIS I 203 48.55 -43.64 -5.57
N THR I 204 47.23 -43.80 -5.63
CA THR I 204 46.55 -45.08 -5.55
C THR I 204 47.10 -46.11 -4.54
N THR I 205 47.76 -47.13 -5.07
CA THR I 205 48.29 -48.24 -4.26
C THR I 205 49.35 -47.82 -3.24
N ARG I 206 50.16 -46.82 -3.58
CA ARG I 206 51.24 -46.39 -2.68
C ARG I 206 50.80 -45.28 -1.73
N SER I 207 49.52 -44.90 -1.82
CA SER I 207 48.96 -43.85 -0.98
C SER I 207 48.59 -44.37 0.42
N VAL I 208 48.90 -43.59 1.45
CA VAL I 208 48.61 -43.99 2.82
C VAL I 208 47.25 -43.49 3.32
N PHE I 209 46.39 -43.06 2.39
CA PHE I 209 45.06 -42.56 2.75
C PHE I 209 43.97 -43.61 2.53
N ASP I 210 43.47 -44.16 3.64
CA ASP I 210 42.42 -45.15 3.60
C ASP I 210 41.20 -44.61 4.36
N VAL I 211 40.07 -44.53 3.66
CA VAL I 211 38.84 -44.03 4.27
C VAL I 211 37.76 -45.09 4.37
N THR I 212 38.17 -46.36 4.31
CA THR I 212 37.24 -47.49 4.39
C THR I 212 36.47 -47.48 5.71
N ASN I 213 37.16 -47.10 6.79
CA ASN I 213 36.56 -47.05 8.12
C ASN I 213 36.19 -45.62 8.54
N VAL I 214 36.10 -44.72 7.57
CA VAL I 214 35.76 -43.33 7.85
C VAL I 214 34.34 -43.00 7.39
N ASP I 215 33.52 -42.54 8.33
CA ASP I 215 32.13 -42.18 8.04
C ASP I 215 31.92 -40.66 7.96
N LYS I 216 32.79 -39.92 8.63
CA LYS I 216 32.69 -38.46 8.65
C LYS I 216 34.04 -37.80 8.35
N LEU I 217 34.09 -37.03 7.26
CA LEU I 217 35.30 -36.32 6.87
C LEU I 217 35.34 -34.92 7.47
N PRO I 218 36.54 -34.47 7.90
CA PRO I 218 36.73 -33.15 8.49
C PRO I 218 36.33 -32.03 7.52
N ALA I 219 35.62 -31.02 8.03
CA ALA I 219 35.19 -29.90 7.21
C ALA I 219 36.37 -29.00 6.86
N VAL I 220 36.47 -28.64 5.58
CA VAL I 220 37.54 -27.76 5.11
C VAL I 220 36.97 -26.65 4.22
N ASP I 221 37.30 -25.41 4.55
CA ASP I 221 36.84 -24.26 3.78
C ASP I 221 37.93 -23.72 2.86
N ILE I 222 37.52 -22.99 1.82
CA ILE I 222 38.45 -22.35 0.90
C ILE I 222 38.19 -20.85 0.91
N ILE I 223 39.16 -20.08 1.36
CA ILE I 223 39.03 -18.62 1.40
C ILE I 223 39.88 -17.94 0.32
N TYR I 224 39.23 -17.14 -0.50
CA TYR I 224 39.86 -16.47 -1.63
C TYR I 224 40.72 -15.29 -1.17
N GLY I 225 41.80 -15.03 -1.90
CA GLY I 225 42.70 -13.92 -1.59
C GLY I 225 42.57 -12.83 -2.65
N TYR I 226 42.38 -11.60 -2.19
CA TYR I 226 42.20 -10.45 -3.09
C TYR I 226 42.41 -9.13 -2.37
N GLN I 227 42.38 -8.02 -3.11
CA GLN I 227 42.51 -6.69 -2.53
C GLN I 227 41.37 -6.42 -1.56
N ASP I 228 41.70 -5.96 -0.36
CA ASP I 228 40.71 -5.65 0.67
C ASP I 228 39.98 -6.90 1.18
N ASP I 229 40.64 -8.05 1.14
CA ASP I 229 40.06 -9.29 1.63
C ASP I 229 39.78 -9.19 3.13
N PRO I 230 38.55 -9.56 3.55
CA PRO I 230 38.14 -9.44 4.94
C PRO I 230 38.66 -10.55 5.85
N GLU I 231 39.07 -10.16 7.05
CA GLU I 231 39.57 -11.10 8.05
C GLU I 231 38.41 -11.91 8.63
N TYR I 232 37.21 -11.32 8.62
CA TYR I 232 36.03 -11.99 9.19
C TYR I 232 35.63 -13.32 8.54
N MET I 233 36.14 -13.57 7.34
CA MET I 233 35.88 -14.84 6.65
C MET I 233 36.57 -15.97 7.39
N TYR I 234 37.73 -15.66 7.98
CA TYR I 234 38.48 -16.64 8.76
C TYR I 234 37.77 -16.86 10.10
N ASP I 235 37.32 -15.76 10.70
CA ASP I 235 36.57 -15.82 11.96
C ASP I 235 35.34 -16.70 11.80
N ALA I 236 34.70 -16.61 10.64
CA ALA I 236 33.50 -17.40 10.33
C ALA I 236 33.79 -18.90 10.23
N SER I 237 34.95 -19.25 9.68
CA SER I 237 35.36 -20.64 9.56
C SER I 237 35.66 -21.24 10.93
N ILE I 238 36.35 -20.46 11.76
CA ILE I 238 36.70 -20.87 13.12
C ILE I 238 35.44 -21.12 13.94
N LYS I 239 34.51 -20.17 13.86
CA LYS I 239 33.26 -20.22 14.59
C LYS I 239 32.39 -21.43 14.23
N HIS I 240 32.46 -21.86 12.98
CA HIS I 240 31.64 -22.97 12.51
C HIS I 240 32.30 -24.35 12.51
N GLY I 241 33.40 -24.46 13.25
CA GLY I 241 34.09 -25.73 13.46
C GLY I 241 34.70 -26.50 12.31
N VAL I 242 35.46 -25.83 11.45
CA VAL I 242 36.17 -26.52 10.37
C VAL I 242 37.53 -26.95 10.89
N LYS I 243 38.09 -28.02 10.32
CA LYS I 243 39.38 -28.54 10.77
C LYS I 243 40.56 -27.98 9.98
N GLY I 244 40.28 -27.56 8.74
CA GLY I 244 41.33 -27.00 7.88
C GLY I 244 40.83 -25.88 6.99
N ILE I 245 41.73 -25.00 6.56
CA ILE I 245 41.40 -23.89 5.68
C ILE I 245 42.40 -23.78 4.54
N VAL I 246 41.89 -23.76 3.31
CA VAL I 246 42.73 -23.59 2.13
C VAL I 246 42.59 -22.15 1.65
N TYR I 247 43.71 -21.45 1.57
CA TYR I 247 43.72 -20.06 1.12
C TYR I 247 44.12 -19.92 -0.34
N ALA I 248 43.16 -19.56 -1.19
CA ALA I 248 43.41 -19.32 -2.62
C ALA I 248 44.07 -17.96 -2.71
N GLY I 249 45.37 -17.93 -2.44
CA GLY I 249 46.11 -16.69 -2.36
C GLY I 249 46.44 -15.94 -3.63
N MET I 250 46.83 -14.68 -3.43
CA MET I 250 47.24 -13.81 -4.51
C MET I 250 48.66 -14.22 -4.92
N GLY I 251 48.88 -14.39 -6.22
CA GLY I 251 50.19 -14.80 -6.73
C GLY I 251 50.58 -16.15 -6.17
N ALA I 252 51.76 -16.21 -5.55
CA ALA I 252 52.25 -17.46 -4.96
C ALA I 252 51.75 -17.62 -3.52
N GLY I 253 50.43 -17.56 -3.36
CA GLY I 253 49.79 -17.71 -2.06
C GLY I 253 50.12 -16.62 -1.07
N SER I 254 50.33 -15.40 -1.58
CA SER I 254 50.68 -14.27 -0.72
C SER I 254 49.49 -13.80 0.11
N VAL I 255 49.75 -13.51 1.38
CA VAL I 255 48.71 -13.05 2.30
C VAL I 255 48.77 -11.53 2.49
N SER I 256 47.63 -10.94 2.80
CA SER I 256 47.56 -9.51 3.09
C SER I 256 47.68 -9.39 4.60
N LYS I 257 47.62 -8.17 5.13
CA LYS I 257 47.68 -7.96 6.58
C LYS I 257 46.51 -8.68 7.24
N ARG I 258 45.35 -8.58 6.61
CA ARG I 258 44.12 -9.19 7.12
C ARG I 258 44.15 -10.71 6.93
N GLY I 259 44.70 -11.16 5.81
CA GLY I 259 44.80 -12.59 5.54
C GLY I 259 45.84 -13.25 6.42
N ASP I 260 46.90 -12.50 6.73
CA ASP I 260 47.96 -12.97 7.61
C ASP I 260 47.42 -13.14 9.02
N ALA I 261 46.69 -12.14 9.49
CA ALA I 261 46.10 -12.18 10.82
C ALA I 261 45.01 -13.25 10.92
N GLY I 262 44.24 -13.42 9.85
CA GLY I 262 43.16 -14.41 9.83
C GLY I 262 43.68 -15.84 9.92
N ILE I 263 44.75 -16.13 9.20
CA ILE I 263 45.37 -17.45 9.20
C ILE I 263 46.04 -17.78 10.53
N ARG I 264 46.77 -16.81 11.09
CA ARG I 264 47.45 -17.01 12.38
C ARG I 264 46.45 -17.20 13.52
N LYS I 265 45.30 -16.52 13.41
CA LYS I 265 44.25 -16.65 14.41
C LYS I 265 43.62 -18.04 14.33
N ALA I 266 43.55 -18.57 13.11
CA ALA I 266 43.00 -19.90 12.89
C ALA I 266 43.96 -20.96 13.41
N GLU I 267 45.26 -20.73 13.21
CA GLU I 267 46.29 -21.66 13.67
C GLU I 267 46.32 -21.77 15.19
N SER I 268 46.06 -20.66 15.88
CA SER I 268 46.05 -20.64 17.34
C SER I 268 44.87 -21.44 17.89
N LYS I 269 43.88 -21.69 17.04
CA LYS I 269 42.70 -22.46 17.41
C LYS I 269 42.85 -23.93 17.03
N GLY I 270 44.03 -24.29 16.52
CA GLY I 270 44.32 -25.67 16.13
C GLY I 270 43.91 -26.02 14.71
N ILE I 271 43.70 -25.00 13.88
CA ILE I 271 43.31 -25.21 12.49
C ILE I 271 44.54 -25.22 11.59
N VAL I 272 44.65 -26.26 10.77
CA VAL I 272 45.77 -26.39 9.83
C VAL I 272 45.44 -25.65 8.54
N VAL I 273 46.21 -24.60 8.26
CA VAL I 273 45.99 -23.80 7.07
C VAL I 273 47.05 -24.05 6.00
N VAL I 274 46.60 -24.20 4.75
CA VAL I 274 47.49 -24.42 3.62
C VAL I 274 47.31 -23.30 2.58
N ARG I 275 48.40 -22.65 2.20
CA ARG I 275 48.34 -21.56 1.23
C ARG I 275 48.48 -22.04 -0.21
N SER I 276 47.37 -21.98 -0.95
CA SER I 276 47.38 -22.34 -2.36
C SER I 276 47.42 -21.07 -3.21
N SER I 277 46.89 -21.11 -4.43
CA SER I 277 46.94 -19.94 -5.31
C SER I 277 45.72 -19.79 -6.23
N ARG I 278 45.29 -18.55 -6.44
CA ARG I 278 44.13 -18.26 -7.30
C ARG I 278 44.52 -18.15 -8.77
N THR I 279 45.83 -18.22 -9.05
CA THR I 279 46.35 -18.07 -10.42
C THR I 279 45.88 -19.14 -11.39
N GLY I 280 45.84 -20.40 -10.95
CA GLY I 280 45.40 -21.50 -11.81
C GLY I 280 46.45 -22.58 -12.03
N SER I 281 47.72 -22.21 -11.82
CA SER I 281 48.83 -23.14 -11.98
C SER I 281 50.07 -22.59 -11.28
N GLY I 282 51.13 -23.38 -11.25
CA GLY I 282 52.38 -22.94 -10.65
C GLY I 282 52.70 -23.48 -9.27
N ILE I 283 53.84 -23.06 -8.74
CA ILE I 283 54.33 -23.52 -7.44
C ILE I 283 54.28 -22.43 -6.38
N VAL I 284 53.72 -22.77 -5.22
CA VAL I 284 53.73 -21.87 -4.07
C VAL I 284 54.87 -22.36 -3.18
N PRO I 285 56.01 -21.63 -3.21
CA PRO I 285 57.21 -22.02 -2.48
C PRO I 285 57.13 -21.74 -0.98
N PRO I 286 57.91 -22.49 -0.19
CA PRO I 286 57.95 -22.27 1.26
C PRO I 286 58.42 -20.86 1.58
N ASP I 287 57.80 -20.25 2.58
CA ASP I 287 58.15 -18.90 3.00
C ASP I 287 57.89 -18.79 4.50
N ALA I 288 58.96 -18.75 5.28
CA ALA I 288 58.86 -18.68 6.74
C ALA I 288 58.28 -17.36 7.23
N GLY I 289 58.27 -16.35 6.34
CA GLY I 289 57.74 -15.04 6.67
C GLY I 289 56.22 -14.99 6.63
N GLN I 290 55.61 -16.03 6.06
CA GLN I 290 54.16 -16.11 5.96
C GLN I 290 53.65 -17.34 6.72
N PRO I 291 52.45 -17.25 7.31
CA PRO I 291 51.87 -18.35 8.08
C PRO I 291 51.31 -19.46 7.19
N GLY I 292 50.95 -20.57 7.80
CA GLY I 292 50.37 -21.71 7.08
C GLY I 292 51.36 -22.53 6.28
N LEU I 293 50.89 -23.66 5.78
CA LEU I 293 51.71 -24.54 4.96
C LEU I 293 51.59 -24.10 3.51
N VAL I 294 52.36 -24.73 2.63
CA VAL I 294 52.29 -24.43 1.19
C VAL I 294 51.65 -25.58 0.42
N ALA I 295 50.97 -25.25 -0.67
CA ALA I 295 50.23 -26.25 -1.46
C ALA I 295 51.00 -26.85 -2.62
N ASP I 296 52.27 -26.46 -2.78
CA ASP I 296 53.08 -26.94 -3.89
C ASP I 296 52.43 -26.50 -5.21
N SER I 297 51.97 -27.46 -6.02
CA SER I 297 51.32 -27.14 -7.29
C SER I 297 49.83 -27.46 -7.27
N LEU I 298 49.33 -27.89 -6.12
CA LEU I 298 47.92 -28.24 -5.98
C LEU I 298 47.02 -27.01 -5.96
N SER I 299 45.97 -27.06 -6.77
CA SER I 299 45.00 -25.96 -6.85
C SER I 299 44.22 -25.87 -5.53
N PRO I 300 43.54 -24.74 -5.30
CA PRO I 300 42.73 -24.57 -4.08
C PRO I 300 41.74 -25.72 -3.89
N ALA I 301 41.09 -26.15 -4.98
CA ALA I 301 40.12 -27.24 -4.92
C ALA I 301 40.76 -28.57 -4.52
N LYS I 302 41.92 -28.86 -5.11
CA LYS I 302 42.64 -30.11 -4.82
C LYS I 302 43.35 -30.04 -3.48
N SER I 303 43.79 -28.85 -3.08
CA SER I 303 44.47 -28.67 -1.80
C SER I 303 43.51 -28.94 -0.64
N ARG I 304 42.22 -28.69 -0.88
CA ARG I 304 41.20 -28.95 0.13
C ARG I 304 40.99 -30.45 0.28
N ILE I 305 40.91 -31.14 -0.85
CA ILE I 305 40.71 -32.58 -0.87
C ILE I 305 41.83 -33.33 -0.13
N LEU I 306 43.07 -32.91 -0.36
CA LEU I 306 44.22 -33.55 0.30
C LEU I 306 44.23 -33.25 1.80
N LEU I 307 44.09 -31.97 2.16
CA LEU I 307 44.07 -31.56 3.56
C LEU I 307 42.95 -32.27 4.30
N MET I 308 41.84 -32.48 3.61
CA MET I 308 40.66 -33.14 4.17
C MET I 308 41.02 -34.57 4.58
N LEU I 309 41.73 -35.27 3.70
CA LEU I 309 42.15 -36.65 3.96
C LEU I 309 43.34 -36.70 4.91
N ALA I 310 44.20 -35.70 4.84
CA ALA I 310 45.38 -35.63 5.70
C ALA I 310 45.01 -35.41 7.17
N LEU I 311 43.88 -34.73 7.39
CA LEU I 311 43.42 -34.46 8.76
C LEU I 311 42.80 -35.68 9.42
N THR I 312 42.51 -36.71 8.63
CA THR I 312 41.96 -37.96 9.17
C THR I 312 43.07 -38.79 9.83
N LYS I 313 44.32 -38.49 9.46
CA LYS I 313 45.46 -39.21 10.00
C LYS I 313 46.19 -38.46 11.10
N THR I 314 46.49 -37.18 10.85
CA THR I 314 47.23 -36.37 11.82
C THR I 314 46.94 -34.88 11.72
N THR I 315 47.49 -34.11 12.67
CA THR I 315 47.37 -32.66 12.69
C THR I 315 48.78 -32.06 12.72
N ASN I 316 49.77 -32.93 12.62
CA ASN I 316 51.19 -32.53 12.63
C ASN I 316 51.53 -31.72 11.38
N PRO I 317 51.91 -30.44 11.58
CA PRO I 317 52.23 -29.49 10.51
C PRO I 317 53.31 -29.96 9.55
N ALA I 318 54.43 -30.44 10.09
CA ALA I 318 55.55 -30.91 9.28
C ALA I 318 55.20 -32.14 8.45
N VAL I 319 54.37 -33.02 9.00
CA VAL I 319 53.96 -34.24 8.31
C VAL I 319 53.00 -33.90 7.16
N ILE I 320 52.05 -33.01 7.42
CA ILE I 320 51.09 -32.58 6.40
C ILE I 320 51.78 -31.82 5.27
N GLN I 321 52.80 -31.03 5.62
CA GLN I 321 53.58 -30.29 4.64
C GLN I 321 54.29 -31.26 3.69
N ASP I 322 54.67 -32.42 4.22
CA ASP I 322 55.33 -33.45 3.42
C ASP I 322 54.33 -34.17 2.50
N TYR I 323 53.05 -34.20 2.89
CA TYR I 323 52.02 -34.82 2.07
C TYR I 323 51.76 -34.00 0.80
N PHE I 324 51.90 -32.68 0.91
CA PHE I 324 51.69 -31.79 -0.22
C PHE I 324 52.79 -31.83 -1.29
N HIS I 325 53.97 -32.30 -0.89
CA HIS I 325 55.09 -32.40 -1.83
C HIS I 325 55.22 -33.80 -2.41
N ALA I 326 54.48 -34.74 -1.85
CA ALA I 326 54.56 -36.13 -2.30
C ALA I 326 53.34 -36.57 -3.11
N TYR I 327 52.18 -36.04 -2.75
CA TYR I 327 50.92 -36.40 -3.42
C TYR I 327 50.47 -35.36 -4.44
N ASN J 3 12.21 -9.57 -40.10
CA ASN J 3 12.60 -10.31 -41.33
C ASN J 3 14.03 -10.85 -41.20
N LEU J 4 14.16 -12.18 -41.30
CA LEU J 4 15.45 -12.86 -41.16
C LEU J 4 16.51 -12.43 -42.18
N PRO J 5 17.80 -12.53 -41.80
CA PRO J 5 18.91 -12.18 -42.68
C PRO J 5 19.06 -13.19 -43.83
N ASN J 6 19.79 -12.82 -44.86
CA ASN J 6 20.00 -13.69 -46.01
C ASN J 6 21.45 -14.12 -46.16
N ILE J 7 21.71 -15.40 -45.91
CA ILE J 7 23.06 -15.96 -45.97
C ILE J 7 23.16 -17.04 -47.06
N VAL J 8 24.32 -17.12 -47.70
CA VAL J 8 24.57 -18.11 -48.75
C VAL J 8 25.74 -19.02 -48.37
N ILE J 9 25.49 -20.33 -48.34
CA ILE J 9 26.54 -21.30 -48.01
C ILE J 9 27.29 -21.81 -49.25
N LEU J 10 28.58 -21.49 -49.32
CA LEU J 10 29.42 -21.92 -50.43
C LEU J 10 30.23 -23.15 -50.06
N ALA J 11 29.99 -24.26 -50.76
CA ALA J 11 30.69 -25.50 -50.50
C ALA J 11 31.90 -25.66 -51.42
N THR J 12 33.08 -25.82 -50.83
CA THR J 12 34.31 -26.00 -51.58
C THR J 12 34.89 -27.39 -51.29
N GLY J 13 34.38 -28.01 -50.23
CA GLY J 13 34.85 -29.32 -49.80
C GLY J 13 34.92 -29.43 -48.29
N GLY J 14 35.42 -30.55 -47.80
CA GLY J 14 35.54 -30.79 -46.37
C GLY J 14 34.74 -31.99 -45.91
N THR J 15 35.06 -32.51 -44.72
CA THR J 15 34.37 -33.67 -44.18
C THR J 15 33.09 -33.29 -43.45
N ILE J 16 32.88 -31.98 -43.27
CA ILE J 16 31.69 -31.46 -42.61
C ILE J 16 30.43 -31.79 -43.42
N ALA J 17 30.60 -31.95 -44.73
CA ALA J 17 29.50 -32.28 -45.63
C ALA J 17 29.50 -33.77 -45.97
N GLY J 35 26.13 -34.32 -50.66
CA GLY J 35 25.53 -33.12 -51.23
C GLY J 35 25.60 -31.93 -50.29
N VAL J 36 25.10 -30.79 -50.77
CA VAL J 36 25.10 -29.55 -49.98
C VAL J 36 23.81 -29.41 -49.15
N GLU J 37 22.71 -29.97 -49.68
CA GLU J 37 21.42 -29.91 -48.99
C GLU J 37 21.27 -30.92 -47.85
N THR J 38 22.21 -31.85 -47.77
CA THR J 38 22.20 -32.87 -46.72
C THR J 38 22.55 -32.22 -45.37
N LEU J 39 23.12 -31.02 -45.43
CA LEU J 39 23.53 -30.27 -44.25
C LEU J 39 22.37 -29.47 -43.63
N ILE J 40 21.53 -28.91 -44.49
CA ILE J 40 20.39 -28.11 -44.03
C ILE J 40 19.31 -29.00 -43.39
N GLN J 41 19.29 -30.27 -43.78
CA GLN J 41 18.33 -31.22 -43.24
C GLN J 41 18.84 -31.84 -41.94
N ALA J 42 20.16 -31.98 -41.84
CA ALA J 42 20.79 -32.56 -40.65
C ALA J 42 20.74 -31.58 -39.47
N VAL J 43 20.71 -30.29 -39.79
CA VAL J 43 20.63 -29.25 -38.77
C VAL J 43 19.39 -28.38 -39.01
N PRO J 44 18.23 -28.81 -38.48
CA PRO J 44 16.98 -28.07 -38.65
C PRO J 44 16.93 -26.78 -37.82
N GLU J 45 17.92 -26.59 -36.95
CA GLU J 45 18.00 -25.40 -36.10
C GLU J 45 18.42 -24.15 -36.88
N LEU J 46 18.85 -24.34 -38.13
CA LEU J 46 19.29 -23.23 -38.97
C LEU J 46 18.15 -22.34 -39.45
N LYS J 47 16.92 -22.82 -39.30
CA LYS J 47 15.72 -22.08 -39.71
C LYS J 47 15.51 -20.81 -38.89
N THR J 48 15.96 -20.84 -37.64
CA THR J 48 15.81 -19.71 -36.73
C THR J 48 16.85 -18.63 -37.03
N LEU J 49 17.98 -19.04 -37.61
CA LEU J 49 19.07 -18.13 -37.91
C LEU J 49 18.83 -17.22 -39.12
N ALA J 50 18.67 -17.81 -40.30
CA ALA J 50 18.48 -17.02 -41.52
C ALA J 50 17.96 -17.84 -42.70
N ASN J 51 17.75 -17.15 -43.83
CA ASN J 51 17.30 -17.80 -45.07
C ASN J 51 18.53 -18.35 -45.78
N ILE J 52 18.60 -19.67 -45.88
CA ILE J 52 19.77 -20.35 -46.45
C ILE J 52 19.63 -20.85 -47.88
N LYS J 53 20.65 -20.55 -48.70
CA LYS J 53 20.73 -21.01 -50.08
C LYS J 53 22.11 -21.66 -50.27
N GLY J 54 22.13 -22.89 -50.80
CA GLY J 54 23.38 -23.61 -50.97
C GLY J 54 23.92 -23.75 -52.38
N GLU J 55 25.06 -23.10 -52.63
CA GLU J 55 25.76 -23.17 -53.92
C GLU J 55 27.10 -23.87 -53.73
N GLN J 56 27.66 -24.40 -54.82
CA GLN J 56 28.93 -25.12 -54.74
C GLN J 56 30.01 -24.58 -55.68
N VAL J 57 31.22 -24.43 -55.15
CA VAL J 57 32.36 -23.95 -55.91
C VAL J 57 33.28 -25.11 -56.31
N ALA J 58 33.56 -25.99 -55.35
CA ALA J 58 34.41 -27.15 -55.59
C ALA J 58 33.99 -28.32 -54.71
N SER J 59 34.62 -29.48 -54.93
CA SER J 59 34.31 -30.68 -54.15
C SER J 59 35.58 -31.47 -53.82
N ILE J 60 36.67 -30.75 -53.58
CA ILE J 60 37.94 -31.37 -53.25
C ILE J 60 38.35 -31.19 -51.80
N GLY J 61 39.28 -32.01 -51.33
CA GLY J 61 39.78 -31.90 -49.97
C GLY J 61 40.66 -30.67 -49.87
N SER J 62 40.78 -30.12 -48.67
CA SER J 62 41.61 -28.92 -48.49
C SER J 62 43.07 -29.17 -48.82
N GLU J 63 43.51 -30.42 -48.69
CA GLU J 63 44.88 -30.79 -49.02
C GLU J 63 45.13 -30.60 -50.52
N ASN J 64 44.06 -30.68 -51.31
CA ASN J 64 44.13 -30.48 -52.76
C ASN J 64 43.61 -29.11 -53.19
N MET J 65 43.29 -28.26 -52.22
CA MET J 65 42.83 -26.92 -52.51
C MET J 65 43.96 -26.15 -53.18
N THR J 66 43.67 -25.58 -54.35
CA THR J 66 44.67 -24.86 -55.10
C THR J 66 44.38 -23.36 -55.20
N SER J 67 45.38 -22.60 -55.64
CA SER J 67 45.25 -21.16 -55.80
C SER J 67 44.25 -20.81 -56.91
N ASP J 68 44.08 -21.73 -57.86
CA ASP J 68 43.16 -21.55 -58.96
C ASP J 68 41.72 -21.51 -58.47
N VAL J 69 41.41 -22.35 -57.47
CA VAL J 69 40.07 -22.40 -56.89
C VAL J 69 39.84 -21.18 -55.98
N LEU J 70 40.91 -20.69 -55.36
CA LEU J 70 40.83 -19.50 -54.50
C LEU J 70 40.42 -18.27 -55.29
N LEU J 71 40.89 -18.20 -56.54
CA LEU J 71 40.53 -17.09 -57.42
C LEU J 71 39.05 -17.16 -57.73
N THR J 72 38.55 -18.37 -58.00
CA THR J 72 37.14 -18.59 -58.30
C THR J 72 36.28 -18.25 -57.09
N LEU J 73 36.73 -18.69 -55.91
CA LEU J 73 36.01 -18.44 -54.66
C LEU J 73 35.95 -16.95 -54.34
N SER J 74 37.08 -16.26 -54.45
CA SER J 74 37.16 -14.83 -54.17
C SER J 74 36.29 -13.99 -55.10
N LYS J 75 36.17 -14.42 -56.35
CA LYS J 75 35.36 -13.72 -57.34
C LYS J 75 33.87 -13.83 -57.02
N ARG J 76 33.41 -15.05 -56.75
CA ARG J 76 32.01 -15.30 -56.43
C ARG J 76 31.58 -14.58 -55.16
N VAL J 77 32.45 -14.59 -54.14
CA VAL J 77 32.18 -13.92 -52.87
C VAL J 77 31.94 -12.43 -53.08
N ASN J 78 32.77 -11.81 -53.93
CA ASN J 78 32.63 -10.40 -54.26
C ASN J 78 31.39 -10.10 -55.10
N GLU J 79 30.89 -11.13 -55.81
CA GLU J 79 29.69 -10.98 -56.62
C GLU J 79 28.44 -11.06 -55.76
N LEU J 80 28.45 -11.96 -54.78
CA LEU J 80 27.32 -12.14 -53.88
C LEU J 80 27.17 -10.99 -52.90
N LEU J 81 28.29 -10.53 -52.35
CA LEU J 81 28.27 -9.42 -51.39
C LEU J 81 28.04 -8.08 -52.06
N ALA J 82 28.03 -8.07 -53.39
CA ALA J 82 27.79 -6.85 -54.15
C ALA J 82 26.30 -6.51 -54.18
N ARG J 83 25.45 -7.54 -54.14
CA ARG J 83 24.01 -7.35 -54.17
C ARG J 83 23.35 -7.27 -52.79
N SER J 84 22.20 -6.61 -52.72
CA SER J 84 21.48 -6.36 -51.47
C SER J 84 20.75 -7.55 -50.84
N ASP J 85 20.39 -8.55 -51.63
CA ASP J 85 19.67 -9.71 -51.09
C ASP J 85 20.59 -10.73 -50.42
N VAL J 86 21.85 -10.36 -50.22
CA VAL J 86 22.83 -11.22 -49.55
C VAL J 86 23.48 -10.41 -48.43
N ASP J 87 23.27 -10.85 -47.19
CA ASP J 87 23.79 -10.16 -46.01
C ASP J 87 25.17 -10.66 -45.59
N GLY J 88 25.41 -11.95 -45.77
CA GLY J 88 26.69 -12.56 -45.41
C GLY J 88 26.94 -13.87 -46.13
N VAL J 89 28.17 -14.35 -46.07
CA VAL J 89 28.55 -15.59 -46.74
C VAL J 89 29.31 -16.55 -45.82
N VAL J 90 28.80 -17.79 -45.73
CA VAL J 90 29.46 -18.83 -44.94
C VAL J 90 30.13 -19.81 -45.91
N ILE J 91 31.44 -19.94 -45.80
CA ILE J 91 32.19 -20.81 -46.71
C ILE J 91 32.59 -22.14 -46.09
N THR J 92 32.07 -23.22 -46.64
CA THR J 92 32.39 -24.56 -46.21
C THR J 92 33.77 -24.91 -46.76
N HIS J 93 34.66 -25.39 -45.90
CA HIS J 93 36.03 -25.68 -46.30
C HIS J 93 36.60 -26.83 -45.45
N GLY J 94 37.75 -27.36 -45.87
CA GLY J 94 38.42 -28.41 -45.12
C GLY J 94 39.35 -27.79 -44.08
N THR J 95 39.90 -28.60 -43.19
CA THR J 95 40.79 -28.10 -42.14
C THR J 95 42.27 -28.10 -42.48
N ASP J 96 42.72 -29.09 -43.24
CA ASP J 96 44.13 -29.24 -43.61
C ASP J 96 44.81 -27.98 -44.15
N THR J 97 44.09 -27.17 -44.93
CA THR J 97 44.64 -25.93 -45.45
C THR J 97 43.76 -24.73 -45.12
N LEU J 98 43.09 -24.77 -43.97
CA LEU J 98 42.24 -23.66 -43.56
C LEU J 98 43.11 -22.51 -43.06
N ASP J 99 44.43 -22.70 -43.12
CA ASP J 99 45.39 -21.67 -42.74
C ASP J 99 45.57 -20.69 -43.89
N GLU J 100 45.52 -21.21 -45.11
CA GLU J 100 45.71 -20.39 -46.31
C GLU J 100 44.45 -19.68 -46.79
N SER J 101 43.41 -20.46 -47.10
CA SER J 101 42.16 -19.96 -47.67
C SER J 101 41.57 -18.66 -47.09
N PRO J 102 41.22 -18.65 -45.80
CA PRO J 102 40.62 -17.46 -45.20
C PRO J 102 41.49 -16.20 -45.27
N TYR J 103 42.80 -16.36 -45.12
CA TYR J 103 43.71 -15.22 -45.19
C TYR J 103 43.82 -14.67 -46.60
N PHE J 104 43.53 -15.51 -47.59
CA PHE J 104 43.54 -15.10 -49.00
C PHE J 104 42.38 -14.12 -49.22
N LEU J 105 41.19 -14.51 -48.77
CA LEU J 105 39.99 -13.68 -48.90
C LEU J 105 40.01 -12.49 -47.94
N ASN J 106 40.83 -12.58 -46.89
CA ASN J 106 40.98 -11.49 -45.94
C ASN J 106 41.67 -10.30 -46.61
N LEU J 107 42.41 -10.60 -47.67
CA LEU J 107 43.15 -9.58 -48.41
C LEU J 107 42.46 -9.19 -49.72
N THR J 108 41.57 -10.04 -50.22
CA THR J 108 40.92 -9.81 -51.50
C THR J 108 39.45 -9.36 -51.52
N VAL J 109 38.72 -9.62 -50.43
CA VAL J 109 37.31 -9.22 -50.35
C VAL J 109 37.14 -7.71 -50.17
N LYS J 110 36.29 -7.11 -50.99
CA LYS J 110 36.06 -5.65 -50.94
C LYS J 110 34.75 -5.26 -50.25
N SER J 111 34.33 -6.04 -49.26
CA SER J 111 33.09 -5.75 -48.55
C SER J 111 33.23 -5.87 -47.03
N ASP J 112 32.38 -5.16 -46.31
CA ASP J 112 32.38 -5.20 -44.85
C ASP J 112 31.51 -6.34 -44.34
N LYS J 113 30.71 -6.92 -45.23
CA LYS J 113 29.83 -8.03 -44.87
C LYS J 113 30.63 -9.26 -44.41
N PRO J 114 30.12 -9.95 -43.37
CA PRO J 114 30.77 -11.12 -42.79
C PRO J 114 31.04 -12.27 -43.75
N VAL J 115 32.31 -12.64 -43.89
CA VAL J 115 32.73 -13.79 -44.69
C VAL J 115 33.26 -14.78 -43.66
N VAL J 116 32.50 -15.84 -43.42
CA VAL J 116 32.84 -16.80 -42.37
C VAL J 116 33.18 -18.21 -42.86
N PHE J 117 34.44 -18.60 -42.67
CA PHE J 117 34.88 -19.96 -43.02
C PHE J 117 34.51 -20.92 -41.90
N VAL J 118 34.03 -22.09 -42.29
CA VAL J 118 33.65 -23.12 -41.33
C VAL J 118 34.19 -24.49 -41.77
N ALA J 119 34.53 -25.32 -40.79
CA ALA J 119 35.06 -26.64 -41.06
C ALA J 119 34.79 -27.59 -39.89
N ALA J 120 35.11 -28.86 -40.09
CA ALA J 120 34.93 -29.86 -39.05
C ALA J 120 36.13 -30.81 -39.01
N MET J 121 36.48 -31.25 -37.80
CA MET J 121 37.61 -32.16 -37.62
C MET J 121 37.18 -33.63 -37.63
N ARG J 122 35.89 -33.86 -37.39
CA ARG J 122 35.35 -35.22 -37.39
C ARG J 122 34.39 -35.43 -38.55
N PRO J 123 34.41 -36.63 -39.15
CA PRO J 123 33.48 -36.95 -40.24
C PRO J 123 32.03 -36.81 -39.78
N ALA J 124 31.16 -36.37 -40.69
CA ALA J 124 29.74 -36.15 -40.38
C ALA J 124 29.04 -37.37 -39.78
N THR J 125 29.49 -38.56 -40.15
CA THR J 125 28.90 -39.80 -39.67
C THR J 125 29.45 -40.26 -38.32
N ALA J 126 30.56 -39.66 -37.90
CA ALA J 126 31.22 -40.03 -36.64
C ALA J 126 30.43 -39.69 -35.38
N ILE J 127 30.84 -40.31 -34.27
CA ILE J 127 30.22 -40.10 -32.97
C ILE J 127 30.55 -38.69 -32.47
N SER J 128 29.52 -37.94 -32.09
CA SER J 128 29.67 -36.57 -31.60
C SER J 128 30.32 -35.66 -32.63
N ALA J 129 29.86 -35.75 -33.88
CA ALA J 129 30.39 -34.95 -34.97
C ALA J 129 30.30 -33.46 -34.68
N ASP J 130 31.42 -32.77 -34.80
CA ASP J 130 31.49 -31.33 -34.52
C ASP J 130 30.93 -30.45 -35.63
N GLY J 131 30.84 -31.02 -36.84
CA GLY J 131 30.33 -30.28 -38.01
C GLY J 131 29.04 -29.51 -37.84
N PRO J 132 27.96 -30.20 -37.39
CA PRO J 132 26.65 -29.57 -37.19
C PRO J 132 26.69 -28.30 -36.31
N MET J 133 27.38 -28.38 -35.18
CA MET J 133 27.49 -27.24 -34.26
C MET J 133 28.32 -26.11 -34.87
N ASN J 134 29.40 -26.47 -35.55
CA ASN J 134 30.27 -25.49 -36.21
C ASN J 134 29.53 -24.73 -37.30
N LEU J 135 28.64 -25.43 -38.00
CA LEU J 135 27.85 -24.82 -39.06
C LEU J 135 26.85 -23.82 -38.47
N TYR J 136 26.18 -24.22 -37.39
CA TYR J 136 25.22 -23.35 -36.71
C TYR J 136 25.90 -22.06 -36.26
N GLY J 137 27.06 -22.20 -35.62
CA GLY J 137 27.83 -21.06 -35.15
C GLY J 137 28.24 -20.12 -36.27
N ALA J 138 28.72 -20.69 -37.37
CA ALA J 138 29.17 -19.92 -38.54
C ALA J 138 28.03 -19.13 -39.17
N VAL J 139 26.86 -19.77 -39.29
CA VAL J 139 25.69 -19.11 -39.87
C VAL J 139 25.20 -17.99 -38.95
N LYS J 140 25.26 -18.23 -37.63
CA LYS J 140 24.83 -17.25 -36.65
C LYS J 140 25.72 -16.01 -36.70
N VAL J 141 27.02 -16.22 -36.89
CA VAL J 141 27.98 -15.13 -36.98
C VAL J 141 27.75 -14.30 -38.23
N ALA J 142 27.55 -14.97 -39.37
CA ALA J 142 27.32 -14.28 -40.64
C ALA J 142 25.99 -13.51 -40.65
N ALA J 143 24.99 -14.06 -39.95
CA ALA J 143 23.67 -13.43 -39.87
C ALA J 143 23.66 -12.22 -38.93
N ASP J 144 24.62 -12.18 -38.01
CA ASP J 144 24.71 -11.10 -37.03
C ASP J 144 25.30 -9.85 -37.67
N LYS J 145 24.65 -8.71 -37.47
CA LYS J 145 25.10 -7.44 -38.04
C LYS J 145 26.26 -6.80 -37.29
N ASN J 146 26.61 -7.36 -36.13
CA ASN J 146 27.73 -6.84 -35.34
C ASN J 146 29.04 -7.47 -35.84
N SER J 147 28.92 -8.51 -36.66
CA SER J 147 30.07 -9.23 -37.21
C SER J 147 30.67 -8.52 -38.42
N ARG J 148 30.07 -7.41 -38.82
CA ARG J 148 30.52 -6.66 -40.00
C ARG J 148 31.78 -5.84 -39.71
N GLY J 149 32.67 -5.79 -40.70
CA GLY J 149 33.90 -5.00 -40.61
C GLY J 149 34.97 -5.56 -39.68
N ARG J 150 35.01 -6.89 -39.54
CA ARG J 150 35.98 -7.53 -38.67
C ARG J 150 36.95 -8.44 -39.42
N GLY J 151 36.95 -8.34 -40.75
CA GLY J 151 37.81 -9.17 -41.60
C GLY J 151 37.22 -10.56 -41.73
N VAL J 152 37.90 -11.43 -42.48
CA VAL J 152 37.43 -12.79 -42.66
C VAL J 152 37.53 -13.56 -41.34
N LEU J 153 36.46 -14.27 -41.01
CA LEU J 153 36.38 -15.00 -39.75
C LEU J 153 36.41 -16.51 -39.97
N VAL J 154 36.87 -17.23 -38.96
CA VAL J 154 36.95 -18.68 -39.01
C VAL J 154 36.25 -19.24 -37.76
N VAL J 155 35.19 -20.01 -37.97
CA VAL J 155 34.42 -20.54 -36.84
C VAL J 155 34.43 -22.05 -36.66
N LEU J 156 35.07 -22.48 -35.57
CA LEU J 156 35.11 -23.89 -35.17
C LEU J 156 35.21 -23.97 -33.65
N ASN J 157 34.60 -25.01 -33.08
CA ASN J 157 34.64 -25.27 -31.63
C ASN J 157 34.22 -24.06 -30.76
N ASP J 158 33.13 -23.40 -31.16
CA ASP J 158 32.60 -22.24 -30.43
C ASP J 158 33.52 -21.01 -30.42
N ARG J 159 34.51 -21.00 -31.32
CA ARG J 159 35.46 -19.89 -31.39
C ARG J 159 35.31 -19.10 -32.68
N ILE J 160 35.60 -17.79 -32.59
CA ILE J 160 35.58 -16.92 -33.76
C ILE J 160 37.00 -16.38 -33.93
N GLY J 161 37.77 -17.02 -34.81
CA GLY J 161 39.15 -16.63 -35.05
C GLY J 161 39.34 -15.73 -36.25
N SER J 162 40.39 -14.92 -36.20
CA SER J 162 40.73 -14.03 -37.31
C SER J 162 41.55 -14.79 -38.34
N ALA J 163 41.23 -14.58 -39.62
CA ALA J 163 41.95 -15.23 -40.72
C ALA J 163 43.44 -14.88 -40.73
N ARG J 164 43.76 -13.73 -40.13
CA ARG J 164 45.13 -13.24 -40.05
C ARG J 164 45.99 -13.99 -39.01
N PHE J 165 45.34 -14.50 -37.97
CA PHE J 165 46.08 -15.17 -36.90
C PHE J 165 45.81 -16.65 -36.72
N ILE J 166 44.56 -17.07 -36.92
CA ILE J 166 44.16 -18.46 -36.70
C ILE J 166 44.86 -19.48 -37.59
N SER J 167 45.25 -20.61 -37.00
CA SER J 167 45.91 -21.69 -37.74
C SER J 167 45.66 -23.02 -37.06
N LYS J 168 45.81 -24.11 -37.80
CA LYS J 168 45.65 -25.44 -37.26
C LYS J 168 46.92 -25.78 -36.48
N THR J 169 46.81 -25.81 -35.15
CA THR J 169 47.96 -26.05 -34.27
C THR J 169 48.10 -27.50 -33.83
N ASN J 170 47.10 -28.31 -34.09
CA ASN J 170 47.14 -29.72 -33.74
C ASN J 170 46.63 -30.58 -34.88
N ALA J 171 47.26 -31.74 -35.06
CA ALA J 171 46.95 -32.65 -36.15
C ALA J 171 45.55 -33.26 -36.17
N SER J 172 45.04 -33.69 -35.02
CA SER J 172 43.76 -34.40 -34.99
C SER J 172 42.74 -34.04 -33.88
N THR J 173 42.91 -32.91 -33.22
CA THR J 173 41.99 -32.53 -32.15
C THR J 173 40.89 -31.57 -32.60
N LEU J 174 39.82 -31.48 -31.80
CA LEU J 174 38.70 -30.59 -32.10
C LEU J 174 39.04 -29.12 -31.87
N ASP J 175 39.82 -28.87 -30.81
CA ASP J 175 40.21 -27.51 -30.44
C ASP J 175 41.49 -27.07 -31.14
N THR J 176 41.83 -27.76 -32.22
CA THR J 176 43.06 -27.49 -32.97
C THR J 176 43.33 -26.04 -33.39
N PHE J 177 42.31 -25.34 -33.86
CA PHE J 177 42.48 -23.95 -34.31
C PHE J 177 42.66 -22.95 -33.18
N LYS J 178 43.90 -22.51 -32.99
CA LYS J 178 44.24 -21.57 -31.93
C LYS J 178 45.14 -20.47 -32.47
N ALA J 179 45.45 -19.51 -31.60
CA ALA J 179 46.37 -18.41 -31.89
C ALA J 179 46.87 -17.93 -30.53
N PRO J 180 47.81 -18.67 -29.93
CA PRO J 180 48.35 -18.43 -28.58
C PRO J 180 48.71 -16.98 -28.26
N GLU J 181 49.32 -16.29 -29.21
CA GLU J 181 49.76 -14.91 -29.00
C GLU J 181 48.67 -13.87 -29.26
N GLU J 182 47.66 -14.22 -30.06
CA GLU J 182 46.61 -13.26 -30.40
C GLU J 182 45.20 -13.59 -29.90
N GLY J 183 44.96 -14.87 -29.61
CA GLY J 183 43.66 -15.31 -29.12
C GLY J 183 42.57 -15.29 -30.20
N TYR J 184 41.32 -15.13 -29.77
CA TYR J 184 40.18 -15.10 -30.69
C TYR J 184 39.52 -13.73 -30.66
N LEU J 185 38.89 -13.37 -31.79
CA LEU J 185 38.17 -12.12 -31.88
C LEU J 185 36.92 -12.18 -31.01
N GLY J 186 36.36 -13.37 -30.90
CA GLY J 186 35.16 -13.57 -30.10
C GLY J 186 34.84 -15.05 -29.88
N VAL J 187 33.83 -15.31 -29.06
CA VAL J 187 33.39 -16.67 -28.77
C VAL J 187 31.88 -16.79 -28.90
N ILE J 188 31.39 -18.02 -29.02
CA ILE J 188 29.96 -18.28 -29.14
C ILE J 188 29.54 -19.19 -27.99
N ILE J 189 28.90 -18.62 -26.98
CA ILE J 189 28.48 -19.37 -25.80
C ILE J 189 27.01 -19.15 -25.47
N GLY J 190 26.31 -20.24 -25.16
CA GLY J 190 24.89 -20.18 -24.80
C GLY J 190 24.01 -19.52 -25.86
N ASP J 191 24.25 -19.89 -27.11
CA ASP J 191 23.50 -19.35 -28.25
C ASP J 191 23.60 -17.81 -28.28
N LYS J 192 24.78 -17.30 -27.98
CA LYS J 192 25.01 -15.85 -27.96
C LYS J 192 26.45 -15.58 -28.39
N ILE J 193 26.65 -14.51 -29.15
CA ILE J 193 27.96 -14.12 -29.65
C ILE J 193 28.62 -13.04 -28.80
N TYR J 194 29.86 -13.29 -28.39
CA TYR J 194 30.62 -12.34 -27.57
C TYR J 194 31.89 -11.90 -28.29
N TYR J 195 31.96 -10.64 -28.70
CA TYR J 195 33.17 -10.11 -29.33
C TYR J 195 34.09 -9.46 -28.31
N GLN J 196 35.36 -9.83 -28.34
CA GLN J 196 36.33 -9.36 -27.37
C GLN J 196 37.49 -8.52 -27.94
N THR J 197 38.01 -8.89 -29.11
CA THR J 197 39.10 -8.14 -29.73
C THR J 197 38.83 -7.83 -31.21
N ARG J 198 39.56 -6.85 -31.74
CA ARG J 198 39.47 -6.47 -33.15
C ARG J 198 40.84 -6.56 -33.81
N LEU J 199 40.85 -6.97 -35.07
CA LEU J 199 42.10 -7.08 -35.84
C LEU J 199 42.71 -5.69 -36.06
N ASP J 200 43.97 -5.53 -35.66
CA ASP J 200 44.66 -4.26 -35.84
C ASP J 200 45.62 -4.34 -37.04
N LYS J 201 45.08 -4.78 -38.17
CA LYS J 201 45.82 -4.90 -39.42
C LYS J 201 44.92 -4.45 -40.56
N VAL J 202 45.52 -4.11 -41.69
CA VAL J 202 44.74 -3.70 -42.86
C VAL J 202 44.06 -4.93 -43.45
N HIS J 203 42.75 -4.85 -43.66
CA HIS J 203 41.99 -5.98 -44.17
C HIS J 203 40.80 -5.56 -45.02
N THR J 204 40.19 -6.54 -45.69
CA THR J 204 39.00 -6.36 -46.52
C THR J 204 38.89 -5.07 -47.36
N THR J 205 37.98 -4.18 -46.96
CA THR J 205 37.73 -2.93 -47.69
C THR J 205 38.91 -1.98 -47.82
N ARG J 206 39.79 -1.99 -46.83
CA ARG J 206 40.97 -1.13 -46.85
C ARG J 206 42.17 -1.76 -47.55
N SER J 207 42.01 -3.00 -47.98
CA SER J 207 43.09 -3.73 -48.68
C SER J 207 43.24 -3.29 -50.13
N VAL J 208 44.49 -3.17 -50.58
CA VAL J 208 44.78 -2.74 -51.95
C VAL J 208 44.83 -3.89 -52.95
N PHE J 209 44.80 -5.13 -52.44
CA PHE J 209 44.87 -6.31 -53.30
C PHE J 209 43.53 -6.65 -53.93
N ASP J 210 43.48 -6.61 -55.27
CA ASP J 210 42.28 -6.93 -56.01
C ASP J 210 42.61 -7.94 -57.11
N VAL J 211 42.03 -9.14 -57.02
CA VAL J 211 42.29 -10.19 -58.00
C VAL J 211 41.06 -10.55 -58.83
N THR J 212 40.19 -9.56 -59.07
CA THR J 212 38.98 -9.75 -59.86
C THR J 212 39.31 -10.14 -61.30
N ASN J 213 40.27 -9.44 -61.89
CA ASN J 213 40.67 -9.68 -63.28
C ASN J 213 41.84 -10.64 -63.43
N VAL J 214 42.38 -11.11 -62.31
CA VAL J 214 43.52 -12.02 -62.33
C VAL J 214 43.15 -13.45 -62.75
N ASP J 215 43.84 -13.93 -63.78
CA ASP J 215 43.60 -15.28 -64.30
C ASP J 215 44.56 -16.30 -63.68
N LYS J 216 45.82 -15.90 -63.54
CA LYS J 216 46.85 -16.79 -63.00
C LYS J 216 47.73 -16.04 -61.98
N LEU J 217 47.95 -16.67 -60.83
CA LEU J 217 48.77 -16.08 -59.76
C LEU J 217 50.22 -16.56 -59.78
N PRO J 218 51.16 -15.71 -59.35
CA PRO J 218 52.59 -16.04 -59.29
C PRO J 218 52.85 -17.24 -58.37
N ALA J 219 53.70 -18.16 -58.83
CA ALA J 219 54.02 -19.35 -58.07
C ALA J 219 55.00 -19.07 -56.93
N VAL J 220 54.70 -19.60 -55.75
CA VAL J 220 55.56 -19.42 -54.58
C VAL J 220 55.78 -20.74 -53.85
N ASP J 221 57.04 -21.08 -53.58
CA ASP J 221 57.38 -22.31 -52.87
C ASP J 221 57.77 -22.05 -51.41
N ILE J 222 57.57 -23.06 -50.57
CA ILE J 222 57.94 -22.96 -49.16
C ILE J 222 59.03 -24.00 -48.85
N ILE J 223 60.19 -23.52 -48.40
CA ILE J 223 61.30 -24.40 -48.08
C ILE J 223 61.59 -24.42 -46.57
N TYR J 224 61.69 -25.62 -46.03
CA TYR J 224 61.87 -25.81 -44.59
C TYR J 224 63.31 -25.63 -44.12
N GLY J 225 63.46 -25.09 -42.92
CA GLY J 225 64.78 -24.86 -42.32
C GLY J 225 65.06 -25.89 -41.24
N TYR J 226 66.22 -26.54 -41.33
CA TYR J 226 66.62 -27.58 -40.38
C TYR J 226 68.11 -27.90 -40.44
N GLN J 227 68.57 -28.77 -39.55
CA GLN J 227 69.98 -29.18 -39.53
C GLN J 227 70.30 -29.98 -40.78
N ASP J 228 71.38 -29.59 -41.46
CA ASP J 228 71.83 -30.26 -42.70
C ASP J 228 70.88 -30.01 -43.87
N ASP J 229 70.23 -28.85 -43.87
CA ASP J 229 69.29 -28.51 -44.94
C ASP J 229 70.01 -28.27 -46.26
N PRO J 230 69.61 -29.01 -47.31
CA PRO J 230 70.21 -28.94 -48.65
C PRO J 230 70.01 -27.60 -49.36
N GLU J 231 70.98 -27.24 -50.19
CA GLU J 231 70.91 -26.01 -50.97
C GLU J 231 70.19 -26.26 -52.29
N TYR J 232 70.14 -27.53 -52.71
CA TYR J 232 69.50 -27.90 -53.97
C TYR J 232 67.99 -27.68 -54.04
N MET J 233 67.34 -27.57 -52.87
CA MET J 233 65.90 -27.30 -52.82
C MET J 233 65.62 -25.93 -53.42
N TYR J 234 66.51 -24.98 -53.12
CA TYR J 234 66.40 -23.63 -53.65
C TYR J 234 66.69 -23.63 -55.14
N ASP J 235 67.63 -24.47 -55.56
CA ASP J 235 67.97 -24.60 -56.98
C ASP J 235 66.77 -25.11 -57.78
N ALA J 236 66.00 -26.01 -57.17
CA ALA J 236 64.81 -26.56 -57.81
C ALA J 236 63.76 -25.48 -58.03
N SER J 237 63.66 -24.55 -57.09
CA SER J 237 62.71 -23.44 -57.19
C SER J 237 63.12 -22.47 -58.28
N ILE J 238 64.43 -22.20 -58.35
CA ILE J 238 64.99 -21.30 -59.35
C ILE J 238 64.83 -21.88 -60.76
N LYS J 239 65.10 -23.19 -60.88
CA LYS J 239 64.99 -23.90 -62.15
C LYS J 239 63.59 -23.76 -62.75
N HIS J 240 62.57 -23.94 -61.91
CA HIS J 240 61.19 -23.83 -62.36
C HIS J 240 60.67 -22.39 -62.38
N GLY J 241 61.58 -21.45 -62.20
CA GLY J 241 61.29 -20.01 -62.26
C GLY J 241 60.11 -19.49 -61.45
N VAL J 242 60.09 -19.81 -60.16
CA VAL J 242 59.03 -19.32 -59.28
C VAL J 242 59.28 -17.83 -58.99
N LYS J 243 58.21 -17.10 -58.69
CA LYS J 243 58.33 -15.67 -58.44
C LYS J 243 58.68 -15.32 -57.00
N GLY J 244 58.40 -16.24 -56.08
CA GLY J 244 58.69 -16.01 -54.66
C GLY J 244 59.05 -17.27 -53.90
N ILE J 245 59.76 -17.09 -52.78
CA ILE J 245 60.15 -18.21 -51.92
C ILE J 245 59.97 -17.85 -50.45
N VAL J 246 59.19 -18.65 -49.74
CA VAL J 246 59.01 -18.45 -48.30
C VAL J 246 59.89 -19.45 -47.56
N TYR J 247 60.72 -18.93 -46.67
CA TYR J 247 61.62 -19.77 -45.90
C TYR J 247 61.13 -20.03 -44.47
N ALA J 248 60.70 -21.26 -44.23
CA ALA J 248 60.23 -21.69 -42.90
C ALA J 248 61.46 -21.95 -42.04
N GLY J 249 62.13 -20.88 -41.64
CA GLY J 249 63.38 -20.96 -40.91
C GLY J 249 63.41 -21.49 -39.50
N MET J 250 64.64 -21.76 -39.04
CA MET J 250 64.91 -22.24 -37.70
C MET J 250 64.89 -21.05 -36.74
N GLY J 251 64.06 -21.13 -35.72
CA GLY J 251 63.94 -20.04 -34.75
C GLY J 251 63.33 -18.81 -35.40
N ALA J 252 64.04 -17.68 -35.33
CA ALA J 252 63.56 -16.44 -35.92
C ALA J 252 64.02 -16.27 -37.37
N GLY J 253 63.68 -17.26 -38.20
CA GLY J 253 64.03 -17.25 -39.62
C GLY J 253 65.52 -17.31 -39.92
N SER J 254 66.29 -17.92 -39.01
CA SER J 254 67.74 -18.02 -39.17
C SER J 254 68.15 -18.95 -40.30
N VAL J 255 69.13 -18.52 -41.08
CA VAL J 255 69.61 -19.30 -42.22
C VAL J 255 70.91 -20.04 -41.89
N SER J 256 71.08 -21.22 -42.47
CA SER J 256 72.31 -21.98 -42.31
C SER J 256 73.21 -21.62 -43.48
N LYS J 257 74.43 -22.16 -43.49
CA LYS J 257 75.39 -21.90 -44.57
C LYS J 257 74.76 -22.21 -45.93
N ARG J 258 74.13 -23.38 -46.02
CA ARG J 258 73.48 -23.84 -47.24
C ARG J 258 72.22 -23.04 -47.56
N GLY J 259 71.47 -22.67 -46.52
CA GLY J 259 70.26 -21.88 -46.68
C GLY J 259 70.57 -20.46 -47.09
N ASP J 260 71.65 -19.92 -46.55
CA ASP J 260 72.12 -18.57 -46.86
C ASP J 260 72.49 -18.48 -48.34
N ALA J 261 73.26 -19.48 -48.79
CA ALA J 261 73.70 -19.53 -50.19
C ALA J 261 72.53 -19.75 -51.15
N GLY J 262 71.57 -20.56 -50.72
CA GLY J 262 70.38 -20.85 -51.53
C GLY J 262 69.49 -19.63 -51.71
N ILE J 263 69.38 -18.83 -50.66
CA ILE J 263 68.57 -17.61 -50.70
C ILE J 263 69.21 -16.52 -51.57
N ARG J 264 70.52 -16.35 -51.43
CA ARG J 264 71.26 -15.36 -52.23
C ARG J 264 71.19 -15.69 -53.72
N LYS J 265 71.28 -16.99 -54.03
CA LYS J 265 71.24 -17.46 -55.41
C LYS J 265 69.85 -17.22 -56.01
N ALA J 266 68.82 -17.34 -55.17
CA ALA J 266 67.44 -17.10 -55.58
C ALA J 266 67.21 -15.62 -55.84
N GLU J 267 67.76 -14.78 -54.97
CA GLU J 267 67.63 -13.34 -55.10
C GLU J 267 68.34 -12.80 -56.33
N SER J 268 69.48 -13.41 -56.68
CA SER J 268 70.26 -12.99 -57.84
C SER J 268 69.52 -13.31 -59.16
N LYS J 269 68.37 -13.98 -59.04
CA LYS J 269 67.56 -14.33 -60.19
C LYS J 269 66.22 -13.59 -60.17
N GLY J 270 66.13 -12.55 -59.31
CA GLY J 270 64.93 -11.74 -59.21
C GLY J 270 63.80 -12.31 -58.37
N ILE J 271 64.09 -13.40 -57.66
CA ILE J 271 63.08 -14.04 -56.82
C ILE J 271 63.04 -13.40 -55.43
N VAL J 272 61.84 -13.05 -54.97
CA VAL J 272 61.68 -12.45 -53.66
C VAL J 272 61.63 -13.53 -52.59
N VAL J 273 62.51 -13.44 -51.61
CA VAL J 273 62.56 -14.41 -50.53
C VAL J 273 62.12 -13.79 -49.21
N VAL J 274 61.18 -14.45 -48.53
CA VAL J 274 60.68 -13.99 -47.24
C VAL J 274 61.01 -15.02 -46.17
N ARG J 275 61.72 -14.60 -45.13
CA ARG J 275 62.10 -15.50 -44.05
C ARG J 275 61.03 -15.59 -42.97
N SER J 276 60.32 -16.72 -42.94
CA SER J 276 59.28 -16.96 -41.94
C SER J 276 59.87 -17.80 -40.81
N SER J 277 59.03 -18.56 -40.12
CA SER J 277 59.50 -19.39 -39.02
C SER J 277 58.72 -20.69 -38.87
N ARG J 278 59.44 -21.76 -38.52
CA ARG J 278 58.83 -23.08 -38.33
C ARG J 278 58.34 -23.26 -36.90
N THR J 279 58.62 -22.27 -36.05
CA THR J 279 58.25 -22.33 -34.63
C THR J 279 56.77 -22.50 -34.37
N GLY J 280 55.95 -21.67 -35.01
CA GLY J 280 54.50 -21.74 -34.84
C GLY J 280 53.87 -20.40 -34.51
N SER J 281 54.69 -19.49 -33.98
CA SER J 281 54.25 -18.14 -33.63
C SER J 281 55.47 -17.25 -33.44
N GLY J 282 55.23 -15.98 -33.15
CA GLY J 282 56.31 -15.05 -32.91
C GLY J 282 56.69 -14.16 -34.07
N ILE J 283 57.56 -13.20 -33.77
CA ILE J 283 58.03 -12.22 -34.75
C ILE J 283 59.42 -12.55 -35.28
N VAL J 284 59.59 -12.45 -36.60
CA VAL J 284 60.90 -12.60 -37.22
C VAL J 284 61.37 -11.17 -37.43
N PRO J 285 62.31 -10.71 -36.58
CA PRO J 285 62.78 -9.33 -36.62
C PRO J 285 63.69 -9.04 -37.80
N PRO J 286 63.71 -7.77 -38.25
CA PRO J 286 64.58 -7.35 -39.35
C PRO J 286 66.04 -7.55 -38.98
N ASP J 287 66.81 -8.13 -39.89
CA ASP J 287 68.22 -8.40 -39.65
C ASP J 287 69.02 -8.05 -40.90
N ALA J 288 69.92 -7.08 -40.77
CA ALA J 288 70.76 -6.63 -41.88
C ALA J 288 71.84 -7.65 -42.24
N GLY J 289 72.20 -8.48 -41.26
CA GLY J 289 73.23 -9.51 -41.47
C GLY J 289 72.73 -10.75 -42.18
N GLN J 290 71.44 -10.77 -42.50
CA GLN J 290 70.82 -11.90 -43.20
C GLN J 290 70.07 -11.45 -44.45
N PRO J 291 70.01 -12.32 -45.48
CA PRO J 291 69.33 -12.01 -46.73
C PRO J 291 67.82 -12.19 -46.63
N GLY J 292 67.10 -11.76 -47.67
CA GLY J 292 65.65 -11.92 -47.73
C GLY J 292 64.88 -10.92 -46.89
N LEU J 293 63.56 -11.01 -46.98
CA LEU J 293 62.67 -10.14 -46.22
C LEU J 293 62.18 -10.88 -44.98
N VAL J 294 61.62 -10.13 -44.03
CA VAL J 294 61.08 -10.73 -42.80
C VAL J 294 59.56 -10.86 -42.86
N ALA J 295 59.04 -11.96 -42.32
CA ALA J 295 57.61 -12.26 -42.38
C ALA J 295 56.76 -11.70 -41.23
N ASP J 296 57.37 -10.88 -40.38
CA ASP J 296 56.67 -10.31 -39.23
C ASP J 296 56.15 -11.48 -38.37
N SER J 297 54.84 -11.55 -38.14
CA SER J 297 54.27 -12.64 -37.35
C SER J 297 53.53 -13.66 -38.22
N LEU J 298 53.61 -13.48 -39.53
CA LEU J 298 52.94 -14.38 -40.47
C LEU J 298 53.62 -15.74 -40.56
N SER J 299 52.80 -16.79 -40.53
CA SER J 299 53.28 -18.16 -40.62
C SER J 299 53.75 -18.43 -42.06
N PRO J 300 54.54 -19.51 -42.27
CA PRO J 300 55.00 -19.83 -43.62
C PRO J 300 53.85 -19.94 -44.62
N ALA J 301 52.75 -20.59 -44.19
CA ALA J 301 51.58 -20.76 -45.04
C ALA J 301 50.91 -19.43 -45.40
N LYS J 302 50.78 -18.54 -44.42
CA LYS J 302 50.17 -17.24 -44.63
C LYS J 302 51.11 -16.27 -45.34
N SER J 303 52.41 -16.38 -45.06
CA SER J 303 53.41 -15.53 -45.69
C SER J 303 53.42 -15.76 -47.20
N ARG J 304 53.21 -17.02 -47.60
CA ARG J 304 53.16 -17.38 -49.01
C ARG J 304 51.99 -16.72 -49.71
N ILE J 305 50.83 -16.75 -49.06
CA ILE J 305 49.61 -16.15 -49.60
C ILE J 305 49.80 -14.65 -49.84
N LEU J 306 50.30 -13.94 -48.84
CA LEU J 306 50.53 -12.50 -48.96
C LEU J 306 51.58 -12.18 -50.03
N LEU J 307 52.68 -12.94 -50.03
CA LEU J 307 53.75 -12.74 -51.00
C LEU J 307 53.22 -12.90 -52.43
N MET J 308 52.46 -13.97 -52.64
CA MET J 308 51.84 -14.27 -53.93
C MET J 308 51.02 -13.08 -54.42
N LEU J 309 50.15 -12.56 -53.55
CA LEU J 309 49.29 -11.43 -53.89
C LEU J 309 50.08 -10.14 -54.05
N ALA J 310 51.18 -10.02 -53.29
CA ALA J 310 52.03 -8.84 -53.37
C ALA J 310 52.80 -8.81 -54.69
N LEU J 311 53.00 -9.99 -55.28
CA LEU J 311 53.72 -10.12 -56.55
C LEU J 311 52.86 -9.78 -57.76
N THR J 312 51.60 -9.44 -57.51
CA THR J 312 50.68 -9.05 -58.58
C THR J 312 50.58 -7.53 -58.61
N LYS J 313 50.93 -6.90 -57.50
CA LYS J 313 50.90 -5.45 -57.37
C LYS J 313 52.26 -4.83 -57.70
N THR J 314 53.32 -5.36 -57.08
CA THR J 314 54.66 -4.83 -57.30
C THR J 314 55.74 -5.92 -57.18
N THR J 315 57.00 -5.52 -57.36
CA THR J 315 58.13 -6.43 -57.25
C THR J 315 59.23 -5.77 -56.40
N ASN J 316 58.97 -4.53 -56.00
CA ASN J 316 59.90 -3.76 -55.16
C ASN J 316 59.96 -4.33 -53.75
N PRO J 317 61.15 -4.82 -53.34
CA PRO J 317 61.38 -5.43 -52.02
C PRO J 317 60.92 -4.55 -50.85
N ALA J 318 61.18 -3.25 -50.94
CA ALA J 318 60.81 -2.31 -49.88
C ALA J 318 59.30 -2.20 -49.70
N VAL J 319 58.56 -2.23 -50.81
CA VAL J 319 57.11 -2.14 -50.77
C VAL J 319 56.51 -3.45 -50.24
N ILE J 320 57.09 -4.57 -50.65
CA ILE J 320 56.63 -5.89 -50.21
C ILE J 320 56.86 -6.05 -48.70
N GLN J 321 58.00 -5.55 -48.22
CA GLN J 321 58.32 -5.63 -46.80
C GLN J 321 57.32 -4.83 -45.97
N ASP J 322 56.87 -3.70 -46.52
CA ASP J 322 55.86 -2.88 -45.85
C ASP J 322 54.54 -3.62 -45.71
N TYR J 323 54.19 -4.42 -46.73
CA TYR J 323 52.95 -5.20 -46.69
C TYR J 323 52.97 -6.24 -45.57
N PHE J 324 54.12 -6.84 -45.32
CA PHE J 324 54.26 -7.84 -44.26
C PHE J 324 54.11 -7.27 -42.85
N HIS J 325 54.37 -5.97 -42.69
CA HIS J 325 54.23 -5.32 -41.40
C HIS J 325 52.87 -4.65 -41.22
N ALA J 326 52.05 -4.65 -42.27
CA ALA J 326 50.74 -3.99 -42.22
C ALA J 326 49.55 -4.96 -42.38
N TYR J 327 49.72 -5.98 -43.21
CA TYR J 327 48.65 -6.92 -43.48
C TYR J 327 48.75 -8.21 -42.65
N ASN K 3 62.92 15.35 -30.65
CA ASN K 3 62.28 15.67 -29.34
C ASN K 3 61.69 14.45 -28.65
N LEU K 4 62.29 14.07 -27.53
CA LEU K 4 61.83 12.91 -26.76
C LEU K 4 60.64 13.27 -25.88
N PRO K 5 59.64 12.37 -25.82
CA PRO K 5 58.44 12.58 -25.02
C PRO K 5 58.73 12.65 -23.51
N ASN K 6 57.79 13.17 -22.75
CA ASN K 6 57.93 13.27 -21.30
C ASN K 6 57.11 12.19 -20.60
N ILE K 7 57.80 11.26 -19.96
CA ILE K 7 57.15 10.15 -19.27
C ILE K 7 57.35 10.24 -17.76
N VAL K 8 56.25 10.11 -17.02
CA VAL K 8 56.31 10.17 -15.56
C VAL K 8 56.03 8.78 -14.99
N ILE K 9 56.99 8.27 -14.22
CA ILE K 9 56.86 6.95 -13.60
C ILE K 9 56.33 7.05 -12.18
N LEU K 10 55.17 6.42 -11.94
CA LEU K 10 54.56 6.40 -10.61
C LEU K 10 54.84 5.07 -9.90
N ALA K 11 55.40 5.17 -8.71
CA ALA K 11 55.74 3.97 -7.94
C ALA K 11 54.74 3.66 -6.84
N THR K 12 54.32 2.40 -6.77
CA THR K 12 53.38 1.94 -5.75
C THR K 12 54.00 0.82 -4.92
N GLY K 13 54.98 0.13 -5.49
CA GLY K 13 55.66 -0.96 -4.79
C GLY K 13 56.12 -2.06 -5.73
N GLY K 14 56.26 -3.27 -5.19
CA GLY K 14 56.71 -4.44 -5.96
C GLY K 14 58.21 -4.66 -5.85
N THR K 15 58.66 -5.82 -6.31
CA THR K 15 60.09 -6.16 -6.25
C THR K 15 60.87 -5.60 -7.44
N ILE K 16 60.16 -4.99 -8.38
CA ILE K 16 60.78 -4.39 -9.56
C ILE K 16 61.66 -3.22 -9.14
N ALA K 17 61.20 -2.47 -8.13
CA ALA K 17 61.94 -1.32 -7.61
C ALA K 17 62.54 -1.62 -6.25
N GLY K 35 63.04 2.67 -3.87
CA GLY K 35 62.87 4.01 -4.42
C GLY K 35 62.62 4.01 -5.92
N VAL K 36 61.89 5.01 -6.39
CA VAL K 36 61.57 5.14 -7.81
C VAL K 36 62.76 5.70 -8.59
N GLU K 37 63.63 6.44 -7.90
CA GLU K 37 64.80 7.05 -8.51
C GLU K 37 65.92 6.04 -8.75
N THR K 38 65.83 4.88 -8.07
CA THR K 38 66.84 3.83 -8.18
C THR K 38 66.84 3.16 -9.56
N LEU K 39 65.66 2.79 -10.05
CA LEU K 39 65.53 2.12 -11.36
C LEU K 39 65.90 3.01 -12.54
N ILE K 40 65.66 4.31 -12.42
CA ILE K 40 65.97 5.26 -13.48
C ILE K 40 67.47 5.27 -13.77
N GLN K 41 68.27 5.03 -12.73
CA GLN K 41 69.72 5.01 -12.87
C GLN K 41 70.25 3.59 -13.06
N ALA K 42 69.43 2.60 -12.68
CA ALA K 42 69.80 1.19 -12.82
C ALA K 42 69.74 0.77 -14.28
N VAL K 43 68.82 1.38 -15.03
CA VAL K 43 68.66 1.11 -16.45
C VAL K 43 68.93 2.42 -17.21
N PRO K 44 70.19 2.61 -17.64
CA PRO K 44 70.61 3.83 -18.35
C PRO K 44 70.08 3.90 -19.78
N GLU K 45 69.58 2.79 -20.31
CA GLU K 45 69.05 2.74 -21.67
C GLU K 45 67.70 3.46 -21.79
N LEU K 46 67.16 3.91 -20.67
CA LEU K 46 65.88 4.62 -20.64
C LEU K 46 65.98 6.03 -21.22
N LYS K 47 67.20 6.52 -21.36
CA LYS K 47 67.44 7.86 -21.90
C LYS K 47 67.15 7.92 -23.40
N THR K 48 67.35 6.80 -24.09
CA THR K 48 67.13 6.72 -25.53
C THR K 48 65.64 6.70 -25.90
N LEU K 49 64.80 6.42 -24.92
CA LEU K 49 63.35 6.35 -25.13
C LEU K 49 62.66 7.70 -24.96
N ALA K 50 62.75 8.25 -23.75
CA ALA K 50 62.10 9.53 -23.43
C ALA K 50 62.64 10.15 -22.14
N ASN K 51 62.15 11.35 -21.82
CA ASN K 51 62.53 12.04 -20.60
C ASN K 51 61.76 11.45 -19.42
N ILE K 52 62.48 11.13 -18.34
CA ILE K 52 61.88 10.48 -17.18
C ILE K 52 61.81 11.33 -15.92
N LYS K 53 60.61 11.41 -15.34
CA LYS K 53 60.39 12.09 -14.06
C LYS K 53 59.79 11.09 -13.07
N GLY K 54 60.41 10.97 -11.91
CA GLY K 54 59.95 10.03 -10.89
C GLY K 54 59.00 10.61 -9.87
N GLU K 55 58.11 9.77 -9.37
CA GLU K 55 57.13 10.16 -8.35
C GLU K 55 56.59 8.93 -7.64
N GLN K 56 56.63 8.96 -6.30
CA GLN K 56 56.15 7.84 -5.51
C GLN K 56 54.77 8.11 -4.93
N VAL K 57 53.81 7.26 -5.29
CA VAL K 57 52.43 7.38 -4.79
C VAL K 57 52.27 6.54 -3.52
N ALA K 58 52.95 5.40 -3.49
CA ALA K 58 52.92 4.49 -2.35
C ALA K 58 54.14 3.56 -2.40
N SER K 59 54.34 2.79 -1.35
CA SER K 59 55.45 1.83 -1.28
C SER K 59 55.05 0.60 -0.49
N ILE K 60 54.17 -0.20 -1.08
CA ILE K 60 53.66 -1.41 -0.44
C ILE K 60 53.64 -2.59 -1.41
N GLY K 61 53.58 -3.81 -0.85
CA GLY K 61 53.46 -5.01 -1.66
C GLY K 61 52.06 -5.04 -2.24
N SER K 62 51.92 -5.50 -3.48
CA SER K 62 50.62 -5.52 -4.14
C SER K 62 49.55 -6.32 -3.40
N GLU K 63 49.98 -7.30 -2.60
CA GLU K 63 49.05 -8.11 -1.83
C GLU K 63 48.31 -7.25 -0.81
N ASN K 64 48.89 -6.08 -0.51
CA ASN K 64 48.30 -5.11 0.42
C ASN K 64 47.76 -3.87 -0.26
N MET K 65 47.55 -3.95 -1.58
CA MET K 65 46.99 -2.83 -2.33
C MET K 65 45.50 -2.72 -1.98
N THR K 66 45.07 -1.50 -1.67
CA THR K 66 43.68 -1.26 -1.28
C THR K 66 43.01 -0.29 -2.25
N SER K 67 41.68 -0.36 -2.32
CA SER K 67 40.90 0.51 -3.18
C SER K 67 41.13 1.98 -2.84
N ASP K 68 41.43 2.26 -1.57
CA ASP K 68 41.71 3.61 -1.11
C ASP K 68 42.96 4.16 -1.81
N VAL K 69 43.96 3.29 -1.97
CA VAL K 69 45.21 3.66 -2.64
C VAL K 69 44.97 3.79 -4.15
N LEU K 70 44.07 2.96 -4.68
CA LEU K 70 43.73 3.01 -6.10
C LEU K 70 43.04 4.32 -6.45
N LEU K 71 42.30 4.88 -5.49
CA LEU K 71 41.64 6.17 -5.67
C LEU K 71 42.69 7.27 -5.79
N THR K 72 43.68 7.24 -4.89
CA THR K 72 44.76 8.21 -4.90
C THR K 72 45.58 8.09 -6.19
N LEU K 73 45.84 6.84 -6.59
CA LEU K 73 46.59 6.57 -7.81
C LEU K 73 45.85 7.07 -9.05
N SER K 74 44.55 6.77 -9.12
CA SER K 74 43.72 7.19 -10.25
C SER K 74 43.58 8.71 -10.35
N LYS K 75 43.46 9.37 -9.21
CA LYS K 75 43.34 10.83 -9.18
C LYS K 75 44.60 11.50 -9.70
N ARG K 76 45.76 10.96 -9.31
CA ARG K 76 47.05 11.52 -9.73
C ARG K 76 47.28 11.30 -11.22
N VAL K 77 46.97 10.09 -11.69
CA VAL K 77 47.14 9.74 -13.12
C VAL K 77 46.38 10.71 -14.02
N ASN K 78 45.12 10.98 -13.67
CA ASN K 78 44.29 11.91 -14.43
C ASN K 78 44.82 13.35 -14.41
N GLU K 79 45.39 13.75 -13.27
CA GLU K 79 45.97 15.09 -13.12
C GLU K 79 47.19 15.26 -14.01
N LEU K 80 48.01 14.21 -14.09
CA LEU K 80 49.22 14.23 -14.89
C LEU K 80 48.92 14.19 -16.39
N LEU K 81 47.99 13.34 -16.79
CA LEU K 81 47.63 13.19 -18.20
C LEU K 81 46.86 14.40 -18.77
N ALA K 82 46.31 15.21 -17.88
CA ALA K 82 45.58 16.41 -18.29
C ALA K 82 46.54 17.53 -18.68
N ARG K 83 47.79 17.39 -18.26
CA ARG K 83 48.83 18.37 -18.55
C ARG K 83 49.34 18.24 -19.99
N SER K 84 50.19 19.18 -20.40
CA SER K 84 50.75 19.18 -21.74
C SER K 84 52.21 18.70 -21.73
N ASP K 85 52.83 18.74 -20.56
CA ASP K 85 54.22 18.30 -20.41
C ASP K 85 54.31 16.84 -19.96
N VAL K 86 53.23 16.10 -20.15
CA VAL K 86 53.18 14.67 -19.82
C VAL K 86 52.55 13.93 -20.99
N ASP K 87 53.33 13.03 -21.58
CA ASP K 87 52.87 12.29 -22.76
C ASP K 87 52.38 10.87 -22.43
N GLY K 88 52.77 10.37 -21.27
CA GLY K 88 52.37 9.04 -20.84
C GLY K 88 52.83 8.73 -19.42
N VAL K 89 52.25 7.69 -18.84
CA VAL K 89 52.58 7.29 -17.47
C VAL K 89 52.90 5.79 -17.37
N VAL K 90 53.95 5.48 -16.62
CA VAL K 90 54.33 4.10 -16.36
C VAL K 90 54.17 3.86 -14.86
N ILE K 91 53.39 2.85 -14.49
CA ILE K 91 53.13 2.58 -13.08
C ILE K 91 53.78 1.27 -12.61
N THR K 92 54.75 1.38 -11.70
CA THR K 92 55.40 0.20 -11.14
C THR K 92 54.49 -0.36 -10.05
N HIS K 93 54.20 -1.66 -10.15
CA HIS K 93 53.25 -2.30 -9.24
C HIS K 93 53.72 -3.73 -9.00
N GLY K 94 53.20 -4.37 -7.95
CA GLY K 94 53.53 -5.76 -7.66
C GLY K 94 52.73 -6.69 -8.56
N THR K 95 53.13 -7.95 -8.64
CA THR K 95 52.45 -8.92 -9.51
C THR K 95 51.22 -9.60 -8.88
N ASP K 96 51.23 -9.72 -7.56
CA ASP K 96 50.16 -10.39 -6.82
C ASP K 96 48.73 -9.88 -7.08
N THR K 97 48.57 -8.56 -7.20
CA THR K 97 47.26 -7.99 -7.50
C THR K 97 47.28 -7.14 -8.75
N LEU K 98 48.05 -7.58 -9.75
CA LEU K 98 48.13 -6.87 -11.01
C LEU K 98 46.91 -7.23 -11.87
N ASP K 99 46.02 -8.05 -11.31
CA ASP K 99 44.78 -8.41 -11.99
C ASP K 99 43.77 -7.28 -11.76
N GLU K 100 43.73 -6.77 -10.54
CA GLU K 100 42.80 -5.70 -10.16
C GLU K 100 43.21 -4.31 -10.63
N SER K 101 44.31 -3.81 -10.05
CA SER K 101 44.81 -2.45 -10.31
C SER K 101 44.67 -1.88 -11.73
N PRO K 102 45.29 -2.51 -12.75
CA PRO K 102 45.18 -2.00 -14.12
C PRO K 102 43.76 -1.88 -14.63
N TYR K 103 42.91 -2.86 -14.30
CA TYR K 103 41.52 -2.85 -14.75
C TYR K 103 40.74 -1.69 -14.11
N PHE K 104 41.11 -1.35 -12.88
CA PHE K 104 40.49 -0.24 -12.16
C PHE K 104 40.73 1.06 -12.93
N LEU K 105 41.99 1.29 -13.30
CA LEU K 105 42.38 2.47 -14.06
C LEU K 105 41.80 2.45 -15.48
N ASN K 106 41.61 1.25 -16.01
CA ASN K 106 41.04 1.10 -17.35
C ASN K 106 39.62 1.65 -17.41
N LEU K 107 38.98 1.73 -16.25
CA LEU K 107 37.61 2.21 -16.13
C LEU K 107 37.53 3.65 -15.62
N THR K 108 38.57 4.10 -14.93
CA THR K 108 38.56 5.44 -14.33
C THR K 108 39.44 6.51 -14.99
N VAL K 109 40.36 6.09 -15.87
CA VAL K 109 41.22 7.05 -16.57
C VAL K 109 40.39 7.78 -17.64
N LYS K 110 40.54 9.10 -17.70
CA LYS K 110 39.79 9.91 -18.66
C LYS K 110 40.64 10.50 -19.77
N SER K 111 41.73 9.82 -20.11
CA SER K 111 42.63 10.27 -21.16
C SER K 111 43.02 9.11 -22.07
N ASP K 112 43.33 9.42 -23.33
CA ASP K 112 43.75 8.40 -24.29
C ASP K 112 45.25 8.18 -24.24
N LYS K 113 45.94 8.99 -23.44
CA LYS K 113 47.39 8.87 -23.27
C LYS K 113 47.69 7.56 -22.54
N PRO K 114 48.77 6.87 -22.96
CA PRO K 114 49.14 5.57 -22.41
C PRO K 114 49.42 5.51 -20.91
N VAL K 115 48.76 4.58 -20.25
CA VAL K 115 48.99 4.29 -18.83
C VAL K 115 49.49 2.84 -18.84
N VAL K 116 50.76 2.66 -18.50
CA VAL K 116 51.38 1.33 -18.58
C VAL K 116 51.82 0.75 -17.24
N PHE K 117 51.19 -0.33 -16.83
CA PHE K 117 51.57 -1.03 -15.62
C PHE K 117 52.75 -1.96 -15.90
N VAL K 118 53.67 -2.03 -14.96
CA VAL K 118 54.84 -2.88 -15.11
C VAL K 118 55.19 -3.54 -13.78
N ALA K 119 55.73 -4.76 -13.85
CA ALA K 119 56.09 -5.50 -12.65
C ALA K 119 57.25 -6.45 -12.93
N ALA K 120 57.68 -7.17 -11.90
CA ALA K 120 58.76 -8.14 -12.02
C ALA K 120 58.47 -9.37 -11.18
N MET K 121 58.73 -10.54 -11.74
CA MET K 121 58.51 -11.82 -11.06
C MET K 121 59.73 -12.25 -10.24
N ARG K 122 60.83 -11.52 -10.42
CA ARG K 122 62.07 -11.78 -9.70
C ARG K 122 62.57 -10.48 -9.11
N PRO K 123 63.11 -10.53 -7.87
CA PRO K 123 63.65 -9.32 -7.25
C PRO K 123 64.76 -8.69 -8.08
N ALA K 124 64.95 -7.38 -7.94
CA ALA K 124 65.96 -6.64 -8.71
C ALA K 124 67.38 -7.18 -8.53
N THR K 125 67.63 -7.86 -7.43
CA THR K 125 68.95 -8.41 -7.12
C THR K 125 69.10 -9.88 -7.50
N ALA K 126 68.10 -10.44 -8.17
CA ALA K 126 68.15 -11.85 -8.57
C ALA K 126 68.89 -12.05 -9.89
N ILE K 127 69.34 -13.28 -10.11
CA ILE K 127 70.05 -13.64 -11.33
C ILE K 127 69.06 -13.58 -12.51
N SER K 128 69.42 -12.80 -13.53
CA SER K 128 68.56 -12.63 -14.71
C SER K 128 67.22 -12.01 -14.33
N ALA K 129 67.28 -10.93 -13.55
CA ALA K 129 66.09 -10.22 -13.09
C ALA K 129 65.33 -9.64 -14.28
N ASP K 130 64.01 -9.86 -14.30
CA ASP K 130 63.16 -9.40 -15.40
C ASP K 130 62.78 -7.91 -15.31
N GLY K 131 62.88 -7.34 -14.12
CA GLY K 131 62.54 -5.93 -13.89
C GLY K 131 63.07 -4.94 -14.92
N PRO K 132 64.40 -4.88 -15.08
CA PRO K 132 65.08 -3.98 -16.03
C PRO K 132 64.52 -4.01 -17.46
N MET K 133 64.34 -5.19 -18.03
CA MET K 133 63.81 -5.29 -19.40
C MET K 133 62.32 -4.94 -19.47
N ASN K 134 61.57 -5.34 -18.44
CA ASN K 134 60.15 -5.03 -18.35
C ASN K 134 59.92 -3.52 -18.29
N LEU K 135 60.77 -2.83 -17.53
CA LEU K 135 60.69 -1.37 -17.39
C LEU K 135 61.01 -0.68 -18.70
N TYR K 136 62.03 -1.17 -19.41
CA TYR K 136 62.43 -0.61 -20.69
C TYR K 136 61.24 -0.63 -21.66
N GLY K 137 60.63 -1.81 -21.80
CA GLY K 137 59.48 -1.98 -22.68
C GLY K 137 58.31 -1.11 -22.26
N ALA K 138 58.09 -1.02 -20.95
CA ALA K 138 56.99 -0.22 -20.40
C ALA K 138 57.11 1.24 -20.81
N VAL K 139 58.30 1.82 -20.58
CA VAL K 139 58.57 3.21 -20.94
C VAL K 139 58.47 3.40 -22.46
N LYS K 140 58.99 2.43 -23.21
CA LYS K 140 58.96 2.45 -24.67
C LYS K 140 57.52 2.50 -25.17
N VAL K 141 56.67 1.65 -24.60
CA VAL K 141 55.26 1.59 -24.95
C VAL K 141 54.53 2.90 -24.64
N ALA K 142 54.78 3.43 -23.45
CA ALA K 142 54.14 4.67 -23.01
C ALA K 142 54.61 5.89 -23.81
N ALA K 143 55.83 5.82 -24.35
CA ALA K 143 56.40 6.92 -25.13
C ALA K 143 55.98 6.88 -26.61
N ASP K 144 55.46 5.74 -27.04
CA ASP K 144 55.03 5.58 -28.42
C ASP K 144 53.64 6.19 -28.64
N LYS K 145 53.52 6.99 -29.69
CA LYS K 145 52.25 7.66 -30.02
C LYS K 145 51.21 6.68 -30.54
N ASN K 146 51.65 5.52 -30.99
CA ASN K 146 50.76 4.49 -31.52
C ASN K 146 50.10 3.69 -30.38
N SER K 147 50.58 3.89 -29.16
CA SER K 147 50.05 3.20 -27.98
C SER K 147 48.89 3.96 -27.32
N ARG K 148 48.32 4.92 -28.05
CA ARG K 148 47.22 5.74 -27.53
C ARG K 148 45.85 5.17 -27.89
N GLY K 149 44.88 5.37 -26.98
CA GLY K 149 43.51 4.93 -27.19
C GLY K 149 43.33 3.42 -27.25
N ARG K 150 44.19 2.70 -26.53
CA ARG K 150 44.13 1.24 -26.51
C ARG K 150 43.73 0.72 -25.13
N GLY K 151 43.44 1.64 -24.22
CA GLY K 151 43.08 1.29 -22.85
C GLY K 151 44.32 1.11 -22.01
N VAL K 152 44.15 0.78 -20.73
CA VAL K 152 45.28 0.55 -19.84
C VAL K 152 46.04 -0.71 -20.23
N LEU K 153 47.37 -0.59 -20.30
CA LEU K 153 48.23 -1.69 -20.73
C LEU K 153 49.06 -2.27 -19.59
N VAL K 154 49.43 -3.54 -19.74
CA VAL K 154 50.25 -4.24 -18.75
C VAL K 154 51.43 -4.91 -19.47
N VAL K 155 52.65 -4.51 -19.12
CA VAL K 155 53.84 -5.00 -19.81
C VAL K 155 54.82 -5.83 -18.98
N LEU K 156 54.92 -7.11 -19.32
CA LEU K 156 55.88 -8.04 -18.71
C LEU K 156 56.24 -9.11 -19.72
N ASN K 157 57.50 -9.54 -19.69
CA ASN K 157 57.99 -10.62 -20.54
C ASN K 157 57.82 -10.34 -22.06
N ASP K 158 58.11 -9.10 -22.46
CA ASP K 158 58.02 -8.67 -23.87
C ASP K 158 56.60 -8.64 -24.41
N ARG K 159 55.60 -8.77 -23.54
CA ARG K 159 54.21 -8.75 -23.97
C ARG K 159 53.51 -7.47 -23.55
N ILE K 160 52.47 -7.09 -24.31
CA ILE K 160 51.65 -5.92 -23.99
C ILE K 160 50.20 -6.39 -23.91
N GLY K 161 49.71 -6.57 -22.69
CA GLY K 161 48.34 -7.06 -22.48
C GLY K 161 47.34 -6.02 -22.05
N SER K 162 46.06 -6.30 -22.34
CA SER K 162 44.96 -5.42 -21.96
C SER K 162 44.61 -5.64 -20.50
N ALA K 163 44.25 -4.56 -19.81
CA ALA K 163 43.88 -4.61 -18.40
C ALA K 163 42.57 -5.38 -18.22
N ARG K 164 41.83 -5.54 -19.31
CA ARG K 164 40.54 -6.22 -19.30
C ARG K 164 40.66 -7.75 -19.36
N PHE K 165 41.75 -8.26 -19.91
CA PHE K 165 41.90 -9.71 -20.06
C PHE K 165 43.10 -10.33 -19.34
N ILE K 166 44.19 -9.56 -19.22
CA ILE K 166 45.43 -10.09 -18.64
C ILE K 166 45.34 -10.40 -17.14
N SER K 167 45.88 -11.56 -16.76
CA SER K 167 45.91 -11.96 -15.35
C SER K 167 47.11 -12.87 -15.09
N LYS K 168 47.50 -12.95 -13.82
CA LYS K 168 48.60 -13.81 -13.41
C LYS K 168 48.06 -15.24 -13.42
N THR K 169 48.47 -16.02 -14.42
CA THR K 169 47.96 -17.39 -14.60
C THR K 169 48.85 -18.46 -13.98
N ASN K 170 50.01 -18.04 -13.48
CA ASN K 170 50.93 -18.97 -12.83
C ASN K 170 51.49 -18.32 -11.57
N ALA K 171 51.65 -19.12 -10.53
CA ALA K 171 52.11 -18.62 -9.24
C ALA K 171 53.51 -18.03 -9.16
N SER K 172 54.46 -18.54 -9.95
CA SER K 172 55.85 -18.11 -9.82
C SER K 172 56.73 -17.98 -11.07
N THR K 173 56.13 -18.05 -12.26
CA THR K 173 56.92 -17.99 -13.50
C THR K 173 57.01 -16.58 -14.12
N LEU K 174 57.99 -16.39 -14.99
CA LEU K 174 58.21 -15.10 -15.66
C LEU K 174 57.14 -14.79 -16.70
N ASP K 175 56.61 -15.83 -17.32
CA ASP K 175 55.60 -15.68 -18.38
C ASP K 175 54.17 -15.82 -17.84
N THR K 176 54.02 -15.69 -16.53
CA THR K 176 52.74 -15.88 -15.85
C THR K 176 51.53 -15.09 -16.39
N PHE K 177 51.75 -13.85 -16.82
CA PHE K 177 50.64 -13.02 -17.32
C PHE K 177 50.20 -13.38 -18.73
N LYS K 178 49.07 -14.06 -18.82
CA LYS K 178 48.53 -14.51 -20.10
C LYS K 178 47.02 -14.28 -20.18
N ALA K 179 46.46 -14.54 -21.35
CA ALA K 179 45.02 -14.44 -21.61
C ALA K 179 44.73 -15.41 -22.76
N PRO K 180 44.60 -16.71 -22.43
CA PRO K 180 44.40 -17.79 -23.40
C PRO K 180 43.36 -17.54 -24.50
N GLU K 181 42.23 -16.96 -24.12
CA GLU K 181 41.14 -16.72 -25.08
C GLU K 181 41.23 -15.38 -25.81
N GLU K 182 42.02 -14.45 -25.28
CA GLU K 182 42.12 -13.11 -25.88
C GLU K 182 43.52 -12.70 -26.37
N GLY K 183 44.54 -13.44 -25.94
CA GLY K 183 45.92 -13.14 -26.35
C GLY K 183 46.43 -11.79 -25.86
N TYR K 184 47.39 -11.22 -26.58
CA TYR K 184 47.95 -9.93 -26.23
C TYR K 184 47.61 -8.87 -27.27
N LEU K 185 47.61 -7.61 -26.84
CA LEU K 185 47.33 -6.50 -27.74
C LEU K 185 48.52 -6.28 -28.67
N GLY K 186 49.70 -6.67 -28.19
CA GLY K 186 50.92 -6.53 -28.97
C GLY K 186 52.12 -7.13 -28.25
N VAL K 187 53.25 -7.17 -28.95
CA VAL K 187 54.49 -7.71 -28.39
C VAL K 187 55.65 -6.74 -28.62
N ILE K 188 56.72 -6.91 -27.85
CA ILE K 188 57.92 -6.08 -27.98
C ILE K 188 59.09 -6.96 -28.39
N ILE K 189 59.43 -6.93 -29.68
CA ILE K 189 60.50 -7.78 -30.21
C ILE K 189 61.60 -6.98 -30.93
N GLY K 190 62.84 -7.21 -30.51
CA GLY K 190 64.00 -6.55 -31.11
C GLY K 190 63.93 -5.04 -31.12
N ASP K 191 63.59 -4.47 -29.97
CA ASP K 191 63.47 -3.02 -29.80
C ASP K 191 62.42 -2.40 -30.74
N LYS K 192 61.38 -3.17 -31.05
CA LYS K 192 60.28 -2.70 -31.89
C LYS K 192 58.94 -3.16 -31.34
N ILE K 193 57.95 -2.27 -31.38
CA ILE K 193 56.61 -2.59 -30.88
C ILE K 193 55.72 -3.11 -32.01
N TYR K 194 55.08 -4.24 -31.78
CA TYR K 194 54.21 -4.85 -32.77
C TYR K 194 52.78 -5.03 -32.25
N TYR K 195 51.89 -4.09 -32.59
CA TYR K 195 50.48 -4.21 -32.19
C TYR K 195 49.72 -5.12 -33.14
N GLN K 196 48.88 -5.97 -32.56
CA GLN K 196 48.11 -6.93 -33.35
C GLN K 196 46.60 -6.89 -33.15
N THR K 197 46.15 -6.57 -31.94
CA THR K 197 44.71 -6.49 -31.66
C THR K 197 44.34 -5.26 -30.84
N ARG K 198 43.04 -4.95 -30.81
CA ARG K 198 42.51 -3.85 -30.03
C ARG K 198 41.38 -4.33 -29.12
N LEU K 199 41.28 -3.74 -27.94
CA LEU K 199 40.22 -4.09 -26.99
C LEU K 199 38.85 -3.66 -27.52
N ASP K 200 37.94 -4.62 -27.63
CA ASP K 200 36.60 -4.35 -28.13
C ASP K 200 35.61 -4.21 -26.97
N LYS K 201 35.97 -3.36 -26.00
CA LYS K 201 35.15 -3.09 -24.82
C LYS K 201 35.26 -1.60 -24.50
N VAL K 202 34.31 -1.10 -23.72
CA VAL K 202 34.32 0.31 -23.32
C VAL K 202 35.45 0.54 -22.32
N HIS K 203 36.27 1.57 -22.55
CA HIS K 203 37.40 1.87 -21.69
C HIS K 203 37.81 3.34 -21.67
N THR K 204 38.64 3.69 -20.69
CA THR K 204 39.16 5.05 -20.51
C THR K 204 38.22 6.22 -20.85
N THR K 205 38.46 6.87 -21.98
CA THR K 205 37.68 8.04 -22.41
C THR K 205 36.16 7.81 -22.57
N ARG K 206 35.78 6.61 -23.00
CA ARG K 206 34.37 6.28 -23.19
CA ARG K 206 34.35 6.28 -23.17
C ARG K 206 33.69 5.80 -21.89
N SER K 207 34.49 5.55 -20.86
CA SER K 207 33.96 5.07 -19.59
C SER K 207 33.11 6.11 -18.86
N VAL K 208 32.01 5.64 -18.27
CA VAL K 208 31.10 6.53 -17.55
C VAL K 208 31.44 6.60 -16.06
N PHE K 209 32.42 5.82 -15.63
CA PHE K 209 32.83 5.80 -14.24
C PHE K 209 33.83 6.90 -13.93
N ASP K 210 33.51 7.73 -12.95
CA ASP K 210 34.38 8.83 -12.56
C ASP K 210 34.50 8.86 -11.04
N VAL K 211 35.72 8.68 -10.53
CA VAL K 211 35.96 8.66 -9.09
C VAL K 211 36.78 9.84 -8.59
N THR K 212 36.71 10.96 -9.32
CA THR K 212 37.45 12.17 -8.98
C THR K 212 36.95 12.79 -7.65
N ASN K 213 35.66 12.65 -7.39
CA ASN K 213 35.04 13.20 -6.18
C ASN K 213 34.82 12.14 -5.10
N VAL K 214 35.23 10.91 -5.38
CA VAL K 214 35.04 9.79 -4.45
C VAL K 214 36.16 9.67 -3.40
N ASP K 215 35.75 9.44 -2.15
CA ASP K 215 36.68 9.31 -1.04
C ASP K 215 36.74 7.86 -0.54
N LYS K 216 35.63 7.15 -0.65
CA LYS K 216 35.55 5.76 -0.22
C LYS K 216 34.62 4.95 -1.12
N LEU K 217 35.13 3.82 -1.60
CA LEU K 217 34.37 2.95 -2.50
C LEU K 217 33.58 1.88 -1.75
N PRO K 218 32.47 1.40 -2.34
CA PRO K 218 31.65 0.36 -1.74
C PRO K 218 32.44 -0.92 -1.49
N ALA K 219 32.11 -1.62 -0.41
CA ALA K 219 32.79 -2.85 -0.06
C ALA K 219 32.23 -4.02 -0.87
N VAL K 220 33.13 -4.80 -1.46
CA VAL K 220 32.74 -5.97 -2.25
C VAL K 220 33.57 -7.19 -1.87
N ASP K 221 32.91 -8.29 -1.52
CA ASP K 221 33.59 -9.53 -1.16
C ASP K 221 33.58 -10.55 -2.29
N ILE K 222 34.50 -11.51 -2.23
CA ILE K 222 34.57 -12.59 -3.21
C ILE K 222 34.44 -13.92 -2.49
N ILE K 223 33.41 -14.70 -2.82
CA ILE K 223 33.19 -16.00 -2.21
C ILE K 223 33.41 -17.14 -3.20
N TYR K 224 34.32 -18.04 -2.85
CA TYR K 224 34.71 -19.14 -3.71
C TYR K 224 33.65 -20.24 -3.74
N GLY K 225 33.55 -20.91 -4.89
CA GLY K 225 32.61 -22.00 -5.06
C GLY K 225 33.35 -23.32 -5.13
N TYR K 226 32.89 -24.30 -4.36
CA TYR K 226 33.51 -25.63 -4.30
C TYR K 226 32.57 -26.63 -3.63
N GLN K 227 33.01 -27.88 -3.53
CA GLN K 227 32.23 -28.93 -2.87
C GLN K 227 32.11 -28.61 -1.39
N ASP K 228 30.89 -28.71 -0.86
CA ASP K 228 30.62 -28.45 0.55
C ASP K 228 30.81 -26.99 0.94
N ASP K 229 30.63 -26.08 -0.03
CA ASP K 229 30.77 -24.66 0.24
C ASP K 229 29.73 -24.20 1.26
N PRO K 230 30.18 -23.58 2.35
CA PRO K 230 29.33 -23.12 3.44
C PRO K 230 28.49 -21.90 3.10
N GLU K 231 27.31 -21.83 3.71
CA GLU K 231 26.39 -20.72 3.52
C GLU K 231 26.79 -19.56 4.45
N TYR K 232 27.42 -19.91 5.57
CA TYR K 232 27.81 -18.94 6.58
C TYR K 232 28.83 -17.88 6.14
N MET K 233 29.44 -18.06 4.97
CA MET K 233 30.37 -17.08 4.43
C MET K 233 29.57 -15.89 3.90
N TYR K 234 28.39 -16.17 3.39
CA TYR K 234 27.50 -15.13 2.88
C TYR K 234 26.92 -14.35 4.06
N ASP K 235 26.58 -15.07 5.13
CA ASP K 235 26.06 -14.44 6.36
C ASP K 235 27.03 -13.42 6.91
N ALA K 236 28.33 -13.71 6.80
CA ALA K 236 29.38 -12.82 7.28
C ALA K 236 29.43 -11.54 6.45
N SER K 237 29.25 -11.68 5.14
CA SER K 237 29.23 -10.53 4.25
C SER K 237 28.03 -9.63 4.53
N ILE K 238 26.89 -10.27 4.81
CA ILE K 238 25.67 -9.55 5.14
C ILE K 238 25.86 -8.79 6.46
N LYS K 239 26.36 -9.50 7.47
CA LYS K 239 26.60 -8.93 8.80
C LYS K 239 27.48 -7.68 8.77
N HIS K 240 28.51 -7.70 7.92
CA HIS K 240 29.42 -6.57 7.80
C HIS K 240 28.98 -5.50 6.81
N GLY K 241 27.81 -5.72 6.22
CA GLY K 241 27.20 -4.74 5.32
C GLY K 241 27.90 -4.41 4.02
N VAL K 242 28.40 -5.43 3.33
CA VAL K 242 29.03 -5.18 2.02
C VAL K 242 27.93 -4.84 1.02
N LYS K 243 28.28 -4.10 -0.02
CA LYS K 243 27.31 -3.69 -1.01
C LYS K 243 27.24 -4.65 -2.19
N GLY K 244 28.26 -5.49 -2.33
CA GLY K 244 28.32 -6.45 -3.41
C GLY K 244 29.09 -7.70 -3.09
N ILE K 245 28.71 -8.80 -3.73
CA ILE K 245 29.41 -10.07 -3.57
C ILE K 245 29.70 -10.70 -4.93
N VAL K 246 30.96 -11.04 -5.16
CA VAL K 246 31.34 -11.72 -6.38
C VAL K 246 31.50 -13.19 -6.05
N TYR K 247 30.78 -14.03 -6.78
CA TYR K 247 30.82 -15.46 -6.56
C TYR K 247 31.69 -16.19 -7.58
N ALA K 248 32.85 -16.67 -7.12
CA ALA K 248 33.77 -17.43 -7.98
C ALA K 248 33.23 -18.85 -8.04
N GLY K 249 32.20 -19.04 -8.87
CA GLY K 249 31.51 -20.30 -8.96
C GLY K 249 32.18 -21.45 -9.67
N MET K 250 31.64 -22.64 -9.43
CA MET K 250 32.11 -23.87 -10.04
C MET K 250 31.61 -23.89 -11.48
N GLY K 251 32.52 -24.09 -12.42
CA GLY K 251 32.18 -24.11 -13.83
C GLY K 251 31.70 -22.75 -14.31
N ALA K 252 30.53 -22.72 -14.95
CA ALA K 252 29.98 -21.47 -15.45
C ALA K 252 29.18 -20.73 -14.38
N GLY K 253 29.75 -20.64 -13.18
CA GLY K 253 29.11 -19.95 -12.06
C GLY K 253 27.96 -20.70 -11.43
N SER K 254 28.03 -22.03 -11.45
CA SER K 254 26.97 -22.87 -10.89
C SER K 254 26.95 -22.81 -9.37
N VAL K 255 25.75 -22.64 -8.82
CA VAL K 255 25.60 -22.56 -7.38
C VAL K 255 25.13 -23.89 -6.79
N SER K 256 25.62 -24.20 -5.59
CA SER K 256 25.19 -25.38 -4.89
C SER K 256 23.93 -24.96 -4.13
N LYS K 257 23.28 -25.89 -3.43
CA LYS K 257 22.08 -25.55 -2.67
C LYS K 257 22.39 -24.66 -1.47
N ARG K 258 23.62 -24.74 -0.97
CA ARG K 258 24.07 -23.91 0.15
C ARG K 258 24.47 -22.53 -0.38
N GLY K 259 25.08 -22.52 -1.56
CA GLY K 259 25.48 -21.28 -2.21
C GLY K 259 24.27 -20.54 -2.74
N ASP K 260 23.27 -21.30 -3.17
CA ASP K 260 22.01 -20.74 -3.67
C ASP K 260 21.28 -20.01 -2.55
N ALA K 261 21.27 -20.61 -1.37
CA ALA K 261 20.62 -20.01 -0.20
C ALA K 261 21.37 -18.79 0.27
N GLY K 262 22.70 -18.85 0.22
CA GLY K 262 23.55 -17.73 0.64
C GLY K 262 23.40 -16.52 -0.27
N ILE K 263 23.41 -16.77 -1.58
CA ILE K 263 23.26 -15.71 -2.57
C ILE K 263 21.88 -15.04 -2.50
N ARG K 264 20.83 -15.87 -2.44
CA ARG K 264 19.45 -15.35 -2.35
C ARG K 264 19.19 -14.60 -1.04
N LYS K 265 19.85 -15.01 0.03
CA LYS K 265 19.72 -14.34 1.32
C LYS K 265 20.41 -12.98 1.24
N ALA K 266 21.55 -12.94 0.55
CA ALA K 266 22.31 -11.71 0.38
C ALA K 266 21.54 -10.70 -0.46
N GLU K 267 20.87 -11.20 -1.51
CA GLU K 267 20.07 -10.36 -2.39
C GLU K 267 18.87 -9.76 -1.67
N SER K 268 18.24 -10.56 -0.80
CA SER K 268 17.08 -10.09 -0.04
C SER K 268 17.50 -8.95 0.90
N LYS K 269 18.77 -8.93 1.27
CA LYS K 269 19.30 -7.90 2.14
C LYS K 269 19.83 -6.67 1.39
N GLY K 270 19.60 -6.65 0.08
CA GLY K 270 20.00 -5.52 -0.75
C GLY K 270 21.39 -5.59 -1.36
N ILE K 271 22.05 -6.74 -1.21
CA ILE K 271 23.40 -6.94 -1.75
C ILE K 271 23.35 -7.40 -3.20
N VAL K 272 24.09 -6.72 -4.08
CA VAL K 272 24.15 -7.08 -5.49
C VAL K 272 25.17 -8.20 -5.68
N VAL K 273 24.70 -9.36 -6.14
CA VAL K 273 25.56 -10.52 -6.36
C VAL K 273 25.81 -10.78 -7.84
N VAL K 274 27.09 -10.99 -8.18
CA VAL K 274 27.49 -11.27 -9.55
C VAL K 274 28.19 -12.64 -9.60
N ARG K 275 27.66 -13.55 -10.42
CA ARG K 275 28.24 -14.89 -10.55
C ARG K 275 29.41 -14.95 -11.55
N SER K 276 30.62 -15.13 -11.03
CA SER K 276 31.81 -15.27 -11.87
C SER K 276 32.21 -16.75 -11.93
N SER K 277 33.48 -17.02 -12.22
CA SER K 277 33.96 -18.40 -12.35
C SER K 277 35.36 -18.63 -11.76
N ARG K 278 35.56 -19.80 -11.16
CA ARG K 278 36.85 -20.16 -10.57
C ARG K 278 37.78 -20.82 -11.59
N THR K 279 37.25 -21.11 -12.77
CA THR K 279 38.00 -21.80 -13.82
C THR K 279 39.26 -21.08 -14.28
N GLY K 280 39.14 -19.80 -14.61
CA GLY K 280 40.28 -19.01 -15.07
C GLY K 280 40.00 -18.27 -16.37
N SER K 281 38.97 -18.73 -17.10
CA SER K 281 38.58 -18.11 -18.36
C SER K 281 37.18 -18.56 -18.75
N GLY K 282 36.64 -17.97 -19.82
CA GLY K 282 35.34 -18.37 -20.32
C GLY K 282 34.19 -17.46 -19.96
N ILE K 283 33.04 -17.74 -20.59
CA ILE K 283 31.83 -16.96 -20.38
C ILE K 283 30.90 -17.59 -19.35
N VAL K 284 30.37 -16.76 -18.45
CA VAL K 284 29.33 -17.20 -17.53
C VAL K 284 28.06 -16.66 -18.19
N PRO K 285 27.27 -17.56 -18.80
CA PRO K 285 26.08 -17.15 -19.54
C PRO K 285 24.90 -16.82 -18.63
N PRO K 286 23.98 -15.95 -19.11
CA PRO K 286 22.79 -15.64 -18.34
C PRO K 286 21.93 -16.88 -18.14
N ASP K 287 21.32 -16.99 -16.96
CA ASP K 287 20.47 -18.13 -16.64
C ASP K 287 19.39 -17.66 -15.66
N ALA K 288 18.15 -17.69 -16.12
CA ALA K 288 17.01 -17.26 -15.31
C ALA K 288 16.68 -18.24 -14.18
N GLY K 289 17.21 -19.45 -14.28
CA GLY K 289 16.98 -20.48 -13.26
C GLY K 289 17.89 -20.35 -12.05
N GLN K 290 18.84 -19.41 -12.13
CA GLN K 290 19.78 -19.16 -11.05
C GLN K 290 19.77 -17.69 -10.63
N PRO K 291 20.08 -17.42 -9.34
CA PRO K 291 20.09 -16.05 -8.82
C PRO K 291 21.36 -15.29 -9.19
N GLY K 292 21.38 -14.00 -8.90
CA GLY K 292 22.54 -13.16 -9.17
C GLY K 292 22.68 -12.75 -10.63
N LEU K 293 23.57 -11.79 -10.88
CA LEU K 293 23.86 -11.34 -12.22
C LEU K 293 25.02 -12.19 -12.75
N VAL K 294 25.35 -12.04 -14.02
CA VAL K 294 26.47 -12.79 -14.61
C VAL K 294 27.67 -11.92 -14.94
N ALA K 295 28.87 -12.47 -14.73
CA ALA K 295 30.11 -11.73 -14.93
C ALA K 295 30.67 -11.71 -16.35
N ASP K 296 29.98 -12.37 -17.28
CA ASP K 296 30.45 -12.43 -18.67
C ASP K 296 31.80 -13.16 -18.66
N SER K 297 32.84 -12.55 -19.26
CA SER K 297 34.16 -13.19 -19.30
C SER K 297 35.08 -12.66 -18.21
N LEU K 298 34.55 -11.79 -17.35
CA LEU K 298 35.33 -11.20 -16.27
C LEU K 298 35.63 -12.16 -15.14
N SER K 299 36.88 -12.14 -14.69
CA SER K 299 37.36 -12.99 -13.60
C SER K 299 36.81 -12.46 -12.28
N PRO K 300 36.85 -13.29 -11.21
CA PRO K 300 36.38 -12.88 -9.90
C PRO K 300 37.05 -11.59 -9.41
N ALA K 301 38.36 -11.47 -9.63
CA ALA K 301 39.13 -10.29 -9.22
C ALA K 301 38.71 -9.04 -9.99
N LYS K 302 38.53 -9.18 -11.30
CA LYS K 302 38.11 -8.06 -12.14
C LYS K 302 36.63 -7.73 -11.96
N SER K 303 35.82 -8.76 -11.71
CA SER K 303 34.39 -8.58 -11.49
C SER K 303 34.15 -7.75 -10.23
N ARG K 304 35.01 -7.95 -9.23
CA ARG K 304 34.90 -7.21 -7.98
C ARG K 304 35.17 -5.74 -8.22
N ILE K 305 36.17 -5.45 -9.03
CA ILE K 305 36.53 -4.08 -9.37
C ILE K 305 35.40 -3.36 -10.11
N LEU K 306 34.83 -4.03 -11.11
CA LEU K 306 33.74 -3.43 -11.88
C LEU K 306 32.50 -3.20 -11.03
N LEU K 307 32.14 -4.22 -10.22
CA LEU K 307 30.97 -4.13 -9.35
C LEU K 307 31.10 -2.99 -8.36
N MET K 308 32.29 -2.83 -7.82
CA MET K 308 32.59 -1.77 -6.86
C MET K 308 32.34 -0.38 -7.46
N LEU K 309 32.80 -0.20 -8.69
CA LEU K 309 32.63 1.08 -9.39
C LEU K 309 31.21 1.24 -9.91
N ALA K 310 30.55 0.11 -10.20
CA ALA K 310 29.18 0.12 -10.68
C ALA K 310 28.24 0.62 -9.58
N LEU K 311 28.56 0.25 -8.34
CA LEU K 311 27.73 0.62 -7.19
C LEU K 311 27.86 2.09 -6.77
N THR K 312 28.77 2.82 -7.40
CA THR K 312 28.91 4.25 -7.12
C THR K 312 28.00 5.04 -8.06
N LYS K 313 27.53 4.36 -9.10
CA LYS K 313 26.65 4.97 -10.10
C LYS K 313 25.19 4.56 -9.96
N THR K 314 24.96 3.29 -9.63
CA THR K 314 23.60 2.78 -9.51
C THR K 314 23.50 1.52 -8.66
N THR K 315 22.26 1.06 -8.46
CA THR K 315 21.97 -0.18 -7.74
C THR K 315 20.98 -0.99 -8.57
N ASN K 316 20.64 -0.46 -9.74
CA ASN K 316 19.72 -1.11 -10.68
C ASN K 316 20.39 -2.33 -11.34
N PRO K 317 19.82 -3.52 -11.11
CA PRO K 317 20.32 -4.80 -11.64
C PRO K 317 20.56 -4.79 -13.15
N ALA K 318 19.62 -4.23 -13.90
CA ALA K 318 19.72 -4.19 -15.36
C ALA K 318 20.90 -3.36 -15.84
N VAL K 319 21.11 -2.20 -15.21
CA VAL K 319 22.20 -1.30 -15.57
C VAL K 319 23.55 -1.95 -15.27
N ILE K 320 23.67 -2.56 -14.08
CA ILE K 320 24.90 -3.22 -13.68
C ILE K 320 25.22 -4.41 -14.59
N GLN K 321 24.19 -5.18 -14.95
CA GLN K 321 24.35 -6.32 -15.85
C GLN K 321 24.86 -5.86 -17.21
N ASP K 322 24.41 -4.68 -17.64
CA ASP K 322 24.84 -4.10 -18.91
C ASP K 322 26.32 -3.69 -18.86
N TYR K 323 26.79 -3.27 -17.68
CA TYR K 323 28.21 -2.90 -17.52
C TYR K 323 29.11 -4.11 -17.75
N PHE K 324 28.70 -5.26 -17.23
CA PHE K 324 29.45 -6.50 -17.38
C PHE K 324 29.54 -7.01 -18.82
N HIS K 325 28.59 -6.61 -19.66
CA HIS K 325 28.60 -7.02 -21.06
C HIS K 325 29.30 -6.02 -21.97
N ALA K 326 29.56 -4.82 -21.45
CA ALA K 326 30.18 -3.76 -22.24
C ALA K 326 31.60 -3.39 -21.79
N TYR K 327 31.85 -3.48 -20.50
CA TYR K 327 33.15 -3.11 -19.94
C TYR K 327 34.11 -4.29 -19.75
N ASN L 3 80.47 -34.13 -0.07
CA ASN L 3 81.17 -33.52 -1.23
C ASN L 3 80.18 -33.16 -2.35
N LEU L 4 80.42 -32.04 -3.01
CA LEU L 4 79.58 -31.58 -4.11
C LEU L 4 79.73 -32.50 -5.32
N PRO L 5 78.69 -32.58 -6.17
CA PRO L 5 78.75 -33.40 -7.38
C PRO L 5 79.76 -32.88 -8.39
N ASN L 6 80.05 -33.68 -9.41
CA ASN L 6 81.01 -33.31 -10.45
C ASN L 6 80.34 -33.17 -11.81
N ILE L 7 80.22 -31.93 -12.30
CA ILE L 7 79.55 -31.66 -13.57
C ILE L 7 80.52 -31.09 -14.60
N VAL L 8 80.36 -31.51 -15.85
CA VAL L 8 81.20 -31.03 -16.95
C VAL L 8 80.31 -30.30 -17.97
N ILE L 9 80.62 -29.04 -18.24
CA ILE L 9 79.87 -28.23 -19.20
C ILE L 9 80.46 -28.31 -20.61
N LEU L 10 79.72 -28.94 -21.52
CA LEU L 10 80.14 -29.07 -22.91
C LEU L 10 79.56 -27.97 -23.79
N ALA L 11 80.42 -27.12 -24.33
CA ALA L 11 79.99 -26.01 -25.17
C ALA L 11 79.99 -26.39 -26.66
N THR L 12 78.93 -26.00 -27.35
CA THR L 12 78.81 -26.26 -28.79
C THR L 12 78.72 -24.96 -29.57
N GLY L 13 78.38 -23.88 -28.86
CA GLY L 13 78.25 -22.57 -29.48
C GLY L 13 76.82 -22.09 -29.50
N GLY L 14 76.52 -21.11 -28.65
CA GLY L 14 75.19 -20.55 -28.56
C GLY L 14 75.23 -19.10 -28.11
N THR L 15 74.06 -18.50 -27.93
CA THR L 15 73.97 -17.12 -27.48
C THR L 15 74.28 -17.00 -25.99
N ILE L 16 74.03 -18.08 -25.25
CA ILE L 16 74.26 -18.12 -23.80
C ILE L 16 75.68 -17.67 -23.39
N ALA L 17 76.67 -18.03 -24.19
CA ALA L 17 78.06 -17.67 -23.91
C ALA L 17 78.66 -16.85 -25.05
N GLY L 35 84.73 -16.70 -23.85
CA GLY L 35 85.25 -18.03 -24.13
C GLY L 35 84.36 -19.13 -23.58
N VAL L 36 84.91 -19.93 -22.67
CA VAL L 36 84.17 -21.03 -22.07
C VAL L 36 84.34 -21.03 -20.54
N GLU L 37 85.29 -20.20 -20.06
CA GLU L 37 85.58 -20.11 -18.63
C GLU L 37 85.06 -18.81 -18.00
N THR L 38 84.50 -17.93 -18.83
CA THR L 38 83.98 -16.65 -18.35
C THR L 38 82.63 -16.83 -17.64
N LEU L 39 81.97 -17.95 -17.90
CA LEU L 39 80.67 -18.27 -17.32
C LEU L 39 80.70 -18.40 -15.80
N ILE L 40 81.80 -18.92 -15.26
CA ILE L 40 81.96 -19.09 -13.81
C ILE L 40 82.11 -17.72 -13.15
N GLN L 41 82.76 -16.80 -13.87
CA GLN L 41 82.99 -15.44 -13.37
C GLN L 41 81.70 -14.63 -13.50
N ALA L 42 80.88 -14.98 -14.50
CA ALA L 42 79.62 -14.30 -14.75
C ALA L 42 78.56 -14.72 -13.74
N VAL L 43 78.51 -16.02 -13.44
CA VAL L 43 77.55 -16.55 -12.48
C VAL L 43 78.33 -17.21 -11.32
N PRO L 44 78.65 -16.43 -10.28
CA PRO L 44 79.41 -16.93 -9.13
C PRO L 44 78.59 -17.83 -8.21
N GLU L 45 77.31 -18.03 -8.51
CA GLU L 45 76.45 -18.87 -7.68
C GLU L 45 76.56 -20.35 -8.04
N LEU L 46 77.28 -20.65 -9.12
CA LEU L 46 77.47 -22.04 -9.58
C LEU L 46 78.39 -22.83 -8.66
N LYS L 47 79.16 -22.10 -7.83
CA LYS L 47 80.10 -22.72 -6.89
C LYS L 47 79.39 -23.46 -5.76
N THR L 48 78.11 -23.13 -5.55
CA THR L 48 77.31 -23.76 -4.51
C THR L 48 76.67 -25.04 -5.04
N LEU L 49 76.59 -25.14 -6.36
CA LEU L 49 75.96 -26.29 -7.01
C LEU L 49 76.85 -27.52 -7.13
N ALA L 50 78.01 -27.35 -7.76
CA ALA L 50 78.94 -28.47 -7.97
C ALA L 50 80.34 -28.04 -8.43
N ASN L 51 81.22 -29.03 -8.59
CA ASN L 51 82.58 -28.80 -9.09
C ASN L 51 82.51 -28.75 -10.62
N ILE L 52 82.80 -27.58 -11.19
CA ILE L 52 82.66 -27.38 -12.63
C ILE L 52 83.96 -27.43 -13.44
N LYS L 53 83.91 -28.13 -14.57
CA LYS L 53 85.05 -28.23 -15.50
C LYS L 53 84.56 -27.92 -16.91
N GLY L 54 85.16 -26.93 -17.55
CA GLY L 54 84.76 -26.51 -18.90
C GLY L 54 85.45 -27.25 -20.03
N GLU L 55 84.76 -27.35 -21.16
CA GLU L 55 85.26 -28.03 -22.35
C GLU L 55 84.43 -27.63 -23.57
N GLN L 56 85.10 -27.15 -24.61
CA GLN L 56 84.41 -26.72 -25.82
C GLN L 56 84.51 -27.75 -26.95
N VAL L 57 83.35 -28.27 -27.36
CA VAL L 57 83.29 -29.27 -28.42
C VAL L 57 83.24 -28.60 -29.81
N ALA L 58 82.43 -27.55 -29.93
CA ALA L 58 82.29 -26.84 -31.19
C ALA L 58 82.14 -25.33 -30.96
N SER L 59 82.21 -24.57 -32.05
CA SER L 59 82.09 -23.11 -31.97
C SER L 59 81.26 -22.59 -33.14
N ILE L 60 80.02 -23.07 -33.23
CA ILE L 60 79.11 -22.71 -34.32
C ILE L 60 77.73 -22.37 -33.79
N GLY L 61 76.94 -21.65 -34.58
CA GLY L 61 75.55 -21.34 -34.22
C GLY L 61 74.72 -22.60 -34.39
N SER L 62 73.63 -22.72 -33.64
CA SER L 62 72.79 -23.91 -33.70
C SER L 62 72.20 -24.15 -35.08
N GLU L 63 71.98 -23.07 -35.83
CA GLU L 63 71.45 -23.18 -37.19
C GLU L 63 72.44 -23.93 -38.10
N ASN L 64 73.72 -23.90 -37.72
CA ASN L 64 74.77 -24.58 -38.47
C ASN L 64 75.17 -25.93 -37.85
N MET L 65 74.40 -26.38 -36.86
CA MET L 65 74.66 -27.66 -36.21
C MET L 65 74.41 -28.78 -37.22
N THR L 66 75.35 -29.72 -37.29
CA THR L 66 75.27 -30.82 -38.26
C THR L 66 75.30 -32.20 -37.62
N SER L 67 75.03 -33.23 -38.43
CA SER L 67 75.02 -34.62 -37.96
C SER L 67 76.37 -35.08 -37.43
N ASP L 68 77.44 -34.68 -38.12
CA ASP L 68 78.80 -35.04 -37.72
C ASP L 68 79.16 -34.52 -36.33
N VAL L 69 78.72 -33.30 -36.02
CA VAL L 69 78.99 -32.71 -34.71
C VAL L 69 78.17 -33.41 -33.62
N LEU L 70 76.95 -33.83 -33.98
CA LEU L 70 76.09 -34.55 -33.05
C LEU L 70 76.72 -35.91 -32.69
N LEU L 71 77.40 -36.51 -33.66
CA LEU L 71 78.11 -37.77 -33.42
C LEU L 71 79.25 -37.53 -32.45
N THR L 72 80.00 -36.45 -32.67
CA THR L 72 81.11 -36.07 -31.80
C THR L 72 80.62 -35.79 -30.39
N LEU L 73 79.57 -34.98 -30.28
CA LEU L 73 78.98 -34.62 -28.99
C LEU L 73 78.48 -35.86 -28.25
N SER L 74 77.72 -36.71 -28.94
CA SER L 74 77.18 -37.93 -28.36
C SER L 74 78.27 -38.84 -27.81
N LYS L 75 79.27 -39.14 -28.64
CA LYS L 75 80.39 -40.01 -28.24
C LYS L 75 81.13 -39.47 -27.01
N ARG L 76 81.33 -38.14 -26.99
CA ARG L 76 82.02 -37.50 -25.88
C ARG L 76 81.22 -37.63 -24.58
N VAL L 77 79.91 -37.44 -24.69
CA VAL L 77 79.02 -37.55 -23.54
C VAL L 77 79.10 -38.95 -22.92
N ASN L 78 79.06 -39.98 -23.76
CA ASN L 78 79.13 -41.37 -23.29
C ASN L 78 80.41 -41.74 -22.55
N GLU L 79 81.56 -41.25 -23.03
CA GLU L 79 82.83 -41.54 -22.37
C GLU L 79 83.02 -40.72 -21.10
N LEU L 80 82.38 -39.56 -21.04
CA LEU L 80 82.43 -38.71 -19.85
C LEU L 80 81.58 -39.30 -18.74
N LEU L 81 80.42 -39.84 -19.10
CA LEU L 81 79.51 -40.44 -18.14
C LEU L 81 80.01 -41.80 -17.65
N ALA L 82 80.91 -42.41 -18.41
CA ALA L 82 81.50 -43.69 -18.04
C ALA L 82 82.47 -43.49 -16.88
N ARG L 83 83.08 -42.31 -16.82
CA ARG L 83 84.01 -41.96 -15.76
C ARG L 83 83.26 -41.82 -14.43
N SER L 84 83.88 -42.29 -13.35
CA SER L 84 83.27 -42.23 -12.03
C SER L 84 83.42 -40.87 -11.37
N ASP L 85 84.17 -39.97 -12.01
CA ASP L 85 84.37 -38.62 -11.47
C ASP L 85 83.50 -37.59 -12.20
N VAL L 86 82.47 -38.06 -12.88
CA VAL L 86 81.52 -37.20 -13.58
C VAL L 86 80.10 -37.63 -13.25
N ASP L 87 79.36 -36.78 -12.55
CA ASP L 87 78.00 -37.08 -12.13
C ASP L 87 76.94 -36.70 -13.17
N GLY L 88 77.21 -35.67 -13.96
CA GLY L 88 76.28 -35.21 -14.98
C GLY L 88 76.92 -34.30 -16.01
N VAL L 89 76.21 -34.07 -17.12
CA VAL L 89 76.72 -33.22 -18.19
C VAL L 89 75.73 -32.13 -18.64
N VAL L 90 76.19 -30.89 -18.59
CA VAL L 90 75.39 -29.75 -19.05
C VAL L 90 75.90 -29.33 -20.43
N ILE L 91 75.00 -29.20 -21.39
CA ILE L 91 75.39 -28.83 -22.74
C ILE L 91 74.83 -27.48 -23.18
N THR L 92 75.71 -26.50 -23.37
CA THR L 92 75.30 -25.18 -23.84
C THR L 92 75.14 -25.21 -25.36
N HIS L 93 73.90 -25.10 -25.81
CA HIS L 93 73.57 -25.19 -27.22
C HIS L 93 72.80 -23.92 -27.62
N GLY L 94 72.60 -23.73 -28.93
CA GLY L 94 71.82 -22.60 -29.42
C GLY L 94 70.35 -22.98 -29.40
N THR L 95 69.47 -22.00 -29.58
CA THR L 95 68.02 -22.27 -29.53
C THR L 95 67.42 -22.70 -30.87
N ASP L 96 67.89 -22.10 -31.97
CA ASP L 96 67.36 -22.37 -33.31
C ASP L 96 67.16 -23.84 -33.67
N THR L 97 68.09 -24.70 -33.26
CA THR L 97 67.95 -26.14 -33.52
C THR L 97 67.97 -26.97 -32.25
N LEU L 98 67.44 -26.40 -31.17
CA LEU L 98 67.37 -27.10 -29.90
C LEU L 98 66.22 -28.11 -29.94
N ASP L 99 65.54 -28.17 -31.08
CA ASP L 99 64.45 -29.13 -31.30
C ASP L 99 65.05 -30.49 -31.66
N GLU L 100 66.18 -30.47 -32.37
CA GLU L 100 66.84 -31.70 -32.84
C GLU L 100 67.85 -32.30 -31.85
N SER L 101 68.93 -31.56 -31.60
CA SER L 101 70.04 -32.00 -30.75
C SER L 101 69.73 -32.83 -29.49
N PRO L 102 68.92 -32.29 -28.56
CA PRO L 102 68.60 -33.02 -27.34
C PRO L 102 67.93 -34.38 -27.60
N TYR L 103 67.10 -34.44 -28.63
CA TYR L 103 66.41 -35.68 -28.96
C TYR L 103 67.35 -36.70 -29.60
N PHE L 104 68.39 -36.19 -30.26
CA PHE L 104 69.40 -37.04 -30.88
C PHE L 104 70.10 -37.83 -29.77
N LEU L 105 70.54 -37.12 -28.74
CA LEU L 105 71.22 -37.75 -27.62
C LEU L 105 70.27 -38.56 -26.73
N ASN L 106 68.98 -38.28 -26.84
CA ASN L 106 67.98 -39.02 -26.06
C ASN L 106 67.82 -40.44 -26.60
N LEU L 107 68.31 -40.66 -27.82
CA LEU L 107 68.21 -41.95 -28.47
C LEU L 107 69.56 -42.67 -28.54
N THR L 108 70.64 -41.94 -28.27
CA THR L 108 71.99 -42.50 -28.39
C THR L 108 72.73 -42.78 -27.07
N VAL L 109 72.51 -41.94 -26.07
CA VAL L 109 73.16 -42.10 -24.76
C VAL L 109 72.83 -43.45 -24.09
N LYS L 110 73.80 -44.02 -23.36
CA LYS L 110 73.61 -45.30 -22.68
C LYS L 110 73.57 -45.19 -21.16
N SER L 111 73.85 -44.00 -20.63
CA SER L 111 73.89 -43.78 -19.18
C SER L 111 72.67 -43.04 -18.65
N ASP L 112 72.37 -43.26 -17.36
CA ASP L 112 71.24 -42.62 -16.68
CA ASP L 112 71.23 -42.61 -16.73
C ASP L 112 71.61 -41.27 -16.08
N LYS L 113 72.88 -40.90 -16.18
CA LYS L 113 73.36 -39.64 -15.65
C LYS L 113 72.76 -38.49 -16.46
N PRO L 114 72.23 -37.47 -15.77
CA PRO L 114 71.55 -36.32 -16.36
C PRO L 114 72.34 -35.54 -17.42
N VAL L 115 71.81 -35.56 -18.64
CA VAL L 115 72.38 -34.78 -19.74
C VAL L 115 71.41 -33.62 -19.94
N VAL L 116 71.84 -32.43 -19.56
CA VAL L 116 70.97 -31.26 -19.61
C VAL L 116 71.37 -30.21 -20.63
N PHE L 117 70.52 -30.03 -21.65
CA PHE L 117 70.74 -29.00 -22.65
C PHE L 117 70.25 -27.66 -22.13
N VAL L 118 71.02 -26.61 -22.39
CA VAL L 118 70.66 -25.28 -21.94
C VAL L 118 70.98 -24.23 -23.01
N ALA L 119 70.15 -23.20 -23.08
CA ALA L 119 70.33 -22.14 -24.06
C ALA L 119 69.82 -20.81 -23.53
N ALA L 120 69.85 -19.78 -24.37
CA ALA L 120 69.37 -18.45 -24.01
C ALA L 120 68.78 -17.74 -25.21
N MET L 121 67.66 -17.05 -24.99
CA MET L 121 66.97 -16.33 -26.05
C MET L 121 67.49 -14.91 -26.21
N ARG L 122 68.16 -14.40 -25.18
CA ARG L 122 68.72 -13.06 -25.20
C ARG L 122 70.23 -13.10 -25.12
N PRO L 123 70.91 -12.17 -25.82
CA PRO L 123 72.37 -12.09 -25.76
C PRO L 123 72.83 -11.83 -24.32
N ALA L 124 73.96 -12.42 -23.93
CA ALA L 124 74.49 -12.26 -22.58
C ALA L 124 74.74 -10.81 -22.19
N THR L 125 74.85 -9.95 -23.20
CA THR L 125 75.10 -8.52 -22.98
C THR L 125 73.81 -7.69 -22.98
N ALA L 126 72.70 -8.29 -23.36
CA ALA L 126 71.41 -7.61 -23.40
C ALA L 126 70.81 -7.41 -22.01
N ILE L 127 69.79 -6.56 -21.93
CA ILE L 127 69.11 -6.26 -20.67
C ILE L 127 68.28 -7.47 -20.21
N SER L 128 68.51 -7.90 -18.96
CA SER L 128 67.81 -9.04 -18.37
C SER L 128 68.04 -10.35 -19.12
N ALA L 129 69.29 -10.65 -19.44
CA ALA L 129 69.66 -11.87 -20.16
C ALA L 129 69.24 -13.13 -19.39
N ASP L 130 68.63 -14.07 -20.10
CA ASP L 130 68.14 -15.31 -19.49
C ASP L 130 69.23 -16.37 -19.28
N GLY L 131 70.35 -16.23 -19.98
CA GLY L 131 71.46 -17.19 -19.89
C GLY L 131 71.89 -17.61 -18.49
N PRO L 132 72.31 -16.62 -17.67
CA PRO L 132 72.75 -16.86 -16.30
C PRO L 132 71.81 -17.74 -15.46
N MET L 133 70.51 -17.44 -15.46
CA MET L 133 69.55 -18.23 -14.70
C MET L 133 69.29 -19.60 -15.31
N ASN L 134 69.22 -19.64 -16.65
CA ASN L 134 69.02 -20.90 -17.37
C ASN L 134 70.17 -21.87 -17.06
N LEU L 135 71.39 -21.34 -17.08
CA LEU L 135 72.59 -22.13 -16.80
C LEU L 135 72.59 -22.57 -15.34
N TYR L 136 72.21 -21.66 -14.45
CA TYR L 136 72.14 -21.96 -13.02
C TYR L 136 71.18 -23.13 -12.80
N GLY L 137 70.04 -23.09 -13.46
CA GLY L 137 69.04 -24.14 -13.36
C GLY L 137 69.52 -25.45 -13.96
N ALA L 138 70.19 -25.35 -15.11
CA ALA L 138 70.73 -26.52 -15.81
C ALA L 138 71.80 -27.22 -14.99
N VAL L 139 72.70 -26.43 -14.40
CA VAL L 139 73.77 -26.98 -13.57
C VAL L 139 73.18 -27.54 -12.28
N LYS L 140 72.11 -26.91 -11.80
CA LYS L 140 71.41 -27.35 -10.58
C LYS L 140 70.72 -28.69 -10.83
N VAL L 141 70.11 -28.83 -12.02
CA VAL L 141 69.42 -30.06 -12.39
C VAL L 141 70.39 -31.22 -12.58
N ALA L 142 71.46 -30.98 -13.33
CA ALA L 142 72.47 -32.01 -13.58
C ALA L 142 73.16 -32.44 -12.29
N ALA L 143 73.31 -31.50 -11.36
CA ALA L 143 73.94 -31.80 -10.07
C ALA L 143 72.96 -32.44 -9.09
N ASP L 144 71.67 -32.34 -9.40
CA ASP L 144 70.64 -32.92 -8.54
C ASP L 144 70.53 -34.42 -8.84
N LYS L 145 70.64 -35.22 -7.78
CA LYS L 145 70.60 -36.69 -7.88
C LYS L 145 69.25 -37.24 -8.37
N ASN L 146 68.19 -36.47 -8.15
CA ASN L 146 66.84 -36.90 -8.52
C ASN L 146 66.54 -36.81 -10.02
N SER L 147 67.46 -36.20 -10.77
CA SER L 147 67.29 -36.01 -12.22
C SER L 147 67.61 -37.25 -13.03
N ARG L 148 68.27 -38.22 -12.41
CA ARG L 148 68.69 -39.47 -13.07
C ARG L 148 67.55 -40.31 -13.63
N GLY L 149 67.79 -40.93 -14.79
CA GLY L 149 66.82 -41.81 -15.43
C GLY L 149 65.57 -41.15 -15.95
N ARG L 150 65.69 -39.89 -16.38
CA ARG L 150 64.55 -39.14 -16.88
C ARG L 150 64.74 -38.68 -18.33
N GLY L 151 65.75 -39.22 -18.98
CA GLY L 151 66.05 -38.88 -20.37
C GLY L 151 66.82 -37.58 -20.48
N VAL L 152 67.09 -37.16 -21.71
CA VAL L 152 67.80 -35.90 -21.95
C VAL L 152 66.86 -34.75 -21.60
N LEU L 153 67.37 -33.78 -20.85
CA LEU L 153 66.58 -32.67 -20.38
C LEU L 153 66.94 -31.36 -21.06
N VAL L 154 65.95 -30.49 -21.20
CA VAL L 154 66.15 -29.18 -21.80
C VAL L 154 65.66 -28.15 -20.79
N VAL L 155 66.58 -27.32 -20.29
CA VAL L 155 66.23 -26.36 -19.26
C VAL L 155 66.37 -24.88 -19.66
N LEU L 156 65.22 -24.20 -19.72
CA LEU L 156 65.16 -22.76 -19.98
C LEU L 156 63.94 -22.18 -19.27
N ASN L 157 64.03 -20.92 -18.86
CA ASN L 157 62.93 -20.21 -18.22
C ASN L 157 62.27 -20.97 -17.06
N ASP L 158 63.10 -21.55 -16.20
CA ASP L 158 62.65 -22.30 -15.01
C ASP L 158 61.90 -23.61 -15.31
N ARG L 159 61.90 -24.02 -16.58
CA ARG L 159 61.20 -25.25 -16.97
C ARG L 159 62.17 -26.39 -17.27
N ILE L 160 61.74 -27.62 -17.02
CA ILE L 160 62.53 -28.82 -17.33
C ILE L 160 61.74 -29.69 -18.30
N GLY L 161 61.97 -29.48 -19.59
CA GLY L 161 61.25 -30.22 -20.63
C GLY L 161 61.96 -31.45 -21.14
N SER L 162 61.17 -32.40 -21.65
CA SER L 162 61.71 -33.64 -22.20
C SER L 162 62.19 -33.42 -23.63
N ALA L 163 63.34 -33.98 -23.95
CA ALA L 163 63.92 -33.87 -25.29
C ALA L 163 63.00 -34.44 -26.35
N ARG L 164 62.10 -35.33 -25.92
CA ARG L 164 61.14 -35.99 -26.79
C ARG L 164 59.97 -35.08 -27.20
N PHE L 165 59.62 -34.13 -26.33
CA PHE L 165 58.48 -33.26 -26.61
C PHE L 165 58.78 -31.77 -26.78
N ILE L 166 59.70 -31.26 -25.97
CA ILE L 166 60.02 -29.83 -25.96
C ILE L 166 60.53 -29.31 -27.31
N SER L 167 60.01 -28.15 -27.72
CA SER L 167 60.42 -27.51 -28.97
C SER L 167 60.22 -26.01 -28.87
N LYS L 168 60.88 -25.28 -29.76
CA LYS L 168 60.78 -23.83 -29.80
C LYS L 168 59.47 -23.46 -30.51
N THR L 169 58.48 -22.99 -29.75
CA THR L 169 57.15 -22.67 -30.30
C THR L 169 57.00 -21.22 -30.75
N ASN L 170 57.84 -20.34 -30.23
CA ASN L 170 57.80 -18.93 -30.58
C ASN L 170 59.17 -18.51 -31.09
N ALA L 171 59.18 -17.63 -32.08
CA ALA L 171 60.42 -17.20 -32.71
C ALA L 171 61.35 -16.32 -31.87
N SER L 172 60.80 -15.51 -30.97
CA SER L 172 61.64 -14.55 -30.25
C SER L 172 61.42 -14.36 -28.74
N THR L 173 60.51 -15.13 -28.14
CA THR L 173 60.21 -14.95 -26.70
C THR L 173 61.03 -15.85 -25.78
N LEU L 174 61.12 -15.47 -24.51
CA LEU L 174 61.87 -16.23 -23.50
C LEU L 174 61.22 -17.56 -23.14
N ASP L 175 59.89 -17.58 -23.13
CA ASP L 175 59.13 -18.79 -22.76
C ASP L 175 58.81 -19.66 -23.97
N THR L 176 59.54 -19.47 -25.07
CA THR L 176 59.29 -20.18 -26.31
C THR L 176 59.22 -21.72 -26.24
N PHE L 177 60.07 -22.33 -25.43
CA PHE L 177 60.10 -23.78 -25.33
C PHE L 177 58.94 -24.35 -24.52
N LYS L 178 57.98 -24.93 -25.23
CA LYS L 178 56.78 -25.48 -24.62
C LYS L 178 56.46 -26.85 -25.23
N ALA L 179 55.41 -27.47 -24.71
CA ALA L 179 54.90 -28.74 -25.21
C ALA L 179 53.43 -28.80 -24.78
N PRO L 180 52.56 -28.10 -25.52
CA PRO L 180 51.13 -27.95 -25.20
C PRO L 180 50.42 -29.24 -24.77
N GLU L 181 50.69 -30.33 -25.47
CA GLU L 181 50.04 -31.61 -25.17
C GLU L 181 50.73 -32.45 -24.10
N GLU L 182 52.00 -32.15 -23.81
CA GLU L 182 52.75 -32.95 -22.83
C GLU L 182 53.26 -32.19 -21.62
N GLY L 183 53.28 -30.86 -21.70
CA GLY L 183 53.74 -30.02 -20.60
C GLY L 183 55.22 -30.21 -20.31
N TYR L 184 55.60 -30.07 -19.04
CA TYR L 184 56.98 -30.22 -18.63
C TYR L 184 57.15 -31.34 -17.61
N LEU L 185 58.34 -31.94 -17.59
CA LEU L 185 58.66 -33.00 -16.64
C LEU L 185 58.74 -32.42 -15.23
N GLY L 186 59.31 -31.22 -15.12
CA GLY L 186 59.44 -30.54 -13.85
C GLY L 186 59.72 -29.06 -13.99
N VAL L 187 59.74 -28.36 -12.86
CA VAL L 187 60.02 -26.93 -12.83
C VAL L 187 61.01 -26.57 -11.73
N ILE L 188 61.61 -25.38 -11.85
CA ILE L 188 62.58 -24.91 -10.86
C ILE L 188 62.06 -23.62 -10.24
N ILE L 189 61.57 -23.70 -9.01
CA ILE L 189 60.99 -22.54 -8.33
C ILE L 189 61.60 -22.31 -6.94
N GLY L 190 62.09 -21.09 -6.72
CA GLY L 190 62.69 -20.72 -5.44
C GLY L 190 63.86 -21.58 -5.03
N ASP L 191 64.77 -21.80 -5.98
CA ASP L 191 65.98 -22.62 -5.76
C ASP L 191 65.61 -24.04 -5.28
N LYS L 192 64.57 -24.60 -5.88
CA LYS L 192 64.11 -25.94 -5.55
C LYS L 192 63.66 -26.61 -6.86
N ILE L 193 63.73 -27.93 -6.92
CA ILE L 193 63.33 -28.66 -8.12
C ILE L 193 62.11 -29.54 -7.88
N TYR L 194 61.08 -29.36 -8.70
CA TYR L 194 59.84 -30.12 -8.57
C TYR L 194 59.56 -30.93 -9.83
N TYR L 195 59.61 -32.25 -9.72
CA TYR L 195 59.26 -33.12 -10.85
C TYR L 195 57.80 -33.50 -10.78
N GLN L 196 57.10 -33.36 -11.90
CA GLN L 196 55.68 -33.63 -11.97
C GLN L 196 55.34 -34.87 -12.80
N THR L 197 56.02 -35.02 -13.93
CA THR L 197 55.76 -36.15 -14.84
C THR L 197 57.02 -36.86 -15.30
N ARG L 198 56.83 -38.04 -15.90
CA ARG L 198 57.94 -38.84 -16.45
C ARG L 198 57.68 -39.19 -17.91
N LEU L 199 58.76 -39.24 -18.69
CA LEU L 199 58.65 -39.60 -20.10
C LEU L 199 58.27 -41.06 -20.26
N ASP L 200 57.13 -41.31 -20.90
CA ASP L 200 56.63 -42.66 -21.11
C ASP L 200 57.04 -43.20 -22.48
N LYS L 201 58.31 -42.99 -22.84
CA LYS L 201 58.86 -43.45 -24.10
C LYS L 201 60.23 -44.10 -23.85
N VAL L 202 60.70 -44.86 -24.83
CA VAL L 202 62.01 -45.51 -24.71
C VAL L 202 63.09 -44.45 -24.93
N HIS L 203 64.01 -44.33 -23.97
CA HIS L 203 65.04 -43.31 -24.04
C HIS L 203 66.36 -43.76 -23.43
N THR L 204 67.41 -42.97 -23.68
CA THR L 204 68.76 -43.19 -23.17
C THR L 204 69.18 -44.65 -22.96
N THR L 205 69.45 -45.00 -21.71
CA THR L 205 69.92 -46.33 -21.31
C THR L 205 69.21 -47.53 -21.97
N ARG L 206 67.89 -47.45 -22.08
CA ARG L 206 67.12 -48.57 -22.64
C ARG L 206 66.90 -48.49 -24.16
N SER L 207 67.61 -47.57 -24.82
CA SER L 207 67.48 -47.41 -26.28
C SER L 207 68.32 -48.43 -27.03
N VAL L 208 67.89 -48.78 -28.24
CA VAL L 208 68.61 -49.75 -29.07
C VAL L 208 69.54 -49.06 -30.08
N PHE L 209 69.33 -47.76 -30.26
CA PHE L 209 70.15 -46.98 -31.19
C PHE L 209 71.51 -46.68 -30.58
N ASP L 210 72.57 -47.06 -31.29
CA ASP L 210 73.92 -46.85 -30.82
C ASP L 210 74.79 -46.30 -31.94
N VAL L 211 75.47 -45.18 -31.67
CA VAL L 211 76.34 -44.55 -32.65
C VAL L 211 77.80 -44.53 -32.20
N THR L 212 78.21 -45.57 -31.47
CA THR L 212 79.58 -45.67 -30.98
C THR L 212 80.56 -45.87 -32.14
N ASN L 213 80.19 -46.73 -33.09
CA ASN L 213 81.06 -47.02 -34.23
C ASN L 213 80.52 -46.48 -35.56
N VAL L 214 79.67 -45.47 -35.49
CA VAL L 214 79.10 -44.85 -36.69
C VAL L 214 79.91 -43.61 -37.07
N ASP L 215 80.37 -43.58 -38.32
CA ASP L 215 81.19 -42.47 -38.81
C ASP L 215 80.38 -41.39 -39.53
N LYS L 216 79.34 -41.80 -40.24
CA LYS L 216 78.51 -40.86 -40.99
C LYS L 216 77.06 -41.33 -41.05
N LEU L 217 76.13 -40.39 -40.79
CA LEU L 217 74.70 -40.70 -40.78
C LEU L 217 74.04 -40.49 -42.14
N PRO L 218 73.00 -41.31 -42.44
CA PRO L 218 72.25 -41.20 -43.69
C PRO L 218 71.57 -39.84 -43.83
N ALA L 219 71.53 -39.32 -45.04
CA ALA L 219 70.93 -38.02 -45.30
C ALA L 219 69.40 -38.10 -45.34
N VAL L 220 68.75 -37.21 -44.60
CA VAL L 220 67.27 -37.14 -44.56
C VAL L 220 66.80 -35.71 -44.76
N ASP L 221 65.98 -35.50 -45.79
CA ASP L 221 65.45 -34.16 -46.08
C ASP L 221 64.04 -33.98 -45.52
N ILE L 222 63.63 -32.72 -45.37
CA ILE L 222 62.30 -32.39 -44.89
C ILE L 222 61.59 -31.51 -45.92
N ILE L 223 60.48 -32.01 -46.45
CA ILE L 223 59.70 -31.27 -47.44
C ILE L 223 58.39 -30.79 -46.83
N TYR L 224 58.08 -29.50 -47.02
CA TYR L 224 56.90 -28.89 -46.43
C TYR L 224 55.62 -29.17 -47.22
N GLY L 225 54.50 -29.25 -46.51
CA GLY L 225 53.19 -29.48 -47.14
C GLY L 225 52.35 -28.21 -47.14
N TYR L 226 51.81 -27.86 -48.30
CA TYR L 226 50.99 -26.64 -48.44
C TYR L 226 50.23 -26.66 -49.76
N GLN L 227 49.40 -25.63 -49.97
CA GLN L 227 48.63 -25.52 -51.21
C GLN L 227 49.59 -25.28 -52.38
N ASP L 228 49.41 -26.06 -53.45
CA ASP L 228 50.26 -25.97 -54.65
C ASP L 228 51.70 -26.40 -54.39
N ASP L 229 51.88 -27.38 -53.51
CA ASP L 229 53.22 -27.89 -53.20
C ASP L 229 53.81 -28.65 -54.38
N PRO L 230 54.96 -28.18 -54.88
CA PRO L 230 55.66 -28.75 -56.04
C PRO L 230 56.06 -30.21 -55.87
N GLU L 231 55.83 -31.00 -56.91
CA GLU L 231 56.19 -32.41 -56.91
C GLU L 231 57.69 -32.58 -57.14
N TYR L 232 58.31 -31.56 -57.74
CA TYR L 232 59.74 -31.60 -58.05
C TYR L 232 60.69 -31.53 -56.86
N MET L 233 60.18 -31.15 -55.70
CA MET L 233 60.99 -31.11 -54.48
C MET L 233 61.42 -32.52 -54.11
N TYR L 234 60.54 -33.48 -54.38
CA TYR L 234 60.82 -34.88 -54.13
C TYR L 234 61.83 -35.40 -55.15
N ASP L 235 61.76 -34.87 -56.37
CA ASP L 235 62.68 -35.24 -57.44
C ASP L 235 64.12 -34.87 -57.08
N ALA L 236 64.29 -33.70 -56.46
CA ALA L 236 65.61 -33.22 -56.05
C ALA L 236 66.19 -34.06 -54.90
N SER L 237 65.31 -34.64 -54.10
CA SER L 237 65.74 -35.49 -52.99
C SER L 237 66.14 -36.87 -53.51
N ILE L 238 65.41 -37.33 -54.54
CA ILE L 238 65.68 -38.63 -55.15
C ILE L 238 66.99 -38.57 -55.94
N LYS L 239 67.20 -37.44 -56.64
CA LYS L 239 68.40 -37.24 -57.44
C LYS L 239 69.68 -37.28 -56.60
N HIS L 240 69.63 -36.68 -55.42
CA HIS L 240 70.79 -36.64 -54.54
C HIS L 240 70.90 -37.85 -53.62
N GLY L 241 70.04 -38.84 -53.85
CA GLY L 241 70.06 -40.10 -53.10
C GLY L 241 70.01 -40.02 -51.59
N VAL L 242 68.93 -39.45 -51.07
CA VAL L 242 68.75 -39.39 -49.61
C VAL L 242 68.12 -40.70 -49.16
N LYS L 243 68.47 -41.15 -47.96
CA LYS L 243 67.93 -42.40 -47.44
C LYS L 243 66.56 -42.25 -46.81
N GLY L 244 66.19 -41.01 -46.48
CA GLY L 244 64.89 -40.74 -45.86
C GLY L 244 64.32 -39.37 -46.19
N ILE L 245 62.99 -39.27 -46.12
CA ILE L 245 62.29 -38.01 -46.38
C ILE L 245 61.16 -37.80 -45.38
N VAL L 246 61.27 -36.74 -44.58
CA VAL L 246 60.23 -36.41 -43.63
C VAL L 246 59.32 -35.37 -44.25
N TYR L 247 58.02 -35.64 -44.24
CA TYR L 247 57.04 -34.74 -44.84
C TYR L 247 56.23 -33.96 -43.81
N ALA L 248 56.46 -32.64 -43.77
CA ALA L 248 55.74 -31.73 -42.87
C ALA L 248 54.37 -31.47 -43.48
N GLY L 249 53.49 -32.47 -43.37
CA GLY L 249 52.19 -32.43 -44.00
C GLY L 249 51.11 -31.53 -43.44
N MET L 250 50.12 -31.26 -44.29
CA MET L 250 48.98 -30.44 -43.95
C MET L 250 48.05 -31.23 -43.04
N GLY L 251 47.76 -30.68 -41.87
CA GLY L 251 46.91 -31.35 -40.90
C GLY L 251 47.56 -32.60 -40.34
N ALA L 252 46.89 -33.74 -40.51
CA ALA L 252 47.43 -35.01 -40.01
C ALA L 252 48.26 -35.74 -41.08
N GLY L 253 49.28 -35.05 -41.59
CA GLY L 253 50.18 -35.61 -42.59
C GLY L 253 49.53 -35.90 -43.93
N SER L 254 48.46 -35.16 -44.25
CA SER L 254 47.73 -35.35 -45.49
C SER L 254 48.55 -34.94 -46.71
N VAL L 255 48.44 -35.71 -47.78
CA VAL L 255 49.17 -35.43 -49.00
C VAL L 255 48.27 -34.96 -50.14
N SER L 256 48.78 -34.05 -50.95
CA SER L 256 48.05 -33.55 -52.12
C SER L 256 48.33 -34.48 -53.29
N LYS L 257 47.76 -34.17 -54.45
CA LYS L 257 47.97 -34.98 -55.65
C LYS L 257 49.46 -35.03 -56.01
N ARG L 258 50.11 -33.87 -55.93
CA ARG L 258 51.53 -33.73 -56.26
C ARG L 258 52.42 -34.37 -55.20
N GLY L 259 51.99 -34.31 -53.95
CA GLY L 259 52.75 -34.90 -52.85
C GLY L 259 52.57 -36.40 -52.79
N ASP L 260 51.42 -36.87 -53.25
CA ASP L 260 51.10 -38.29 -53.28
C ASP L 260 52.00 -38.99 -54.28
N ALA L 261 52.18 -38.38 -55.45
CA ALA L 261 53.02 -38.92 -56.50
C ALA L 261 54.50 -38.85 -56.13
N GLY L 262 54.91 -37.71 -55.57
CA GLY L 262 56.30 -37.50 -55.16
C GLY L 262 56.78 -38.50 -54.12
N ILE L 263 55.92 -38.80 -53.15
CA ILE L 263 56.25 -39.78 -52.10
C ILE L 263 56.33 -41.20 -52.67
N ARG L 264 55.35 -41.56 -53.49
CA ARG L 264 55.33 -42.88 -54.13
C ARG L 264 56.51 -43.09 -55.07
N LYS L 265 57.00 -41.99 -55.66
CA LYS L 265 58.14 -42.05 -56.56
C LYS L 265 59.41 -42.29 -55.75
N ALA L 266 59.47 -41.67 -54.56
CA ALA L 266 60.63 -41.82 -53.68
C ALA L 266 60.69 -43.21 -53.06
N GLU L 267 59.52 -43.77 -52.74
CA GLU L 267 59.43 -45.11 -52.16
C GLU L 267 59.80 -46.21 -53.15
N SER L 268 59.56 -45.95 -54.43
CA SER L 268 59.88 -46.91 -55.48
C SER L 268 61.39 -46.96 -55.70
N LYS L 269 62.08 -45.91 -55.24
CA LYS L 269 63.53 -45.81 -55.36
C LYS L 269 64.24 -46.26 -54.07
N GLY L 270 63.46 -46.74 -53.11
CA GLY L 270 64.01 -47.24 -51.84
C GLY L 270 64.15 -46.24 -50.72
N ILE L 271 63.63 -45.03 -50.93
CA ILE L 271 63.70 -43.99 -49.90
C ILE L 271 62.52 -44.12 -48.93
N VAL L 272 62.84 -44.20 -47.63
CA VAL L 272 61.81 -44.32 -46.60
C VAL L 272 61.20 -42.94 -46.30
N VAL L 273 59.89 -42.83 -46.48
CA VAL L 273 59.20 -41.56 -46.24
C VAL L 273 58.32 -41.61 -45.00
N VAL L 274 58.51 -40.64 -44.10
CA VAL L 274 57.71 -40.53 -42.88
C VAL L 274 56.87 -39.26 -42.91
N ARG L 275 55.57 -39.42 -42.77
CA ARG L 275 54.64 -38.29 -42.79
C ARG L 275 54.47 -37.63 -41.43
N SER L 276 54.93 -36.39 -41.31
CA SER L 276 54.77 -35.64 -40.08
C SER L 276 53.73 -34.54 -40.29
N SER L 277 53.68 -33.58 -39.37
CA SER L 277 52.69 -32.51 -39.46
C SER L 277 53.29 -31.12 -39.33
N ARG L 278 52.74 -30.17 -40.08
CA ARG L 278 53.20 -28.78 -40.03
C ARG L 278 52.46 -28.00 -38.95
N THR L 279 51.45 -28.63 -38.34
CA THR L 279 50.61 -28.00 -37.34
C THR L 279 51.37 -27.51 -36.10
N GLY L 280 52.19 -28.38 -35.54
CA GLY L 280 52.98 -28.02 -34.36
C GLY L 280 52.82 -29.01 -33.21
N SER L 281 51.80 -29.85 -33.29
CA SER L 281 51.52 -30.86 -32.27
C SER L 281 50.45 -31.82 -32.78
N GLY L 282 50.20 -32.89 -32.02
CA GLY L 282 49.17 -33.85 -32.38
C GLY L 282 49.66 -35.16 -32.98
N ILE L 283 48.73 -36.09 -33.15
CA ILE L 283 49.04 -37.42 -33.68
C ILE L 283 48.66 -37.57 -35.16
N VAL L 284 49.56 -38.15 -35.94
CA VAL L 284 49.27 -38.48 -37.32
C VAL L 284 48.88 -39.96 -37.30
N PRO L 285 47.61 -40.28 -37.54
CA PRO L 285 47.13 -41.65 -37.48
C PRO L 285 47.50 -42.46 -38.72
N PRO L 286 47.73 -43.78 -38.53
CA PRO L 286 48.05 -44.69 -39.65
C PRO L 286 46.89 -44.82 -40.63
N ASP L 287 47.12 -44.40 -41.87
CA ASP L 287 46.11 -44.46 -42.92
C ASP L 287 46.61 -45.36 -44.05
N ALA L 288 45.75 -46.25 -44.52
CA ALA L 288 46.10 -47.17 -45.60
C ALA L 288 45.92 -46.57 -46.98
N GLY L 289 45.15 -45.48 -47.07
CA GLY L 289 44.88 -44.81 -48.34
C GLY L 289 45.93 -43.78 -48.71
N GLN L 290 46.96 -43.66 -47.88
CA GLN L 290 48.05 -42.70 -48.12
C GLN L 290 49.42 -43.38 -47.93
N PRO L 291 50.39 -42.99 -48.77
CA PRO L 291 51.73 -43.58 -48.72
C PRO L 291 52.58 -43.08 -47.56
N GLY L 292 53.73 -43.72 -47.35
CA GLY L 292 54.65 -43.34 -46.28
C GLY L 292 54.23 -43.82 -44.90
N LEU L 293 55.15 -43.70 -43.95
CA LEU L 293 54.89 -44.08 -42.57
C LEU L 293 54.40 -42.86 -41.81
N VAL L 294 53.87 -43.06 -40.61
CA VAL L 294 53.38 -41.95 -39.80
C VAL L 294 54.38 -41.57 -38.72
N ALA L 295 54.44 -40.27 -38.40
CA ALA L 295 55.40 -39.77 -37.41
C ALA L 295 54.87 -39.78 -35.98
N ASP L 296 53.65 -40.30 -35.80
CA ASP L 296 53.03 -40.34 -34.48
C ASP L 296 52.86 -38.89 -33.98
N SER L 297 53.48 -38.57 -32.85
CA SER L 297 53.38 -37.20 -32.30
C SER L 297 54.67 -36.41 -32.54
N LEU L 298 55.66 -37.05 -33.14
CA LEU L 298 56.94 -36.42 -33.42
C LEU L 298 56.86 -35.34 -34.48
N SER L 299 57.47 -34.19 -34.19
CA SER L 299 57.51 -33.06 -35.12
C SER L 299 58.43 -33.43 -36.28
N PRO L 300 58.32 -32.71 -37.41
CA PRO L 300 59.17 -32.99 -38.57
C PRO L 300 60.67 -33.00 -38.24
N ALA L 301 61.11 -32.04 -37.43
CA ALA L 301 62.52 -31.93 -37.03
C ALA L 301 62.99 -33.15 -36.23
N LYS L 302 62.17 -33.57 -35.27
CA LYS L 302 62.48 -34.73 -34.45
C LYS L 302 62.29 -36.03 -35.24
N SER L 303 61.32 -36.03 -36.15
CA SER L 303 61.04 -37.20 -36.98
C SER L 303 62.24 -37.51 -37.87
N ARG L 304 62.93 -36.47 -38.29
CA ARG L 304 64.12 -36.60 -39.12
C ARG L 304 65.23 -37.30 -38.34
N ILE L 305 65.39 -36.91 -37.07
CA ILE L 305 66.40 -37.49 -36.20
C ILE L 305 66.18 -38.99 -35.98
N LEU L 306 64.95 -39.38 -35.65
CA LEU L 306 64.63 -40.78 -35.42
C LEU L 306 64.80 -41.62 -36.67
N LEU L 307 64.26 -41.13 -37.79
CA LEU L 307 64.36 -41.82 -39.07
C LEU L 307 65.82 -42.03 -39.46
N MET L 308 66.62 -40.99 -39.28
CA MET L 308 68.05 -41.02 -39.58
C MET L 308 68.76 -42.12 -38.79
N LEU L 309 68.51 -42.17 -37.49
CA LEU L 309 69.11 -43.17 -36.63
C LEU L 309 68.53 -44.56 -36.85
N ALA L 310 67.32 -44.61 -37.42
CA ALA L 310 66.66 -45.88 -37.70
C ALA L 310 67.23 -46.52 -38.96
N LEU L 311 67.71 -45.68 -39.87
CA LEU L 311 68.28 -46.16 -41.14
C LEU L 311 69.67 -46.74 -40.97
N THR L 312 70.23 -46.62 -39.77
CA THR L 312 71.55 -47.18 -39.48
C THR L 312 71.41 -48.63 -39.02
N LYS L 313 70.18 -49.07 -38.80
CA LYS L 313 69.92 -50.43 -38.33
C LYS L 313 69.03 -51.27 -39.26
N THR L 314 67.90 -50.72 -39.69
CA THR L 314 66.96 -51.46 -40.54
C THR L 314 66.41 -50.59 -41.67
N THR L 315 65.80 -51.23 -42.67
CA THR L 315 65.21 -50.53 -43.81
C THR L 315 63.75 -50.95 -44.00
N ASN L 316 63.31 -51.95 -43.23
CA ASN L 316 61.94 -52.45 -43.30
C ASN L 316 60.96 -51.48 -42.63
N PRO L 317 59.99 -50.95 -43.41
CA PRO L 317 58.98 -50.02 -42.90
C PRO L 317 58.18 -50.55 -41.71
N ALA L 318 57.94 -51.85 -41.69
CA ALA L 318 57.20 -52.50 -40.61
C ALA L 318 57.98 -52.48 -39.29
N VAL L 319 59.27 -52.14 -39.37
CA VAL L 319 60.13 -52.08 -38.20
C VAL L 319 60.38 -50.61 -37.81
N ILE L 320 60.55 -49.76 -38.82
CA ILE L 320 60.79 -48.33 -38.61
C ILE L 320 59.56 -47.65 -38.00
N GLN L 321 58.38 -48.14 -38.36
CA GLN L 321 57.13 -47.60 -37.84
C GLN L 321 57.04 -47.83 -36.33
N ASP L 322 57.51 -49.00 -35.87
CA ASP L 322 57.50 -49.34 -34.46
C ASP L 322 58.37 -48.42 -33.61
N TYR L 323 59.42 -47.87 -34.21
CA TYR L 323 60.30 -46.95 -33.50
C TYR L 323 59.62 -45.60 -33.26
N PHE L 324 58.75 -45.21 -34.19
CA PHE L 324 58.00 -43.96 -34.06
C PHE L 324 56.91 -44.02 -32.99
N HIS L 325 56.38 -45.23 -32.77
CA HIS L 325 55.34 -45.43 -31.76
C HIS L 325 55.92 -45.78 -30.39
N ALA L 326 57.24 -45.88 -30.30
CA ALA L 326 57.90 -46.23 -29.04
C ALA L 326 58.96 -45.24 -28.57
N TYR L 327 59.63 -44.59 -29.52
CA TYR L 327 60.70 -43.64 -29.18
C TYR L 327 60.23 -42.18 -29.21
N GLU M . -17.35 45.64 -4.14
CA GLU M . -16.84 45.66 -2.75
C GLU M . -16.71 44.27 -2.19
O GLU M . -17.69 43.53 -2.13
CB GLU M . -17.77 46.48 -1.87
CG GLU M . -17.12 46.82 -0.53
CD GLU M . -17.46 45.76 0.49
OE1 GLU M . -18.61 45.25 0.49
OE2 GLU M . -16.57 45.42 1.31
OXT GLU M . -15.64 43.86 -1.73
C1 PEG N . -27.58 14.63 5.31
O1 PEG N . -27.00 13.62 4.48
C2 PEG N . -28.61 14.05 6.28
O2 PEG N . -29.91 14.60 6.00
C3 PEG N . -30.54 15.12 7.17
C4 PEG N . -31.20 16.46 6.83
O4 PEG N . -30.39 17.54 7.32
N GLU O . -33.39 56.60 27.02
CA GLU O . -32.63 57.28 25.94
C GLU O . -33.52 58.21 25.16
O GLU O . -34.50 57.78 24.55
CB GLU O . -32.01 56.25 25.01
CG GLU O . -30.87 56.86 24.19
CD GLU O . -31.36 57.21 22.80
OE1 GLU O . -31.82 56.30 22.07
OE2 GLU O . -31.27 58.39 22.42
OXT GLU O . -33.30 59.41 25.11
C1 PEG P . -54.64 45.87 31.91
O1 PEG P . -55.87 46.22 32.56
C2 PEG P . -53.45 46.62 32.52
O2 PEG P . -52.69 47.26 31.49
C3 PEG P . -52.28 48.57 31.86
C4 PEG P . -51.24 49.13 30.90
O4 PEG P . -50.97 50.51 31.19
N GLU Q . -46.55 28.78 -13.53
CA GLU Q . -47.89 29.33 -13.14
C GLU Q . -48.06 30.74 -13.64
O GLU Q . -47.23 31.60 -13.36
CB GLU Q . -48.04 29.29 -11.63
CG GLU Q . -49.52 29.42 -11.24
CD GLU Q . -49.77 30.82 -10.69
OE1 GLU Q . -49.11 31.21 -9.72
OE2 GLU Q . -50.64 31.51 -11.25
OXT GLU Q . -49.03 31.06 -14.34
N GLU R . -61.58 37.14 19.37
CA GLU R . -61.39 35.89 18.59
C GLU R . -60.43 34.96 19.27
O GLU R . -59.27 35.33 19.53
CB GLU R . -60.87 36.23 17.20
CG GLU R . -61.17 35.12 16.21
CD GLU R . -60.01 34.16 16.16
OE1 GLU R . -58.86 34.61 15.96
OE2 GLU R . -60.24 32.94 16.33
OXT GLU R . -60.74 33.81 19.58
N GLU S . -12.77 5.29 14.77
CA GLU S . -11.30 5.34 15.05
C GLU S . -10.51 5.00 13.81
O GLU S . -10.66 3.93 13.24
CB GLU S . -10.95 4.37 16.17
CG GLU S . -9.56 4.66 16.73
CD GLU S . -8.55 3.73 16.10
OE1 GLU S . -8.74 2.50 16.18
OE2 GLU S . -7.55 4.23 15.54
OXT GLU S . -9.67 5.77 13.36
C1 PEG T . -17.23 6.29 -3.57
O1 PEG T . -16.90 5.24 -4.48
C2 PEG T . -18.73 6.53 -3.59
O2 PEG T . -19.01 7.83 -4.14
C3 PEG T . -19.50 8.72 -3.16
C4 PEG T . -20.92 9.16 -3.54
O4 PEG T . -21.61 9.59 -2.37
N GLU U . 10.79 -16.33 33.18
CA GLU U . 9.84 -15.24 33.58
C GLU U . 8.73 -15.75 34.45
O GLU U . 7.90 -16.54 34.01
CB GLU U . 9.26 -14.60 32.33
CG GLU U . 8.76 -13.19 32.61
CD GLU U . 7.28 -13.21 32.96
OE1 GLU U . 6.51 -13.82 32.18
OE2 GLU U . 6.90 -12.63 33.99
OXT GLU U . 8.62 -15.38 35.62
N GLU V . -28.60 -22.99 1.58
CA GLU V . -28.61 -24.21 2.43
C GLU V . -29.21 -23.94 3.77
O GLU V . -28.60 -23.24 4.60
CB GLU V . -27.20 -24.74 2.60
CG GLU V . -27.19 -26.22 2.91
CD GLU V . -27.08 -26.43 4.40
OE1 GLU V . -28.08 -26.78 5.05
OE2 GLU V . -25.95 -26.26 4.94
OXT GLU V . -30.29 -24.42 4.11
C1 PEG W . -30.07 13.27 10.77
O1 PEG W . -29.10 13.77 9.84
C2 PEG W . -31.31 14.16 10.77
O2 PEG W . -32.03 13.97 11.99
C3 PEG W . -33.24 14.72 12.02
C4 PEG W . -33.28 15.57 13.29
O4 PEG W . -32.83 16.89 12.98
N GLU X . -3.45 -44.58 17.56
CA GLU X . -3.92 -44.39 16.16
C GLU X . -2.81 -44.00 15.24
O GLU X . -2.05 -43.06 15.51
CB GLU X . -5.01 -43.33 16.13
CG GLU X . -5.90 -43.50 14.90
CD GLU X . -5.48 -42.55 13.81
OE1 GLU X . -5.61 -41.33 14.02
OE2 GLU X . -5.02 -43.01 12.75
OXT GLU X . -2.62 -44.58 14.17
N GLU Y . 25.90 -28.00 -13.35
CA GLU Y . 25.94 -29.26 -14.14
C GLU Y . 26.81 -30.30 -13.51
O GLU Y . 27.99 -30.05 -13.23
CB GLU Y . 26.42 -28.96 -15.55
CG GLU Y . 26.48 -30.24 -16.37
CD GLU Y . 27.90 -30.50 -16.82
OE1 GLU Y . 28.64 -31.19 -16.09
OE2 GLU Y . 28.28 -30.00 -17.90
OXT GLU Y . 26.38 -31.43 -13.24
N GLU Z . 41.74 -34.28 -45.80
CA GLU Z . 40.46 -33.66 -45.36
C GLU Z . 40.34 -32.25 -45.83
O GLU Z . 41.21 -31.43 -45.57
CB GLU Z . 40.36 -33.70 -43.84
CG GLU Z . 38.90 -33.60 -43.38
CD GLU Z . 38.53 -32.15 -43.13
OE1 GLU Z . 39.02 -31.59 -42.13
OE2 GLU Z . 37.76 -31.58 -43.94
OXT GLU Z . 39.36 -31.86 -46.48
N GLU AA . 54.18 -9.69 -2.65
CA GLU AA . 54.89 -9.06 -3.80
C GLU AA . 54.01 -8.11 -4.54
O GLU AA . 53.09 -8.51 -5.23
CB GLU AA . 55.38 -10.16 -4.75
CG GLU AA . 56.67 -9.78 -5.44
CD GLU AA . 56.37 -9.17 -6.80
OE1 GLU AA . 56.16 -9.94 -7.76
OE2 GLU AA . 56.36 -7.92 -6.91
OXT GLU AA . 54.20 -6.89 -4.48
C1 PEG BA . 35.98 -17.21 -0.18
O1 PEG BA . 36.38 -15.92 0.35
C2 PEG BA . 35.13 -17.96 0.85
O2 PEG BA . 34.51 -19.09 0.22
C3 PEG BA . 33.76 -19.87 1.15
C4 PEG BA . 32.60 -20.58 0.44
O4 PEG BA . 31.34 -20.26 1.06
C1 PEG CA . 28.61 3.40 -1.01
O1 PEG CA . 27.57 3.00 -1.91
C2 PEG CA . 28.80 2.31 0.04
O2 PEG CA . 30.03 2.50 0.72
C3 PEG CA . 30.04 1.86 2.00
C4 PEG CA . 31.10 0.76 2.02
O4 PEG CA . 30.47 -0.52 1.90
C1 PEG DA . 36.65 2.89 -26.65
O1 PEG DA . 37.09 3.73 -25.59
C2 PEG DA . 35.58 1.93 -26.13
O2 PEG DA . 34.59 1.71 -27.11
C3 PEG DA . 34.56 0.35 -27.57
C4 PEG DA . 33.22 -0.29 -27.25
O4 PEG DA . 33.12 -1.55 -27.90
C1 PEG EA . 32.03 8.86 -25.95
O1 PEG EA . 32.97 8.93 -27.03
C2 PEG EA . 32.70 9.35 -24.67
O2 PEG EA . 31.75 9.41 -23.61
C3 PEG EA . 31.05 8.17 -23.43
C4 PEG EA . 30.05 8.31 -22.28
O4 PEG EA . 30.73 8.80 -21.11
N GLU FA . 71.33 -18.37 -34.48
CA GLU FA . 71.49 -18.41 -33.01
C GLU FA . 71.86 -19.77 -32.52
O GLU FA . 71.01 -20.64 -32.36
CB GLU FA . 70.18 -17.98 -32.34
CG GLU FA . 70.43 -17.33 -31.00
CD GLU FA . 69.97 -18.24 -29.88
OE1 GLU FA . 68.91 -17.96 -29.29
OE2 GLU FA . 70.68 -19.23 -29.58
OXT GLU FA . 73.03 -20.07 -32.28
#